data_6M17
#
_entry.id   6M17
#
_cell.length_a   1.00
_cell.length_b   1.00
_cell.length_c   1.00
_cell.angle_alpha   90.00
_cell.angle_beta   90.00
_cell.angle_gamma   90.00
#
_symmetry.space_group_name_H-M   'P 1'
#
loop_
_entity.id
_entity.type
_entity.pdbx_description
1 polymer 'Sodium-dependent neutral amino acid transporter B(0)AT1'
2 polymer 'Angiotensin-converting enzyme 2'
3 polymer 'Spike protein S1'
4 branched 2-acetamido-2-deoxy-beta-D-glucopyranose-(1-4)-2-acetamido-2-deoxy-beta-D-glucopyranose
5 branched 2-acetamido-2-deoxy-beta-D-glucopyranose-(1-4)-2-acetamido-2-deoxy-beta-D-glucopyranose-(1-4)-2-acetamido-2-deoxy-beta-D-glucopyranose
6 non-polymer 2-acetamido-2-deoxy-beta-D-glucopyranose
7 non-polymer LEUCINE
8 non-polymer 'ZINC ION'
9 water water
#
loop_
_entity_poly.entity_id
_entity_poly.type
_entity_poly.pdbx_seq_one_letter_code
_entity_poly.pdbx_strand_id
1 'polypeptide(L)'
;MADYKDDDDKSGPDEVDASGRVRLVLPNPGLDARIPSLAELETIEQEEASSRPKWDNKAQYMLTCLGFCVGLGNVWRFPY
LCQSHGGGAFMIPFLILLVLEGIPLLYLEFAIGQRLRRGSLGVWSSIHPALKGLGLASMLTSFMVGLYYNTIISWIMWYL
FNSFQEPLPWSDCPLNENQTGYVDECARSSPVDYFWYRETLNISTSISDSGSIQWWMLLCLACAWSVLYMCTIRGIETTG
KAVYITSTLPYVVLTIFLIRGLTLKGATNGIVFLFTPNVTELAQPDTWLDAGAQVFFSFSLAFGGLISFSSYNSVHNNCE
KDSVIVSIINGFTSVYVAIVVYSVIGFRATQRYDDCFSTNILTLINGFDLPEGNVTQENFVDMQQRCNASDPAAYAQLVF
QTCDINAFLSEAVEGTGLAFIVFTEAITKMPLSPLWSVLFFIMLFCLGLSSMFGNMEGVVVPLQDLRVIPPKWPKEVLTG
LICLGTFLIGFIFTLNSGQYWLSLLDSYAGSIPLLIIAFCEMFSVVYVYGVDRFNKDIEFMIGHKPNIFWQVTWRVVSPL
LMLIIFLFFFVVEVSQELTYSIWDPGYEEFPKSQKISYPNWVYVVVVIVAGVPSLTIPGYAIYKLIRNHCQKPGDHQGLV
STLSTASMNGDLKY
;
A,C
2 'polypeptide(L)'
;MRSSSSWLLLSLVAVTAAWSHPQFEKQSTIEEQAKTFLDKFNHEAEDLFYQSSLASWNYNTNITEENVQNMNNAGDKWSA
FLKEQSTLAQMYPLQEIQNLTVKLQLQALQQNGSSVLSEDKSKRLNTILNTMSTIYSTGKVCNPDNPQECLLLEPGLNEI
MANSLDYNERLWAWESWRSEVGKQLRPLYEEYVVLKNEMARANHYEDYGDYWRGDYEVNGVDGYDYSRGQLIEDVEHTFE
EIKPLYEHLHAYVRAKLMNAYPSYISPIGCLPAHLLGDMWGRFWTNLYSLTVPFGQKPNIDVTDAMVDQAWDAQRIFKEA
EKFFVSVGLPNMTQGFWENSMLTDPGNVQKAVCHPTAWDLGKGDFRILMCTKVTMDDFLTAHHEMGHIQYDMAYAAQPFL
LRNGANEGFHEAVGEIMSLSAATPKHLKSIGLLSPDFQEDNETEINFLLKQALTIVGTLPFTYMLEKWRWMVFKGEIPKD
QWMKKWWEMKREIVGVVEPVPHDETYCDPASLFHVSNDYSFIRYYTRTLYQFQFQEALCQAAKHEGPLHKCDISNSTEAG
QKLFNMLRLGKSEPWTLALENVVGAKNMNVRPLLNYFEPLFTWLKDQNKNSFVGWSTDWSPYADQSIKVRISLKSALGDK
AYEWNDNEMYLFRSSVAYAMRQYFLKVKNQMILFGEEDVRVANLKPRISFNFFVTAPKNVSDIIPRTEVEKAIRMSRSRI
NDAFRLNDNSLEFLGIQPTLGPPNQPPVSIWLIVFGVVMGVIVVGIVILIFTGIRDRKKKNKARSGENPYASIDISKGEN
NPGFQNTDDVQTSF
;
B,D
3 'polypeptide(L)'
;RVQPTESIVRFPNITNLCPFGEVFNATRFASVYAWNRKRISNCVADYSVLYNSASFSTFKCYGVSPTKLNDLCFTNVYAD
SFVIRGDEVRQIAPGQTGKIADYNYKLPDDFTGCVIAWNSNNLDSKVGGNYNYLYRLFRKSNLKPFERDISTEIYQAGST
PCNGVEGFNCYFPLQSYGFQPTNGVGYQPYRVVVLSFELLHAPATVCGPKKSTNLVKNKCVNF
;
E,F
#
loop_
_chem_comp.id
_chem_comp.type
_chem_comp.name
_chem_comp.formula
NAG D-saccharide, beta linking 2-acetamido-2-deoxy-beta-D-glucopyranose 'C8 H15 N O6'
ZN non-polymer 'ZINC ION' 'Zn 2'
#
# COMPACT_ATOMS: atom_id res chain seq x y z
N VAL A 25 -84.37 55.25 3.28
CA VAL A 25 -85.02 53.94 3.29
C VAL A 25 -86.29 53.98 2.46
N LEU A 26 -86.34 53.20 1.40
CA LEU A 26 -87.56 53.09 0.61
C LEU A 26 -88.61 52.33 1.41
N PRO A 27 -89.88 52.74 1.37
CA PRO A 27 -90.91 52.04 2.14
C PRO A 27 -91.21 50.61 1.66
N ASN A 28 -90.71 50.21 0.48
CA ASN A 28 -90.76 48.85 -0.06
C ASN A 28 -92.18 48.31 -0.12
N PRO A 29 -92.99 48.73 -1.09
CA PRO A 29 -94.42 48.40 -1.09
C PRO A 29 -94.69 46.91 -1.27
N GLY A 30 -95.35 46.34 -0.28
CA GLY A 30 -95.66 44.92 -0.29
C GLY A 30 -94.58 44.06 0.30
N LEU A 31 -93.89 44.55 1.33
CA LEU A 31 -92.85 43.76 1.98
C LEU A 31 -93.46 42.64 2.81
N ASP A 32 -94.55 42.93 3.53
CA ASP A 32 -95.27 41.87 4.20
C ASP A 32 -96.12 41.10 3.19
N ALA A 33 -96.67 39.97 3.67
CA ALA A 33 -97.31 38.92 2.87
C ALA A 33 -96.40 38.37 1.77
N ARG A 34 -95.09 38.44 1.99
CA ARG A 34 -94.07 37.78 1.19
C ARG A 34 -93.10 36.99 2.05
N ILE A 35 -92.83 37.48 3.25
CA ILE A 35 -91.91 36.85 4.20
C ILE A 35 -92.75 36.33 5.38
N PRO A 36 -92.22 35.43 6.21
CA PRO A 36 -92.92 35.10 7.46
C PRO A 36 -93.01 36.30 8.39
N SER A 37 -94.05 36.32 9.22
CA SER A 37 -94.49 37.56 9.86
C SER A 37 -94.37 37.49 11.38
N LEU A 38 -93.26 36.96 11.90
CA LEU A 38 -92.75 37.15 13.27
C LEU A 38 -93.60 36.50 14.36
N ALA A 39 -94.76 35.95 13.99
CA ALA A 39 -95.52 35.08 14.87
C ALA A 39 -95.90 33.78 14.16
N GLU A 40 -95.80 33.74 12.84
CA GLU A 40 -95.84 32.52 12.04
C GLU A 40 -94.55 31.71 12.15
N LEU A 41 -93.49 32.28 12.73
CA LEU A 41 -92.19 31.61 12.78
C LEU A 41 -92.18 30.45 13.78
N GLU A 42 -92.91 30.57 14.89
CA GLU A 42 -93.03 29.44 15.81
C GLU A 42 -93.91 28.34 15.23
N THR A 43 -94.80 28.67 14.30
CA THR A 43 -95.67 27.70 13.66
C THR A 43 -95.02 27.05 12.44
N ILE A 44 -94.29 27.81 11.62
CA ILE A 44 -93.69 27.26 10.40
C ILE A 44 -92.51 26.34 10.73
N GLU A 45 -91.90 26.49 11.91
CA GLU A 45 -90.74 25.67 12.22
C GLU A 45 -91.14 24.27 12.68
N GLN A 46 -92.37 24.11 13.17
CA GLN A 46 -92.86 22.81 13.59
C GLN A 46 -93.50 22.02 12.45
N GLU A 47 -93.63 22.62 11.27
CA GLU A 47 -94.12 21.94 10.08
C GLU A 47 -93.05 21.76 9.01
N GLU A 48 -91.80 22.16 9.28
CA GLU A 48 -90.69 21.94 8.37
C GLU A 48 -89.85 20.74 8.78
N ALA A 49 -90.45 19.77 9.48
CA ALA A 49 -89.73 18.58 9.91
C ALA A 49 -89.62 17.52 8.83
N SER A 50 -90.22 17.74 7.66
CA SER A 50 -90.15 16.78 6.57
C SER A 50 -89.81 17.40 5.24
N SER A 51 -89.83 18.73 5.11
CA SER A 51 -89.55 19.39 3.83
C SER A 51 -88.10 19.85 3.75
N ARG A 52 -87.62 20.56 4.75
CA ARG A 52 -86.28 21.10 4.77
C ARG A 52 -85.40 20.28 5.74
N PRO A 53 -84.12 20.12 5.42
CA PRO A 53 -83.24 19.33 6.30
C PRO A 53 -82.88 20.07 7.58
N LYS A 54 -82.22 19.34 8.47
CA LYS A 54 -81.83 19.85 9.78
C LYS A 54 -80.39 19.46 10.07
N TRP A 55 -79.85 20.07 11.12
CA TRP A 55 -78.58 19.63 11.68
C TRP A 55 -78.84 18.62 12.78
N ASP A 56 -77.89 17.73 13.00
CA ASP A 56 -78.03 16.74 14.07
C ASP A 56 -77.86 17.39 15.44
N ASN A 57 -76.79 18.16 15.62
CA ASN A 57 -76.54 18.88 16.84
C ASN A 57 -75.88 20.22 16.50
N LYS A 58 -75.51 20.97 17.53
CA LYS A 58 -74.91 22.28 17.32
C LYS A 58 -73.49 22.17 16.80
N ALA A 59 -72.77 21.11 17.19
CA ALA A 59 -71.39 20.95 16.78
C ALA A 59 -71.26 20.59 15.32
N GLN A 60 -72.31 20.03 14.71
CA GLN A 60 -72.26 19.74 13.28
C GLN A 60 -72.42 21.00 12.46
N TYR A 61 -73.00 22.05 13.05
CA TYR A 61 -73.17 23.30 12.33
C TYR A 61 -71.95 24.19 12.44
N MET A 62 -71.26 24.14 13.58
CA MET A 62 -70.06 24.95 13.77
C MET A 62 -68.89 24.40 12.99
N LEU A 63 -68.74 23.07 12.90
CA LEU A 63 -67.65 22.47 12.15
C LEU A 63 -67.87 22.56 10.64
N THR A 64 -69.12 22.68 10.19
CA THR A 64 -69.38 22.89 8.78
C THR A 64 -69.08 24.32 8.38
N CYS A 65 -69.30 25.26 9.29
CA CYS A 65 -69.09 26.67 8.97
C CYS A 65 -67.62 27.04 8.98
N LEU A 66 -66.88 26.69 10.03
CA LEU A 66 -65.48 27.05 10.08
C LEU A 66 -64.59 26.07 9.33
N GLY A 67 -65.17 25.03 8.70
CA GLY A 67 -64.41 24.24 7.75
C GLY A 67 -64.56 24.77 6.34
N PHE A 68 -65.65 25.49 6.07
CA PHE A 68 -65.87 26.18 4.81
C PHE A 68 -64.97 27.40 4.66
N CYS A 69 -64.52 28.00 5.78
CA CYS A 69 -63.73 29.22 5.70
C CYS A 69 -62.23 29.01 5.83
N VAL A 70 -61.76 27.85 6.28
CA VAL A 70 -60.33 27.64 6.43
C VAL A 70 -59.81 26.79 5.28
N GLY A 71 -58.55 27.03 4.93
CA GLY A 71 -57.84 26.15 4.01
C GLY A 71 -57.71 26.67 2.60
N LEU A 72 -56.50 26.55 2.04
CA LEU A 72 -56.17 26.84 0.64
C LEU A 72 -56.48 28.31 0.30
N GLY A 73 -55.66 29.17 0.88
CA GLY A 73 -55.91 30.60 0.89
C GLY A 73 -55.34 31.15 2.17
N ASN A 74 -55.04 30.25 3.09
CA ASN A 74 -54.14 30.52 4.20
C ASN A 74 -52.72 30.07 3.90
N VAL A 75 -52.55 29.20 2.91
CA VAL A 75 -51.25 28.69 2.51
C VAL A 75 -50.83 29.23 1.15
N TRP A 76 -51.81 29.56 0.30
CA TRP A 76 -51.52 29.81 -1.12
C TRP A 76 -51.57 31.30 -1.44
N ARG A 77 -52.62 31.97 -1.00
CA ARG A 77 -52.77 33.38 -1.35
C ARG A 77 -52.26 34.31 -0.26
N PHE A 78 -52.18 33.85 0.98
CA PHE A 78 -51.73 34.75 2.04
C PHE A 78 -50.23 35.01 2.04
N PRO A 79 -49.32 34.01 2.03
CA PRO A 79 -47.89 34.36 2.05
C PRO A 79 -47.37 34.85 0.72
N TYR A 80 -48.05 34.52 -0.38
CA TYR A 80 -47.75 35.12 -1.68
C TYR A 80 -48.05 36.62 -1.66
N LEU A 81 -49.11 37.02 -0.98
CA LEU A 81 -49.45 38.44 -0.88
C LEU A 81 -48.68 39.14 0.23
N CYS A 82 -48.17 38.39 1.20
CA CYS A 82 -47.57 39.03 2.38
C CYS A 82 -46.15 39.51 2.10
N GLN A 83 -45.41 38.83 1.23
CA GLN A 83 -44.04 39.26 0.91
C GLN A 83 -44.02 40.54 0.10
N SER A 84 -44.94 40.65 -0.87
CA SER A 84 -44.93 41.79 -1.77
C SER A 84 -45.36 43.06 -1.07
N HIS A 85 -46.31 42.96 -0.15
CA HIS A 85 -46.91 44.13 0.49
C HIS A 85 -46.20 44.45 1.81
N GLY A 86 -44.89 44.65 1.70
CA GLY A 86 -44.08 45.12 2.80
C GLY A 86 -43.35 44.05 3.58
N GLY A 87 -43.27 42.83 3.07
CA GLY A 87 -42.64 41.75 3.81
C GLY A 87 -43.54 41.20 4.91
N GLY A 88 -43.84 42.03 5.89
CA GLY A 88 -44.78 41.68 6.94
C GLY A 88 -45.67 42.86 7.28
N ALA A 89 -45.76 43.81 6.34
CA ALA A 89 -46.66 44.94 6.46
C ALA A 89 -48.05 44.66 5.90
N PHE A 90 -48.37 43.38 5.68
CA PHE A 90 -49.68 42.94 5.24
C PHE A 90 -50.58 42.54 6.39
N MET A 91 -50.04 42.42 7.60
CA MET A 91 -50.84 42.01 8.75
C MET A 91 -51.57 43.18 9.40
N ILE A 92 -51.19 44.42 9.11
CA ILE A 92 -51.91 45.54 9.72
C ILE A 92 -53.24 45.76 8.98
N PRO A 93 -53.08 46.08 7.64
CA PRO A 93 -54.36 46.29 6.93
C PRO A 93 -55.28 45.11 7.11
N PHE A 94 -54.77 43.90 6.87
CA PHE A 94 -55.56 42.70 7.00
C PHE A 94 -56.40 42.73 8.27
N LEU A 95 -55.77 42.58 9.41
CA LEU A 95 -56.50 42.60 10.68
C LEU A 95 -57.52 43.73 10.82
N ILE A 96 -57.10 44.97 10.55
CA ILE A 96 -58.08 46.06 10.71
C ILE A 96 -59.31 45.90 9.81
N LEU A 97 -59.08 45.71 8.52
CA LEU A 97 -60.17 45.53 7.57
C LEU A 97 -61.04 44.36 7.97
N LEU A 98 -60.43 43.34 8.54
CA LEU A 98 -61.17 42.17 8.98
C LEU A 98 -62.16 42.64 10.02
N VAL A 99 -61.65 43.12 11.15
CA VAL A 99 -62.53 43.59 12.22
C VAL A 99 -63.51 44.68 11.80
N LEU A 100 -63.31 45.29 10.63
CA LEU A 100 -64.23 46.35 10.21
C LEU A 100 -65.19 46.05 9.05
N GLU A 101 -65.03 44.91 8.38
CA GLU A 101 -65.91 44.55 7.27
C GLU A 101 -66.33 43.12 7.52
N GLY A 102 -65.34 42.28 7.73
CA GLY A 102 -65.50 40.89 8.08
C GLY A 102 -66.53 40.63 9.17
N ILE A 103 -66.26 41.09 10.40
CA ILE A 103 -67.20 40.86 11.49
C ILE A 103 -68.62 41.24 11.07
N PRO A 104 -68.88 42.53 10.89
CA PRO A 104 -70.22 42.99 10.50
C PRO A 104 -70.90 42.18 9.38
N LEU A 105 -70.18 41.87 8.30
CA LEU A 105 -70.73 41.12 7.17
C LEU A 105 -71.10 39.69 7.50
N LEU A 106 -70.20 38.99 8.18
CA LEU A 106 -70.44 37.62 8.58
C LEU A 106 -71.60 37.54 9.56
N TYR A 107 -71.77 38.58 10.36
CA TYR A 107 -72.88 38.58 11.32
C TYR A 107 -74.21 38.89 10.67
N LEU A 108 -74.18 39.61 9.57
CA LEU A 108 -75.39 39.98 8.85
C LEU A 108 -75.92 38.82 8.00
N GLU A 109 -75.06 37.87 7.68
CA GLU A 109 -75.40 36.70 6.89
C GLU A 109 -75.98 35.59 7.75
N PHE A 110 -75.52 35.45 8.99
CA PHE A 110 -76.05 34.40 9.86
C PHE A 110 -77.45 34.73 10.36
N ALA A 111 -77.82 36.02 10.36
CA ALA A 111 -79.10 36.45 10.92
C ALA A 111 -80.17 36.69 9.87
N ILE A 112 -79.79 37.04 8.63
CA ILE A 112 -80.80 37.20 7.59
C ILE A 112 -81.20 35.87 6.97
N GLY A 113 -80.43 34.80 7.21
CA GLY A 113 -80.80 33.51 6.70
C GLY A 113 -81.64 32.73 7.70
N GLN A 114 -81.41 33.02 8.99
CA GLN A 114 -82.14 32.33 10.03
C GLN A 114 -83.59 32.81 10.13
N ARG A 115 -83.82 34.10 9.86
CA ARG A 115 -85.17 34.66 9.93
C ARG A 115 -85.96 34.39 8.65
N LEU A 116 -85.34 34.61 7.49
CA LEU A 116 -86.04 34.52 6.21
C LEU A 116 -86.28 33.09 5.75
N ARG A 117 -85.68 32.09 6.42
CA ARG A 117 -85.93 30.66 6.23
C ARG A 117 -85.62 30.17 4.82
N ARG A 118 -84.76 30.87 4.07
CA ARG A 118 -84.51 30.52 2.68
C ARG A 118 -83.01 30.51 2.40
N GLY A 119 -82.65 30.12 1.19
CA GLY A 119 -81.26 29.99 0.78
C GLY A 119 -80.65 31.33 0.40
N SER A 120 -79.91 31.34 -0.71
CA SER A 120 -79.36 32.60 -1.18
C SER A 120 -80.27 33.28 -2.18
N LEU A 121 -80.89 32.52 -3.07
CA LEU A 121 -81.79 33.13 -4.05
C LEU A 121 -83.14 33.48 -3.43
N GLY A 122 -83.55 32.75 -2.40
CA GLY A 122 -84.82 33.01 -1.76
C GLY A 122 -84.82 34.17 -0.78
N VAL A 123 -83.65 34.56 -0.27
CA VAL A 123 -83.60 35.70 0.63
C VAL A 123 -83.67 37.00 -0.13
N TRP A 124 -82.80 37.19 -1.14
CA TRP A 124 -82.75 38.47 -1.81
C TRP A 124 -83.90 38.69 -2.79
N SER A 125 -84.72 37.67 -3.05
CA SER A 125 -85.93 37.87 -3.84
C SER A 125 -87.14 38.17 -2.97
N SER A 126 -87.00 38.08 -1.64
CA SER A 126 -88.06 38.48 -0.71
C SER A 126 -87.80 39.88 -0.15
N ILE A 127 -86.81 40.56 -0.68
CA ILE A 127 -86.46 41.91 -0.25
C ILE A 127 -86.42 42.68 -1.55
N HIS A 128 -87.57 42.68 -2.24
CA HIS A 128 -87.76 43.34 -3.53
C HIS A 128 -87.38 42.35 -4.61
N PRO A 129 -88.27 42.18 -5.58
CA PRO A 129 -88.02 41.25 -6.69
C PRO A 129 -87.09 41.82 -7.76
N ALA A 130 -86.34 42.87 -7.41
CA ALA A 130 -85.42 43.49 -8.37
C ALA A 130 -84.01 43.04 -8.04
N LEU A 131 -83.80 42.69 -6.77
CA LEU A 131 -82.51 42.22 -6.28
C LEU A 131 -82.45 40.70 -6.37
N LYS A 132 -82.83 40.17 -7.51
CA LYS A 132 -82.62 38.76 -7.81
C LYS A 132 -81.28 38.54 -8.49
N GLY A 133 -80.60 39.62 -8.85
CA GLY A 133 -79.26 39.50 -9.39
C GLY A 133 -78.23 39.07 -8.36
N LEU A 134 -78.50 39.34 -7.08
CA LEU A 134 -77.56 38.92 -6.05
C LEU A 134 -77.57 37.41 -5.85
N GLY A 135 -78.70 36.76 -6.07
CA GLY A 135 -78.74 35.31 -6.00
C GLY A 135 -78.14 34.65 -7.22
N LEU A 136 -78.24 35.30 -8.37
CA LEU A 136 -77.63 34.78 -9.58
C LEU A 136 -76.16 35.12 -9.71
N ALA A 137 -75.69 36.15 -9.01
CA ALA A 137 -74.26 36.44 -9.00
C ALA A 137 -73.54 35.61 -7.95
N SER A 138 -74.21 35.24 -6.86
CA SER A 138 -73.61 34.36 -5.87
C SER A 138 -73.55 32.91 -6.36
N MET A 139 -74.35 32.56 -7.36
CA MET A 139 -74.29 31.25 -7.99
C MET A 139 -73.21 31.19 -9.07
N LEU A 140 -73.01 32.30 -9.78
CA LEU A 140 -72.02 32.31 -10.86
C LEU A 140 -70.61 32.52 -10.33
N THR A 141 -70.45 33.11 -9.15
CA THR A 141 -69.13 33.23 -8.55
C THR A 141 -68.78 32.03 -7.67
N SER A 142 -69.73 31.16 -7.38
CA SER A 142 -69.44 29.90 -6.71
C SER A 142 -69.12 28.79 -7.69
N PHE A 143 -69.54 28.93 -8.95
CA PHE A 143 -69.20 27.98 -9.99
C PHE A 143 -67.82 28.25 -10.57
N MET A 144 -67.45 29.53 -10.73
CA MET A 144 -66.17 29.86 -11.34
C MET A 144 -65.01 29.80 -10.36
N VAL A 145 -65.26 30.10 -9.08
CA VAL A 145 -64.21 29.93 -8.08
C VAL A 145 -63.94 28.45 -7.84
N GLY A 146 -65.01 27.67 -7.67
CA GLY A 146 -64.86 26.23 -7.48
C GLY A 146 -64.47 25.46 -8.73
N LEU A 147 -64.37 26.13 -9.88
CA LEU A 147 -63.85 25.48 -11.07
C LEU A 147 -62.35 25.26 -10.96
N TYR A 148 -61.60 26.32 -10.66
CA TYR A 148 -60.15 26.19 -10.52
C TYR A 148 -59.71 25.74 -9.14
N TYR A 149 -60.55 25.94 -8.12
CA TYR A 149 -60.19 25.53 -6.77
C TYR A 149 -60.15 24.03 -6.61
N ASN A 150 -60.88 23.29 -7.45
CA ASN A 150 -60.86 21.85 -7.43
C ASN A 150 -59.83 21.28 -8.42
N THR A 151 -59.07 22.16 -9.07
CA THR A 151 -57.90 21.77 -9.85
C THR A 151 -56.64 21.77 -8.99
N ILE A 152 -56.57 22.70 -8.03
CA ILE A 152 -55.48 22.73 -7.07
C ILE A 152 -55.52 21.49 -6.18
N ILE A 153 -56.71 20.97 -5.89
CA ILE A 153 -56.83 19.74 -5.11
C ILE A 153 -56.38 18.54 -5.93
N SER A 154 -56.57 18.57 -7.25
CA SER A 154 -56.08 17.48 -8.09
C SER A 154 -54.55 17.51 -8.22
N TRP A 155 -53.92 18.68 -8.05
CA TRP A 155 -52.47 18.73 -7.97
C TRP A 155 -51.97 18.26 -6.61
N ILE A 156 -52.76 18.45 -5.56
CA ILE A 156 -52.41 17.95 -4.24
C ILE A 156 -52.53 16.43 -4.20
N MET A 157 -53.52 15.87 -4.89
CA MET A 157 -53.68 14.42 -4.94
C MET A 157 -52.58 13.77 -5.77
N TRP A 158 -52.04 14.48 -6.76
CA TRP A 158 -50.93 13.93 -7.53
C TRP A 158 -49.65 13.85 -6.71
N TYR A 159 -49.46 14.78 -5.78
CA TYR A 159 -48.30 14.74 -4.91
C TYR A 159 -48.46 13.78 -3.75
N LEU A 160 -49.68 13.40 -3.42
CA LEU A 160 -49.93 12.37 -2.41
C LEU A 160 -49.77 10.96 -2.98
N PHE A 161 -50.07 10.78 -4.27
CA PHE A 161 -49.86 9.48 -4.90
C PHE A 161 -48.38 9.20 -5.12
N ASN A 162 -47.59 10.25 -5.29
CA ASN A 162 -46.16 10.15 -5.60
C ASN A 162 -45.30 10.01 -4.35
N SER A 163 -45.90 9.85 -3.18
CA SER A 163 -45.18 9.47 -1.98
C SER A 163 -45.17 7.95 -1.87
N PHE A 164 -44.92 7.43 -0.66
CA PHE A 164 -44.81 5.99 -0.37
C PHE A 164 -43.62 5.38 -1.11
N GLN A 165 -42.52 6.13 -1.16
CA GLN A 165 -41.25 5.67 -1.69
C GLN A 165 -40.12 6.50 -1.09
N GLU A 166 -39.05 5.85 -0.64
CA GLU A 166 -38.03 6.53 0.17
C GLU A 166 -37.13 7.45 -0.66
N PRO A 167 -36.61 7.06 -1.86
CA PRO A 167 -36.07 8.12 -2.73
C PRO A 167 -37.18 8.87 -3.46
N LEU A 168 -37.75 9.89 -2.79
CA LEU A 168 -38.84 10.76 -3.24
C LEU A 168 -38.58 11.28 -4.65
N PRO A 169 -39.61 11.40 -5.50
CA PRO A 169 -39.36 11.65 -6.93
C PRO A 169 -38.83 13.05 -7.24
N TRP A 170 -38.96 13.98 -6.30
CA TRP A 170 -38.46 15.33 -6.47
C TRP A 170 -37.14 15.54 -5.74
N SER A 171 -36.39 14.47 -5.50
CA SER A 171 -35.15 14.56 -4.74
C SER A 171 -33.89 14.42 -5.57
N ASP A 172 -34.00 14.04 -6.83
CA ASP A 172 -32.83 13.84 -7.68
C ASP A 172 -33.18 14.05 -9.15
N CYS A 173 -32.19 14.45 -9.93
CA CYS A 173 -32.40 14.65 -11.36
C CYS A 173 -32.31 13.33 -12.11
N PRO A 174 -33.02 13.19 -13.22
CA PRO A 174 -32.77 12.06 -14.13
C PRO A 174 -31.54 12.31 -14.97
N LEU A 175 -31.11 11.27 -15.68
CA LEU A 175 -29.92 11.34 -16.51
C LEU A 175 -30.30 11.55 -17.97
N ASN A 176 -29.28 11.73 -18.81
CA ASN A 176 -29.50 11.94 -20.24
C ASN A 176 -29.79 10.61 -20.95
N GLU A 177 -29.79 10.71 -22.27
CA GLU A 177 -29.96 9.55 -23.13
C GLU A 177 -28.66 8.84 -22.83
N ASN A 178 -27.55 9.51 -23.10
CA ASN A 178 -26.23 8.96 -22.78
C ASN A 178 -26.14 9.20 -21.28
N GLN A 179 -26.01 8.11 -20.52
CA GLN A 179 -25.92 8.18 -19.07
C GLN A 179 -24.57 8.70 -18.60
N THR A 180 -24.39 10.01 -18.70
CA THR A 180 -23.14 10.65 -18.27
C THR A 180 -23.38 11.85 -17.38
N GLY A 181 -24.42 12.63 -17.64
CA GLY A 181 -24.73 13.78 -16.81
C GLY A 181 -26.23 13.95 -16.66
N TYR A 182 -26.62 14.94 -15.88
CA TYR A 182 -28.02 15.22 -15.65
C TYR A 182 -28.62 15.95 -16.86
N VAL A 183 -29.95 16.08 -16.85
CA VAL A 183 -30.65 16.80 -17.91
C VAL A 183 -30.31 18.29 -17.78
N ASP A 184 -30.33 18.98 -18.93
CA ASP A 184 -29.75 20.33 -19.02
C ASP A 184 -30.54 21.36 -18.21
N GLU A 185 -31.86 21.21 -18.10
CA GLU A 185 -32.63 22.15 -17.32
C GLU A 185 -32.90 21.66 -15.90
N CYS A 186 -32.43 20.47 -15.54
CA CYS A 186 -32.35 20.07 -14.14
C CYS A 186 -31.01 20.47 -13.51
N ALA A 187 -29.99 20.70 -14.33
CA ALA A 187 -28.69 21.12 -13.80
C ALA A 187 -28.66 22.61 -13.51
N ARG A 188 -29.33 23.41 -14.33
CA ARG A 188 -29.35 24.85 -14.09
C ARG A 188 -30.32 25.22 -12.99
N SER A 189 -31.54 24.70 -13.03
CA SER A 189 -32.53 24.95 -12.01
C SER A 189 -32.40 23.89 -10.91
N SER A 190 -33.36 23.80 -10.03
CA SER A 190 -33.39 22.83 -8.95
C SER A 190 -34.03 21.53 -9.43
N PRO A 191 -33.75 20.40 -8.77
CA PRO A 191 -34.50 19.17 -9.08
C PRO A 191 -35.95 19.22 -8.63
N VAL A 192 -36.32 20.14 -7.74
CA VAL A 192 -37.73 20.32 -7.38
C VAL A 192 -38.46 21.10 -8.47
N ASP A 193 -37.75 21.95 -9.22
CA ASP A 193 -38.34 22.60 -10.37
C ASP A 193 -38.46 21.66 -11.56
N TYR A 194 -37.60 20.66 -11.65
CA TYR A 194 -37.81 19.56 -12.60
C TYR A 194 -38.56 18.41 -11.93
N PHE A 195 -39.62 18.75 -11.23
CA PHE A 195 -40.72 17.84 -10.99
C PHE A 195 -42.06 18.53 -11.10
N TRP A 196 -42.11 19.84 -10.90
CA TRP A 196 -43.33 20.62 -11.00
C TRP A 196 -43.56 21.14 -12.40
N TYR A 197 -42.53 21.69 -13.03
CA TYR A 197 -42.71 22.34 -14.33
C TYR A 197 -42.62 21.37 -15.49
N ARG A 198 -41.79 20.34 -15.41
CA ARG A 198 -41.60 19.44 -16.55
C ARG A 198 -42.17 18.05 -16.36
N GLU A 199 -42.20 17.51 -15.13
CA GLU A 199 -42.73 16.18 -14.93
C GLU A 199 -44.16 16.14 -14.45
N THR A 200 -44.64 17.18 -13.77
CA THR A 200 -46.05 17.26 -13.43
C THR A 200 -46.83 18.05 -14.49
N LEU A 201 -46.48 19.32 -14.67
CA LEU A 201 -47.26 20.18 -15.54
C LEU A 201 -46.95 19.95 -17.01
N ASN A 202 -45.67 19.69 -17.33
CA ASN A 202 -45.15 19.70 -18.70
C ASN A 202 -45.47 21.00 -19.41
N ILE A 203 -45.09 22.11 -18.79
CA ILE A 203 -45.55 23.45 -19.13
C ILE A 203 -44.91 23.89 -20.45
N SER A 204 -45.55 24.84 -21.13
CA SER A 204 -45.06 25.37 -22.40
C SER A 204 -44.51 26.77 -22.18
N THR A 205 -44.14 27.42 -23.27
CA THR A 205 -43.43 28.70 -23.20
C THR A 205 -44.34 29.91 -23.30
N SER A 206 -45.64 29.71 -23.52
CA SER A 206 -46.57 30.83 -23.66
C SER A 206 -47.98 30.31 -23.42
N ILE A 207 -48.91 31.25 -23.20
CA ILE A 207 -50.33 30.91 -23.12
C ILE A 207 -50.96 30.77 -24.49
N SER A 208 -50.29 31.22 -25.55
CA SER A 208 -50.91 31.23 -26.86
C SER A 208 -50.80 29.88 -27.57
N ASP A 209 -49.92 29.00 -27.11
CA ASP A 209 -49.83 27.65 -27.64
C ASP A 209 -50.12 26.63 -26.55
N SER A 210 -51.06 25.74 -26.81
CA SER A 210 -51.46 24.69 -25.89
C SER A 210 -51.25 23.33 -26.55
N GLY A 211 -50.92 22.34 -25.74
CA GLY A 211 -50.59 21.04 -26.26
C GLY A 211 -51.75 20.07 -26.31
N SER A 212 -51.69 19.04 -25.47
CA SER A 212 -52.69 17.99 -25.45
C SER A 212 -53.24 17.87 -24.04
N ILE A 213 -53.98 16.79 -23.79
CA ILE A 213 -54.81 16.72 -22.58
C ILE A 213 -53.99 16.28 -21.36
N GLN A 214 -52.80 15.69 -21.55
CA GLN A 214 -51.88 15.31 -20.47
C GLN A 214 -52.53 14.34 -19.48
N TRP A 215 -52.69 13.11 -19.99
CA TRP A 215 -53.56 12.08 -19.41
C TRP A 215 -53.33 11.79 -17.93
N TRP A 216 -52.12 11.99 -17.41
CA TRP A 216 -51.89 11.66 -16.01
C TRP A 216 -52.45 12.71 -15.07
N MET A 217 -52.66 13.93 -15.54
CA MET A 217 -53.38 14.94 -14.78
C MET A 217 -54.88 14.89 -15.05
N LEU A 218 -55.33 13.96 -15.88
CA LEU A 218 -56.75 13.83 -16.15
C LEU A 218 -57.31 12.89 -15.09
N LEU A 219 -56.57 11.81 -14.85
CA LEU A 219 -56.96 10.83 -13.86
C LEU A 219 -57.16 11.48 -12.51
N CYS A 220 -56.23 12.34 -12.13
CA CYS A 220 -56.31 13.03 -10.85
C CYS A 220 -57.55 13.91 -10.75
N LEU A 221 -57.89 14.56 -11.85
CA LEU A 221 -59.06 15.42 -11.91
C LEU A 221 -60.29 14.57 -11.64
N ALA A 222 -60.36 13.44 -12.34
CA ALA A 222 -61.47 12.55 -12.17
C ALA A 222 -61.55 12.19 -10.69
N CYS A 223 -60.43 11.76 -10.13
CA CYS A 223 -60.37 11.37 -8.73
C CYS A 223 -60.96 12.45 -7.82
N ALA A 224 -60.50 13.68 -7.97
CA ALA A 224 -60.98 14.80 -7.17
C ALA A 224 -62.49 14.95 -7.26
N TRP A 225 -63.02 15.04 -8.47
CA TRP A 225 -64.46 15.21 -8.60
C TRP A 225 -65.26 14.04 -8.05
N SER A 226 -64.73 12.83 -8.19
CA SER A 226 -65.39 11.65 -7.69
C SER A 226 -65.44 11.68 -6.18
N VAL A 227 -64.36 12.11 -5.55
CA VAL A 227 -64.33 12.16 -4.10
C VAL A 227 -65.20 13.29 -3.60
N LEU A 228 -65.44 14.29 -4.46
CA LEU A 228 -66.29 15.40 -4.07
C LEU A 228 -67.75 15.00 -4.21
N TYR A 229 -68.03 14.05 -5.08
CA TYR A 229 -69.40 13.60 -5.29
C TYR A 229 -69.86 12.51 -4.32
N MET A 230 -68.91 11.86 -3.65
CA MET A 230 -69.18 10.81 -2.68
C MET A 230 -69.62 11.38 -1.34
N CYS A 231 -69.12 12.55 -0.97
CA CYS A 231 -69.44 13.15 0.33
C CYS A 231 -70.63 14.09 0.28
N THR A 232 -70.93 14.68 -0.88
CA THR A 232 -72.07 15.57 -1.00
C THR A 232 -73.13 14.99 -1.92
N ILE A 233 -73.42 13.69 -1.79
CA ILE A 233 -74.36 13.06 -2.70
C ILE A 233 -75.80 13.42 -2.33
N ARG A 234 -76.05 13.84 -1.08
CA ARG A 234 -77.39 14.19 -0.64
C ARG A 234 -77.42 15.51 0.11
N GLY A 235 -76.49 16.41 -0.15
CA GLY A 235 -76.43 17.68 0.53
C GLY A 235 -75.98 17.51 1.97
N ILE A 236 -76.82 17.91 2.91
CA ILE A 236 -76.61 17.66 4.34
C ILE A 236 -76.89 16.18 4.58
N GLU A 237 -76.51 15.68 5.77
CA GLU A 237 -76.57 14.34 6.34
C GLU A 237 -75.60 13.37 5.66
N THR A 238 -74.90 13.76 4.61
CA THR A 238 -73.71 13.04 4.17
C THR A 238 -72.50 13.95 4.39
N THR A 239 -72.69 15.25 4.21
CA THR A 239 -71.62 16.20 4.45
C THR A 239 -71.34 16.32 5.96
N GLY A 240 -72.22 15.77 6.77
CA GLY A 240 -72.08 15.82 8.22
C GLY A 240 -70.90 15.05 8.82
N LYS A 241 -70.91 13.74 8.66
CA LYS A 241 -69.83 12.91 9.19
C LYS A 241 -68.51 13.27 8.51
N ALA A 242 -68.63 13.68 7.25
CA ALA A 242 -67.47 14.08 6.48
C ALA A 242 -66.85 15.26 7.20
N VAL A 243 -67.64 16.31 7.40
CA VAL A 243 -67.15 17.49 8.10
C VAL A 243 -66.50 17.07 9.43
N TYR A 244 -67.16 16.14 10.11
CA TYR A 244 -66.63 15.65 11.38
C TYR A 244 -65.18 15.26 11.18
N ILE A 245 -64.95 14.16 10.46
CA ILE A 245 -63.58 13.67 10.23
C ILE A 245 -62.61 14.62 9.52
N THR A 246 -63.11 15.66 8.86
CA THR A 246 -62.22 16.58 8.16
C THR A 246 -62.03 17.93 8.84
N SER A 247 -62.56 18.11 10.05
CA SER A 247 -62.35 19.38 10.74
C SER A 247 -61.32 19.19 11.86
N THR A 248 -61.04 17.92 12.12
CA THR A 248 -60.06 17.42 13.08
C THR A 248 -58.70 17.15 12.44
N LEU A 249 -58.70 16.40 11.33
CA LEU A 249 -57.49 16.08 10.62
C LEU A 249 -56.67 17.35 10.43
N PRO A 250 -57.15 18.27 9.60
CA PRO A 250 -56.46 19.54 9.36
C PRO A 250 -55.93 20.22 10.63
N TYR A 251 -56.77 20.39 11.65
CA TYR A 251 -56.33 21.05 12.89
C TYR A 251 -55.24 20.36 13.71
N VAL A 252 -55.25 19.04 13.77
CA VAL A 252 -54.22 18.33 14.53
C VAL A 252 -52.94 18.10 13.72
N VAL A 253 -52.99 18.18 12.39
CA VAL A 253 -51.75 17.96 11.62
C VAL A 253 -50.86 19.22 11.58
N LEU A 254 -51.49 20.38 11.71
CA LEU A 254 -50.83 21.68 11.75
C LEU A 254 -50.07 21.80 13.06
N THR A 255 -50.67 21.28 14.13
CA THR A 255 -50.01 21.34 15.42
C THR A 255 -48.77 20.45 15.45
N ILE A 256 -48.86 19.29 14.80
CA ILE A 256 -47.72 18.37 14.74
C ILE A 256 -46.63 18.98 13.88
N PHE A 257 -47.03 19.90 13.01
CA PHE A 257 -46.09 20.57 12.12
C PHE A 257 -45.48 21.83 12.73
N LEU A 258 -46.05 22.32 13.84
CA LEU A 258 -45.47 23.51 14.47
C LEU A 258 -44.19 23.25 15.27
N ILE A 259 -44.19 22.19 16.08
CA ILE A 259 -43.06 21.78 16.91
C ILE A 259 -41.96 21.13 16.10
N ARG A 260 -42.19 20.85 14.83
CA ARG A 260 -41.15 20.43 13.90
C ARG A 260 -40.51 21.63 13.22
N GLY A 261 -41.32 22.62 12.85
CA GLY A 261 -40.80 23.78 12.14
C GLY A 261 -39.93 24.69 13.00
N LEU A 262 -40.29 24.86 14.27
CA LEU A 262 -39.51 25.72 15.16
C LEU A 262 -38.24 25.05 15.66
N THR A 263 -38.09 23.75 15.47
CA THR A 263 -36.90 23.01 15.87
C THR A 263 -35.85 23.03 14.75
N LEU A 264 -36.22 23.55 13.58
CA LEU A 264 -35.31 23.61 12.44
C LEU A 264 -34.19 24.62 12.68
N LYS A 265 -33.16 24.54 11.82
CA LYS A 265 -31.95 25.32 12.02
C LYS A 265 -32.20 26.80 11.74
N GLY A 266 -32.71 27.12 10.57
CA GLY A 266 -32.90 28.50 10.17
C GLY A 266 -34.22 29.12 10.56
N ALA A 267 -35.00 28.48 11.41
CA ALA A 267 -36.23 29.08 11.89
C ALA A 267 -35.93 30.15 12.92
N THR A 268 -36.98 30.86 13.35
CA THR A 268 -36.90 32.15 14.07
C THR A 268 -36.03 33.16 13.33
N ASN A 269 -36.04 33.07 12.01
CA ASN A 269 -35.43 34.06 11.12
C ASN A 269 -36.34 34.42 9.96
N GLY A 270 -37.29 33.57 9.60
CA GLY A 270 -38.34 33.93 8.66
C GLY A 270 -39.57 34.37 9.42
N ILE A 271 -39.58 34.12 10.72
CA ILE A 271 -40.62 34.67 11.59
C ILE A 271 -40.39 36.15 11.82
N VAL A 272 -39.13 36.54 12.05
CA VAL A 272 -38.78 37.95 12.21
C VAL A 272 -39.00 38.71 10.91
N PHE A 273 -38.82 38.04 9.76
CA PHE A 273 -39.14 38.68 8.49
C PHE A 273 -40.64 38.88 8.32
N LEU A 274 -41.45 38.03 8.94
CA LEU A 274 -42.89 38.20 8.90
C LEU A 274 -43.38 39.32 9.80
N PHE A 275 -42.58 39.74 10.77
CA PHE A 275 -43.04 40.71 11.76
C PHE A 275 -42.19 41.98 11.84
N THR A 276 -41.27 42.21 10.90
CA THR A 276 -40.65 43.52 10.78
C THR A 276 -41.40 44.32 9.73
N PRO A 277 -42.17 45.34 10.11
CA PRO A 277 -43.00 46.04 9.13
C PRO A 277 -42.19 47.07 8.34
N ASN A 278 -42.68 47.33 7.13
CA ASN A 278 -42.12 48.36 6.26
C ASN A 278 -43.23 49.41 6.13
N VAL A 279 -43.17 50.44 6.99
CA VAL A 279 -44.27 51.39 7.14
C VAL A 279 -44.49 52.28 5.93
N THR A 280 -43.51 52.37 5.02
CA THR A 280 -43.71 53.05 3.75
C THR A 280 -44.75 52.34 2.89
N GLU A 281 -44.81 51.01 2.97
CA GLU A 281 -45.76 50.22 2.18
C GLU A 281 -47.22 50.41 2.62
N LEU A 282 -47.48 50.93 3.82
CA LEU A 282 -48.84 51.16 4.30
C LEU A 282 -49.51 52.39 3.69
N ALA A 283 -48.87 53.04 2.72
CA ALA A 283 -49.46 54.21 2.09
C ALA A 283 -49.59 54.02 0.59
N GLN A 284 -49.89 52.81 0.15
CA GLN A 284 -50.12 52.51 -1.24
C GLN A 284 -51.54 52.01 -1.44
N PRO A 285 -52.17 52.30 -2.58
CA PRO A 285 -53.53 51.79 -2.81
C PRO A 285 -53.59 50.29 -3.02
N ASP A 286 -52.58 49.67 -3.62
CA ASP A 286 -52.67 48.25 -3.97
C ASP A 286 -52.47 47.32 -2.78
N THR A 287 -51.97 47.80 -1.65
CA THR A 287 -51.86 46.95 -0.48
C THR A 287 -53.12 46.96 0.39
N TRP A 288 -54.08 47.83 0.09
CA TRP A 288 -55.38 47.80 0.76
C TRP A 288 -56.44 47.11 -0.08
N LEU A 289 -56.22 46.98 -1.39
CA LEU A 289 -57.11 46.17 -2.21
C LEU A 289 -56.88 44.68 -1.97
N ASP A 290 -55.61 44.28 -1.91
CA ASP A 290 -55.27 42.87 -1.67
C ASP A 290 -55.57 42.46 -0.23
N ALA A 291 -55.58 43.40 0.71
CA ALA A 291 -56.01 43.08 2.06
C ALA A 291 -57.53 43.02 2.16
N GLY A 292 -58.22 43.89 1.42
CA GLY A 292 -59.67 43.89 1.46
C GLY A 292 -60.30 42.74 0.71
N ALA A 293 -59.64 42.24 -0.33
CA ALA A 293 -60.14 41.09 -1.06
C ALA A 293 -59.75 39.77 -0.43
N GLN A 294 -58.87 39.78 0.56
CA GLN A 294 -58.52 38.56 1.28
C GLN A 294 -59.49 38.29 2.42
N VAL A 295 -60.08 39.34 3.00
CA VAL A 295 -61.06 39.16 4.06
C VAL A 295 -62.34 38.55 3.50
N PHE A 296 -62.78 38.99 2.33
CA PHE A 296 -63.95 38.42 1.69
C PHE A 296 -63.66 37.09 1.00
N PHE A 297 -62.41 36.64 0.98
CA PHE A 297 -62.06 35.31 0.50
C PHE A 297 -61.74 34.33 1.62
N SER A 298 -61.08 34.78 2.69
CA SER A 298 -60.84 33.92 3.84
C SER A 298 -62.16 33.60 4.54
N PHE A 299 -62.84 34.62 5.05
CA PHE A 299 -64.26 34.49 5.32
C PHE A 299 -64.97 34.26 3.99
N SER A 300 -65.87 33.28 3.96
CA SER A 300 -66.53 32.92 2.72
C SER A 300 -67.81 33.75 2.59
N LEU A 301 -67.61 35.06 2.48
CA LEU A 301 -68.68 36.01 2.27
C LEU A 301 -68.90 36.21 0.78
N ALA A 302 -70.10 36.66 0.43
CA ALA A 302 -70.56 36.88 -0.95
C ALA A 302 -70.49 35.60 -1.80
N PHE A 303 -70.67 34.44 -1.17
CA PHE A 303 -70.81 33.18 -1.88
C PHE A 303 -72.18 32.55 -1.74
N GLY A 304 -72.91 32.86 -0.68
CA GLY A 304 -74.24 32.32 -0.48
C GLY A 304 -74.29 30.96 0.18
N GLY A 305 -73.18 30.47 0.71
CA GLY A 305 -73.16 29.18 1.34
C GLY A 305 -73.39 29.27 2.84
N LEU A 306 -73.02 30.40 3.44
CA LEU A 306 -73.24 30.59 4.86
C LEU A 306 -74.65 31.04 5.19
N ILE A 307 -75.39 31.54 4.19
CA ILE A 307 -76.80 31.85 4.39
C ILE A 307 -77.62 30.56 4.36
N SER A 308 -77.26 29.64 3.45
CA SER A 308 -78.00 28.38 3.35
C SER A 308 -77.72 27.46 4.53
N PHE A 309 -76.52 27.53 5.11
CA PHE A 309 -76.21 26.71 6.26
C PHE A 309 -76.88 27.21 7.53
N SER A 310 -77.04 28.52 7.66
CA SER A 310 -77.71 29.10 8.81
C SER A 310 -79.22 29.06 8.70
N SER A 311 -79.76 28.73 7.54
CA SER A 311 -81.20 28.64 7.30
C SER A 311 -81.79 27.32 7.76
N TYR A 312 -81.01 26.44 8.36
CA TYR A 312 -81.51 25.16 8.85
C TYR A 312 -81.65 25.12 10.35
N ASN A 313 -81.15 26.14 11.06
CA ASN A 313 -81.23 26.17 12.50
C ASN A 313 -82.64 26.53 12.95
N SER A 314 -82.89 26.37 14.25
CA SER A 314 -84.13 26.82 14.84
C SER A 314 -84.15 28.33 14.91
N VAL A 315 -85.34 28.88 15.15
CA VAL A 315 -85.50 30.34 15.13
C VAL A 315 -84.87 30.95 16.37
N HIS A 316 -85.04 30.32 17.53
CA HIS A 316 -84.45 30.82 18.78
C HIS A 316 -83.06 30.24 18.92
N ASN A 317 -82.15 30.75 18.10
CA ASN A 317 -80.76 30.32 18.09
C ASN A 317 -79.87 31.56 18.15
N ASN A 318 -78.89 31.55 19.04
CA ASN A 318 -78.02 32.70 19.25
C ASN A 318 -77.09 32.85 18.07
N CYS A 319 -77.48 33.68 17.10
CA CYS A 319 -76.69 33.92 15.89
C CYS A 319 -75.67 35.04 16.08
N GLU A 320 -75.52 35.55 17.29
CA GLU A 320 -74.46 36.50 17.63
C GLU A 320 -73.28 35.82 18.31
N LYS A 321 -73.56 34.80 19.13
CA LYS A 321 -72.51 33.96 19.68
C LYS A 321 -71.79 33.19 18.59
N ASP A 322 -72.51 32.80 17.53
CA ASP A 322 -71.90 32.01 16.46
C ASP A 322 -71.05 32.86 15.54
N SER A 323 -71.33 34.14 15.42
CA SER A 323 -70.61 34.99 14.48
C SER A 323 -69.32 35.55 15.04
N VAL A 324 -69.19 35.67 16.35
CA VAL A 324 -67.94 36.14 16.96
C VAL A 324 -67.07 34.99 17.45
N ILE A 325 -67.57 33.76 17.43
CA ILE A 325 -66.72 32.61 17.73
C ILE A 325 -66.05 32.11 16.45
N VAL A 326 -66.80 32.06 15.36
CA VAL A 326 -66.26 31.63 14.07
C VAL A 326 -65.23 32.64 13.56
N SER A 327 -65.44 33.92 13.85
CA SER A 327 -64.54 34.94 13.36
C SER A 327 -63.22 35.03 14.12
N ILE A 328 -63.16 34.62 15.38
CA ILE A 328 -61.90 34.63 16.12
C ILE A 328 -61.16 33.31 16.01
N ILE A 329 -61.70 32.33 15.29
CA ILE A 329 -60.95 31.13 14.95
C ILE A 329 -60.43 31.33 13.54
N ASN A 330 -61.18 32.06 12.70
CA ASN A 330 -60.71 32.36 11.36
C ASN A 330 -59.58 33.38 11.36
N GLY A 331 -59.57 34.29 12.33
CA GLY A 331 -58.47 35.23 12.43
C GLY A 331 -57.25 34.65 13.11
N PHE A 332 -57.46 33.78 14.08
CA PHE A 332 -56.34 33.13 14.78
C PHE A 332 -55.63 32.13 13.90
N THR A 333 -56.35 31.44 13.01
CA THR A 333 -55.74 30.44 12.15
C THR A 333 -54.86 31.06 11.09
N SER A 334 -55.29 32.17 10.48
CA SER A 334 -54.54 32.81 9.41
C SER A 334 -53.22 33.39 9.88
N VAL A 335 -53.04 33.61 11.18
CA VAL A 335 -51.73 33.88 11.74
C VAL A 335 -51.02 32.61 12.17
N TYR A 336 -51.76 31.60 12.63
CA TYR A 336 -51.18 30.33 13.05
C TYR A 336 -50.61 29.52 11.90
N VAL A 337 -51.21 29.62 10.71
CA VAL A 337 -50.63 29.01 9.52
C VAL A 337 -49.44 29.82 9.01
N ALA A 338 -49.47 31.15 9.11
CA ALA A 338 -48.42 31.98 8.56
C ALA A 338 -47.11 31.93 9.34
N ILE A 339 -47.12 31.48 10.60
CA ILE A 339 -45.87 31.27 11.31
C ILE A 339 -45.38 29.84 11.21
N VAL A 340 -46.15 28.96 10.59
CA VAL A 340 -45.65 27.65 10.18
C VAL A 340 -45.05 27.72 8.79
N VAL A 341 -45.69 28.49 7.91
CA VAL A 341 -45.20 28.68 6.55
C VAL A 341 -43.87 29.44 6.53
N TYR A 342 -43.77 30.50 7.33
CA TYR A 342 -42.55 31.31 7.33
C TYR A 342 -41.46 30.74 8.22
N SER A 343 -41.72 29.65 8.94
CA SER A 343 -40.64 28.99 9.66
C SER A 343 -39.89 27.99 8.79
N VAL A 344 -40.42 27.65 7.62
CA VAL A 344 -39.70 26.83 6.65
C VAL A 344 -39.18 27.66 5.48
N ILE A 345 -39.66 28.89 5.28
CA ILE A 345 -39.01 29.78 4.33
C ILE A 345 -37.69 30.28 4.89
N GLY A 346 -37.66 30.54 6.20
CA GLY A 346 -36.41 30.86 6.86
C GLY A 346 -35.45 29.69 6.95
N PHE A 347 -35.93 28.47 6.79
CA PHE A 347 -35.05 27.31 6.78
C PHE A 347 -34.46 27.07 5.39
N ARG A 348 -35.18 27.40 4.33
CA ARG A 348 -34.57 27.37 2.99
C ARG A 348 -33.62 28.53 2.79
N ALA A 349 -33.85 29.67 3.44
CA ALA A 349 -32.97 30.81 3.29
C ALA A 349 -31.74 30.73 4.17
N THR A 350 -31.63 29.71 5.01
CA THR A 350 -30.41 29.42 5.73
C THR A 350 -29.65 28.25 5.12
N GLN A 351 -30.36 27.30 4.51
CA GLN A 351 -29.72 26.25 3.74
C GLN A 351 -29.05 26.82 2.49
N ARG A 352 -29.70 27.80 1.85
CA ARG A 352 -29.11 28.41 0.66
C ARG A 352 -28.00 29.38 1.00
N TYR A 353 -28.12 30.10 2.12
CA TYR A 353 -27.08 31.04 2.51
C TYR A 353 -25.84 30.32 3.01
N ASP A 354 -26.01 29.16 3.65
CA ASP A 354 -24.84 28.41 4.11
C ASP A 354 -24.23 27.59 2.98
N ASP A 355 -24.93 27.44 1.86
CA ASP A 355 -24.34 26.78 0.70
C ASP A 355 -23.68 27.76 -0.24
N CYS A 356 -24.25 28.96 -0.39
CA CYS A 356 -23.59 30.01 -1.16
C CYS A 356 -22.34 30.51 -0.45
N PHE A 357 -22.36 30.55 0.88
CA PHE A 357 -21.18 31.02 1.59
C PHE A 357 -20.12 29.94 1.69
N SER A 358 -20.53 28.67 1.62
CA SER A 358 -19.53 27.60 1.53
C SER A 358 -18.88 27.55 0.16
N THR A 359 -19.55 28.09 -0.86
CA THR A 359 -18.92 28.23 -2.18
C THR A 359 -17.75 29.19 -2.12
N ASN A 360 -17.92 30.32 -1.42
CA ASN A 360 -16.86 31.31 -1.31
C ASN A 360 -15.72 30.83 -0.42
N ILE A 361 -16.00 29.89 0.49
CA ILE A 361 -14.93 29.30 1.29
C ILE A 361 -14.10 28.34 0.45
N LEU A 362 -14.77 27.50 -0.35
CA LEU A 362 -14.05 26.47 -1.10
C LEU A 362 -13.37 27.04 -2.34
N THR A 363 -13.85 28.16 -2.88
CA THR A 363 -13.21 28.72 -4.07
C THR A 363 -11.98 29.54 -3.71
N LEU A 364 -11.79 29.82 -2.42
CA LEU A 364 -10.62 30.57 -1.99
C LEU A 364 -9.49 29.63 -1.59
N ILE A 365 -9.84 28.51 -0.96
CA ILE A 365 -8.82 27.54 -0.52
C ILE A 365 -8.36 26.62 -1.65
N ASN A 366 -9.01 26.67 -2.81
CA ASN A 366 -8.57 25.90 -3.96
C ASN A 366 -7.72 26.71 -4.93
N GLY A 367 -7.81 28.03 -4.89
CA GLY A 367 -7.03 28.88 -5.76
C GLY A 367 -5.68 29.27 -5.17
N PHE A 368 -5.56 29.13 -3.85
CA PHE A 368 -4.32 29.46 -3.16
C PHE A 368 -3.80 28.33 -2.28
N ASP A 369 -4.48 27.18 -2.31
CA ASP A 369 -4.06 25.98 -1.59
C ASP A 369 -3.86 26.08 -0.08
N LEU A 370 -4.92 26.46 0.63
CA LEU A 370 -4.84 26.53 2.09
C LEU A 370 -5.51 25.30 2.72
N PRO A 371 -5.15 24.93 3.94
CA PRO A 371 -5.90 23.89 4.65
C PRO A 371 -7.32 24.36 4.99
N GLU A 372 -8.18 23.37 5.26
CA GLU A 372 -9.61 23.64 5.37
C GLU A 372 -10.00 24.22 6.72
N GLY A 373 -9.20 23.98 7.76
CA GLY A 373 -9.57 24.41 9.10
C GLY A 373 -9.08 25.79 9.48
N ASN A 374 -8.87 26.66 8.49
CA ASN A 374 -8.41 28.02 8.72
C ASN A 374 -9.34 29.07 8.15
N VAL A 375 -10.10 28.74 7.11
CA VAL A 375 -11.00 29.69 6.46
C VAL A 375 -12.43 29.32 6.84
N THR A 376 -13.10 30.22 7.56
CA THR A 376 -14.48 29.98 7.97
C THR A 376 -15.27 31.29 7.97
N GLN A 377 -16.51 31.25 8.47
CA GLN A 377 -17.42 32.40 8.40
C GLN A 377 -17.00 33.55 9.28
N GLU A 378 -16.12 33.33 10.25
CA GLU A 378 -15.72 34.40 11.17
C GLU A 378 -14.65 35.30 10.57
N ASN A 379 -13.82 34.79 9.66
CA ASN A 379 -12.72 35.55 9.10
C ASN A 379 -12.62 35.42 7.59
N PHE A 380 -13.76 35.38 6.90
CA PHE A 380 -13.73 35.34 5.44
C PHE A 380 -13.34 36.69 4.87
N VAL A 381 -13.83 37.79 5.47
CA VAL A 381 -13.46 39.12 5.02
C VAL A 381 -12.06 39.52 5.44
N ASP A 382 -11.45 38.80 6.39
CA ASP A 382 -10.10 39.10 6.84
C ASP A 382 -9.09 38.57 5.82
N MET A 383 -9.31 37.35 5.33
CA MET A 383 -8.27 36.66 4.59
C MET A 383 -8.37 36.87 3.08
N GLN A 384 -9.51 37.33 2.56
CA GLN A 384 -9.57 37.63 1.13
C GLN A 384 -8.76 38.87 0.76
N GLN A 385 -8.56 39.79 1.69
CA GLN A 385 -7.63 40.90 1.49
C GLN A 385 -6.18 40.45 1.56
N ARG A 386 -5.91 39.35 2.27
CA ARG A 386 -4.56 38.81 2.35
C ARG A 386 -4.16 38.13 1.04
N CYS A 387 -5.13 37.71 0.24
CA CYS A 387 -4.85 37.01 -1.01
C CYS A 387 -4.55 37.94 -2.17
N ASN A 388 -5.13 39.15 -2.20
CA ASN A 388 -4.78 40.11 -3.23
C ASN A 388 -3.51 40.89 -2.88
N ALA A 389 -3.11 40.89 -1.61
CA ALA A 389 -1.83 41.47 -1.23
C ALA A 389 -0.68 40.51 -1.49
N SER A 390 -0.96 39.21 -1.56
CA SER A 390 0.08 38.23 -1.85
C SER A 390 0.24 38.01 -3.35
N ASP A 391 -0.82 37.57 -4.03
CA ASP A 391 -0.78 37.34 -5.47
C ASP A 391 -1.87 38.19 -6.12
N PRO A 392 -1.52 39.39 -6.58
CA PRO A 392 -2.53 40.23 -7.26
C PRO A 392 -2.93 39.72 -8.63
N ALA A 393 -2.12 38.87 -9.26
CA ALA A 393 -2.47 38.35 -10.57
C ALA A 393 -3.33 37.09 -10.47
N ALA A 394 -3.02 36.22 -9.51
CA ALA A 394 -3.77 34.97 -9.35
C ALA A 394 -5.12 35.19 -8.68
N TYR A 395 -5.33 36.36 -8.06
CA TYR A 395 -6.62 36.66 -7.43
C TYR A 395 -7.63 37.23 -8.42
N ALA A 396 -7.19 37.66 -9.61
CA ALA A 396 -8.07 38.34 -10.54
C ALA A 396 -9.04 37.40 -11.24
N GLN A 397 -8.64 36.17 -11.53
CA GLN A 397 -9.51 35.24 -12.25
C GLN A 397 -10.49 34.52 -11.33
N LEU A 398 -10.34 34.64 -10.02
CA LEU A 398 -11.28 34.04 -9.08
C LEU A 398 -12.58 34.84 -9.04
N VAL A 399 -13.67 34.16 -8.73
CA VAL A 399 -14.99 34.77 -8.62
C VAL A 399 -15.45 34.62 -7.17
N PHE A 400 -16.22 35.58 -6.69
CA PHE A 400 -16.78 35.55 -5.35
C PHE A 400 -18.25 35.88 -5.41
N GLN A 401 -19.08 34.94 -4.98
CA GLN A 401 -20.52 35.14 -4.99
C GLN A 401 -20.93 36.16 -3.94
N THR A 402 -21.85 37.04 -4.32
CA THR A 402 -22.39 38.05 -3.42
C THR A 402 -23.77 37.59 -2.97
N CYS A 403 -23.86 37.14 -1.72
CA CYS A 403 -25.13 36.66 -1.19
C CYS A 403 -25.22 37.00 0.29
N ASP A 404 -26.41 37.44 0.71
CA ASP A 404 -26.68 37.77 2.10
C ASP A 404 -28.19 37.65 2.29
N ILE A 405 -28.61 37.40 3.55
CA ILE A 405 -30.03 37.22 3.86
C ILE A 405 -30.77 38.54 3.64
N ASN A 406 -32.10 38.43 3.45
CA ASN A 406 -33.11 39.37 2.93
C ASN A 406 -33.06 39.43 1.41
N ALA A 407 -32.13 38.69 0.79
CA ALA A 407 -32.20 38.37 -0.62
C ALA A 407 -32.61 36.92 -0.85
N PHE A 408 -32.42 36.06 0.13
CA PHE A 408 -32.98 34.72 0.11
C PHE A 408 -34.29 34.61 0.86
N LEU A 409 -34.60 35.61 1.69
CA LEU A 409 -35.89 35.69 2.38
C LEU A 409 -36.89 36.52 1.58
N SER A 410 -36.55 36.88 0.35
CA SER A 410 -37.48 37.58 -0.52
C SER A 410 -37.33 37.09 -1.95
N GLU A 411 -38.11 36.09 -2.34
CA GLU A 411 -37.96 35.47 -3.65
C GLU A 411 -39.33 35.20 -4.26
N ALA A 412 -39.32 34.54 -5.41
CA ALA A 412 -40.55 34.21 -6.12
C ALA A 412 -41.30 33.10 -5.41
N VAL A 413 -42.31 33.50 -4.64
CA VAL A 413 -43.13 32.59 -3.83
C VAL A 413 -44.51 32.74 -4.44
N GLU A 414 -44.54 32.78 -5.78
CA GLU A 414 -45.76 32.98 -6.58
C GLU A 414 -46.78 31.86 -6.40
N GLY A 415 -47.94 32.02 -7.04
CA GLY A 415 -49.03 31.06 -6.88
C GLY A 415 -48.66 29.68 -7.38
N THR A 416 -49.01 28.67 -6.58
CA THR A 416 -48.62 27.26 -6.69
C THR A 416 -47.10 27.12 -6.67
N GLY A 417 -46.44 27.90 -5.82
CA GLY A 417 -45.00 27.85 -5.71
C GLY A 417 -44.50 27.77 -4.28
N LEU A 418 -45.39 27.43 -3.35
CA LEU A 418 -45.01 27.33 -1.95
C LEU A 418 -45.22 25.90 -1.46
N ALA A 419 -46.38 25.32 -1.74
CA ALA A 419 -46.63 23.95 -1.35
C ALA A 419 -45.87 22.95 -2.21
N PHE A 420 -45.41 23.37 -3.38
CA PHE A 420 -44.80 22.45 -4.33
C PHE A 420 -43.31 22.67 -4.55
N ILE A 421 -42.80 23.87 -4.29
CA ILE A 421 -41.38 24.15 -4.54
C ILE A 421 -40.68 24.46 -3.22
N VAL A 422 -41.39 25.08 -2.29
CA VAL A 422 -40.78 25.47 -1.02
C VAL A 422 -40.90 24.38 0.03
N PHE A 423 -42.09 23.81 0.21
CA PHE A 423 -42.25 22.78 1.22
C PHE A 423 -41.64 21.46 0.80
N THR A 424 -41.80 21.07 -0.48
CA THR A 424 -41.30 19.77 -0.92
C THR A 424 -39.79 19.74 -1.04
N GLU A 425 -39.12 20.90 -1.06
CA GLU A 425 -37.68 20.92 -0.99
C GLU A 425 -37.17 20.79 0.44
N ALA A 426 -37.92 21.31 1.41
CA ALA A 426 -37.51 21.23 2.80
C ALA A 426 -37.85 19.88 3.43
N ILE A 427 -38.86 19.17 2.90
CA ILE A 427 -39.24 17.86 3.44
C ILE A 427 -38.14 16.83 3.17
N THR A 428 -37.46 16.92 2.04
CA THR A 428 -36.41 15.97 1.67
C THR A 428 -35.13 16.13 2.49
N LYS A 429 -35.07 17.08 3.42
CA LYS A 429 -33.92 17.23 4.30
C LYS A 429 -34.25 16.91 5.75
N MET A 430 -35.48 16.51 6.04
CA MET A 430 -35.80 15.92 7.34
C MET A 430 -35.53 14.42 7.31
N PRO A 431 -35.22 13.82 8.45
CA PRO A 431 -35.23 12.36 8.54
C PRO A 431 -36.65 11.84 8.50
N LEU A 432 -36.80 10.60 8.03
CA LEU A 432 -38.08 9.94 7.77
C LEU A 432 -38.95 10.78 6.83
N SER A 433 -38.31 11.25 5.75
CA SER A 433 -38.91 12.13 4.76
C SER A 433 -40.13 11.60 3.97
N PRO A 434 -40.37 10.30 3.78
CA PRO A 434 -41.69 9.91 3.25
C PRO A 434 -42.83 10.11 4.23
N LEU A 435 -42.57 10.19 5.53
CA LEU A 435 -43.65 10.38 6.49
C LEU A 435 -44.12 11.82 6.52
N TRP A 436 -43.21 12.79 6.41
CA TRP A 436 -43.59 14.19 6.44
C TRP A 436 -44.21 14.66 5.13
N SER A 437 -44.23 13.82 4.11
CA SER A 437 -44.82 14.21 2.84
C SER A 437 -46.27 13.78 2.84
N VAL A 438 -46.52 12.55 3.30
CA VAL A 438 -47.86 12.03 3.37
C VAL A 438 -48.70 12.89 4.30
N LEU A 439 -48.27 13.03 5.55
CA LEU A 439 -49.00 13.83 6.52
C LEU A 439 -49.34 15.20 5.93
N PHE A 440 -48.32 15.95 5.56
CA PHE A 440 -48.51 17.27 4.99
C PHE A 440 -49.54 17.30 3.86
N PHE A 441 -49.37 16.44 2.88
CA PHE A 441 -50.31 16.44 1.76
C PHE A 441 -51.73 16.01 2.10
N ILE A 442 -51.90 15.06 3.00
CA ILE A 442 -53.25 14.65 3.36
C ILE A 442 -53.88 15.83 4.08
N MET A 443 -53.08 16.56 4.85
CA MET A 443 -53.57 17.72 5.55
C MET A 443 -54.07 18.74 4.54
N LEU A 444 -53.27 19.01 3.52
CA LEU A 444 -53.69 19.98 2.51
C LEU A 444 -54.97 19.51 1.84
N PHE A 445 -55.05 18.22 1.53
CA PHE A 445 -56.23 17.66 0.89
C PHE A 445 -57.47 17.91 1.73
N CYS A 446 -57.38 17.65 3.03
CA CYS A 446 -58.50 17.87 3.92
C CYS A 446 -58.89 19.34 3.94
N LEU A 447 -57.89 20.21 4.07
CA LEU A 447 -58.17 21.64 4.10
C LEU A 447 -58.90 22.09 2.85
N GLY A 448 -58.54 21.49 1.71
CA GLY A 448 -59.16 21.87 0.46
C GLY A 448 -60.44 21.18 0.08
N LEU A 449 -60.78 20.09 0.76
CA LEU A 449 -61.99 19.35 0.45
C LEU A 449 -63.17 19.88 1.23
N SER A 450 -62.94 20.22 2.49
CA SER A 450 -63.98 20.75 3.38
C SER A 450 -64.44 22.13 2.96
N SER A 451 -63.66 22.86 2.17
CA SER A 451 -64.10 24.15 1.65
C SER A 451 -64.86 24.01 0.34
N MET A 452 -64.83 22.83 -0.28
CA MET A 452 -65.67 22.54 -1.43
C MET A 452 -67.00 21.92 -1.02
N PHE A 453 -67.19 21.63 0.26
CA PHE A 453 -68.49 21.18 0.75
C PHE A 453 -69.50 22.31 0.69
N GLY A 454 -69.17 23.44 1.31
CA GLY A 454 -70.05 24.59 1.27
C GLY A 454 -70.09 25.30 -0.06
N ASN A 455 -69.04 25.15 -0.86
CA ASN A 455 -69.02 25.75 -2.19
C ASN A 455 -69.91 24.99 -3.16
N MET A 456 -70.20 23.72 -2.88
CA MET A 456 -71.20 22.99 -3.64
C MET A 456 -72.61 23.39 -3.25
N GLU A 457 -72.79 23.86 -2.01
CA GLU A 457 -74.10 24.34 -1.59
C GLU A 457 -74.46 25.67 -2.23
N GLY A 458 -73.46 26.44 -2.63
CA GLY A 458 -73.71 27.69 -3.33
C GLY A 458 -74.16 27.53 -4.76
N VAL A 459 -73.99 26.33 -5.33
CA VAL A 459 -74.43 26.06 -6.68
C VAL A 459 -75.66 25.16 -6.73
N VAL A 460 -75.77 24.19 -5.83
CA VAL A 460 -76.88 23.23 -5.85
C VAL A 460 -78.19 23.89 -5.44
N VAL A 461 -78.16 24.67 -4.36
CA VAL A 461 -79.37 25.23 -3.76
C VAL A 461 -80.04 26.31 -4.62
N PRO A 462 -79.36 27.36 -5.14
CA PRO A 462 -80.10 28.32 -5.99
C PRO A 462 -80.46 27.78 -7.36
N LEU A 463 -79.82 26.71 -7.82
CA LEU A 463 -80.25 26.03 -9.03
C LEU A 463 -81.41 25.09 -8.78
N GLN A 464 -81.74 24.83 -7.51
CA GLN A 464 -82.89 24.03 -7.14
C GLN A 464 -84.10 24.89 -6.83
N ASP A 465 -83.91 26.19 -6.57
CA ASP A 465 -84.98 27.14 -6.41
C ASP A 465 -85.37 27.82 -7.71
N LEU A 466 -84.63 27.57 -8.79
CA LEU A 466 -84.91 28.17 -10.09
C LEU A 466 -85.93 27.38 -10.89
N ARG A 467 -86.28 26.17 -10.44
CA ARG A 467 -87.23 25.26 -11.09
C ARG A 467 -86.82 24.94 -12.54
N VAL A 468 -85.59 24.47 -12.68
CA VAL A 468 -85.09 24.02 -13.97
C VAL A 468 -85.00 22.51 -14.06
N ILE A 469 -85.01 21.81 -12.94
CA ILE A 469 -85.03 20.35 -12.90
C ILE A 469 -86.44 19.93 -12.51
N PRO A 470 -87.02 18.91 -13.12
CA PRO A 470 -88.35 18.42 -12.69
C PRO A 470 -88.30 17.90 -11.26
N PRO A 471 -89.22 18.38 -10.40
CA PRO A 471 -89.09 18.10 -8.97
C PRO A 471 -89.65 16.76 -8.53
N LYS A 472 -89.35 15.70 -9.28
CA LYS A 472 -89.56 14.33 -8.82
C LYS A 472 -88.29 13.50 -8.91
N TRP A 473 -87.25 13.99 -9.58
CA TRP A 473 -85.95 13.33 -9.57
C TRP A 473 -85.32 13.49 -8.18
N PRO A 474 -84.49 12.56 -7.75
CA PRO A 474 -83.85 12.68 -6.44
C PRO A 474 -82.81 13.79 -6.42
N LYS A 475 -82.37 14.12 -5.21
CA LYS A 475 -81.33 15.13 -5.03
C LYS A 475 -79.97 14.65 -5.56
N GLU A 476 -79.74 13.34 -5.54
CA GLU A 476 -78.48 12.76 -5.97
C GLU A 476 -78.31 12.73 -7.49
N VAL A 477 -79.33 13.12 -8.26
CA VAL A 477 -79.21 13.24 -9.70
C VAL A 477 -78.72 14.62 -10.13
N LEU A 478 -79.23 15.68 -9.52
CA LEU A 478 -78.78 17.01 -9.87
C LEU A 478 -77.31 17.21 -9.49
N THR A 479 -76.96 16.83 -8.26
CA THR A 479 -75.58 16.95 -7.80
C THR A 479 -74.64 16.32 -8.81
N GLY A 480 -74.85 15.04 -9.08
CA GLY A 480 -74.02 14.34 -10.04
C GLY A 480 -73.96 15.09 -11.35
N LEU A 481 -75.11 15.58 -11.80
CA LEU A 481 -75.16 16.32 -13.05
C LEU A 481 -74.16 17.46 -13.03
N ILE A 482 -74.28 18.37 -12.07
CA ILE A 482 -73.37 19.49 -11.93
C ILE A 482 -71.91 19.02 -12.03
N CYS A 483 -71.55 18.03 -11.21
CA CYS A 483 -70.20 17.49 -11.14
C CYS A 483 -69.66 17.16 -12.53
N LEU A 484 -70.41 16.38 -13.28
CA LEU A 484 -70.00 16.00 -14.62
C LEU A 484 -69.66 17.24 -15.44
N GLY A 485 -70.54 18.22 -15.44
CA GLY A 485 -70.32 19.42 -16.20
C GLY A 485 -69.03 20.12 -15.84
N THR A 486 -68.81 20.32 -14.54
CA THR A 486 -67.60 20.98 -14.09
C THR A 486 -66.33 20.19 -14.42
N PHE A 487 -66.41 18.86 -14.38
CA PHE A 487 -65.27 18.02 -14.68
C PHE A 487 -64.96 18.13 -16.16
N LEU A 488 -66.00 18.21 -16.98
CA LEU A 488 -65.81 18.32 -18.42
C LEU A 488 -65.30 19.70 -18.77
N ILE A 489 -65.50 20.65 -17.87
CA ILE A 489 -65.01 22.01 -18.10
C ILE A 489 -63.60 22.17 -17.54
N GLY A 490 -63.17 21.23 -16.71
CA GLY A 490 -61.86 21.26 -16.10
C GLY A 490 -60.74 20.78 -17.01
N PHE A 491 -61.08 20.49 -18.25
CA PHE A 491 -60.12 20.01 -19.26
C PHE A 491 -59.18 21.13 -19.70
N ILE A 492 -59.57 22.39 -19.52
CA ILE A 492 -58.75 23.51 -19.95
C ILE A 492 -57.55 23.72 -19.02
N PHE A 493 -57.56 23.13 -17.83
CA PHE A 493 -56.47 23.25 -16.88
C PHE A 493 -55.55 22.04 -16.90
N THR A 494 -55.76 21.11 -17.84
CA THR A 494 -54.87 19.96 -17.98
C THR A 494 -54.02 20.05 -19.24
N LEU A 495 -54.04 21.16 -19.96
CA LEU A 495 -53.22 21.32 -21.14
C LEU A 495 -51.77 21.61 -20.73
N ASN A 496 -50.92 21.87 -21.71
CA ASN A 496 -49.56 22.30 -21.40
C ASN A 496 -49.54 23.71 -20.83
N SER A 497 -50.40 24.59 -21.37
CA SER A 497 -50.55 25.95 -20.88
C SER A 497 -51.60 26.05 -19.79
N GLY A 498 -51.87 24.96 -19.08
CA GLY A 498 -52.91 24.94 -18.07
C GLY A 498 -52.58 25.58 -16.76
N GLN A 499 -51.32 25.94 -16.53
CA GLN A 499 -50.98 26.71 -15.34
C GLN A 499 -51.12 28.20 -15.56
N TYR A 500 -50.93 28.67 -16.79
CA TYR A 500 -51.17 30.06 -17.10
C TYR A 500 -52.65 30.41 -17.13
N TRP A 501 -53.51 29.43 -17.38
CA TRP A 501 -54.95 29.66 -17.32
C TRP A 501 -55.47 29.71 -15.89
N LEU A 502 -54.83 28.99 -14.98
CA LEU A 502 -55.29 28.99 -13.59
C LEU A 502 -54.86 30.24 -12.84
N SER A 503 -53.72 30.82 -13.17
CA SER A 503 -53.33 32.03 -12.46
C SER A 503 -54.30 33.19 -12.74
N LEU A 504 -54.23 33.67 -13.97
CA LEU A 504 -55.07 34.75 -14.47
C LEU A 504 -56.48 34.61 -13.94
N LEU A 505 -57.16 33.56 -14.40
CA LEU A 505 -58.52 33.24 -14.00
C LEU A 505 -58.65 33.41 -12.50
N ASP A 506 -57.83 32.66 -11.78
CA ASP A 506 -57.78 32.69 -10.32
C ASP A 506 -57.88 34.12 -9.83
N SER A 507 -56.76 34.84 -9.91
CA SER A 507 -56.70 36.23 -9.49
C SER A 507 -57.94 37.05 -9.83
N TYR A 508 -58.29 37.11 -11.11
CA TYR A 508 -59.44 37.92 -11.48
C TYR A 508 -60.79 37.53 -10.88
N ALA A 509 -61.18 36.27 -11.05
CA ALA A 509 -62.45 35.80 -10.54
C ALA A 509 -62.44 35.67 -9.03
N GLY A 510 -61.29 35.95 -8.42
CA GLY A 510 -61.16 35.85 -6.99
C GLY A 510 -61.04 37.20 -6.33
N SER A 511 -60.82 38.23 -7.14
CA SER A 511 -60.69 39.57 -6.59
C SER A 511 -61.92 40.43 -6.86
N ILE A 512 -62.25 40.59 -8.14
CA ILE A 512 -63.37 41.42 -8.51
C ILE A 512 -64.70 40.93 -7.92
N PRO A 513 -65.21 39.80 -8.41
CA PRO A 513 -66.46 39.22 -7.91
C PRO A 513 -66.75 39.27 -6.40
N LEU A 514 -65.76 39.25 -5.51
CA LEU A 514 -66.07 39.26 -4.07
C LEU A 514 -66.65 40.57 -3.52
N LEU A 515 -65.91 41.64 -3.76
CA LEU A 515 -66.16 43.02 -3.37
C LEU A 515 -67.55 43.50 -3.78
N ILE A 516 -67.88 43.41 -5.07
CA ILE A 516 -69.21 43.91 -5.49
C ILE A 516 -70.41 43.32 -4.71
N ILE A 517 -70.50 42.00 -4.68
CA ILE A 517 -71.61 41.34 -4.00
C ILE A 517 -71.61 41.60 -2.50
N ALA A 518 -70.42 41.72 -1.92
CA ALA A 518 -70.30 41.97 -0.50
C ALA A 518 -70.91 43.31 -0.20
N PHE A 519 -70.66 44.28 -1.08
CA PHE A 519 -71.24 45.60 -0.86
C PHE A 519 -72.75 45.61 -1.09
N CYS A 520 -73.25 44.80 -2.04
CA CYS A 520 -74.69 44.79 -2.29
C CYS A 520 -75.56 44.17 -1.18
N GLU A 521 -74.96 43.30 -0.39
CA GLU A 521 -75.57 42.60 0.75
C GLU A 521 -75.67 43.51 1.96
N MET A 522 -74.70 44.40 2.14
CA MET A 522 -74.74 45.32 3.27
C MET A 522 -75.69 46.49 3.00
N PHE A 523 -75.84 46.88 1.74
CA PHE A 523 -76.70 48.00 1.41
C PHE A 523 -78.17 47.62 1.44
N SER A 524 -78.51 46.47 0.87
CA SER A 524 -79.91 46.09 0.70
C SER A 524 -80.58 45.65 1.98
N VAL A 525 -79.83 45.33 3.02
CA VAL A 525 -80.44 44.97 4.30
C VAL A 525 -80.75 46.22 5.12
N VAL A 526 -79.83 47.19 5.19
CA VAL A 526 -80.01 48.33 6.06
C VAL A 526 -80.63 49.53 5.37
N TYR A 527 -80.90 49.46 4.07
CA TYR A 527 -81.50 50.58 3.36
C TYR A 527 -82.66 50.22 2.44
N VAL A 528 -82.88 48.95 2.14
CA VAL A 528 -84.06 48.50 1.38
C VAL A 528 -85.00 47.69 2.25
N TYR A 529 -84.47 46.71 2.98
CA TYR A 529 -85.24 46.03 4.01
C TYR A 529 -85.51 46.98 5.17
N GLY A 530 -84.45 47.50 5.78
CA GLY A 530 -84.56 48.41 6.89
C GLY A 530 -83.82 47.93 8.11
N VAL A 531 -82.90 48.73 8.63
CA VAL A 531 -82.14 48.31 9.81
C VAL A 531 -82.98 48.43 11.08
N ASP A 532 -83.95 49.34 11.12
CA ASP A 532 -84.82 49.44 12.28
C ASP A 532 -85.87 48.33 12.33
N ARG A 533 -86.29 47.82 11.19
CA ARG A 533 -87.09 46.60 11.17
C ARG A 533 -86.25 45.39 11.51
N PHE A 534 -84.99 45.38 11.07
CA PHE A 534 -84.07 44.27 11.32
C PHE A 534 -83.73 44.11 12.80
N ASN A 535 -83.75 45.20 13.58
CA ASN A 535 -83.51 45.09 15.01
C ASN A 535 -84.67 44.48 15.77
N LYS A 536 -85.88 44.54 15.23
CA LYS A 536 -87.00 43.84 15.85
C LYS A 536 -86.89 42.33 15.61
N ASP A 537 -86.22 41.92 14.54
CA ASP A 537 -86.04 40.50 14.26
C ASP A 537 -84.95 39.89 15.12
N ILE A 538 -83.92 40.68 15.47
CA ILE A 538 -82.87 40.16 16.34
C ILE A 538 -83.36 40.07 17.78
N GLU A 539 -84.19 41.03 18.20
CA GLU A 539 -84.72 41.02 19.55
C GLU A 539 -85.70 39.88 19.78
N PHE A 540 -86.38 39.44 18.72
CA PHE A 540 -87.28 38.29 18.86
C PHE A 540 -86.50 36.99 18.96
N MET A 541 -85.40 36.88 18.22
CA MET A 541 -84.70 35.60 18.13
C MET A 541 -83.75 35.38 19.30
N ILE A 542 -82.79 36.28 19.50
CA ILE A 542 -81.74 36.05 20.49
C ILE A 542 -82.05 36.68 21.85
N GLY A 543 -83.01 37.60 21.94
CA GLY A 543 -83.46 38.12 23.21
C GLY A 543 -83.17 39.58 23.46
N HIS A 544 -82.34 40.23 22.65
CA HIS A 544 -82.02 41.63 22.85
C HIS A 544 -81.66 42.26 21.51
N LYS A 545 -81.48 43.57 21.52
CA LYS A 545 -81.06 44.30 20.34
C LYS A 545 -79.55 44.20 20.17
N PRO A 546 -79.04 44.44 18.96
CA PRO A 546 -77.58 44.54 18.79
C PRO A 546 -77.01 45.75 19.53
N ASN A 547 -75.72 45.65 19.88
CA ASN A 547 -75.06 46.66 20.67
C ASN A 547 -74.79 47.92 19.84
N ILE A 548 -74.11 48.88 20.45
CA ILE A 548 -73.76 50.10 19.74
C ILE A 548 -72.60 49.86 18.77
N PHE A 549 -71.83 48.78 18.95
CA PHE A 549 -70.76 48.48 18.00
C PHE A 549 -71.33 47.96 16.68
N TRP A 550 -72.43 47.20 16.74
CA TRP A 550 -73.05 46.70 15.52
C TRP A 550 -73.83 47.78 14.79
N GLN A 551 -74.20 48.86 15.48
CA GLN A 551 -75.00 49.89 14.84
C GLN A 551 -74.17 50.83 13.99
N VAL A 552 -72.95 51.16 14.44
CA VAL A 552 -72.12 52.11 13.70
C VAL A 552 -71.50 51.45 12.47
N THR A 553 -71.12 50.18 12.59
CA THR A 553 -70.49 49.49 11.46
C THR A 553 -71.50 49.14 10.38
N TRP A 554 -72.75 48.88 10.73
CA TRP A 554 -73.74 48.51 9.73
C TRP A 554 -74.16 49.71 8.88
N ARG A 555 -74.43 50.84 9.53
CA ARG A 555 -74.98 51.99 8.83
C ARG A 555 -73.91 52.89 8.22
N VAL A 556 -72.84 53.17 8.95
CA VAL A 556 -71.90 54.22 8.60
C VAL A 556 -70.57 53.66 8.12
N VAL A 557 -69.92 52.83 8.95
CA VAL A 557 -68.49 52.56 8.77
C VAL A 557 -68.26 51.59 7.62
N SER A 558 -68.72 50.34 7.76
CA SER A 558 -68.39 49.30 6.78
C SER A 558 -69.01 49.47 5.38
N PRO A 559 -70.11 50.18 5.22
CA PRO A 559 -70.61 50.37 3.85
C PRO A 559 -69.60 51.26 3.14
N LEU A 560 -68.97 52.15 3.91
CA LEU A 560 -67.98 53.11 3.41
C LEU A 560 -66.63 52.51 3.05
N LEU A 561 -66.09 51.67 3.93
CA LEU A 561 -64.80 51.04 3.66
C LEU A 561 -64.90 50.21 2.39
N MET A 562 -66.04 49.55 2.22
CA MET A 562 -66.25 48.74 1.04
C MET A 562 -66.36 49.67 -0.15
N LEU A 563 -67.22 50.67 -0.04
CA LEU A 563 -67.38 51.63 -1.12
C LEU A 563 -66.05 52.25 -1.52
N ILE A 564 -65.05 52.12 -0.64
CA ILE A 564 -63.72 52.66 -0.92
C ILE A 564 -62.87 51.63 -1.65
N ILE A 565 -62.64 50.49 -1.01
CA ILE A 565 -61.85 49.43 -1.61
C ILE A 565 -62.27 49.19 -3.05
N PHE A 566 -63.47 49.64 -3.38
CA PHE A 566 -64.01 49.52 -4.73
C PHE A 566 -63.44 50.56 -5.68
N LEU A 567 -63.07 51.73 -5.16
CA LEU A 567 -62.37 52.71 -5.98
C LEU A 567 -60.88 52.39 -6.13
N PHE A 568 -60.30 51.64 -5.19
CA PHE A 568 -58.90 51.27 -5.30
C PHE A 568 -58.67 50.20 -6.35
N PHE A 569 -59.72 49.50 -6.78
CA PHE A 569 -59.57 48.50 -7.83
C PHE A 569 -59.31 49.15 -9.17
N PHE A 570 -59.99 50.25 -9.47
CA PHE A 570 -59.81 50.93 -10.75
C PHE A 570 -58.58 51.83 -10.76
N VAL A 571 -58.07 52.21 -9.59
CA VAL A 571 -56.81 52.95 -9.53
C VAL A 571 -55.63 52.06 -9.88
N VAL A 572 -55.69 50.77 -9.55
CA VAL A 572 -54.58 49.86 -9.84
C VAL A 572 -54.83 48.95 -11.04
N GLU A 573 -56.07 48.89 -11.57
CA GLU A 573 -56.26 48.21 -12.85
C GLU A 573 -55.66 49.03 -13.97
N VAL A 574 -55.99 50.32 -14.02
CA VAL A 574 -55.22 51.27 -14.82
C VAL A 574 -53.90 51.53 -14.10
N SER A 575 -52.90 52.01 -14.87
CA SER A 575 -51.53 52.31 -14.38
C SER A 575 -50.82 51.06 -13.88
N GLN A 576 -51.04 49.96 -14.57
CA GLN A 576 -50.23 48.75 -14.40
C GLN A 576 -50.26 48.01 -15.74
N GLU A 577 -49.28 47.14 -15.93
CA GLU A 577 -49.16 46.35 -17.16
C GLU A 577 -49.42 44.89 -16.82
N LEU A 578 -50.29 44.25 -17.62
CA LEU A 578 -50.62 42.85 -17.40
C LEU A 578 -49.45 41.97 -17.81
N THR A 579 -48.72 41.46 -16.82
CA THR A 579 -47.59 40.58 -17.07
C THR A 579 -47.80 39.27 -16.31
N TYR A 580 -47.16 38.22 -16.82
CA TYR A 580 -47.20 36.91 -16.22
C TYR A 580 -45.87 36.21 -16.47
N SER A 581 -45.57 35.25 -15.60
CA SER A 581 -44.27 34.60 -15.62
C SER A 581 -44.22 33.47 -16.63
N ILE A 582 -43.03 33.26 -17.20
CA ILE A 582 -42.80 32.34 -18.30
C ILE A 582 -41.62 31.44 -17.92
N TRP A 583 -41.75 30.14 -18.14
CA TRP A 583 -40.65 29.24 -17.79
C TRP A 583 -39.53 29.32 -18.82
N ASP A 584 -39.79 28.89 -20.07
CA ASP A 584 -38.93 29.05 -21.24
C ASP A 584 -37.50 28.55 -21.06
N PRO A 585 -37.22 27.24 -21.10
CA PRO A 585 -35.85 26.73 -20.93
C PRO A 585 -34.95 26.86 -22.17
N GLY A 586 -35.01 28.03 -22.81
CA GLY A 586 -34.09 28.41 -23.86
C GLY A 586 -33.72 29.86 -23.68
N TYR A 587 -34.36 30.49 -22.69
CA TYR A 587 -34.13 31.88 -22.38
C TYR A 587 -32.84 32.03 -21.59
N GLU A 588 -31.97 32.93 -22.05
CA GLU A 588 -30.74 33.25 -21.33
C GLU A 588 -31.06 33.89 -20.00
N GLU A 589 -30.14 33.75 -19.04
CA GLU A 589 -30.38 33.97 -17.62
C GLU A 589 -31.63 33.21 -17.17
N PHE A 590 -31.51 31.88 -17.23
CA PHE A 590 -32.71 31.02 -17.19
C PHE A 590 -33.44 31.03 -15.84
N PRO A 591 -32.84 30.63 -14.70
CA PRO A 591 -33.67 30.31 -13.53
C PRO A 591 -34.34 31.50 -12.86
N LYS A 592 -33.97 32.73 -13.19
CA LYS A 592 -34.68 33.88 -12.66
C LYS A 592 -35.96 34.12 -13.47
N SER A 593 -36.80 35.01 -12.95
CA SER A 593 -38.15 35.20 -13.49
C SER A 593 -38.13 36.03 -14.76
N GLN A 594 -38.94 35.62 -15.74
CA GLN A 594 -39.16 36.38 -16.96
C GLN A 594 -40.64 36.70 -17.07
N LYS A 595 -40.96 37.97 -17.26
CA LYS A 595 -42.34 38.45 -17.34
C LYS A 595 -42.59 39.01 -18.73
N ILE A 596 -43.55 38.44 -19.45
CA ILE A 596 -43.99 38.96 -20.73
C ILE A 596 -45.44 39.39 -20.60
N SER A 597 -45.92 40.11 -21.62
CA SER A 597 -47.26 40.66 -21.61
C SER A 597 -48.26 39.66 -22.20
N TYR A 598 -49.51 39.79 -21.75
CA TYR A 598 -50.58 38.93 -22.21
C TYR A 598 -50.92 39.22 -23.66
N PRO A 599 -51.55 38.27 -24.36
CA PRO A 599 -52.10 38.58 -25.68
C PRO A 599 -53.32 39.50 -25.57
N ASN A 600 -53.84 39.90 -26.73
CA ASN A 600 -54.92 40.86 -26.77
C ASN A 600 -56.29 40.21 -26.61
N TRP A 601 -56.39 38.90 -26.78
CA TRP A 601 -57.68 38.24 -26.56
C TRP A 601 -57.90 37.84 -25.12
N VAL A 602 -57.01 38.24 -24.20
CA VAL A 602 -57.21 37.89 -22.80
C VAL A 602 -58.24 38.80 -22.16
N TYR A 603 -58.53 39.96 -22.78
CA TYR A 603 -59.55 40.85 -22.23
C TYR A 603 -60.95 40.27 -22.41
N VAL A 604 -61.11 39.36 -23.35
CA VAL A 604 -62.40 38.72 -23.57
C VAL A 604 -62.62 37.78 -22.39
N VAL A 605 -61.57 37.06 -22.02
CA VAL A 605 -61.64 36.13 -20.90
C VAL A 605 -61.82 36.90 -19.61
N VAL A 606 -60.98 37.89 -19.37
CA VAL A 606 -61.09 38.69 -18.15
C VAL A 606 -62.51 39.23 -18.11
N VAL A 607 -62.92 39.87 -19.21
CA VAL A 607 -64.26 40.42 -19.32
C VAL A 607 -65.26 39.41 -18.83
N ILE A 608 -65.38 38.27 -19.50
CA ILE A 608 -66.34 37.26 -19.06
C ILE A 608 -66.23 36.98 -17.56
N VAL A 609 -65.10 36.46 -17.13
CA VAL A 609 -64.88 36.08 -15.72
C VAL A 609 -65.12 37.13 -14.63
N ALA A 610 -65.08 38.41 -14.96
CA ALA A 610 -65.27 39.43 -13.93
C ALA A 610 -66.37 40.41 -14.30
N GLY A 611 -67.10 40.08 -15.35
CA GLY A 611 -68.17 40.90 -15.87
C GLY A 611 -69.43 40.12 -15.63
N VAL A 612 -69.72 39.14 -16.45
CA VAL A 612 -70.94 38.39 -16.15
C VAL A 612 -71.37 38.65 -14.73
N PRO A 613 -70.66 38.21 -13.70
CA PRO A 613 -71.08 38.51 -12.32
C PRO A 613 -71.71 39.90 -12.06
N SER A 614 -70.93 40.97 -12.16
CA SER A 614 -71.40 42.34 -11.88
C SER A 614 -72.54 42.80 -12.80
N LEU A 615 -72.35 42.58 -14.10
CA LEU A 615 -73.36 43.00 -15.05
C LEU A 615 -74.65 42.25 -14.79
N THR A 616 -74.60 41.27 -13.91
CA THR A 616 -75.77 40.47 -13.59
C THR A 616 -76.75 41.23 -12.69
N ILE A 617 -76.24 41.86 -11.64
CA ILE A 617 -77.10 42.62 -10.74
C ILE A 617 -77.84 43.70 -11.50
N PRO A 618 -77.05 44.72 -12.01
CA PRO A 618 -77.80 45.74 -12.76
C PRO A 618 -78.59 45.09 -13.89
N GLY A 619 -78.05 44.05 -14.48
CA GLY A 619 -78.75 43.38 -15.56
C GLY A 619 -80.18 43.07 -15.19
N TYR A 620 -80.36 42.19 -14.21
CA TYR A 620 -81.68 41.80 -13.77
C TYR A 620 -82.51 42.97 -13.26
N ALA A 621 -81.87 43.91 -12.56
CA ALA A 621 -82.64 45.05 -12.06
C ALA A 621 -83.31 45.71 -13.26
N ILE A 622 -82.52 46.03 -14.26
CA ILE A 622 -83.02 46.66 -15.47
C ILE A 622 -84.13 45.82 -16.06
N TYR A 623 -83.88 44.53 -16.24
CA TYR A 623 -84.89 43.65 -16.79
C TYR A 623 -86.24 43.83 -16.11
N LYS A 624 -86.27 43.70 -14.78
CA LYS A 624 -87.51 43.83 -14.02
C LYS A 624 -88.15 45.23 -14.11
N LEU A 625 -87.34 46.26 -13.99
CA LEU A 625 -87.88 47.61 -14.07
C LEU A 625 -88.47 47.86 -15.44
N ILE A 626 -87.95 47.17 -16.45
CA ILE A 626 -88.43 47.29 -17.81
C ILE A 626 -89.77 46.60 -17.87
N ARG A 627 -89.81 45.35 -17.40
CA ARG A 627 -91.06 44.59 -17.36
C ARG A 627 -92.11 45.48 -16.70
N ASN A 628 -91.64 46.42 -15.88
CA ASN A 628 -92.52 47.37 -15.23
C ASN A 628 -92.94 48.41 -16.26
N HIS A 629 -92.08 49.40 -16.48
CA HIS A 629 -92.31 50.46 -17.46
C HIS A 629 -93.76 50.94 -17.48
N ILE B 30 54.55 44.86 24.71
CA ILE B 30 54.95 46.08 24.03
C ILE B 30 55.22 45.70 22.58
N GLU B 31 55.20 46.70 21.70
CA GLU B 31 55.19 46.45 20.27
C GLU B 31 56.56 46.01 19.76
N GLU B 32 57.63 46.46 20.41
CA GLU B 32 58.95 46.13 19.89
C GLU B 32 59.32 44.69 20.19
N GLN B 33 58.56 44.08 21.09
CA GLN B 33 58.75 42.67 21.44
C GLN B 33 58.15 41.80 20.32
N ALA B 34 57.14 42.32 19.63
CA ALA B 34 56.51 41.57 18.55
C ALA B 34 57.36 41.58 17.30
N LYS B 35 58.11 42.68 17.07
CA LYS B 35 59.01 42.72 15.92
C LYS B 35 60.14 41.71 16.08
N THR B 36 60.71 41.63 17.28
CA THR B 36 61.72 40.63 17.53
C THR B 36 61.16 39.22 17.56
N PHE B 37 59.86 39.06 17.77
CA PHE B 37 59.28 37.74 17.67
C PHE B 37 59.21 37.29 16.23
N LEU B 38 58.83 38.18 15.33
CA LEU B 38 58.59 37.78 13.95
C LEU B 38 59.88 37.52 13.18
N ASP B 39 60.98 38.15 13.58
CA ASP B 39 62.25 37.97 12.90
C ASP B 39 62.79 36.57 13.16
N LYS B 40 62.48 36.05 14.35
CA LYS B 40 62.91 34.72 14.76
C LYS B 40 62.04 33.77 13.94
N PHE B 41 60.77 34.15 13.73
CA PHE B 41 59.84 33.36 12.94
C PHE B 41 60.22 33.37 11.47
N ASN B 42 60.60 34.54 10.94
CA ASN B 42 60.85 34.67 9.51
C ASN B 42 62.10 33.95 9.04
N HIS B 43 62.92 33.50 9.98
CA HIS B 43 64.16 32.80 9.66
C HIS B 43 63.98 31.29 9.82
N GLU B 44 63.18 30.87 10.79
CA GLU B 44 62.96 29.45 11.00
C GLU B 44 61.92 28.91 10.04
N ALA B 45 60.98 29.76 9.62
CA ALA B 45 59.93 29.31 8.71
C ALA B 45 60.42 29.12 7.29
N GLU B 46 61.31 30.00 6.80
CA GLU B 46 61.70 29.97 5.40
C GLU B 46 62.48 28.71 5.08
N ASP B 47 63.22 28.20 6.05
CA ASP B 47 63.95 26.95 5.82
C ASP B 47 63.05 25.74 6.00
N LEU B 48 62.17 25.75 6.99
CA LEU B 48 61.29 24.61 7.20
C LEU B 48 60.22 24.52 6.14
N PHE B 49 59.77 25.64 5.58
CA PHE B 49 58.88 25.60 4.45
C PHE B 49 59.57 25.15 3.18
N TYR B 50 60.88 25.33 3.09
CA TYR B 50 61.62 24.97 1.88
C TYR B 50 61.67 23.46 1.72
N GLN B 51 62.26 22.81 2.71
CA GLN B 51 62.40 21.37 2.73
C GLN B 51 61.03 20.68 2.64
N SER B 52 60.04 21.23 3.32
CA SER B 52 58.72 20.62 3.27
C SER B 52 58.09 20.78 1.90
N SER B 53 58.54 21.75 1.12
CA SER B 53 58.07 21.87 -0.25
C SER B 53 59.02 21.24 -1.24
N LEU B 54 60.28 21.06 -0.88
CA LEU B 54 61.19 20.35 -1.76
C LEU B 54 60.89 18.86 -1.78
N ALA B 55 60.52 18.30 -0.64
CA ALA B 55 60.13 16.91 -0.60
C ALA B 55 58.81 16.66 -1.31
N SER B 56 57.95 17.67 -1.38
CA SER B 56 56.73 17.53 -2.17
C SER B 56 57.01 17.63 -3.66
N TRP B 57 58.15 18.18 -4.05
CA TRP B 57 58.52 18.17 -5.46
C TRP B 57 58.99 16.80 -5.90
N ASN B 58 59.79 16.14 -5.05
CA ASN B 58 60.36 14.85 -5.43
C ASN B 58 59.31 13.77 -5.46
N TYR B 59 58.24 13.91 -4.68
CA TYR B 59 57.12 12.99 -4.82
C TYR B 59 56.33 13.29 -6.09
N ASN B 60 56.17 14.56 -6.44
CA ASN B 60 55.32 14.90 -7.58
C ASN B 60 55.98 14.59 -8.91
N THR B 61 57.30 14.51 -8.99
CA THR B 61 57.89 14.30 -10.29
C THR B 61 58.49 12.92 -10.44
N ASN B 62 58.45 12.10 -9.40
CA ASN B 62 59.00 10.74 -9.41
C ASN B 62 58.27 10.01 -8.27
N ILE B 63 57.24 9.23 -8.61
CA ILE B 63 56.44 8.62 -7.57
C ILE B 63 56.99 7.25 -7.20
N THR B 64 57.34 7.10 -5.92
CA THR B 64 57.54 5.82 -5.27
C THR B 64 56.59 5.81 -4.09
N GLU B 65 56.76 4.88 -3.16
CA GLU B 65 56.18 5.08 -1.84
C GLU B 65 57.27 5.48 -0.85
N GLU B 66 58.54 5.27 -1.19
CA GLU B 66 59.62 5.82 -0.37
C GLU B 66 59.80 7.30 -0.59
N ASN B 67 59.00 7.90 -1.47
CA ASN B 67 58.87 9.35 -1.51
C ASN B 67 57.61 9.86 -0.83
N VAL B 68 56.55 9.05 -0.72
CA VAL B 68 55.35 9.51 -0.03
C VAL B 68 55.60 9.54 1.46
N GLN B 69 56.31 8.54 1.98
CA GLN B 69 56.73 8.57 3.36
C GLN B 69 57.83 9.59 3.57
N ASN B 70 58.53 9.99 2.52
CA ASN B 70 59.52 11.03 2.63
C ASN B 70 58.89 12.41 2.73
N MET B 71 57.65 12.57 2.24
CA MET B 71 57.00 13.87 2.29
C MET B 71 55.93 13.96 3.36
N ASN B 72 55.54 12.85 3.97
CA ASN B 72 54.56 12.93 5.05
C ASN B 72 55.20 13.30 6.38
N ASN B 73 56.42 12.84 6.63
CA ASN B 73 57.09 13.26 7.86
C ASN B 73 57.68 14.65 7.71
N ALA B 74 58.17 14.98 6.51
CA ALA B 74 58.65 16.33 6.26
C ALA B 74 57.51 17.32 6.10
N GLY B 75 56.31 16.84 5.79
CA GLY B 75 55.17 17.72 5.75
C GLY B 75 54.61 17.99 7.13
N ASP B 76 54.70 17.02 8.02
CA ASP B 76 54.17 17.20 9.37
C ASP B 76 55.11 17.99 10.27
N LYS B 77 56.41 18.02 9.97
CA LYS B 77 57.30 18.91 10.72
C LYS B 77 57.02 20.37 10.42
N TRP B 78 56.47 20.67 9.24
CA TRP B 78 56.06 22.04 8.97
C TRP B 78 54.76 22.37 9.68
N SER B 79 53.84 21.40 9.77
CA SER B 79 52.55 21.69 10.38
C SER B 79 52.63 21.70 11.89
N ALA B 80 53.49 20.87 12.47
CA ALA B 80 53.64 20.89 13.92
C ALA B 80 54.40 22.12 14.39
N PHE B 81 55.28 22.65 13.54
CA PHE B 81 56.00 23.87 13.89
C PHE B 81 55.09 25.08 13.89
N LEU B 82 54.08 25.09 13.01
CA LEU B 82 53.27 26.30 12.88
C LEU B 82 52.25 26.41 14.01
N LYS B 83 51.77 25.29 14.55
CA LYS B 83 50.88 25.39 15.70
C LYS B 83 51.64 25.70 16.98
N GLU B 84 52.95 25.49 17.01
CA GLU B 84 53.73 25.87 18.16
C GLU B 84 53.97 27.38 18.18
N GLN B 85 54.22 27.96 17.02
CA GLN B 85 54.36 29.41 16.95
C GLN B 85 53.01 30.11 17.01
N SER B 86 51.93 29.42 16.64
CA SER B 86 50.61 30.02 16.76
C SER B 86 50.21 30.19 18.22
N THR B 87 50.52 29.21 19.07
CA THR B 87 50.17 29.34 20.47
C THR B 87 51.13 30.25 21.22
N LEU B 88 52.28 30.58 20.61
CA LEU B 88 53.13 31.62 21.16
C LEU B 88 52.66 33.02 20.77
N ALA B 89 51.88 33.14 19.72
CA ALA B 89 51.48 34.45 19.24
C ALA B 89 50.38 35.09 20.07
N GLN B 90 49.66 34.32 20.88
CA GLN B 90 48.64 34.97 21.68
C GLN B 90 49.19 35.58 22.96
N MET B 91 50.51 35.56 23.09
CA MET B 91 51.18 36.18 24.21
C MET B 91 51.14 37.69 23.95
N TYR B 92 51.17 38.09 22.69
CA TYR B 92 51.10 39.50 22.34
C TYR B 92 49.67 39.90 22.04
N PRO B 93 49.16 40.94 22.68
CA PRO B 93 47.86 41.49 22.29
C PRO B 93 47.93 42.10 20.90
N LEU B 94 46.75 42.31 20.31
CA LEU B 94 46.69 42.68 18.91
C LEU B 94 46.31 44.14 18.72
N GLN B 95 45.66 44.76 19.70
CA GLN B 95 45.21 46.14 19.57
C GLN B 95 46.18 47.13 20.19
N GLU B 96 47.32 46.65 20.68
CA GLU B 96 48.36 47.52 21.23
C GLU B 96 49.47 47.69 20.22
N ILE B 97 49.14 47.57 18.95
CA ILE B 97 50.10 47.61 17.86
C ILE B 97 49.73 48.79 16.97
N GLN B 98 50.75 49.45 16.40
CA GLN B 98 50.48 50.63 15.61
C GLN B 98 50.86 50.48 14.14
N ASN B 99 52.01 49.88 13.87
CA ASN B 99 52.46 49.65 12.50
C ASN B 99 51.54 48.67 11.80
N LEU B 100 51.09 49.02 10.59
CA LEU B 100 50.09 48.21 9.89
C LEU B 100 50.68 46.91 9.37
N THR B 101 51.97 46.90 9.06
CA THR B 101 52.58 45.71 8.49
C THR B 101 52.75 44.63 9.56
N VAL B 102 53.28 45.00 10.73
CA VAL B 102 53.45 44.03 11.81
C VAL B 102 52.13 43.64 12.44
N LYS B 103 51.07 44.43 12.24
CA LYS B 103 49.76 43.97 12.67
C LYS B 103 49.19 42.94 11.70
N LEU B 104 49.45 43.11 10.41
CA LEU B 104 48.94 42.17 9.41
C LEU B 104 49.61 40.81 9.52
N GLN B 105 50.90 40.78 9.85
CA GLN B 105 51.57 39.50 10.05
C GLN B 105 51.11 38.81 11.31
N LEU B 106 50.73 39.60 12.34
CA LEU B 106 50.34 38.98 13.59
C LEU B 106 48.96 38.39 13.52
N GLN B 107 48.05 39.00 12.77
CA GLN B 107 46.69 38.50 12.72
C GLN B 107 46.60 37.23 11.88
N ALA B 108 47.45 37.08 10.86
CA ALA B 108 47.46 35.88 10.04
C ALA B 108 48.09 34.70 10.75
N LEU B 109 48.86 34.92 11.80
CA LEU B 109 49.48 33.85 12.57
C LEU B 109 48.71 33.51 13.83
N GLN B 110 47.95 34.47 14.36
CA GLN B 110 47.26 34.27 15.63
C GLN B 110 45.98 33.47 15.42
N GLN B 111 45.58 33.31 14.16
CA GLN B 111 44.31 32.71 13.77
C GLN B 111 44.15 31.29 14.27
N ASN B 112 43.18 31.09 15.15
CA ASN B 112 42.94 29.77 15.76
C ASN B 112 42.36 28.72 14.81
N GLY B 113 41.42 29.14 13.97
CA GLY B 113 40.79 28.21 13.04
C GLY B 113 40.21 27.07 13.86
N SER B 114 40.59 25.85 13.53
CA SER B 114 40.11 24.69 14.27
C SER B 114 40.79 24.72 15.64
N SER B 115 40.64 23.66 16.41
CA SER B 115 41.26 23.59 17.72
C SER B 115 40.50 24.43 18.75
N VAL B 116 39.42 25.07 18.32
CA VAL B 116 38.61 25.88 19.22
C VAL B 116 37.48 24.99 19.72
N LEU B 117 37.33 23.85 19.04
CA LEU B 117 36.33 22.86 19.36
C LEU B 117 36.83 21.93 20.46
N SER B 118 35.90 21.16 21.02
CA SER B 118 36.26 20.05 21.90
C SER B 118 37.00 18.99 21.10
N GLU B 119 37.90 18.27 21.79
CA GLU B 119 38.85 17.41 21.10
C GLU B 119 38.19 16.15 20.54
N ASP B 120 37.00 15.79 21.01
CA ASP B 120 36.19 14.74 20.39
C ASP B 120 35.29 15.25 19.27
N LYS B 121 35.00 16.56 19.25
CA LYS B 121 34.29 17.15 18.12
C LYS B 121 35.25 17.48 16.98
N SER B 122 36.53 17.69 17.30
CA SER B 122 37.52 17.96 16.27
C SER B 122 37.86 16.73 15.46
N LYS B 123 37.82 15.54 16.06
CA LYS B 123 38.04 14.32 15.32
C LYS B 123 36.78 13.82 14.62
N ARG B 124 35.60 14.27 15.06
CA ARG B 124 34.38 13.97 14.33
C ARG B 124 34.29 14.78 13.05
N LEU B 125 34.82 16.00 13.05
CA LEU B 125 34.78 16.84 11.86
C LEU B 125 35.73 16.32 10.79
N ASN B 126 36.90 15.83 11.18
CA ASN B 126 37.84 15.30 10.21
C ASN B 126 37.40 13.94 9.67
N THR B 127 36.56 13.22 10.41
CA THR B 127 36.01 11.97 9.90
C THR B 127 34.95 12.23 8.84
N ILE B 128 34.17 13.29 9.01
CA ILE B 128 33.15 13.66 8.02
C ILE B 128 33.81 14.16 6.74
N LEU B 129 34.86 14.97 6.87
CA LEU B 129 35.53 15.52 5.70
C LEU B 129 36.28 14.45 4.91
N ASN B 130 36.74 13.40 5.59
CA ASN B 130 37.36 12.29 4.88
C ASN B 130 36.32 11.36 4.25
N THR B 131 35.16 11.23 4.86
CA THR B 131 34.13 10.36 4.31
C THR B 131 33.45 10.98 3.11
N MET B 132 33.20 12.29 3.16
CA MET B 132 32.61 12.99 2.02
C MET B 132 33.55 13.07 0.84
N SER B 133 34.86 13.13 1.10
CA SER B 133 35.82 13.20 0.02
C SER B 133 36.03 11.86 -0.69
N THR B 134 35.89 10.74 0.03
CA THR B 134 36.07 9.44 -0.60
C THR B 134 34.79 8.91 -1.23
N ILE B 135 33.63 9.45 -0.88
CA ILE B 135 32.40 9.11 -1.59
C ILE B 135 32.42 9.74 -2.97
N TYR B 136 32.93 10.97 -3.07
CA TYR B 136 32.93 11.68 -4.34
C TYR B 136 33.91 11.08 -5.33
N SER B 137 35.03 10.56 -4.84
CA SER B 137 36.04 9.98 -5.72
C SER B 137 35.90 8.50 -6.00
N THR B 138 35.09 7.81 -5.20
CA THR B 138 34.83 6.40 -5.40
C THR B 138 33.33 6.10 -5.45
N GLY B 139 32.67 6.56 -6.51
CA GLY B 139 31.24 6.34 -6.72
C GLY B 139 31.08 5.49 -7.96
N LYS B 140 30.27 4.45 -7.85
CA LYS B 140 29.98 3.59 -8.98
C LYS B 140 28.52 3.73 -9.41
N VAL B 141 28.33 3.86 -10.72
CA VAL B 141 27.00 3.99 -11.28
C VAL B 141 26.74 2.75 -12.13
N CYS B 142 25.58 2.14 -11.88
CA CYS B 142 25.17 0.92 -12.59
C CYS B 142 24.12 1.16 -13.67
N ASN B 143 24.45 0.62 -14.84
CA ASN B 143 23.72 0.68 -16.10
C ASN B 143 22.63 -0.39 -15.93
N PRO B 144 21.38 0.07 -15.90
CA PRO B 144 20.21 -0.76 -15.56
C PRO B 144 19.95 -1.91 -16.53
N ASP B 145 20.85 -2.13 -17.48
CA ASP B 145 20.69 -3.21 -18.45
C ASP B 145 21.81 -4.24 -18.28
N ASN B 146 22.78 -3.88 -17.45
CA ASN B 146 23.93 -4.70 -17.16
C ASN B 146 24.50 -4.23 -15.83
N PRO B 147 24.10 -4.83 -14.71
CA PRO B 147 24.61 -4.40 -13.41
C PRO B 147 26.06 -4.75 -13.13
N GLN B 148 26.73 -5.37 -14.09
CA GLN B 148 28.11 -5.78 -13.95
C GLN B 148 29.15 -4.79 -14.49
N GLU B 149 28.69 -3.58 -14.81
CA GLU B 149 29.54 -2.54 -15.37
C GLU B 149 29.18 -1.24 -14.68
N CYS B 150 30.03 -0.84 -13.75
CA CYS B 150 29.85 0.38 -12.98
C CYS B 150 30.82 1.46 -13.47
N LEU B 151 30.26 2.63 -13.75
CA LEU B 151 31.02 3.77 -14.24
C LEU B 151 31.32 4.76 -13.12
N LEU B 152 32.58 5.16 -13.02
CA LEU B 152 32.97 6.05 -11.95
C LEU B 152 33.40 7.46 -12.25
N LEU B 153 32.45 8.39 -12.10
CA LEU B 153 32.56 9.86 -12.26
C LEU B 153 33.51 10.55 -13.26
N GLU B 154 34.81 10.42 -13.03
CA GLU B 154 35.77 11.08 -13.91
C GLU B 154 36.01 10.27 -15.19
N PRO B 155 36.37 8.96 -15.16
CA PRO B 155 36.32 8.24 -16.44
C PRO B 155 34.96 7.63 -16.70
N GLY B 156 34.23 8.17 -17.68
CA GLY B 156 33.02 7.51 -18.12
C GLY B 156 31.74 8.27 -17.89
N LEU B 157 31.60 8.89 -16.73
CA LEU B 157 30.39 9.67 -16.48
C LEU B 157 30.55 11.12 -16.91
N ASN B 158 31.78 11.64 -16.84
CA ASN B 158 32.06 12.95 -17.40
C ASN B 158 32.14 12.93 -18.92
N GLU B 159 32.40 11.77 -19.52
CA GLU B 159 32.47 11.70 -20.97
C GLU B 159 31.07 11.62 -21.59
N ILE B 160 30.12 11.01 -20.89
CA ILE B 160 28.73 10.98 -21.37
C ILE B 160 28.15 12.40 -21.36
N MET B 161 28.36 13.12 -20.27
CA MET B 161 27.78 14.45 -20.12
C MET B 161 28.43 15.48 -21.03
N ALA B 162 29.62 15.19 -21.57
CA ALA B 162 30.31 16.14 -22.43
C ALA B 162 30.23 15.81 -23.91
N ASN B 163 29.78 14.61 -24.29
CA ASN B 163 29.87 14.21 -25.68
C ASN B 163 28.57 13.67 -26.26
N SER B 164 27.66 13.20 -25.41
CA SER B 164 26.47 12.54 -25.92
C SER B 164 25.44 13.54 -26.44
N LEU B 165 24.66 13.09 -27.43
CA LEU B 165 23.51 13.83 -27.93
C LEU B 165 22.22 13.06 -27.72
N ASP B 166 22.27 11.93 -27.04
CA ASP B 166 21.08 11.15 -26.71
C ASP B 166 20.42 11.78 -25.50
N TYR B 167 19.12 12.06 -25.62
CA TYR B 167 18.39 12.64 -24.50
C TYR B 167 18.25 11.64 -23.35
N ASN B 168 18.01 10.37 -23.67
CA ASN B 168 17.74 9.38 -22.64
C ASN B 168 18.99 8.93 -21.91
N GLU B 169 20.16 9.03 -22.53
CA GLU B 169 21.40 8.65 -21.86
C GLU B 169 21.96 9.78 -21.00
N ARG B 170 21.76 11.03 -21.42
CA ARG B 170 22.14 12.15 -20.57
C ARG B 170 21.22 12.28 -19.36
N LEU B 171 19.95 11.90 -19.54
CA LEU B 171 19.00 11.97 -18.44
C LEU B 171 19.28 10.88 -17.41
N TRP B 172 19.86 9.78 -17.86
CA TRP B 172 20.18 8.68 -16.97
C TRP B 172 21.40 8.98 -16.12
N ALA B 173 22.46 9.47 -16.76
CA ALA B 173 23.70 9.79 -16.05
C ALA B 173 23.50 10.92 -15.04
N TRP B 174 22.66 11.89 -15.36
CA TRP B 174 22.41 12.98 -14.44
C TRP B 174 21.77 12.43 -13.16
N GLU B 175 20.57 11.87 -13.35
CA GLU B 175 19.78 11.30 -12.28
C GLU B 175 20.50 10.30 -11.38
N SER B 176 20.95 9.18 -11.95
CA SER B 176 21.64 8.16 -11.16
C SER B 176 22.66 8.77 -10.20
N TRP B 177 23.76 9.25 -10.78
CA TRP B 177 24.85 9.87 -10.03
C TRP B 177 24.26 10.72 -8.94
N ARG B 178 23.49 11.72 -9.37
CA ARG B 178 22.83 12.65 -8.46
C ARG B 178 22.27 11.89 -7.30
N SER B 179 21.12 11.25 -7.47
CA SER B 179 20.49 10.45 -6.43
C SER B 179 21.45 9.75 -5.48
N GLU B 180 22.27 8.84 -5.98
CA GLU B 180 23.19 8.12 -5.08
C GLU B 180 24.10 9.00 -4.20
N VAL B 181 25.00 9.72 -4.88
CA VAL B 181 25.94 10.53 -4.13
C VAL B 181 25.16 11.47 -3.24
N GLY B 182 24.06 11.95 -3.79
CA GLY B 182 23.15 12.86 -3.14
C GLY B 182 22.85 12.31 -1.79
N LYS B 183 22.09 11.23 -1.72
CA LYS B 183 21.74 10.61 -0.45
C LYS B 183 22.92 10.54 0.51
N GLN B 184 24.01 9.89 0.08
CA GLN B 184 25.14 9.80 1.01
C GLN B 184 25.55 11.16 1.62
N LEU B 185 26.01 12.04 0.76
CA LEU B 185 26.46 13.35 1.19
C LEU B 185 25.42 14.13 1.99
N ARG B 186 24.19 13.62 2.07
CA ARG B 186 23.14 14.32 2.80
C ARG B 186 23.34 14.37 4.32
N PRO B 187 23.26 13.22 4.98
CA PRO B 187 23.43 13.17 6.44
C PRO B 187 24.77 13.76 6.88
N LEU B 188 25.81 13.47 6.11
CA LEU B 188 27.16 13.95 6.37
C LEU B 188 27.23 15.47 6.25
N TYR B 189 26.67 16.00 5.18
CA TYR B 189 26.68 17.43 4.95
C TYR B 189 25.86 18.17 6.01
N GLU B 190 24.83 17.50 6.50
CA GLU B 190 23.98 18.09 7.53
C GLU B 190 24.75 18.19 8.84
N GLU B 191 25.56 17.19 9.13
CA GLU B 191 26.35 17.21 10.36
C GLU B 191 27.54 18.15 10.26
N TYR B 192 27.93 18.45 9.02
CA TYR B 192 29.05 19.31 8.68
C TYR B 192 28.71 20.78 8.91
N VAL B 193 27.45 21.17 8.71
CA VAL B 193 27.05 22.56 8.88
C VAL B 193 27.05 22.95 10.36
N VAL B 194 26.66 22.02 11.23
CA VAL B 194 26.58 22.29 12.66
C VAL B 194 27.97 22.44 13.27
N LEU B 195 28.90 21.58 12.85
CA LEU B 195 30.25 21.63 13.41
C LEU B 195 31.05 22.80 12.86
N LYS B 196 30.78 23.24 11.64
CA LYS B 196 31.50 24.38 11.09
C LYS B 196 30.98 25.70 11.63
N ASN B 197 29.71 25.74 12.02
CA ASN B 197 29.17 26.96 12.63
C ASN B 197 29.65 27.11 14.07
N GLU B 198 29.93 26.00 14.74
CA GLU B 198 30.49 26.06 16.09
C GLU B 198 31.93 26.56 16.06
N MET B 199 32.71 26.15 15.06
CA MET B 199 34.08 26.62 14.93
C MET B 199 34.15 28.08 14.54
N ALA B 200 33.17 28.56 13.78
CA ALA B 200 33.18 29.95 13.36
C ALA B 200 32.71 30.89 14.46
N ARG B 201 31.77 30.44 15.30
CA ARG B 201 31.27 31.28 16.36
C ARG B 201 32.21 31.33 17.56
N ALA B 202 33.10 30.35 17.71
CA ALA B 202 34.15 30.44 18.71
C ALA B 202 35.30 31.33 18.27
N ASN B 203 35.38 31.68 16.99
CA ASN B 203 36.35 32.64 16.49
C ASN B 203 35.74 34.01 16.26
N HIS B 204 34.58 34.28 16.89
CA HIS B 204 33.87 35.56 16.88
C HIS B 204 33.44 35.98 15.48
N TYR B 205 32.90 35.04 14.72
CA TYR B 205 32.10 35.30 13.53
C TYR B 205 30.66 34.86 13.84
N GLU B 206 29.71 35.30 13.03
CA GLU B 206 28.33 34.88 13.28
C GLU B 206 28.04 33.50 12.69
N ASP B 207 28.64 33.17 11.55
CA ASP B 207 28.47 31.84 10.98
C ASP B 207 29.71 31.51 10.16
N TYR B 208 29.67 30.35 9.50
CA TYR B 208 30.79 29.92 8.66
C TYR B 208 30.84 30.67 7.34
N GLY B 209 29.72 31.23 6.88
CA GLY B 209 29.75 32.05 5.69
C GLY B 209 30.44 33.38 5.92
N ASP B 210 30.31 33.94 7.11
CA ASP B 210 31.03 35.15 7.48
C ASP B 210 32.52 34.87 7.67
N TYR B 211 32.87 33.63 8.00
CA TYR B 211 34.27 33.24 8.11
C TYR B 211 34.94 33.20 6.74
N TRP B 212 34.20 32.80 5.71
CA TRP B 212 34.77 32.74 4.37
C TRP B 212 34.94 34.13 3.77
N ARG B 213 34.08 35.08 4.14
CA ARG B 213 34.17 36.43 3.64
C ARG B 213 35.21 37.27 4.38
N GLY B 214 35.96 36.69 5.31
CA GLY B 214 36.99 37.42 6.00
C GLY B 214 38.24 37.69 5.18
N ASP B 215 38.33 37.10 3.99
CA ASP B 215 39.46 37.36 3.10
C ASP B 215 39.37 38.79 2.57
N TYR B 216 38.17 39.25 2.26
CA TYR B 216 38.00 40.56 1.64
C TYR B 216 37.89 41.69 2.66
N GLU B 217 38.06 41.39 3.95
CA GLU B 217 37.93 42.40 4.99
C GLU B 217 39.19 43.26 5.06
N VAL B 218 38.99 44.55 5.30
CA VAL B 218 40.07 45.52 5.42
C VAL B 218 39.74 46.45 6.59
N ASN B 219 40.68 46.62 7.53
CA ASN B 219 40.40 47.31 8.78
C ASN B 219 41.34 48.49 8.99
N GLY B 220 40.85 49.70 8.77
CA GLY B 220 41.48 50.91 9.26
C GLY B 220 42.74 51.39 8.56
N VAL B 221 42.65 51.69 7.27
CA VAL B 221 43.79 52.19 6.50
C VAL B 221 43.43 53.46 5.75
N ASP B 222 42.56 54.28 6.36
CA ASP B 222 42.23 55.64 5.96
C ASP B 222 41.59 55.74 4.59
N GLY B 223 40.38 55.20 4.44
CA GLY B 223 39.64 55.38 3.21
C GLY B 223 39.58 54.17 2.32
N TYR B 224 40.24 53.09 2.69
CA TYR B 224 40.24 51.89 1.85
C TYR B 224 39.54 50.72 2.52
N ASP B 225 38.69 50.96 3.52
CA ASP B 225 38.11 49.89 4.31
C ASP B 225 37.06 49.12 3.52
N TYR B 226 36.77 47.91 4.00
CA TYR B 226 35.84 47.01 3.36
C TYR B 226 35.29 46.09 4.43
N SER B 227 33.97 45.99 4.52
CA SER B 227 33.32 45.15 5.50
C SER B 227 33.05 43.77 4.92
N ARG B 228 32.90 42.79 5.80
CA ARG B 228 32.56 41.44 5.39
C ARG B 228 31.11 41.30 4.96
N GLY B 229 30.27 42.27 5.24
CA GLY B 229 28.90 42.25 4.76
C GLY B 229 28.75 43.09 3.51
N GLN B 230 29.76 43.91 3.23
CA GLN B 230 29.79 44.73 2.03
C GLN B 230 30.04 43.91 0.78
N LEU B 231 30.67 42.74 0.93
CA LEU B 231 30.88 41.86 -0.22
C LEU B 231 29.56 41.34 -0.78
N ILE B 232 28.55 41.17 0.09
CA ILE B 232 27.27 40.66 -0.37
C ILE B 232 26.53 41.67 -1.24
N GLU B 233 26.64 42.96 -0.94
CA GLU B 233 25.94 43.93 -1.77
C GLU B 233 26.67 44.18 -3.07
N ASP B 234 28.01 44.14 -3.06
CA ASP B 234 28.76 44.38 -4.29
C ASP B 234 28.65 43.24 -5.29
N VAL B 235 28.39 42.02 -4.82
CA VAL B 235 28.14 40.92 -5.74
C VAL B 235 26.76 41.06 -6.38
N GLU B 236 25.76 41.42 -5.59
CA GLU B 236 24.41 41.55 -6.12
C GLU B 236 24.21 42.83 -6.91
N HIS B 237 25.01 43.86 -6.65
CA HIS B 237 24.92 45.07 -7.47
C HIS B 237 25.57 44.89 -8.82
N THR B 238 26.69 44.17 -8.89
CA THR B 238 27.34 43.89 -10.16
C THR B 238 26.60 42.85 -10.98
N PHE B 239 25.83 41.97 -10.34
CA PHE B 239 25.15 40.91 -11.08
C PHE B 239 23.95 41.41 -11.87
N GLU B 240 23.27 42.45 -11.40
CA GLU B 240 22.09 42.93 -12.13
C GLU B 240 22.44 43.76 -13.34
N GLU B 241 23.72 43.97 -13.64
CA GLU B 241 24.13 44.55 -14.91
C GLU B 241 24.59 43.50 -15.92
N ILE B 242 24.83 42.26 -15.48
CA ILE B 242 25.12 41.15 -16.38
C ILE B 242 23.84 40.49 -16.87
N LYS B 243 22.74 40.63 -16.14
CA LYS B 243 21.49 39.98 -16.52
C LYS B 243 20.90 40.42 -17.86
N PRO B 244 21.09 41.65 -18.37
CA PRO B 244 20.76 41.88 -19.79
C PRO B 244 21.60 41.07 -20.76
N LEU B 245 22.90 40.90 -20.50
CA LEU B 245 23.75 40.15 -21.43
C LEU B 245 23.50 38.65 -21.32
N TYR B 246 23.25 38.15 -20.11
CA TYR B 246 23.03 36.72 -19.91
C TYR B 246 21.68 36.29 -20.46
N GLU B 247 20.68 37.17 -20.46
CA GLU B 247 19.37 36.81 -20.98
C GLU B 247 19.39 36.62 -22.49
N HIS B 248 20.19 37.41 -23.20
CA HIS B 248 20.29 37.26 -24.64
C HIS B 248 21.14 36.07 -25.04
N LEU B 249 22.09 35.69 -24.18
CA LEU B 249 22.84 34.45 -24.41
C LEU B 249 21.99 33.23 -24.07
N HIS B 250 21.16 33.32 -23.04
CA HIS B 250 20.25 32.23 -22.70
C HIS B 250 19.20 32.01 -23.78
N ALA B 251 18.75 33.08 -24.43
CA ALA B 251 17.73 32.95 -25.46
C ALA B 251 18.30 32.43 -26.77
N TYR B 252 19.56 32.72 -27.06
CA TYR B 252 20.17 32.23 -28.30
C TYR B 252 20.51 30.76 -28.19
N VAL B 253 20.99 30.32 -27.02
CA VAL B 253 21.33 28.91 -26.82
C VAL B 253 20.07 28.05 -26.78
N ARG B 254 18.98 28.61 -26.24
CA ARG B 254 17.71 27.88 -26.20
C ARG B 254 17.14 27.67 -27.60
N ALA B 255 17.27 28.66 -28.47
CA ALA B 255 16.81 28.52 -29.84
C ALA B 255 17.66 27.56 -30.65
N LYS B 256 18.93 27.41 -30.32
CA LYS B 256 19.79 26.47 -31.00
C LYS B 256 19.69 25.06 -30.45
N LEU B 257 19.26 24.92 -29.19
CA LEU B 257 19.07 23.60 -28.60
C LEU B 257 17.77 22.95 -29.02
N MET B 258 16.81 23.72 -29.52
CA MET B 258 15.57 23.15 -30.02
C MET B 258 15.75 22.41 -31.34
N ASN B 259 16.80 22.74 -32.10
CA ASN B 259 17.09 21.98 -33.30
C ASN B 259 17.82 20.68 -32.98
N ALA B 260 18.59 20.67 -31.89
CA ALA B 260 19.30 19.47 -31.48
C ALA B 260 18.43 18.51 -30.69
N TYR B 261 17.49 19.03 -29.91
CA TYR B 261 16.52 18.21 -29.17
C TYR B 261 15.12 18.74 -29.42
N PRO B 262 14.50 18.37 -30.54
CA PRO B 262 13.10 18.73 -30.73
C PRO B 262 12.19 17.91 -29.82
N SER B 263 11.00 18.46 -29.56
CA SER B 263 9.96 17.89 -28.69
C SER B 263 10.44 17.69 -27.25
N TYR B 264 11.38 18.51 -26.80
CA TYR B 264 11.89 18.41 -25.44
C TYR B 264 12.10 19.75 -24.76
N ILE B 265 12.11 20.84 -25.51
CA ILE B 265 12.46 22.16 -24.98
C ILE B 265 11.37 23.15 -25.36
N SER B 266 10.89 23.91 -24.39
CA SER B 266 9.89 24.96 -24.55
C SER B 266 10.55 26.24 -25.03
N PRO B 267 9.93 26.95 -25.97
CA PRO B 267 10.52 28.19 -26.49
C PRO B 267 10.36 29.41 -25.59
N ILE B 268 9.72 29.27 -24.43
CA ILE B 268 9.57 30.40 -23.51
C ILE B 268 9.94 29.97 -22.10
N GLY B 269 10.54 28.80 -21.96
CA GLY B 269 10.81 28.26 -20.63
C GLY B 269 12.27 28.18 -20.26
N CYS B 270 12.57 27.46 -19.19
CA CYS B 270 13.93 27.25 -18.74
C CYS B 270 14.59 26.13 -19.55
N LEU B 271 15.90 26.01 -19.39
CA LEU B 271 16.61 24.91 -20.04
C LEU B 271 16.66 23.71 -19.10
N PRO B 272 16.49 22.49 -19.61
CA PRO B 272 16.62 21.31 -18.75
C PRO B 272 18.05 21.12 -18.28
N ALA B 273 18.20 20.65 -17.05
CA ALA B 273 19.48 20.67 -16.37
C ALA B 273 20.46 19.65 -16.90
N HIS B 274 20.01 18.67 -17.69
CA HIS B 274 20.88 17.60 -18.16
C HIS B 274 21.31 17.78 -19.60
N LEU B 275 21.12 18.95 -20.18
CA LEU B 275 21.47 19.21 -21.57
C LEU B 275 22.42 20.40 -21.72
N LEU B 276 23.29 20.63 -20.74
CA LEU B 276 24.06 21.86 -20.68
C LEU B 276 25.55 21.66 -20.96
N GLY B 277 26.02 20.44 -21.15
CA GLY B 277 27.39 20.22 -21.53
C GLY B 277 28.27 19.55 -20.50
N ASP B 278 27.87 19.54 -19.23
CA ASP B 278 28.59 18.79 -18.21
C ASP B 278 27.59 18.38 -17.13
N MET B 279 28.11 17.84 -16.04
CA MET B 279 27.28 17.26 -14.99
C MET B 279 26.47 18.28 -14.21
N TRP B 280 26.99 19.51 -14.04
CA TRP B 280 26.32 20.49 -13.21
C TRP B 280 25.92 21.76 -13.94
N GLY B 281 26.27 21.91 -15.21
CA GLY B 281 25.98 23.15 -15.90
C GLY B 281 26.86 24.30 -15.46
N ARG B 282 28.05 24.00 -14.97
CA ARG B 282 28.96 25.06 -14.51
C ARG B 282 29.51 25.84 -15.68
N PHE B 283 30.03 25.15 -16.69
CA PHE B 283 30.47 25.76 -17.93
C PHE B 283 29.60 25.27 -19.07
N TRP B 284 29.25 26.19 -19.97
CA TRP B 284 28.51 25.85 -21.17
C TRP B 284 29.43 25.61 -22.37
N THR B 285 30.69 25.28 -22.12
CA THR B 285 31.69 25.28 -23.17
C THR B 285 31.61 24.06 -24.07
N ASN B 286 30.86 23.04 -23.69
CA ASN B 286 30.67 21.87 -24.55
C ASN B 286 29.45 22.00 -25.44
N LEU B 287 28.80 23.16 -25.45
CA LEU B 287 27.67 23.43 -26.33
C LEU B 287 28.09 24.19 -27.57
N TYR B 288 29.39 24.26 -27.87
CA TYR B 288 29.85 25.10 -28.97
C TYR B 288 29.55 24.48 -30.32
N SER B 289 29.61 23.15 -30.43
CA SER B 289 29.35 22.50 -31.70
C SER B 289 27.89 22.57 -32.12
N LEU B 290 26.97 22.79 -31.18
CA LEU B 290 25.57 22.98 -31.49
C LEU B 290 25.18 24.44 -31.63
N THR B 291 25.97 25.36 -31.10
CA THR B 291 25.61 26.77 -31.08
C THR B 291 26.56 27.67 -31.85
N VAL B 292 27.42 27.12 -32.71
CA VAL B 292 28.39 27.89 -33.47
C VAL B 292 27.66 28.79 -34.46
N PRO B 293 28.01 30.09 -34.52
CA PRO B 293 27.29 31.00 -35.43
C PRO B 293 27.51 30.70 -36.90
N PHE B 294 28.78 30.60 -37.32
CA PHE B 294 29.14 30.32 -38.69
C PHE B 294 30.05 29.10 -38.71
N GLY B 295 29.47 27.93 -38.93
CA GLY B 295 30.21 26.69 -38.93
C GLY B 295 31.02 26.42 -40.18
N GLN B 296 30.94 27.29 -41.17
CA GLN B 296 31.71 27.14 -42.41
C GLN B 296 32.97 27.99 -42.38
N LYS B 297 33.31 28.56 -41.22
CA LYS B 297 34.54 29.31 -41.04
C LYS B 297 35.33 28.62 -39.94
N PRO B 298 36.56 28.18 -40.20
CA PRO B 298 37.34 27.54 -39.15
C PRO B 298 37.84 28.54 -38.12
N ASN B 299 37.56 28.26 -36.86
CA ASN B 299 38.10 29.05 -35.75
C ASN B 299 39.60 28.82 -35.74
N ILE B 300 40.38 29.92 -35.63
CA ILE B 300 41.81 29.90 -35.93
C ILE B 300 42.58 29.03 -34.94
N ASP B 301 43.43 28.17 -35.49
CA ASP B 301 44.09 27.10 -34.77
C ASP B 301 45.49 26.98 -35.35
N VAL B 302 46.49 27.39 -34.58
CA VAL B 302 47.89 27.29 -34.97
C VAL B 302 48.52 26.13 -34.22
N THR B 303 48.40 24.93 -34.76
CA THR B 303 49.02 23.75 -34.18
C THR B 303 49.83 23.09 -35.28
N ASP B 304 49.33 23.17 -36.50
CA ASP B 304 50.05 22.70 -37.66
C ASP B 304 51.23 23.57 -38.04
N ALA B 305 51.17 24.87 -37.77
CA ALA B 305 52.32 25.72 -38.04
C ALA B 305 53.43 25.55 -37.01
N MET B 306 53.15 24.91 -35.88
CA MET B 306 54.16 24.59 -34.89
C MET B 306 54.95 23.34 -35.23
N VAL B 307 54.32 22.38 -35.90
CA VAL B 307 54.96 21.11 -36.21
C VAL B 307 55.53 21.16 -37.62
N ASP B 308 55.29 22.27 -38.32
CA ASP B 308 55.93 22.52 -39.60
C ASP B 308 57.22 23.32 -39.47
N GLN B 309 57.51 23.89 -38.30
CA GLN B 309 58.75 24.61 -38.10
C GLN B 309 59.68 23.93 -37.11
N ALA B 310 59.33 22.72 -36.66
CA ALA B 310 60.13 21.88 -35.75
C ALA B 310 60.40 22.58 -34.42
N TRP B 311 59.32 23.06 -33.81
CA TRP B 311 59.42 23.69 -32.50
C TRP B 311 59.51 22.61 -31.44
N ASP B 312 60.55 22.70 -30.61
CA ASP B 312 60.76 21.72 -29.56
C ASP B 312 59.90 22.05 -28.35
N ALA B 313 60.18 21.35 -27.26
CA ALA B 313 59.60 21.68 -25.97
C ALA B 313 60.07 23.02 -25.45
N GLN B 314 61.27 23.45 -25.81
CA GLN B 314 61.86 24.65 -25.25
C GLN B 314 61.45 25.92 -25.96
N ARG B 315 60.95 25.83 -27.19
CA ARG B 315 60.60 27.05 -27.91
C ARG B 315 59.35 27.69 -27.33
N ILE B 316 58.45 26.88 -26.78
CA ILE B 316 57.19 27.39 -26.25
C ILE B 316 57.41 28.25 -25.01
N PHE B 317 58.42 27.97 -24.22
CA PHE B 317 58.73 28.80 -23.07
C PHE B 317 59.64 29.97 -23.42
N LYS B 318 60.53 29.78 -24.40
CA LYS B 318 61.43 30.86 -24.80
C LYS B 318 60.69 31.96 -25.55
N GLU B 319 59.63 31.61 -26.29
CA GLU B 319 58.79 32.67 -26.83
C GLU B 319 57.90 33.25 -25.75
N ALA B 320 57.64 32.49 -24.68
CA ALA B 320 56.87 33.03 -23.57
C ALA B 320 57.72 33.98 -22.74
N GLU B 321 59.00 33.68 -22.59
CA GLU B 321 59.89 34.59 -21.86
C GLU B 321 60.15 35.86 -22.66
N LYS B 322 60.11 35.77 -23.99
CA LYS B 322 60.28 36.98 -24.79
C LYS B 322 59.04 37.85 -24.78
N PHE B 323 57.87 37.29 -24.45
CA PHE B 323 56.68 38.10 -24.28
C PHE B 323 56.79 38.96 -23.02
N PHE B 324 57.29 38.38 -21.94
CA PHE B 324 57.33 39.12 -20.68
C PHE B 324 58.49 40.10 -20.64
N VAL B 325 59.59 39.81 -21.32
CA VAL B 325 60.66 40.80 -21.38
C VAL B 325 60.30 41.90 -22.35
N SER B 326 59.30 41.68 -23.21
CA SER B 326 58.82 42.71 -24.11
C SER B 326 58.05 43.80 -23.38
N VAL B 327 57.45 43.48 -22.23
CA VAL B 327 56.63 44.46 -21.54
C VAL B 327 57.40 45.16 -20.43
N GLY B 328 58.59 44.68 -20.09
CA GLY B 328 59.37 45.30 -19.04
C GLY B 328 59.35 44.52 -17.74
N LEU B 329 59.45 43.21 -17.84
CA LEU B 329 59.47 42.32 -16.69
C LEU B 329 60.76 41.51 -16.75
N PRO B 330 61.26 41.04 -15.61
CA PRO B 330 62.55 40.35 -15.60
C PRO B 330 62.54 39.02 -16.34
N ASN B 331 63.74 38.55 -16.65
CA ASN B 331 63.97 37.24 -17.25
C ASN B 331 63.65 36.13 -16.25
N MET B 332 63.70 34.90 -16.74
CA MET B 332 63.67 33.77 -15.83
C MET B 332 65.00 33.67 -15.08
N THR B 333 64.97 32.99 -13.95
CA THR B 333 65.99 33.14 -12.92
C THR B 333 67.25 32.34 -13.19
N GLN B 334 67.28 31.55 -14.28
CA GLN B 334 68.40 30.75 -14.80
C GLN B 334 68.65 29.50 -13.93
N GLY B 335 68.04 29.43 -12.75
CA GLY B 335 67.80 28.16 -12.13
C GLY B 335 66.51 27.54 -12.61
N PHE B 336 65.70 28.33 -13.31
CA PHE B 336 64.45 27.90 -13.88
C PHE B 336 64.62 26.87 -14.98
N TRP B 337 65.76 26.84 -15.65
CA TRP B 337 65.94 26.02 -16.83
C TRP B 337 66.51 24.64 -16.54
N GLU B 338 67.20 24.45 -15.42
CA GLU B 338 67.68 23.11 -15.14
C GLU B 338 66.73 22.34 -14.24
N ASN B 339 66.20 23.01 -13.21
CA ASN B 339 65.48 22.32 -12.16
C ASN B 339 64.08 21.95 -12.59
N SER B 340 63.51 22.70 -13.53
CA SER B 340 62.15 22.45 -13.96
C SER B 340 62.05 21.21 -14.82
N MET B 341 60.85 20.66 -14.95
CA MET B 341 60.62 19.46 -15.74
C MET B 341 59.55 19.72 -16.77
N LEU B 342 59.92 20.26 -17.91
CA LEU B 342 58.97 20.80 -18.86
C LEU B 342 58.21 19.74 -19.64
N THR B 343 58.71 18.51 -19.72
CA THR B 343 57.94 17.41 -20.27
C THR B 343 57.90 16.30 -19.25
N ASP B 344 57.02 15.32 -19.48
CA ASP B 344 57.20 14.02 -18.84
C ASP B 344 58.53 13.42 -19.31
N PRO B 345 59.26 12.77 -18.42
CA PRO B 345 60.67 12.43 -18.72
C PRO B 345 60.87 11.37 -19.79
N GLY B 346 62.12 11.13 -20.15
CA GLY B 346 62.48 10.11 -21.12
C GLY B 346 62.33 8.72 -20.55
N ASN B 347 62.36 8.62 -19.23
CA ASN B 347 61.91 7.44 -18.52
C ASN B 347 60.39 7.37 -18.60
N VAL B 348 59.85 6.16 -18.58
CA VAL B 348 58.42 6.01 -18.34
C VAL B 348 58.26 6.20 -16.84
N GLN B 349 58.08 7.47 -16.45
CA GLN B 349 58.27 7.91 -15.09
C GLN B 349 56.93 8.30 -14.49
N LYS B 350 56.57 7.64 -13.39
CA LYS B 350 55.29 7.94 -12.76
C LYS B 350 55.40 9.30 -12.09
N ALA B 351 54.78 10.32 -12.68
CA ALA B 351 54.84 11.66 -12.12
C ALA B 351 53.62 12.50 -12.47
N VAL B 352 52.74 12.70 -11.49
CA VAL B 352 51.54 13.48 -11.70
C VAL B 352 51.75 14.56 -12.76
N CYS B 353 51.11 14.39 -13.91
CA CYS B 353 51.23 15.34 -15.01
C CYS B 353 50.11 16.38 -14.96
N HIS B 354 50.37 17.48 -14.26
CA HIS B 354 49.39 18.56 -14.14
C HIS B 354 50.07 19.92 -14.09
N PRO B 355 49.72 20.78 -15.04
CA PRO B 355 50.31 22.13 -15.10
C PRO B 355 50.19 22.86 -13.78
N THR B 356 51.30 23.43 -13.32
CA THR B 356 51.31 24.13 -12.04
C THR B 356 52.58 24.95 -11.91
N ALA B 357 52.56 25.92 -11.00
CA ALA B 357 53.72 26.76 -10.76
C ALA B 357 54.10 26.70 -9.29
N TRP B 358 55.36 26.36 -9.04
CA TRP B 358 55.84 26.10 -7.69
C TRP B 358 56.71 27.24 -7.22
N ASP B 359 56.63 27.55 -5.93
CA ASP B 359 57.36 28.65 -5.29
C ASP B 359 57.98 28.12 -4.01
N LEU B 360 58.80 27.08 -4.12
CA LEU B 360 59.48 26.39 -3.02
C LEU B 360 60.11 27.26 -1.95
N GLY B 361 60.54 28.47 -2.31
CA GLY B 361 61.18 29.37 -1.38
C GLY B 361 62.62 29.61 -1.78
N LYS B 362 63.25 30.51 -1.03
CA LYS B 362 64.64 30.88 -1.24
C LYS B 362 64.91 31.29 -2.68
N GLY B 363 63.95 31.96 -3.30
CA GLY B 363 64.16 32.39 -4.67
C GLY B 363 64.34 31.25 -5.65
N ASP B 364 63.63 30.14 -5.45
CA ASP B 364 63.71 28.97 -6.32
C ASP B 364 62.35 28.72 -6.94
N PHE B 365 62.19 29.03 -8.22
CA PHE B 365 60.91 28.93 -8.89
C PHE B 365 60.98 27.85 -9.97
N ARG B 366 60.04 26.91 -9.93
CA ARG B 366 60.00 25.81 -10.87
C ARG B 366 58.60 25.68 -11.44
N ILE B 367 58.52 25.26 -12.71
CA ILE B 367 57.26 24.99 -13.37
C ILE B 367 57.21 23.50 -13.67
N LEU B 368 56.10 22.85 -13.30
CA LEU B 368 55.91 21.44 -13.56
C LEU B 368 54.73 21.29 -14.51
N MET B 369 55.00 20.84 -15.73
CA MET B 369 53.95 20.48 -16.68
C MET B 369 54.53 19.48 -17.67
N CYS B 370 53.63 18.84 -18.41
CA CYS B 370 53.99 17.87 -19.44
C CYS B 370 53.46 18.46 -20.73
N THR B 371 54.25 19.35 -21.32
CA THR B 371 53.84 20.04 -22.55
C THR B 371 54.01 19.35 -23.89
N LYS B 372 52.92 19.36 -24.65
CA LYS B 372 52.84 18.85 -26.00
C LYS B 372 52.79 20.04 -26.97
N VAL B 373 53.18 19.79 -28.22
CA VAL B 373 53.29 20.88 -29.18
C VAL B 373 51.89 21.19 -29.71
N THR B 374 51.21 22.13 -29.04
CA THR B 374 49.84 22.49 -29.37
C THR B 374 49.69 23.96 -28.99
N MET B 375 48.74 24.66 -29.65
CA MET B 375 48.44 26.03 -29.25
C MET B 375 47.72 26.08 -27.91
N ASP B 376 47.15 24.97 -27.46
CA ASP B 376 46.57 24.90 -26.12
C ASP B 376 47.65 25.05 -25.06
N ASP B 377 48.71 24.25 -25.16
CA ASP B 377 49.80 24.34 -24.19
C ASP B 377 50.78 25.46 -24.55
N PHE B 378 50.62 26.10 -25.70
CA PHE B 378 51.29 27.36 -25.94
C PHE B 378 50.67 28.47 -25.12
N LEU B 379 49.36 28.39 -24.89
CA LEU B 379 48.65 29.41 -24.12
C LEU B 379 48.79 29.19 -22.62
N THR B 380 48.71 27.95 -22.14
CA THR B 380 48.83 27.71 -20.71
C THR B 380 50.29 27.85 -20.26
N ALA B 381 51.23 27.83 -21.20
CA ALA B 381 52.58 28.23 -20.89
C ALA B 381 52.64 29.71 -20.55
N HIS B 382 51.87 30.53 -21.26
CA HIS B 382 51.77 31.93 -20.89
C HIS B 382 50.99 32.12 -19.61
N HIS B 383 50.06 31.22 -19.32
CA HIS B 383 49.31 31.33 -18.08
C HIS B 383 50.18 30.93 -16.89
N GLU B 384 50.95 29.85 -17.03
CA GLU B 384 51.71 29.37 -15.90
C GLU B 384 52.96 30.20 -15.66
N MET B 385 53.47 30.85 -16.69
CA MET B 385 54.56 31.79 -16.45
C MET B 385 54.07 33.04 -15.74
N GLY B 386 52.78 33.38 -15.89
CA GLY B 386 52.25 34.53 -15.20
C GLY B 386 52.18 34.35 -13.70
N HIS B 387 52.01 33.10 -13.24
CA HIS B 387 52.10 32.84 -11.81
C HIS B 387 53.52 33.00 -11.30
N ILE B 388 54.50 32.76 -12.17
CA ILE B 388 55.89 32.87 -11.76
C ILE B 388 56.29 34.33 -11.65
N GLN B 389 55.93 35.14 -12.64
CA GLN B 389 56.27 36.57 -12.61
C GLN B 389 55.54 37.32 -11.51
N TYR B 390 54.38 36.83 -11.10
CA TYR B 390 53.74 37.38 -9.90
C TYR B 390 54.51 36.96 -8.66
N ASP B 391 55.03 35.74 -8.65
CA ASP B 391 55.76 35.23 -7.50
C ASP B 391 57.13 35.87 -7.36
N MET B 392 57.79 36.18 -8.48
CA MET B 392 59.11 36.79 -8.41
C MET B 392 59.05 38.24 -7.98
N ALA B 393 57.87 38.86 -8.01
CA ALA B 393 57.78 40.29 -7.72
C ALA B 393 57.63 40.58 -6.24
N TYR B 394 56.83 39.81 -5.52
CA TYR B 394 56.63 40.08 -4.10
C TYR B 394 57.57 39.28 -3.21
N ALA B 395 58.70 38.83 -3.75
CA ALA B 395 59.63 38.01 -2.97
C ALA B 395 60.50 38.81 -2.04
N ALA B 396 60.26 40.12 -1.91
CA ALA B 396 61.02 40.96 -1.00
C ALA B 396 60.21 41.32 0.24
N GLN B 397 58.95 40.91 0.31
CA GLN B 397 58.12 41.11 1.49
C GLN B 397 58.54 40.10 2.55
N PRO B 398 58.03 40.23 3.79
CA PRO B 398 58.23 39.14 4.76
C PRO B 398 57.46 37.89 4.38
N PHE B 399 57.69 36.79 5.10
CA PHE B 399 57.21 35.48 4.69
C PHE B 399 55.69 35.35 4.74
N LEU B 400 55.03 35.97 5.71
CA LEU B 400 53.59 35.80 5.89
C LEU B 400 52.77 36.70 4.99
N LEU B 401 53.40 37.47 4.10
CA LEU B 401 52.68 38.35 3.21
C LEU B 401 53.00 38.01 1.76
N ARG B 402 53.50 36.80 1.51
CA ARG B 402 53.84 36.42 0.16
C ARG B 402 52.72 35.65 -0.53
N ASN B 403 51.50 36.20 -0.52
CA ASN B 403 50.42 35.66 -1.32
C ASN B 403 49.86 36.77 -2.20
N GLY B 404 48.83 36.45 -2.95
CA GLY B 404 48.09 37.48 -3.67
C GLY B 404 47.31 38.34 -2.69
N ALA B 405 46.89 39.51 -3.16
CA ALA B 405 46.31 40.50 -2.26
C ALA B 405 44.95 40.06 -1.73
N ASN B 406 44.20 39.33 -2.55
CA ASN B 406 43.13 38.49 -2.05
C ASN B 406 43.23 37.15 -2.75
N GLU B 407 42.22 36.29 -2.56
CA GLU B 407 42.27 34.98 -3.17
C GLU B 407 42.01 35.01 -4.65
N GLY B 408 41.50 36.13 -5.18
CA GLY B 408 41.14 36.17 -6.57
C GLY B 408 42.17 36.77 -7.49
N PHE B 409 43.15 37.51 -6.96
CA PHE B 409 44.11 38.17 -7.82
C PHE B 409 45.08 37.22 -8.49
N HIS B 410 45.34 36.06 -7.88
CA HIS B 410 46.42 35.22 -8.36
C HIS B 410 46.09 34.55 -9.68
N GLU B 411 44.85 34.11 -9.84
CA GLU B 411 44.46 33.51 -11.11
C GLU B 411 44.16 34.57 -12.15
N ALA B 412 43.79 35.78 -11.72
CA ALA B 412 43.42 36.82 -12.66
C ALA B 412 44.62 37.39 -13.39
N VAL B 413 45.79 37.41 -12.74
CA VAL B 413 46.98 37.91 -13.42
C VAL B 413 47.51 36.84 -14.37
N GLY B 414 47.17 35.58 -14.13
CA GLY B 414 47.60 34.54 -15.04
C GLY B 414 46.82 34.47 -16.32
N GLU B 415 45.57 34.95 -16.32
CA GLU B 415 44.72 34.82 -17.49
C GLU B 415 44.72 36.03 -18.39
N ILE B 416 45.21 37.18 -17.93
CA ILE B 416 45.43 38.29 -18.86
C ILE B 416 46.71 38.13 -19.63
N MET B 417 47.59 37.20 -19.24
CA MET B 417 48.70 36.83 -20.09
C MET B 417 48.26 35.90 -21.19
N SER B 418 47.21 35.09 -20.94
CA SER B 418 46.73 34.16 -21.95
C SER B 418 45.80 34.82 -22.96
N LEU B 419 45.07 35.86 -22.56
CA LEU B 419 44.22 36.59 -23.49
C LEU B 419 45.05 37.38 -24.50
N SER B 420 46.15 37.96 -24.06
CA SER B 420 46.98 38.78 -24.94
C SER B 420 47.80 37.95 -25.92
N ALA B 421 48.01 36.66 -25.63
CA ALA B 421 48.81 35.80 -26.49
C ALA B 421 47.97 35.01 -27.48
N ALA B 422 46.66 34.97 -27.31
CA ALA B 422 45.77 34.23 -28.20
C ALA B 422 45.22 35.09 -29.32
N THR B 423 45.59 36.36 -29.36
CA THR B 423 45.08 37.25 -30.40
C THR B 423 45.83 37.00 -31.72
N PRO B 424 45.13 37.14 -32.85
CA PRO B 424 45.83 36.98 -34.14
C PRO B 424 46.81 38.11 -34.45
N LYS B 425 46.70 39.26 -33.78
CA LYS B 425 47.71 40.30 -33.92
C LYS B 425 49.03 39.86 -33.33
N HIS B 426 49.00 39.15 -32.21
CA HIS B 426 50.22 38.65 -31.59
C HIS B 426 50.79 37.44 -32.31
N LEU B 427 49.93 36.62 -32.92
CA LEU B 427 50.40 35.38 -33.54
C LEU B 427 51.10 35.66 -34.86
N LYS B 428 50.69 36.70 -35.59
CA LYS B 428 51.34 36.99 -36.86
C LYS B 428 52.64 37.77 -36.69
N SER B 429 52.88 38.35 -35.52
CA SER B 429 54.16 39.02 -35.27
C SER B 429 55.15 38.14 -34.53
N ILE B 430 54.68 36.99 -34.03
CA ILE B 430 55.55 36.05 -33.35
C ILE B 430 55.93 34.92 -34.31
N GLY B 431 55.52 35.07 -35.57
CA GLY B 431 55.81 34.08 -36.59
C GLY B 431 54.98 32.81 -36.45
N LEU B 432 53.74 32.85 -36.92
CA LEU B 432 52.86 31.69 -36.84
C LEU B 432 51.61 31.87 -37.70
N LEU B 433 51.52 33.01 -38.36
CA LEU B 433 50.38 33.31 -39.21
C LEU B 433 50.84 33.95 -40.52
N SER B 434 50.26 33.51 -41.63
CA SER B 434 50.61 34.05 -42.93
C SER B 434 50.49 35.57 -42.95
N PRO B 435 51.63 36.26 -43.33
CA PRO B 435 51.48 37.72 -43.31
C PRO B 435 50.37 38.22 -44.23
N ASP B 436 49.66 37.30 -44.88
CA ASP B 436 48.58 37.67 -45.79
C ASP B 436 47.24 37.15 -45.26
N PHE B 437 47.12 37.11 -43.94
CA PHE B 437 45.92 36.64 -43.27
C PHE B 437 44.89 37.75 -43.15
N GLN B 438 43.62 37.39 -43.36
CA GLN B 438 42.51 38.31 -43.31
C GLN B 438 41.57 37.89 -42.18
N GLU B 439 41.46 38.72 -41.16
CA GLU B 439 40.46 38.52 -40.12
C GLU B 439 39.16 39.16 -40.55
N ASP B 440 38.12 38.35 -40.73
CA ASP B 440 36.81 38.85 -41.10
C ASP B 440 35.94 38.98 -39.87
N ASN B 441 34.84 39.71 -40.02
CA ASN B 441 33.93 39.96 -38.91
C ASN B 441 33.09 38.74 -38.55
N GLU B 442 33.09 37.70 -39.37
CA GLU B 442 32.39 36.47 -39.07
C GLU B 442 33.19 35.57 -38.12
N THR B 443 34.50 35.67 -38.11
CA THR B 443 35.35 34.87 -37.22
C THR B 443 35.49 35.50 -35.85
N GLU B 444 35.30 36.81 -35.73
CA GLU B 444 35.30 37.45 -34.43
C GLU B 444 34.05 37.11 -33.63
N ILE B 445 32.94 36.82 -34.31
CA ILE B 445 31.75 36.38 -33.61
C ILE B 445 31.90 34.93 -33.16
N ASN B 446 32.58 34.11 -33.97
CA ASN B 446 32.87 32.72 -33.57
C ASN B 446 33.80 32.66 -32.38
N PHE B 447 34.74 33.60 -32.28
CA PHE B 447 35.66 33.63 -31.16
C PHE B 447 35.02 34.18 -29.90
N LEU B 448 34.21 35.24 -30.03
CA LEU B 448 33.58 35.84 -28.87
C LEU B 448 32.49 34.98 -28.27
N LEU B 449 31.80 34.18 -29.07
CA LEU B 449 30.76 33.32 -28.53
C LEU B 449 31.36 32.11 -27.81
N LYS B 450 32.53 31.65 -28.24
CA LYS B 450 33.24 30.61 -27.50
C LYS B 450 33.77 31.11 -26.17
N GLN B 451 34.06 32.41 -26.07
CA GLN B 451 34.47 32.98 -24.80
C GLN B 451 33.28 33.15 -23.85
N ALA B 452 32.13 33.55 -24.38
CA ALA B 452 30.97 33.83 -23.55
C ALA B 452 30.32 32.56 -23.01
N LEU B 453 30.55 31.41 -23.64
CA LEU B 453 30.04 30.16 -23.10
C LEU B 453 30.81 29.70 -21.87
N THR B 454 32.03 30.19 -21.69
CA THR B 454 32.84 29.87 -20.53
C THR B 454 32.85 30.97 -19.49
N ILE B 455 32.88 32.24 -19.93
CA ILE B 455 32.99 33.37 -19.02
C ILE B 455 31.61 33.76 -18.50
N VAL B 456 30.69 34.10 -19.41
CA VAL B 456 29.39 34.60 -19.02
C VAL B 456 28.49 33.46 -18.54
N GLY B 457 28.64 32.26 -19.10
CA GLY B 457 27.81 31.14 -18.73
C GLY B 457 28.04 30.62 -17.33
N THR B 458 29.19 30.91 -16.73
CA THR B 458 29.50 30.44 -15.39
C THR B 458 29.20 31.46 -14.30
N LEU B 459 28.85 32.68 -14.66
CA LEU B 459 28.63 33.72 -13.65
C LEU B 459 27.30 33.59 -12.90
N PRO B 460 26.14 33.26 -13.51
CA PRO B 460 24.97 32.99 -12.68
C PRO B 460 25.03 31.68 -11.92
N PHE B 461 25.82 30.70 -12.36
CA PHE B 461 26.02 29.48 -11.59
C PHE B 461 26.81 29.75 -10.33
N THR B 462 27.86 30.58 -10.44
CA THR B 462 28.72 30.87 -9.30
C THR B 462 28.00 31.75 -8.28
N TYR B 463 27.20 32.70 -8.76
CA TYR B 463 26.49 33.60 -7.86
C TYR B 463 25.38 32.90 -7.11
N MET B 464 24.66 31.99 -7.79
CA MET B 464 23.58 31.26 -7.15
C MET B 464 24.08 30.28 -6.10
N LEU B 465 25.24 29.67 -6.33
CA LEU B 465 25.71 28.62 -5.43
C LEU B 465 26.23 29.21 -4.13
N GLU B 466 26.96 30.32 -4.19
CA GLU B 466 27.44 30.93 -2.96
C GLU B 466 26.32 31.63 -2.21
N LYS B 467 25.30 32.11 -2.92
CA LYS B 467 24.14 32.68 -2.25
C LYS B 467 23.34 31.61 -1.50
N TRP B 468 23.28 30.40 -2.05
CA TRP B 468 22.61 29.31 -1.35
C TRP B 468 23.40 28.86 -0.14
N ARG B 469 24.72 28.78 -0.25
CA ARG B 469 25.53 28.32 0.86
C ARG B 469 25.63 29.36 1.97
N TRP B 470 25.54 30.64 1.63
CA TRP B 470 25.56 31.68 2.66
C TRP B 470 24.28 31.68 3.48
N MET B 471 23.14 31.43 2.85
CA MET B 471 21.87 31.38 3.54
C MET B 471 21.68 30.10 4.34
N VAL B 472 22.39 29.03 4.00
CA VAL B 472 22.31 27.80 4.78
C VAL B 472 23.09 27.94 6.08
N PHE B 473 24.25 28.61 6.03
CA PHE B 473 25.09 28.75 7.22
C PHE B 473 24.48 29.70 8.24
N LYS B 474 23.87 30.81 7.79
CA LYS B 474 23.28 31.74 8.76
C LYS B 474 21.90 31.31 9.21
N GLY B 475 21.29 30.32 8.56
CA GLY B 475 20.04 29.78 9.00
C GLY B 475 18.79 30.37 8.38
N GLU B 476 18.92 31.08 7.26
CA GLU B 476 17.73 31.56 6.57
C GLU B 476 16.99 30.44 5.86
N ILE B 477 17.66 29.34 5.59
CA ILE B 477 17.05 28.16 5.00
C ILE B 477 17.12 27.03 6.03
N PRO B 478 16.01 26.63 6.63
CA PRO B 478 16.02 25.45 7.51
C PRO B 478 16.18 24.17 6.71
N LYS B 479 16.49 23.09 7.42
CA LYS B 479 16.93 21.87 6.75
C LYS B 479 15.79 21.12 6.07
N ASP B 480 14.54 21.47 6.35
CA ASP B 480 13.41 20.89 5.64
C ASP B 480 13.11 21.63 4.34
N GLN B 481 13.92 22.62 3.97
CA GLN B 481 13.71 23.38 2.74
C GLN B 481 15.00 23.60 1.97
N TRP B 482 16.01 22.73 2.15
CA TRP B 482 17.27 22.88 1.44
C TRP B 482 17.10 22.64 -0.04
N MET B 483 16.47 21.53 -0.41
CA MET B 483 16.27 21.19 -1.81
C MET B 483 15.06 21.86 -2.41
N LYS B 484 14.20 22.45 -1.60
CA LYS B 484 13.12 23.27 -2.14
C LYS B 484 13.64 24.63 -2.58
N LYS B 485 14.46 25.26 -1.75
CA LYS B 485 15.01 26.57 -2.08
C LYS B 485 16.13 26.49 -3.11
N TRP B 486 16.77 25.32 -3.27
CA TRP B 486 17.83 25.18 -4.25
C TRP B 486 17.29 25.23 -5.67
N TRP B 487 16.19 24.54 -5.93
CA TRP B 487 15.63 24.50 -7.28
C TRP B 487 14.72 25.67 -7.60
N GLU B 488 14.28 26.42 -6.60
CA GLU B 488 13.63 27.69 -6.88
C GLU B 488 14.64 28.74 -7.32
N MET B 489 15.85 28.70 -6.76
CA MET B 489 16.89 29.62 -7.17
C MET B 489 17.53 29.25 -8.50
N LYS B 490 17.42 28.00 -8.93
CA LYS B 490 17.89 27.64 -10.27
C LYS B 490 16.99 28.21 -11.35
N ARG B 491 15.67 28.16 -11.13
CA ARG B 491 14.74 28.65 -12.14
C ARG B 491 14.74 30.16 -12.24
N GLU B 492 14.94 30.84 -11.12
CA GLU B 492 14.83 32.29 -11.08
C GLU B 492 16.11 33.00 -11.49
N ILE B 493 17.26 32.57 -10.97
CA ILE B 493 18.52 33.22 -11.24
C ILE B 493 19.19 32.66 -12.49
N VAL B 494 19.35 31.34 -12.55
CA VAL B 494 20.08 30.73 -13.65
C VAL B 494 19.20 30.47 -14.86
N GLY B 495 17.95 30.08 -14.66
CA GLY B 495 17.07 29.75 -15.76
C GLY B 495 17.21 28.30 -16.17
N VAL B 496 17.30 27.41 -15.20
CA VAL B 496 17.55 26.00 -15.42
C VAL B 496 16.55 25.20 -14.59
N VAL B 497 15.84 24.27 -15.24
CA VAL B 497 14.80 23.48 -14.60
C VAL B 497 15.26 22.04 -14.49
N GLU B 498 14.87 21.37 -13.41
CA GLU B 498 15.23 19.98 -13.19
C GLU B 498 14.30 19.06 -13.99
N PRO B 499 14.79 17.90 -14.43
CA PRO B 499 13.93 16.99 -15.19
C PRO B 499 13.12 16.04 -14.34
N VAL B 500 13.50 15.81 -13.09
CA VAL B 500 12.83 14.89 -12.17
C VAL B 500 12.74 15.59 -10.83
N PRO B 501 11.58 15.59 -10.17
CA PRO B 501 11.47 16.30 -8.88
C PRO B 501 12.29 15.64 -7.78
N HIS B 502 12.88 16.47 -6.93
CA HIS B 502 13.81 16.02 -5.90
C HIS B 502 13.33 16.51 -4.55
N ASP B 503 13.05 15.57 -3.64
CA ASP B 503 12.62 15.89 -2.28
C ASP B 503 13.81 16.08 -1.35
N GLU B 504 13.57 16.09 -0.05
CA GLU B 504 14.59 16.38 0.95
C GLU B 504 15.41 15.16 1.35
N THR B 505 15.46 14.13 0.49
CA THR B 505 16.41 13.04 0.66
C THR B 505 17.63 13.22 -0.23
N TYR B 506 17.56 14.08 -1.23
CA TYR B 506 18.68 14.40 -2.09
C TYR B 506 19.51 15.51 -1.46
N CYS B 507 20.77 15.60 -1.90
CA CYS B 507 21.58 16.80 -1.65
C CYS B 507 22.37 17.06 -2.94
N ASP B 508 21.76 17.82 -3.84
CA ASP B 508 22.34 18.16 -5.13
C ASP B 508 23.49 19.16 -5.12
N PRO B 509 23.59 20.13 -4.19
CA PRO B 509 24.84 20.89 -4.09
C PRO B 509 26.06 20.05 -3.72
N ALA B 510 25.90 19.05 -2.85
CA ALA B 510 27.05 18.29 -2.38
C ALA B 510 27.62 17.34 -3.42
N SER B 511 26.97 17.17 -4.56
CA SER B 511 27.50 16.37 -5.65
C SER B 511 28.50 17.12 -6.51
N LEU B 512 28.81 18.36 -6.18
CA LEU B 512 29.89 19.12 -6.78
C LEU B 512 31.14 18.97 -5.93
N PHE B 513 32.30 19.15 -6.57
CA PHE B 513 33.58 18.92 -5.89
C PHE B 513 33.83 19.95 -4.80
N HIS B 514 33.54 21.21 -5.07
CA HIS B 514 33.89 22.28 -4.15
C HIS B 514 33.00 22.31 -2.92
N VAL B 515 31.83 21.68 -2.97
CA VAL B 515 30.95 21.65 -1.82
C VAL B 515 31.28 20.49 -0.90
N SER B 516 31.59 19.31 -1.44
CA SER B 516 31.89 18.16 -0.62
C SER B 516 33.34 18.10 -0.18
N ASN B 517 34.22 18.94 -0.74
CA ASN B 517 35.62 18.96 -0.34
C ASN B 517 36.00 20.26 0.36
N ASP B 518 35.01 21.01 0.86
CA ASP B 518 35.20 22.16 1.77
C ASP B 518 36.03 23.28 1.14
N TYR B 519 35.53 23.84 0.04
CA TYR B 519 36.19 24.94 -0.65
C TYR B 519 35.24 26.10 -0.83
N SER B 520 35.81 27.31 -0.83
CA SER B 520 35.05 28.51 -1.10
C SER B 520 34.89 28.70 -2.60
N PHE B 521 33.78 29.30 -3.01
CA PHE B 521 33.42 29.37 -4.41
C PHE B 521 33.30 30.79 -4.94
N ILE B 522 33.33 31.80 -4.07
CA ILE B 522 33.19 33.18 -4.52
C ILE B 522 34.46 33.71 -5.20
N ARG B 523 35.57 32.98 -5.10
CA ARG B 523 36.79 33.40 -5.77
C ARG B 523 36.70 33.29 -7.28
N TYR B 524 35.78 32.48 -7.80
CA TYR B 524 35.59 32.37 -9.24
C TYR B 524 34.71 33.47 -9.80
N TYR B 525 33.92 34.13 -8.96
CA TYR B 525 33.13 35.27 -9.41
C TYR B 525 33.99 36.51 -9.52
N THR B 526 34.75 36.81 -8.48
CA THR B 526 35.55 38.03 -8.44
C THR B 526 36.75 37.99 -9.38
N ARG B 527 37.29 36.80 -9.64
CA ARG B 527 38.40 36.67 -10.59
C ARG B 527 37.98 37.04 -12.01
N THR B 528 36.75 36.73 -12.36
CA THR B 528 36.24 37.07 -13.69
C THR B 528 36.08 38.58 -13.84
N LEU B 529 35.76 39.27 -12.76
CA LEU B 529 35.56 40.72 -12.83
C LEU B 529 36.89 41.46 -12.77
N TYR B 530 37.85 40.96 -12.00
CA TYR B 530 39.18 41.57 -11.94
C TYR B 530 39.96 41.38 -13.24
N GLN B 531 39.64 40.33 -13.99
CA GLN B 531 40.43 39.97 -15.18
C GLN B 531 40.23 40.99 -16.30
N PHE B 532 39.02 41.49 -16.47
CA PHE B 532 38.76 42.49 -17.49
C PHE B 532 38.98 43.91 -17.00
N GLN B 533 39.02 44.12 -15.68
CA GLN B 533 39.44 45.41 -15.16
C GLN B 533 40.93 45.61 -15.35
N PHE B 534 41.71 44.54 -15.19
CA PHE B 534 43.15 44.62 -15.46
C PHE B 534 43.41 44.82 -16.94
N GLN B 535 42.68 44.10 -17.79
CA GLN B 535 42.97 44.13 -19.22
C GLN B 535 42.55 45.46 -19.85
N GLU B 536 41.47 46.06 -19.36
CA GLU B 536 41.07 47.35 -19.90
C GLU B 536 41.98 48.46 -19.42
N ALA B 537 42.54 48.33 -18.21
CA ALA B 537 43.42 49.37 -17.70
C ALA B 537 44.80 49.30 -18.34
N LEU B 538 45.21 48.12 -18.81
CA LEU B 538 46.53 47.99 -19.42
C LEU B 538 46.50 48.39 -20.90
N CYS B 539 45.33 48.29 -21.54
CA CYS B 539 45.24 48.63 -22.95
C CYS B 539 45.05 50.12 -23.18
N GLN B 540 44.64 50.88 -22.16
CA GLN B 540 44.69 52.33 -22.27
C GLN B 540 46.10 52.85 -22.10
N ALA B 541 46.95 52.11 -21.38
CA ALA B 541 48.34 52.49 -21.23
C ALA B 541 49.19 52.09 -22.42
N ALA B 542 48.79 51.05 -23.15
CA ALA B 542 49.48 50.62 -24.36
C ALA B 542 48.96 51.32 -25.61
N LYS B 543 48.02 52.25 -25.45
CA LYS B 543 47.45 53.07 -26.52
C LYS B 543 46.79 52.23 -27.61
N HIS B 544 45.80 51.44 -27.20
CA HIS B 544 45.01 50.64 -28.13
C HIS B 544 43.94 51.52 -28.78
N GLU B 545 43.48 51.11 -29.96
CA GLU B 545 42.58 51.95 -30.74
C GLU B 545 41.27 51.23 -31.08
N GLY B 546 41.29 49.91 -31.20
CA GLY B 546 40.13 49.17 -31.65
C GLY B 546 39.26 48.66 -30.52
N PRO B 547 38.64 47.50 -30.73
CA PRO B 547 37.89 46.87 -29.65
C PRO B 547 38.82 46.27 -28.61
N LEU B 548 38.26 45.97 -27.44
CA LEU B 548 39.07 45.48 -26.33
C LEU B 548 39.56 44.06 -26.56
N HIS B 549 38.81 43.27 -27.34
CA HIS B 549 39.16 41.86 -27.53
C HIS B 549 40.26 41.65 -28.57
N LYS B 550 40.77 42.71 -29.18
CA LYS B 550 41.87 42.61 -30.13
C LYS B 550 43.19 43.10 -29.54
N CYS B 551 43.25 43.32 -28.24
CA CYS B 551 44.36 44.06 -27.65
C CYS B 551 45.53 43.14 -27.33
N ASP B 552 46.73 43.72 -27.39
CA ASP B 552 47.97 43.05 -27.08
C ASP B 552 48.91 44.04 -26.42
N ILE B 553 49.54 43.63 -25.31
CA ILE B 553 50.40 44.52 -24.55
C ILE B 553 51.88 44.29 -24.85
N SER B 554 52.21 43.67 -25.98
CA SER B 554 53.60 43.48 -26.35
C SER B 554 54.24 44.81 -26.73
N ASN B 555 55.57 44.87 -26.58
CA ASN B 555 56.45 45.99 -26.93
C ASN B 555 56.23 47.25 -26.12
N SER B 556 55.31 47.23 -25.16
CA SER B 556 55.07 48.39 -24.32
C SER B 556 56.07 48.41 -23.18
N THR B 557 56.15 49.53 -22.46
CA THR B 557 56.91 49.54 -21.22
C THR B 557 56.07 50.22 -20.16
N GLU B 558 55.21 51.13 -20.61
CA GLU B 558 54.39 51.89 -19.68
C GLU B 558 53.27 51.04 -19.10
N ALA B 559 52.80 50.05 -19.85
CA ALA B 559 51.78 49.15 -19.33
C ALA B 559 52.37 48.21 -18.29
N GLY B 560 53.56 47.69 -18.53
CA GLY B 560 54.24 46.86 -17.56
C GLY B 560 54.60 47.56 -16.28
N GLN B 561 54.97 48.83 -16.36
CA GLN B 561 55.14 49.64 -15.16
C GLN B 561 53.83 49.85 -14.43
N LYS B 562 52.71 49.89 -15.14
CA LYS B 562 51.42 49.92 -14.47
C LYS B 562 51.10 48.59 -13.82
N LEU B 563 51.59 47.50 -14.42
CA LEU B 563 51.32 46.18 -13.85
C LEU B 563 52.27 45.87 -12.70
N PHE B 564 53.52 46.29 -12.81
CA PHE B 564 54.51 45.93 -11.79
C PHE B 564 54.28 46.65 -10.48
N ASN B 565 53.57 47.77 -10.49
CA ASN B 565 53.31 48.49 -9.25
C ASN B 565 52.29 47.81 -8.36
N MET B 566 51.55 46.85 -8.89
CA MET B 566 50.64 46.01 -8.10
C MET B 566 51.27 44.68 -7.73
N LEU B 567 52.07 44.12 -8.64
CA LEU B 567 52.63 42.78 -8.48
C LEU B 567 53.56 42.66 -7.28
N ARG B 568 54.21 43.76 -6.90
CA ARG B 568 55.19 43.71 -5.83
C ARG B 568 54.61 43.95 -4.46
N LEU B 569 53.30 44.19 -4.36
CA LEU B 569 52.71 44.51 -3.07
C LEU B 569 52.52 43.28 -2.19
N GLY B 570 52.06 42.17 -2.75
CA GLY B 570 51.82 41.01 -1.92
C GLY B 570 50.54 41.17 -1.12
N LYS B 571 50.64 41.03 0.19
CA LYS B 571 49.51 41.25 1.10
C LYS B 571 49.80 42.41 2.04
N SER B 572 50.88 43.13 1.79
CA SER B 572 51.32 44.21 2.65
C SER B 572 50.37 45.40 2.65
N GLU B 573 49.59 45.56 1.59
CA GLU B 573 48.62 46.63 1.47
C GLU B 573 47.24 46.01 1.38
N PRO B 574 46.19 46.76 1.74
CA PRO B 574 44.83 46.31 1.45
C PRO B 574 44.61 46.17 -0.04
N TRP B 575 43.75 45.22 -0.41
CA TRP B 575 43.55 44.91 -1.82
C TRP B 575 42.85 46.03 -2.56
N THR B 576 42.05 46.83 -1.85
CA THR B 576 41.44 48.00 -2.47
C THR B 576 42.50 49.04 -2.81
N LEU B 577 43.57 49.10 -2.04
CA LEU B 577 44.70 49.95 -2.39
C LEU B 577 45.48 49.37 -3.56
N ALA B 578 45.43 48.05 -3.76
CA ALA B 578 46.15 47.47 -4.89
C ALA B 578 45.42 47.74 -6.20
N LEU B 579 44.09 47.82 -6.17
CA LEU B 579 43.33 48.03 -7.40
C LEU B 579 43.52 49.42 -7.98
N GLU B 580 43.71 50.45 -7.14
CA GLU B 580 43.87 51.79 -7.68
C GLU B 580 45.23 51.98 -8.33
N ASN B 581 46.21 51.13 -8.02
CA ASN B 581 47.49 51.21 -8.68
C ASN B 581 47.43 50.75 -10.13
N VAL B 582 46.41 49.99 -10.51
CA VAL B 582 46.21 49.54 -11.88
C VAL B 582 44.99 50.19 -12.51
N VAL B 583 43.82 49.95 -11.94
CA VAL B 583 42.57 50.41 -12.54
C VAL B 583 42.28 51.88 -12.26
N GLY B 584 42.46 52.33 -11.02
CA GLY B 584 42.04 53.67 -10.66
C GLY B 584 40.74 53.72 -9.89
N ALA B 585 40.29 52.58 -9.37
CA ALA B 585 39.08 52.52 -8.57
C ALA B 585 39.36 51.70 -7.31
N LYS B 586 38.45 51.78 -6.35
CA LYS B 586 38.61 51.08 -5.09
C LYS B 586 37.68 49.88 -4.96
N ASN B 587 36.96 49.53 -6.02
CA ASN B 587 35.98 48.47 -5.96
C ASN B 587 35.96 47.72 -7.28
N MET B 588 35.42 46.50 -7.25
CA MET B 588 35.32 45.74 -8.49
C MET B 588 34.16 46.27 -9.33
N ASN B 589 34.34 46.25 -10.65
CA ASN B 589 33.44 46.91 -11.57
C ASN B 589 33.12 45.97 -12.72
N VAL B 590 31.89 46.02 -13.20
CA VAL B 590 31.44 45.09 -14.23
C VAL B 590 31.44 45.73 -15.61
N ARG B 591 31.58 47.05 -15.71
CA ARG B 591 31.62 47.74 -16.99
C ARG B 591 32.79 47.38 -17.90
N PRO B 592 34.01 47.07 -17.42
CA PRO B 592 35.01 46.51 -18.33
C PRO B 592 34.69 45.12 -18.86
N LEU B 593 33.91 44.31 -18.14
CA LEU B 593 33.52 43.01 -18.66
C LEU B 593 32.53 43.15 -19.79
N LEU B 594 31.61 44.12 -19.69
CA LEU B 594 30.61 44.29 -20.73
C LEU B 594 31.19 44.93 -21.98
N ASN B 595 32.24 45.73 -21.87
CA ASN B 595 32.86 46.33 -23.04
C ASN B 595 33.60 45.30 -23.89
N TYR B 596 34.01 44.19 -23.28
CA TYR B 596 34.65 43.11 -24.02
C TYR B 596 33.65 42.42 -24.93
N PHE B 597 32.39 42.34 -24.50
CA PHE B 597 31.37 41.55 -25.20
C PHE B 597 30.34 42.41 -25.91
N GLU B 598 30.62 43.69 -26.16
CA GLU B 598 29.67 44.49 -26.94
C GLU B 598 29.58 44.16 -28.43
N PRO B 599 30.65 43.71 -29.12
CA PRO B 599 30.41 43.15 -30.47
C PRO B 599 29.54 41.90 -30.48
N LEU B 600 29.52 41.12 -29.41
CA LEU B 600 28.62 39.99 -29.35
C LEU B 600 27.21 40.41 -28.94
N PHE B 601 27.11 41.37 -28.01
CA PHE B 601 25.82 41.83 -27.53
C PHE B 601 25.04 42.58 -28.59
N THR B 602 25.74 43.23 -29.54
CA THR B 602 25.06 43.85 -30.66
C THR B 602 24.52 42.80 -31.63
N TRP B 603 25.33 41.77 -31.91
CA TRP B 603 24.91 40.72 -32.82
C TRP B 603 23.84 39.82 -32.21
N LEU B 604 23.85 39.67 -30.87
CA LEU B 604 22.87 38.82 -30.22
C LEU B 604 21.48 39.45 -30.21
N LYS B 605 21.41 40.78 -30.13
CA LYS B 605 20.11 41.44 -30.11
C LYS B 605 19.45 41.47 -31.48
N ASP B 606 20.19 41.16 -32.53
CA ASP B 606 19.60 41.08 -33.86
C ASP B 606 19.16 39.66 -34.18
N GLN B 607 19.77 38.66 -33.54
CA GLN B 607 19.35 37.28 -33.69
C GLN B 607 18.15 36.93 -32.82
N ASN B 608 17.75 37.81 -31.91
CA ASN B 608 16.62 37.54 -31.03
C ASN B 608 15.50 38.54 -31.28
N LYS B 609 15.26 38.88 -32.55
CA LYS B 609 14.14 39.74 -32.92
C LYS B 609 12.81 39.00 -32.96
N ASN B 610 12.80 37.73 -33.35
CA ASN B 610 11.61 36.92 -33.33
C ASN B 610 11.54 35.98 -32.13
N SER B 611 12.54 35.97 -31.27
CA SER B 611 12.55 35.08 -30.13
C SER B 611 11.93 35.77 -28.91
N PHE B 612 11.83 35.03 -27.82
CA PHE B 612 11.40 35.54 -26.54
C PHE B 612 12.60 35.56 -25.59
N VAL B 613 12.87 36.74 -25.01
CA VAL B 613 14.02 36.94 -24.15
C VAL B 613 13.55 36.87 -22.71
N GLY B 614 14.07 35.92 -21.95
CA GLY B 614 13.58 35.63 -20.62
C GLY B 614 13.00 34.24 -20.55
N TRP B 615 12.54 33.89 -19.35
CA TRP B 615 12.06 32.54 -19.14
C TRP B 615 10.95 32.53 -18.11
N SER B 616 10.20 31.44 -18.10
CA SER B 616 9.12 31.22 -17.15
C SER B 616 9.52 30.19 -16.13
N THR B 617 9.23 30.44 -14.86
CA THR B 617 9.57 29.54 -13.79
C THR B 617 8.45 28.55 -13.48
N ASP B 618 7.46 28.44 -14.37
CA ASP B 618 6.34 27.54 -14.16
C ASP B 618 6.42 26.27 -15.01
N TRP B 619 7.09 26.33 -16.16
CA TRP B 619 7.19 25.18 -17.04
C TRP B 619 8.16 24.15 -16.50
N SER B 620 7.85 22.89 -16.70
CA SER B 620 8.70 21.76 -16.33
C SER B 620 8.63 20.73 -17.43
N PRO B 621 9.70 19.94 -17.63
CA PRO B 621 9.66 18.90 -18.65
C PRO B 621 8.82 17.68 -18.28
N TYR B 622 8.28 17.61 -17.07
CA TYR B 622 7.43 16.51 -16.64
C TYR B 622 5.99 16.94 -16.42
N ALA B 623 5.70 18.23 -16.43
CA ALA B 623 4.41 18.75 -15.98
C ALA B 623 3.45 18.91 -17.16
N ASP B 624 3.31 17.84 -17.92
CA ASP B 624 2.20 17.73 -18.87
C ASP B 624 1.68 16.30 -18.88
N GLN B 625 2.37 15.42 -18.15
CA GLN B 625 1.89 14.07 -17.86
C GLN B 625 1.59 13.90 -16.39
N SER B 626 1.49 14.99 -15.64
CA SER B 626 1.20 14.94 -14.22
C SER B 626 -0.29 15.08 -13.97
N ILE B 627 -0.74 14.51 -12.86
CA ILE B 627 -2.12 14.55 -12.43
C ILE B 627 -2.17 15.21 -11.07
N LYS B 628 -3.03 16.21 -10.91
CA LYS B 628 -3.20 16.89 -9.64
C LYS B 628 -4.21 16.17 -8.76
N VAL B 629 -3.84 15.94 -7.52
CA VAL B 629 -4.68 15.27 -6.52
C VAL B 629 -5.02 16.29 -5.45
N ARG B 630 -6.28 16.34 -5.04
CA ARG B 630 -6.71 17.20 -3.95
C ARG B 630 -7.45 16.38 -2.92
N ILE B 631 -7.07 16.54 -1.66
CA ILE B 631 -7.57 15.71 -0.57
C ILE B 631 -8.20 16.60 0.49
N SER B 632 -9.47 16.34 0.82
CA SER B 632 -10.21 17.09 1.83
C SER B 632 -10.55 16.15 2.97
N LEU B 633 -9.67 16.10 3.98
CA LEU B 633 -9.83 15.13 5.06
C LEU B 633 -10.94 15.55 6.02
N LYS B 634 -11.02 16.85 6.34
CA LYS B 634 -11.94 17.30 7.38
C LYS B 634 -13.36 17.41 6.83
N SER B 635 -13.53 17.32 5.51
CA SER B 635 -14.87 17.27 4.94
C SER B 635 -15.46 15.87 5.03
N ALA B 636 -14.62 14.85 4.87
CA ALA B 636 -15.11 13.48 4.86
C ALA B 636 -15.35 12.96 6.28
N LEU B 637 -14.39 13.20 7.16
CA LEU B 637 -14.50 12.70 8.53
C LEU B 637 -14.78 13.78 9.57
N GLY B 638 -14.11 14.91 9.45
CA GLY B 638 -14.30 16.00 10.39
C GLY B 638 -13.53 15.74 11.67
N ASP B 639 -14.13 16.07 12.80
CA ASP B 639 -13.50 15.87 14.10
C ASP B 639 -13.30 14.39 14.40
N LYS B 640 -12.33 13.78 13.71
CA LYS B 640 -12.04 12.37 13.89
C LYS B 640 -11.13 11.89 12.77
N ALA B 641 -10.63 12.83 11.99
CA ALA B 641 -9.77 12.52 10.87
C ALA B 641 -8.29 12.50 11.24
N TYR B 642 -7.58 11.51 10.71
CA TYR B 642 -6.15 11.38 10.96
C TYR B 642 -5.42 12.57 10.35
N GLU B 643 -4.15 12.71 10.70
CA GLU B 643 -3.32 13.77 10.17
C GLU B 643 -2.40 13.19 9.10
N TRP B 644 -2.10 14.01 8.08
CA TRP B 644 -1.44 13.53 6.88
C TRP B 644 0.07 13.76 7.00
N ASN B 645 0.75 12.78 7.57
CA ASN B 645 2.19 12.79 7.63
C ASN B 645 2.75 12.11 6.38
N ASP B 646 4.06 11.85 6.37
CA ASP B 646 4.67 11.23 5.20
C ASP B 646 4.57 9.72 5.19
N ASN B 647 3.98 9.12 6.22
CA ASN B 647 3.59 7.71 6.13
C ASN B 647 2.34 7.54 5.30
N GLU B 648 1.47 8.56 5.26
CA GLU B 648 0.31 8.52 4.40
C GLU B 648 0.68 8.75 2.94
N MET B 649 1.78 9.48 2.69
CA MET B 649 2.25 9.63 1.33
C MET B 649 2.90 8.34 0.82
N TYR B 650 3.43 7.53 1.73
CA TYR B 650 3.98 6.24 1.34
C TYR B 650 2.87 5.27 0.98
N LEU B 651 1.75 5.30 1.70
CA LEU B 651 0.63 4.44 1.38
C LEU B 651 -0.07 4.89 0.11
N PHE B 652 -0.05 6.18 -0.20
CA PHE B 652 -0.65 6.64 -1.44
C PHE B 652 0.19 6.22 -2.65
N ARG B 653 1.51 6.24 -2.52
CA ARG B 653 2.36 5.84 -3.64
C ARG B 653 2.34 4.34 -3.87
N SER B 654 2.01 3.55 -2.84
CA SER B 654 1.87 2.11 -3.02
C SER B 654 0.51 1.74 -3.59
N SER B 655 -0.51 2.54 -3.32
CA SER B 655 -1.83 2.29 -3.88
C SER B 655 -1.89 2.64 -5.37
N VAL B 656 -1.14 3.65 -5.79
CA VAL B 656 -1.07 3.99 -7.21
C VAL B 656 -0.24 2.95 -7.96
N ALA B 657 0.84 2.48 -7.34
CA ALA B 657 1.65 1.43 -7.95
C ALA B 657 0.90 0.11 -8.02
N TYR B 658 -0.03 -0.13 -7.08
CA TYR B 658 -0.89 -1.31 -7.17
C TYR B 658 -1.89 -1.17 -8.31
N ALA B 659 -2.41 0.03 -8.54
CA ALA B 659 -3.40 0.23 -9.58
C ALA B 659 -2.78 0.16 -10.96
N MET B 660 -1.51 0.54 -11.10
CA MET B 660 -0.83 0.39 -12.38
C MET B 660 -0.50 -1.07 -12.66
N ARG B 661 -0.28 -1.87 -11.62
CA ARG B 661 -0.01 -3.29 -11.81
C ARG B 661 -1.26 -4.03 -12.27
N GLN B 662 -2.42 -3.64 -11.75
CA GLN B 662 -3.65 -4.32 -12.12
C GLN B 662 -4.12 -3.92 -13.52
N TYR B 663 -3.78 -2.73 -13.97
CA TYR B 663 -4.23 -2.29 -15.28
C TYR B 663 -3.44 -2.96 -16.39
N PHE B 664 -2.12 -3.11 -16.21
CA PHE B 664 -1.31 -3.72 -17.25
C PHE B 664 -1.48 -5.23 -17.29
N LEU B 665 -2.00 -5.84 -16.23
CA LEU B 665 -2.21 -7.28 -16.22
C LEU B 665 -3.53 -7.67 -16.86
N LYS B 666 -4.59 -6.91 -16.59
CA LYS B 666 -5.92 -7.28 -17.04
C LYS B 666 -6.30 -6.67 -18.38
N VAL B 667 -5.60 -5.64 -18.84
CA VAL B 667 -5.89 -5.00 -20.11
C VAL B 667 -4.78 -5.24 -21.13
N LYS B 668 -3.53 -5.03 -20.74
CA LYS B 668 -2.41 -5.16 -21.66
C LYS B 668 -1.72 -6.51 -21.59
N ASN B 669 -2.16 -7.40 -20.69
CA ASN B 669 -1.66 -8.75 -20.48
C ASN B 669 -0.17 -8.82 -20.16
N GLN B 670 0.40 -7.79 -19.55
CA GLN B 670 1.81 -7.77 -19.18
C GLN B 670 1.92 -7.70 -17.66
N MET B 671 3.03 -8.21 -17.13
CA MET B 671 3.31 -8.08 -15.70
C MET B 671 4.51 -7.14 -15.56
N ILE B 672 4.25 -5.98 -14.96
CA ILE B 672 5.27 -4.95 -14.74
C ILE B 672 5.30 -4.64 -13.26
N LEU B 673 6.49 -4.65 -12.67
CA LEU B 673 6.65 -4.52 -11.23
C LEU B 673 6.85 -3.05 -10.86
N PHE B 674 5.74 -2.32 -10.83
CA PHE B 674 5.76 -0.95 -10.34
C PHE B 674 5.93 -0.93 -8.84
N GLY B 675 6.73 0.02 -8.35
CA GLY B 675 6.93 0.23 -6.94
C GLY B 675 6.54 1.63 -6.53
N GLU B 676 6.69 1.90 -5.23
CA GLU B 676 6.41 3.24 -4.72
C GLU B 676 7.47 4.26 -5.13
N GLU B 677 8.64 3.81 -5.55
CA GLU B 677 9.70 4.68 -6.01
C GLU B 677 9.54 5.06 -7.49
N ASP B 678 8.53 4.53 -8.16
CA ASP B 678 8.22 4.90 -9.52
C ASP B 678 7.09 5.92 -9.62
N VAL B 679 6.57 6.38 -8.49
CA VAL B 679 5.56 7.43 -8.45
C VAL B 679 6.24 8.68 -7.90
N ARG B 680 6.38 9.70 -8.75
CA ARG B 680 7.16 10.88 -8.42
C ARG B 680 6.24 12.03 -8.03
N VAL B 681 6.34 12.47 -6.78
CA VAL B 681 5.44 13.46 -6.20
C VAL B 681 6.14 14.82 -6.18
N ALA B 682 5.45 15.85 -6.68
CA ALA B 682 5.94 17.21 -6.64
C ALA B 682 4.88 18.15 -6.09
N ASN B 683 5.34 19.28 -5.54
CA ASN B 683 4.53 20.42 -5.12
C ASN B 683 3.52 20.06 -4.03
N LEU B 684 4.03 19.63 -2.88
CA LEU B 684 3.17 19.25 -1.77
C LEU B 684 2.72 20.50 -1.02
N LYS B 685 1.42 20.72 -0.92
CA LYS B 685 0.88 21.89 -0.22
C LYS B 685 0.18 21.55 1.09
N PRO B 686 -0.20 22.63 1.88
CA PRO B 686 -0.88 22.27 3.14
C PRO B 686 -2.32 21.83 2.92
N ARG B 687 -3.03 22.43 1.98
CA ARG B 687 -4.41 22.03 1.71
C ARG B 687 -4.42 20.53 1.42
N ILE B 688 -3.25 20.00 1.08
CA ILE B 688 -3.06 18.61 0.74
C ILE B 688 -3.34 18.50 -0.75
N SER B 689 -2.33 18.86 -1.53
CA SER B 689 -2.39 18.81 -2.97
C SER B 689 -0.98 18.63 -3.48
N PHE B 690 -0.84 17.82 -4.52
CA PHE B 690 0.44 17.51 -5.13
C PHE B 690 0.17 17.06 -6.55
N ASN B 691 1.23 16.98 -7.34
CA ASN B 691 1.19 16.38 -8.65
C ASN B 691 1.96 15.07 -8.60
N PHE B 692 1.57 14.13 -9.46
CA PHE B 692 2.34 12.90 -9.57
C PHE B 692 2.34 12.43 -11.01
N PHE B 693 3.41 11.73 -11.38
CA PHE B 693 3.48 11.03 -12.65
C PHE B 693 4.18 9.70 -12.40
N VAL B 694 3.94 8.75 -13.30
CA VAL B 694 4.37 7.37 -13.13
C VAL B 694 5.47 7.08 -14.15
N THR B 695 6.50 6.34 -13.71
CA THR B 695 7.68 6.04 -14.50
C THR B 695 7.85 4.52 -14.56
N ALA B 696 8.36 4.02 -15.69
CA ALA B 696 8.72 2.61 -15.84
C ALA B 696 9.77 2.22 -14.79
N PRO B 697 9.75 0.93 -14.30
CA PRO B 697 10.40 0.59 -13.01
C PRO B 697 11.88 0.91 -12.81
N LYS B 698 12.72 0.76 -13.82
CA LYS B 698 14.09 1.27 -13.70
C LYS B 698 14.51 2.19 -14.83
N ASN B 699 13.72 2.30 -15.90
CA ASN B 699 13.97 3.29 -16.93
C ASN B 699 13.41 4.63 -16.48
N VAL B 700 14.29 5.51 -16.00
CA VAL B 700 13.89 6.83 -15.52
C VAL B 700 13.43 7.75 -16.65
N SER B 701 13.80 7.45 -17.90
CA SER B 701 13.43 8.27 -19.04
C SER B 701 12.05 7.94 -19.60
N ASP B 702 11.43 6.86 -19.14
CA ASP B 702 10.17 6.37 -19.70
C ASP B 702 9.05 6.80 -18.75
N ILE B 703 8.30 7.80 -19.17
CA ILE B 703 7.13 8.27 -18.44
C ILE B 703 5.90 7.64 -19.07
N ILE B 704 5.10 6.96 -18.25
CA ILE B 704 3.81 6.44 -18.69
C ILE B 704 2.91 7.62 -19.06
N PRO B 705 2.20 7.59 -20.19
CA PRO B 705 1.38 8.73 -20.59
C PRO B 705 0.22 8.98 -19.66
N ARG B 706 -0.31 10.20 -19.73
CA ARG B 706 -1.37 10.62 -18.83
C ARG B 706 -2.68 9.91 -19.13
N THR B 707 -2.90 9.52 -20.38
CA THR B 707 -4.13 8.83 -20.75
C THR B 707 -4.17 7.40 -20.25
N GLU B 708 -3.02 6.76 -20.03
CA GLU B 708 -2.98 5.41 -19.49
C GLU B 708 -3.03 5.36 -17.98
N VAL B 709 -2.66 6.45 -17.31
CA VAL B 709 -2.76 6.50 -15.86
C VAL B 709 -4.19 6.85 -15.45
N GLU B 710 -4.89 7.65 -16.28
CA GLU B 710 -6.30 7.93 -16.02
C GLU B 710 -7.16 6.68 -16.17
N LYS B 711 -6.82 5.81 -17.12
CA LYS B 711 -7.56 4.57 -17.28
C LYS B 711 -7.25 3.59 -16.16
N ALA B 712 -6.04 3.66 -15.60
CA ALA B 712 -5.67 2.79 -14.50
C ALA B 712 -6.30 3.23 -13.19
N ILE B 713 -6.47 4.54 -13.00
CA ILE B 713 -7.06 5.04 -11.77
C ILE B 713 -8.57 4.85 -11.79
N ARG B 714 -9.21 4.97 -12.97
CA ARG B 714 -10.64 4.68 -13.09
C ARG B 714 -10.96 3.22 -12.82
N MET B 715 -10.02 2.32 -13.08
CA MET B 715 -10.27 0.90 -12.85
C MET B 715 -10.24 0.56 -11.36
N SER B 716 -9.45 1.30 -10.58
CA SER B 716 -9.23 0.99 -9.18
C SER B 716 -9.51 2.17 -8.26
N ARG B 717 -10.44 3.05 -8.64
CA ARG B 717 -10.72 4.21 -7.81
C ARG B 717 -11.46 3.82 -6.54
N SER B 718 -12.33 2.82 -6.62
CA SER B 718 -13.05 2.34 -5.44
C SER B 718 -12.15 1.66 -4.43
N ARG B 719 -10.99 1.16 -4.88
CA ARG B 719 -10.05 0.52 -3.98
C ARG B 719 -9.13 1.53 -3.30
N ILE B 720 -8.79 2.62 -3.99
CA ILE B 720 -7.95 3.66 -3.39
C ILE B 720 -8.76 4.47 -2.38
N ASN B 721 -10.05 4.66 -2.64
CA ASN B 721 -10.91 5.39 -1.71
C ASN B 721 -11.06 4.66 -0.38
N ASP B 722 -11.16 3.34 -0.42
CA ASP B 722 -11.37 2.56 0.79
C ASP B 722 -10.12 2.50 1.66
N ALA B 723 -8.94 2.65 1.07
CA ALA B 723 -7.71 2.62 1.86
C ALA B 723 -7.52 3.90 2.68
N PHE B 724 -8.22 4.98 2.33
CA PHE B 724 -8.09 6.24 3.04
C PHE B 724 -9.41 6.73 3.63
N ARG B 725 -10.50 5.98 3.46
CA ARG B 725 -11.85 6.32 3.88
C ARG B 725 -12.35 7.63 3.25
N LEU B 726 -12.17 7.77 1.96
CA LEU B 726 -12.64 8.92 1.21
C LEU B 726 -13.71 8.48 0.22
N ASN B 727 -14.42 9.45 -0.36
CA ASN B 727 -15.67 9.12 -1.05
C ASN B 727 -15.88 9.87 -2.37
N ASP B 728 -14.82 10.04 -3.16
CA ASP B 728 -14.80 10.61 -4.52
C ASP B 728 -15.15 12.10 -4.58
N ASN B 729 -15.51 12.71 -3.45
CA ASN B 729 -15.58 14.14 -3.30
C ASN B 729 -14.53 14.66 -2.35
N SER B 730 -13.85 13.77 -1.63
CA SER B 730 -12.75 14.13 -0.76
C SER B 730 -11.42 13.64 -1.30
N LEU B 731 -11.43 12.88 -2.39
CA LEU B 731 -10.22 12.43 -3.08
C LEU B 731 -10.46 12.73 -4.55
N GLU B 732 -10.01 13.89 -5.01
CA GLU B 732 -10.25 14.33 -6.37
C GLU B 732 -8.98 14.16 -7.20
N PHE B 733 -9.12 13.48 -8.33
CA PHE B 733 -8.10 13.47 -9.36
C PHE B 733 -8.58 14.45 -10.43
N LEU B 734 -7.90 15.60 -10.51
CA LEU B 734 -8.37 16.70 -11.34
C LEU B 734 -8.20 16.36 -12.82
N GLY B 735 -9.31 16.31 -13.55
CA GLY B 735 -9.32 15.81 -14.90
C GLY B 735 -9.96 14.45 -15.06
N ILE B 736 -10.27 13.77 -13.96
CA ILE B 736 -10.95 12.48 -13.98
C ILE B 736 -12.27 12.65 -13.24
N GLN B 737 -13.38 12.31 -13.89
CA GLN B 737 -14.67 12.55 -13.29
C GLN B 737 -15.45 11.25 -13.11
N PRO B 738 -16.24 11.13 -12.05
CA PRO B 738 -17.17 9.98 -11.95
C PRO B 738 -18.29 10.10 -12.97
N THR B 739 -18.65 8.96 -13.57
CA THR B 739 -19.52 9.00 -14.75
C THR B 739 -20.87 8.29 -14.59
N LEU B 740 -20.85 7.03 -14.15
CA LEU B 740 -21.99 6.12 -14.28
C LEU B 740 -23.07 6.35 -13.23
N GLY B 741 -23.95 5.35 -13.07
CA GLY B 741 -24.97 5.33 -12.04
C GLY B 741 -26.41 5.70 -12.40
N PRO B 742 -27.04 5.00 -13.34
CA PRO B 742 -28.44 5.30 -13.66
C PRO B 742 -29.39 4.83 -12.59
N PRO B 743 -30.33 5.69 -12.16
CA PRO B 743 -31.25 5.30 -11.07
C PRO B 743 -32.56 4.72 -11.55
N ASN B 744 -33.19 3.90 -10.70
CA ASN B 744 -34.46 3.27 -11.02
C ASN B 744 -34.67 2.00 -10.22
N GLN B 745 -35.88 1.44 -10.34
CA GLN B 745 -36.25 0.21 -9.64
C GLN B 745 -37.75 -0.02 -9.77
N PRO B 746 -38.55 1.03 -9.79
CA PRO B 746 -40.00 0.85 -9.88
C PRO B 746 -40.36 0.17 -11.21
N PRO B 747 -40.87 -1.07 -11.19
CA PRO B 747 -41.19 -1.67 -12.48
C PRO B 747 -42.69 -1.56 -12.74
N VAL B 748 -43.28 -0.45 -12.27
CA VAL B 748 -44.71 -0.24 -12.46
C VAL B 748 -45.16 1.17 -12.11
N SER B 749 -44.32 1.91 -11.39
CA SER B 749 -44.67 3.28 -11.00
C SER B 749 -45.59 3.21 -9.80
N ILE B 750 -45.03 3.36 -8.61
CA ILE B 750 -45.81 3.27 -7.38
C ILE B 750 -46.99 4.22 -7.30
N TRP B 751 -47.06 5.23 -8.16
CA TRP B 751 -48.19 6.15 -8.09
C TRP B 751 -49.45 5.59 -8.75
N LEU B 752 -49.31 4.63 -9.65
CA LEU B 752 -50.49 4.01 -10.25
C LEU B 752 -51.14 2.96 -9.34
N ILE B 753 -50.36 2.34 -8.44
CA ILE B 753 -50.95 1.42 -7.49
C ILE B 753 -51.78 2.17 -6.45
N VAL B 754 -51.22 3.26 -5.91
CA VAL B 754 -51.93 4.04 -4.91
C VAL B 754 -53.14 4.73 -5.51
N PHE B 755 -53.07 5.09 -6.78
CA PHE B 755 -54.24 5.60 -7.45
C PHE B 755 -55.29 4.52 -7.63
N GLY B 756 -54.87 3.31 -7.98
CA GLY B 756 -55.80 2.23 -8.22
C GLY B 756 -56.51 1.74 -6.97
N VAL B 757 -55.92 1.94 -5.80
CA VAL B 757 -56.56 1.57 -4.55
C VAL B 757 -57.50 2.69 -4.14
N VAL B 758 -57.06 3.94 -4.28
CA VAL B 758 -57.89 5.08 -3.90
C VAL B 758 -59.08 5.28 -4.84
N MET B 759 -58.89 5.15 -6.14
CA MET B 759 -60.03 5.23 -7.06
C MET B 759 -60.92 3.99 -6.95
N GLY B 760 -60.40 2.89 -6.41
CA GLY B 760 -61.23 1.73 -6.19
C GLY B 760 -62.11 1.83 -4.97
N VAL B 761 -61.61 2.48 -3.90
CA VAL B 761 -62.40 2.58 -2.69
C VAL B 761 -63.40 3.73 -2.80
N ILE B 762 -63.21 4.61 -3.80
CA ILE B 762 -64.20 5.67 -4.03
C ILE B 762 -65.36 5.15 -4.87
N VAL B 763 -65.06 4.46 -5.97
CA VAL B 763 -66.10 4.04 -6.90
C VAL B 763 -66.98 2.92 -6.33
N VAL B 764 -66.54 2.22 -5.28
CA VAL B 764 -67.44 1.30 -4.60
C VAL B 764 -68.16 2.01 -3.45
N GLY B 765 -67.64 3.14 -2.99
CA GLY B 765 -68.32 3.90 -1.97
C GLY B 765 -69.51 4.69 -2.49
N ILE B 766 -69.57 4.92 -3.79
CA ILE B 766 -70.73 5.56 -4.38
C ILE B 766 -71.83 4.55 -4.67
N VAL B 767 -71.48 3.29 -4.93
CA VAL B 767 -72.54 2.32 -5.18
C VAL B 767 -73.06 1.72 -3.87
N ILE B 768 -72.45 2.07 -2.74
CA ILE B 768 -73.11 1.81 -1.47
C ILE B 768 -74.05 2.96 -1.12
N LEU B 769 -73.61 4.19 -1.34
CA LEU B 769 -74.42 5.35 -1.01
C LEU B 769 -75.53 5.62 -2.02
N ILE B 770 -75.54 4.94 -3.16
CA ILE B 770 -76.70 5.04 -4.05
C ILE B 770 -77.73 3.97 -3.70
N PHE B 771 -77.29 2.75 -3.40
CA PHE B 771 -78.24 1.71 -3.06
C PHE B 771 -78.79 1.86 -1.66
N THR B 772 -78.14 2.65 -0.82
CA THR B 772 -78.66 2.88 0.52
C THR B 772 -79.82 3.86 0.38
N GLY B 773 -79.62 4.91 -0.39
CA GLY B 773 -80.65 5.91 -0.62
C GLY B 773 -81.91 5.27 -1.16
N ILE B 774 -81.75 4.40 -2.15
CA ILE B 774 -82.88 3.72 -2.76
C ILE B 774 -83.49 2.74 -1.77
N ARG B 775 -82.64 1.93 -1.14
CA ARG B 775 -83.12 0.97 -0.16
C ARG B 775 -83.41 1.71 1.14
N ASP B 776 -83.74 3.00 1.00
CA ASP B 776 -84.04 3.84 2.15
C ASP B 776 -85.22 4.77 1.85
N ARG B 777 -85.57 4.89 0.59
CA ARG B 777 -86.69 5.75 0.21
C ARG B 777 -87.52 5.13 -0.92
N CYS C 18 104.23 38.97 -0.64
CA CYS C 18 102.80 38.81 -0.44
C CYS C 18 102.35 37.38 -0.80
N PRO C 19 101.94 36.62 0.22
CA PRO C 19 101.49 35.25 0.02
C PRO C 19 99.98 35.22 -0.05
N PHE C 20 99.37 35.49 -1.20
CA PHE C 20 97.92 35.51 -1.24
C PHE C 20 97.30 34.11 -1.28
N GLY C 21 98.17 33.11 -1.33
CA GLY C 21 97.79 31.73 -1.37
C GLY C 21 96.61 31.43 -0.47
N GLU C 22 96.86 31.22 0.81
CA GLU C 22 95.78 30.93 1.73
C GLU C 22 94.69 32.00 1.58
N VAL C 23 95.01 33.19 2.05
CA VAL C 23 94.11 34.35 2.02
C VAL C 23 93.07 34.36 0.91
N PHE C 24 93.33 33.62 -0.17
CA PHE C 24 92.35 33.60 -1.25
C PHE C 24 91.87 32.20 -1.61
N ASN C 25 92.80 31.34 -2.03
CA ASN C 25 92.46 29.98 -2.41
C ASN C 25 92.36 29.01 -1.24
N ALA C 26 91.69 29.44 -0.17
CA ALA C 26 91.53 28.58 1.00
C ALA C 26 90.51 27.48 0.73
N THR C 27 90.68 26.36 1.43
CA THR C 27 89.73 25.27 1.29
C THR C 27 88.49 25.45 2.16
N ARG C 28 88.60 26.23 3.24
CA ARG C 28 87.47 26.47 4.13
C ARG C 28 87.55 27.90 4.63
N PHE C 29 86.54 28.70 4.30
CA PHE C 29 86.51 30.09 4.73
C PHE C 29 86.13 30.22 6.20
N ALA C 30 85.81 31.43 6.63
CA ALA C 30 85.43 31.68 8.01
C ALA C 30 84.01 32.24 8.11
N SER C 31 83.36 31.96 9.22
CA SER C 31 81.98 32.43 9.44
C SER C 31 81.88 33.94 9.21
N VAL C 32 80.66 34.46 9.26
CA VAL C 32 80.41 35.88 9.06
C VAL C 32 80.42 36.64 10.38
N TYR C 33 80.12 35.92 11.47
CA TYR C 33 80.09 36.52 12.79
C TYR C 33 81.42 36.44 13.51
N ALA C 34 82.33 35.59 13.07
CA ALA C 34 83.71 35.61 13.53
C ALA C 34 84.60 35.59 12.29
N TRP C 35 84.75 36.73 11.65
CA TRP C 35 85.51 36.79 10.41
C TRP C 35 86.96 36.56 10.72
N ASN C 36 87.74 36.30 9.68
CA ASN C 36 89.15 36.15 10.00
C ASN C 36 89.84 37.49 9.88
N ARG C 37 91.14 37.52 10.19
CA ARG C 37 91.88 38.76 10.08
C ARG C 37 93.35 38.43 9.85
N LYS C 38 93.79 38.51 8.60
CA LYS C 38 95.18 38.25 8.26
C LYS C 38 95.85 39.61 8.08
N ARG C 39 97.05 39.79 8.65
CA ARG C 39 97.73 41.06 8.55
C ARG C 39 98.87 40.91 7.57
N ILE C 40 98.56 41.10 6.29
CA ILE C 40 99.61 41.13 5.29
C ILE C 40 100.63 42.18 5.68
N SER C 41 101.90 41.91 5.39
CA SER C 41 102.98 42.75 5.89
C SER C 41 103.99 42.94 4.76
N ASN C 42 105.19 43.40 5.10
CA ASN C 42 106.25 43.73 4.15
C ASN C 42 106.41 42.64 3.09
N CYS C 43 106.19 43.01 1.84
CA CYS C 43 106.07 42.06 0.73
C CYS C 43 106.04 42.88 -0.55
N VAL C 44 105.79 42.17 -1.66
CA VAL C 44 105.63 42.77 -2.98
C VAL C 44 104.20 42.38 -3.40
N ALA C 45 103.26 43.30 -3.29
CA ALA C 45 101.87 43.01 -3.60
C ALA C 45 101.55 43.42 -5.02
N ASP C 46 100.92 42.51 -5.76
CA ASP C 46 100.57 42.71 -7.15
C ASP C 46 99.05 42.65 -7.30
N TYR C 47 98.40 43.78 -7.07
CA TYR C 47 96.96 43.82 -7.18
C TYR C 47 96.47 43.70 -8.62
N SER C 48 97.37 43.56 -9.58
CA SER C 48 96.90 43.38 -10.95
C SER C 48 96.39 41.97 -11.18
N VAL C 49 97.08 40.95 -10.65
CA VAL C 49 96.60 39.59 -10.76
C VAL C 49 95.22 39.46 -10.13
N LEU C 50 94.94 40.29 -9.14
CA LEU C 50 93.59 40.34 -8.61
C LEU C 50 92.68 41.07 -9.57
N TYR C 51 93.03 42.28 -9.93
CA TYR C 51 92.10 43.18 -10.62
C TYR C 51 91.63 42.60 -11.94
N ASN C 52 92.49 41.88 -12.65
CA ASN C 52 92.14 41.41 -13.98
C ASN C 52 91.75 39.95 -14.01
N SER C 53 91.56 39.33 -12.85
CA SER C 53 91.34 37.89 -12.87
C SER C 53 89.97 37.51 -13.39
N ALA C 54 89.04 38.47 -13.49
CA ALA C 54 87.74 38.27 -14.12
C ALA C 54 86.93 37.17 -13.47
N SER C 55 87.45 36.56 -12.41
CA SER C 55 86.72 35.56 -11.67
C SER C 55 85.91 36.15 -10.54
N PHE C 56 86.08 37.43 -10.26
CA PHE C 56 85.43 38.10 -9.15
C PHE C 56 84.15 38.73 -9.64
N SER C 57 83.07 38.47 -8.92
CA SER C 57 81.81 39.09 -9.27
C SER C 57 81.69 40.51 -8.76
N THR C 58 82.50 40.91 -7.80
CA THR C 58 82.41 42.26 -7.26
C THR C 58 83.80 42.71 -6.88
N PHE C 59 84.27 43.82 -7.43
CA PHE C 59 85.57 44.37 -7.07
C PHE C 59 85.44 45.87 -6.97
N LYS C 60 85.09 46.38 -5.80
CA LYS C 60 84.92 47.81 -5.62
C LYS C 60 86.08 48.35 -4.82
N CYS C 61 86.61 49.50 -5.23
CA CYS C 61 87.65 50.16 -4.47
C CYS C 61 87.17 51.53 -4.06
N TYR C 62 87.41 51.91 -2.82
CA TYR C 62 86.81 53.11 -2.27
C TYR C 62 87.79 54.23 -2.03
N GLY C 63 88.81 54.02 -1.23
CA GLY C 63 89.75 55.09 -1.00
C GLY C 63 90.50 55.42 -2.26
N VAL C 64 90.67 54.44 -3.13
CA VAL C 64 91.61 54.53 -4.23
C VAL C 64 91.17 53.64 -5.37
N SER C 65 91.09 54.21 -6.57
CA SER C 65 90.67 53.45 -7.75
C SER C 65 91.64 52.30 -8.00
N PRO C 66 91.17 51.21 -8.61
CA PRO C 66 91.96 49.97 -8.60
C PRO C 66 93.26 50.00 -9.36
N THR C 67 93.32 50.68 -10.50
CA THR C 67 94.51 50.57 -11.35
C THR C 67 95.74 51.22 -10.73
N LYS C 68 95.56 52.13 -9.77
CA LYS C 68 96.67 52.82 -9.13
C LYS C 68 97.13 52.13 -7.85
N LEU C 69 96.73 50.88 -7.64
CA LEU C 69 97.18 50.18 -6.44
C LEU C 69 98.61 49.70 -6.59
N ASN C 70 98.97 49.27 -7.80
CA ASN C 70 100.32 48.78 -8.07
C ASN C 70 101.31 49.92 -8.30
N ASP C 71 101.07 51.04 -7.64
CA ASP C 71 101.93 52.21 -7.77
C ASP C 71 101.98 53.01 -6.47
N LEU C 72 101.48 52.41 -5.39
CA LEU C 72 101.45 53.08 -4.09
C LEU C 72 102.02 52.17 -3.00
N CYS C 73 102.38 52.76 -1.87
CA CYS C 73 102.93 52.01 -0.75
C CYS C 73 102.30 52.45 0.57
N PHE C 74 101.98 51.47 1.41
CA PHE C 74 101.38 51.75 2.71
C PHE C 74 102.20 51.14 3.84
N THR C 75 101.61 51.10 5.04
CA THR C 75 102.28 50.54 6.21
C THR C 75 101.82 49.11 6.48
N ASN C 76 100.52 48.89 6.38
CA ASN C 76 99.95 47.57 6.62
C ASN C 76 98.76 47.38 5.70
N VAL C 77 98.54 46.14 5.28
CA VAL C 77 97.33 45.74 4.60
C VAL C 77 96.70 44.69 5.46
N TYR C 78 95.43 44.82 5.74
CA TYR C 78 94.73 43.76 6.44
C TYR C 78 93.79 43.09 5.46
N ALA C 79 93.56 41.81 5.63
CA ALA C 79 92.62 41.10 4.78
C ALA C 79 91.65 40.35 5.67
N ASP C 80 90.37 40.68 5.55
CA ASP C 80 89.35 39.99 6.32
C ASP C 80 88.55 39.07 5.40
N SER C 81 88.16 37.92 5.91
CA SER C 81 87.56 36.89 5.09
C SER C 81 86.32 36.34 5.75
N PHE C 82 85.26 36.11 4.96
CA PHE C 82 84.07 35.45 5.49
C PHE C 82 83.16 35.03 4.35
N VAL C 83 81.98 34.53 4.71
CA VAL C 83 81.02 33.96 3.77
C VAL C 83 79.64 34.48 4.12
N ILE C 84 78.92 35.01 3.14
CA ILE C 84 77.58 35.55 3.37
C ILE C 84 76.66 35.07 2.26
N ARG C 85 75.43 35.57 2.28
CA ARG C 85 74.45 35.23 1.26
C ARG C 85 74.83 36.01 0.01
N GLY C 86 74.10 35.82 -1.08
CA GLY C 86 74.41 36.50 -2.31
C GLY C 86 73.99 37.94 -2.32
N ASP C 87 72.85 38.25 -1.71
CA ASP C 87 72.34 39.60 -1.78
C ASP C 87 72.66 40.41 -0.55
N GLU C 88 73.64 39.94 0.22
CA GLU C 88 74.09 40.64 1.40
C GLU C 88 75.45 41.28 1.08
N VAL C 89 75.89 41.20 -0.17
CA VAL C 89 77.18 41.80 -0.51
C VAL C 89 77.06 43.29 -0.65
N ARG C 90 75.84 43.83 -0.63
CA ARG C 90 75.70 45.26 -0.73
C ARG C 90 75.72 45.93 0.63
N GLN C 91 75.83 45.17 1.71
CA GLN C 91 76.02 45.78 3.01
C GLN C 91 77.47 45.83 3.42
N ILE C 92 78.37 45.28 2.61
CA ILE C 92 79.81 45.41 2.87
C ILE C 92 80.27 46.64 2.10
N ALA C 93 80.08 47.78 2.70
CA ALA C 93 80.37 49.06 2.08
C ALA C 93 80.29 50.11 3.15
N PRO C 94 80.96 51.26 3.02
CA PRO C 94 80.92 52.25 4.09
C PRO C 94 79.55 52.91 4.14
N GLY C 95 78.97 52.94 5.34
CA GLY C 95 77.67 53.54 5.50
C GLY C 95 76.51 52.73 5.00
N GLN C 96 76.26 51.56 5.55
CA GLN C 96 75.09 50.75 5.26
C GLN C 96 74.46 50.29 6.56
N THR C 97 73.29 49.66 6.43
CA THR C 97 72.58 49.08 7.56
C THR C 97 71.99 47.75 7.14
N GLY C 98 71.59 46.96 8.14
CA GLY C 98 71.16 45.60 7.91
C GLY C 98 71.83 44.65 8.90
N LYS C 99 71.23 43.47 9.01
CA LYS C 99 71.67 42.43 9.93
C LYS C 99 73.15 42.12 9.87
N ILE C 100 73.77 42.34 8.71
CA ILE C 100 75.18 42.04 8.57
C ILE C 100 76.01 43.23 9.01
N ALA C 101 75.74 44.41 8.46
CA ALA C 101 76.56 45.57 8.78
C ALA C 101 76.26 46.11 10.16
N ASP C 102 75.06 45.84 10.69
CA ASP C 102 74.76 46.33 12.03
C ASP C 102 75.57 45.59 13.06
N TYR C 103 75.34 44.30 13.22
CA TYR C 103 76.16 43.52 14.11
C TYR C 103 76.57 42.21 13.46
N ASN C 104 77.46 42.27 12.49
CA ASN C 104 78.37 41.17 12.21
C ASN C 104 79.73 41.70 11.81
N TYR C 105 79.74 42.72 10.96
CA TYR C 105 80.97 43.25 10.39
C TYR C 105 80.71 44.66 9.89
N LYS C 106 81.29 45.65 10.55
CA LYS C 106 81.04 47.04 10.23
C LYS C 106 82.31 47.68 9.71
N LEU C 107 82.20 48.38 8.59
CA LEU C 107 83.23 49.11 7.85
C LEU C 107 83.20 50.59 8.22
N PRO C 108 84.31 51.21 8.56
CA PRO C 108 84.27 52.61 8.98
C PRO C 108 83.78 53.49 7.85
N ASP C 109 83.51 54.74 8.18
CA ASP C 109 82.88 55.62 7.22
C ASP C 109 83.86 56.31 6.30
N ASP C 110 85.15 56.21 6.56
CA ASP C 110 86.19 56.69 5.65
C ASP C 110 87.08 55.56 5.19
N PHE C 111 86.49 54.46 4.80
CA PHE C 111 87.22 53.27 4.40
C PHE C 111 88.23 53.62 3.33
N THR C 112 89.27 52.82 3.21
CA THR C 112 90.31 53.08 2.23
C THR C 112 90.56 51.94 1.25
N GLY C 113 90.25 50.72 1.61
CA GLY C 113 90.68 49.58 0.84
C GLY C 113 89.79 49.24 -0.31
N CYS C 114 89.66 47.94 -0.58
CA CYS C 114 88.77 47.44 -1.60
C CYS C 114 88.05 46.20 -1.12
N VAL C 115 86.91 45.92 -1.71
CA VAL C 115 86.04 44.82 -1.33
C VAL C 115 85.93 43.91 -2.54
N ILE C 116 86.20 42.63 -2.34
CA ILE C 116 86.18 41.65 -3.43
C ILE C 116 85.24 40.51 -3.03
N ALA C 117 84.48 40.01 -4.00
CA ALA C 117 83.50 38.99 -3.67
C ALA C 117 83.24 38.11 -4.88
N TRP C 118 83.09 36.82 -4.64
CA TRP C 118 82.80 35.92 -5.74
C TRP C 118 81.91 34.77 -5.28
N ASN C 119 81.11 34.26 -6.20
CA ASN C 119 80.17 33.21 -5.88
C ASN C 119 80.90 31.91 -5.62
N SER C 120 80.40 31.14 -4.66
CA SER C 120 81.02 29.88 -4.30
C SER C 120 79.98 28.83 -4.04
N ASN C 121 79.00 28.70 -4.94
CA ASN C 121 77.92 27.76 -4.67
C ASN C 121 78.40 26.33 -4.59
N ASN C 122 79.36 25.95 -5.42
CA ASN C 122 79.73 24.55 -5.51
C ASN C 122 80.59 24.08 -4.36
N LEU C 123 81.26 25.00 -3.66
CA LEU C 123 82.13 24.64 -2.57
C LEU C 123 81.44 24.61 -1.23
N ASP C 124 80.52 25.52 -0.97
CA ASP C 124 80.01 25.73 0.37
C ASP C 124 78.60 25.21 0.57
N SER C 125 77.86 24.94 -0.48
CA SER C 125 76.50 24.48 -0.37
C SER C 125 76.43 22.99 -0.62
N LYS C 126 75.75 22.28 0.26
CA LYS C 126 75.70 20.82 0.15
C LYS C 126 74.28 20.35 0.32
N VAL C 127 73.94 19.30 -0.42
CA VAL C 127 72.59 18.76 -0.41
C VAL C 127 72.18 18.41 1.01
N GLY C 128 70.95 18.73 1.36
CA GLY C 128 70.48 18.59 2.71
C GLY C 128 70.73 19.80 3.57
N GLY C 129 71.50 20.75 3.09
CA GLY C 129 71.69 21.98 3.82
C GLY C 129 72.98 22.02 4.60
N ASN C 130 73.81 23.01 4.35
CA ASN C 130 75.07 23.19 5.05
C ASN C 130 74.79 24.12 6.23
N TYR C 131 74.61 23.53 7.40
CA TYR C 131 74.26 24.30 8.60
C TYR C 131 75.48 24.69 9.42
N ASN C 132 76.62 24.86 8.80
CA ASN C 132 77.82 25.24 9.54
C ASN C 132 78.18 26.69 9.38
N TYR C 133 77.39 27.47 8.66
CA TYR C 133 77.68 28.87 8.40
C TYR C 133 76.64 29.71 9.12
N LEU C 134 77.01 30.28 10.26
CA LEU C 134 76.09 30.99 11.11
C LEU C 134 76.29 32.48 10.97
N TYR C 135 75.34 33.24 11.50
CA TYR C 135 75.46 34.67 11.61
C TYR C 135 74.70 35.12 12.83
N ARG C 136 75.07 36.29 13.35
CA ARG C 136 74.43 36.84 14.53
C ARG C 136 73.26 37.70 14.10
N LEU C 137 72.13 37.53 14.75
CA LEU C 137 70.95 38.27 14.36
C LEU C 137 70.35 39.09 15.48
N PHE C 138 70.93 39.09 16.67
CA PHE C 138 70.49 39.94 17.76
C PHE C 138 71.69 40.49 18.50
N ARG C 139 71.72 41.80 18.73
CA ARG C 139 72.75 42.36 19.57
C ARG C 139 72.20 43.60 20.25
N LYS C 140 72.81 43.94 21.39
CA LYS C 140 72.38 45.13 22.13
C LYS C 140 72.60 46.40 21.33
N SER C 141 73.74 46.54 20.68
CA SER C 141 74.07 47.78 20.01
C SER C 141 74.97 47.49 18.81
N ASN C 142 74.80 48.29 17.77
CA ASN C 142 75.55 48.10 16.56
C ASN C 142 77.05 48.16 16.83
N LEU C 143 77.81 47.49 15.99
CA LEU C 143 79.24 47.35 16.21
C LEU C 143 79.96 48.66 15.92
N LYS C 144 81.06 48.87 16.62
CA LYS C 144 82.01 49.86 16.17
C LYS C 144 82.72 49.33 14.94
N PRO C 145 83.24 50.18 14.08
CA PRO C 145 83.91 49.68 12.87
C PRO C 145 85.06 48.76 13.23
N PHE C 146 85.11 47.62 12.56
CA PHE C 146 86.18 46.63 12.71
C PHE C 146 86.17 45.99 14.08
N GLU C 147 85.03 46.03 14.76
CA GLU C 147 84.89 45.39 16.05
C GLU C 147 84.30 43.99 15.84
N ARG C 148 84.60 43.09 16.78
CA ARG C 148 84.29 41.68 16.61
C ARG C 148 83.71 41.12 17.90
N ASP C 149 82.74 40.22 17.78
CA ASP C 149 81.95 39.79 18.93
C ASP C 149 81.57 38.32 18.76
N ILE C 150 82.26 37.43 19.45
CA ILE C 150 82.04 36.00 19.32
C ILE C 150 81.33 35.43 20.54
N SER C 151 80.75 36.27 21.39
CA SER C 151 80.07 35.74 22.56
C SER C 151 78.79 35.02 22.16
N THR C 152 78.20 34.32 23.12
CA THR C 152 76.97 33.60 22.86
C THR C 152 75.94 33.76 23.99
N GLU C 153 76.23 34.64 24.94
CA GLU C 153 75.30 34.87 26.04
C GLU C 153 73.90 35.12 25.50
N ILE C 154 72.92 34.41 26.06
CA ILE C 154 71.53 34.55 25.64
C ILE C 154 71.12 36.00 25.46
N TYR C 155 70.03 36.21 24.74
CA TYR C 155 69.52 37.56 24.51
C TYR C 155 68.65 38.02 25.65
N GLN C 156 67.73 38.93 25.37
CA GLN C 156 66.84 39.45 26.39
C GLN C 156 65.67 40.23 25.79
N ALA C 157 64.49 39.62 25.85
CA ALA C 157 63.29 40.25 25.32
C ALA C 157 62.75 41.25 26.33
N GLY C 158 61.44 41.41 26.38
CA GLY C 158 60.82 42.33 27.32
C GLY C 158 61.41 42.17 28.71
N SER C 159 61.21 43.16 29.55
CA SER C 159 61.73 43.13 30.92
C SER C 159 61.47 41.78 31.57
N THR C 160 62.53 41.07 31.90
CA THR C 160 62.43 39.76 32.52
C THR C 160 63.78 39.10 32.74
N PRO C 161 63.82 38.17 33.78
CA PRO C 161 65.15 37.56 33.97
C PRO C 161 65.54 36.68 32.78
N CYS C 162 65.15 35.42 32.82
CA CYS C 162 65.44 34.46 31.75
C CYS C 162 66.82 33.82 31.92
N ASN C 163 67.20 33.55 33.17
CA ASN C 163 68.49 32.96 33.46
C ASN C 163 68.82 31.80 32.53
N GLY C 164 69.56 32.10 31.47
CA GLY C 164 69.98 31.11 30.49
C GLY C 164 68.92 30.07 30.18
N VAL C 165 68.03 30.40 29.25
CA VAL C 165 66.97 29.48 28.85
C VAL C 165 65.98 30.15 27.91
N GLU C 166 65.78 29.57 26.74
CA GLU C 166 64.86 30.16 25.78
C GLU C 166 63.50 30.31 26.41
N GLY C 167 62.52 30.75 25.63
CA GLY C 167 61.17 30.93 26.12
C GLY C 167 60.58 32.25 25.68
N PHE C 168 59.39 32.56 26.18
CA PHE C 168 58.72 33.80 25.84
C PHE C 168 59.65 35.00 25.84
N ASN C 169 59.81 35.63 24.68
CA ASN C 169 60.67 36.79 24.56
C ASN C 169 62.07 36.54 25.09
N CYS C 170 62.85 35.77 24.35
CA CYS C 170 64.21 35.44 24.73
C CYS C 170 64.65 34.24 23.92
N TYR C 171 65.88 34.26 23.43
CA TYR C 171 66.37 33.15 22.61
C TYR C 171 67.79 33.36 22.13
N PHE C 172 68.42 32.25 21.75
CA PHE C 172 69.79 32.25 21.25
C PHE C 172 70.00 33.40 20.30
N PRO C 173 71.25 33.82 20.13
CA PRO C 173 71.54 34.93 19.21
C PRO C 173 72.13 34.54 17.87
N LEU C 174 72.32 33.26 17.55
CA LEU C 174 72.95 32.87 16.31
C LEU C 174 72.01 32.03 15.47
N GLN C 175 71.96 32.30 14.18
CA GLN C 175 71.15 31.51 13.28
C GLN C 175 72.12 30.90 12.28
N SER C 176 71.64 30.03 11.42
CA SER C 176 72.50 29.40 10.43
C SER C 176 71.84 29.45 9.07
N TYR C 177 72.58 29.93 8.09
CA TYR C 177 72.20 29.77 6.69
C TYR C 177 72.10 28.28 6.42
N GLY C 178 70.95 27.81 5.97
CA GLY C 178 70.98 26.45 5.49
C GLY C 178 71.17 26.48 4.00
N PHE C 179 72.40 26.40 3.54
CA PHE C 179 72.66 26.54 2.12
C PHE C 179 72.35 25.24 1.41
N GLN C 180 71.72 25.34 0.25
CA GLN C 180 71.37 24.17 -0.55
C GLN C 180 71.83 24.47 -1.96
N PRO C 181 72.15 23.43 -2.74
CA PRO C 181 72.61 23.71 -4.09
C PRO C 181 71.52 24.15 -5.03
N THR C 182 70.27 23.83 -4.75
CA THR C 182 69.16 24.29 -5.59
C THR C 182 68.54 25.56 -5.04
N ASN C 183 69.38 26.57 -4.77
CA ASN C 183 68.89 27.84 -4.27
C ASN C 183 69.08 28.98 -5.27
N GLY C 184 68.02 29.70 -5.57
CA GLY C 184 68.13 30.80 -6.51
C GLY C 184 69.30 31.69 -6.16
N VAL C 185 69.88 32.32 -7.18
CA VAL C 185 70.96 33.25 -6.93
C VAL C 185 70.47 34.32 -5.97
N GLY C 186 71.37 34.87 -5.18
CA GLY C 186 70.95 35.71 -4.09
C GLY C 186 70.58 34.95 -2.85
N TYR C 187 70.77 33.63 -2.91
CA TYR C 187 70.56 32.80 -1.75
C TYR C 187 71.73 31.82 -1.67
N GLN C 188 72.60 31.86 -2.68
CA GLN C 188 73.75 30.99 -2.71
C GLN C 188 74.93 31.66 -2.03
N PRO C 189 75.86 30.89 -1.49
CA PRO C 189 76.91 31.49 -0.69
C PRO C 189 77.91 32.24 -1.52
N TYR C 190 78.31 33.41 -1.04
CA TYR C 190 79.34 34.21 -1.68
C TYR C 190 80.48 34.33 -0.70
N ARG C 191 81.71 34.22 -1.19
CA ARG C 191 82.85 34.44 -0.33
C ARG C 191 83.37 35.84 -0.54
N VAL C 192 83.74 36.50 0.55
CA VAL C 192 84.09 37.91 0.55
C VAL C 192 85.44 38.08 1.21
N VAL C 193 86.26 38.97 0.63
CA VAL C 193 87.55 39.36 1.17
C VAL C 193 87.60 40.88 1.14
N VAL C 194 87.90 41.49 2.27
CA VAL C 194 87.93 42.94 2.39
C VAL C 194 89.37 43.33 2.67
N LEU C 195 90.01 43.99 1.73
CA LEU C 195 91.37 44.47 1.93
C LEU C 195 91.31 45.89 2.45
N SER C 196 92.03 46.15 3.52
CA SER C 196 92.02 47.46 4.14
C SER C 196 93.44 47.95 4.27
N PHE C 197 93.81 48.94 3.49
CA PHE C 197 95.14 49.50 3.54
C PHE C 197 95.18 50.56 4.62
N GLU C 198 96.10 50.45 5.55
CA GLU C 198 96.20 51.45 6.58
C GLU C 198 97.59 52.08 6.57
N LEU C 199 97.66 53.31 7.04
CA LEU C 199 98.93 54.05 7.09
C LEU C 199 99.14 54.72 8.44
N LEU C 200 99.71 53.98 9.38
CA LEU C 200 99.98 54.53 10.71
C LEU C 200 100.94 55.71 10.64
N VAL D 25 -81.18 -44.17 40.49
CA VAL D 25 -81.58 -42.80 40.76
C VAL D 25 -82.28 -42.71 42.10
N LEU D 26 -81.69 -41.96 43.03
CA LEU D 26 -82.34 -41.73 44.32
C LEU D 26 -83.55 -40.82 44.11
N PRO D 27 -84.67 -41.07 44.79
CA PRO D 27 -85.86 -40.21 44.60
C PRO D 27 -85.70 -38.79 45.11
N ASN D 28 -84.64 -38.48 45.88
CA ASN D 28 -84.24 -37.14 46.33
C ASN D 28 -85.37 -36.43 47.06
N PRO D 29 -85.64 -36.79 48.32
CA PRO D 29 -86.83 -36.29 49.02
C PRO D 29 -86.79 -34.78 49.26
N GLY D 30 -87.78 -34.09 48.69
CA GLY D 30 -87.87 -32.65 48.82
C GLY D 30 -87.11 -31.90 47.74
N LEU D 31 -87.09 -32.45 46.52
CA LEU D 31 -86.42 -31.77 45.41
C LEU D 31 -87.21 -30.56 44.96
N ASP D 32 -88.54 -30.69 44.88
CA ASP D 32 -89.36 -29.53 44.61
C ASP D 32 -89.50 -28.68 45.88
N ALA D 33 -90.07 -27.48 45.69
CA ALA D 33 -90.10 -26.40 46.68
C ALA D 33 -88.71 -26.00 47.17
N ARG D 34 -87.68 -26.22 46.34
CA ARG D 34 -86.33 -25.71 46.52
C ARG D 34 -85.82 -25.03 45.26
N ILE D 35 -86.24 -25.51 44.09
CA ILE D 35 -85.84 -24.97 42.80
C ILE D 35 -87.07 -24.31 42.17
N PRO D 36 -86.92 -23.44 41.15
CA PRO D 36 -88.10 -22.99 40.40
C PRO D 36 -88.78 -24.15 39.68
N SER D 37 -90.09 -24.01 39.47
CA SER D 37 -90.93 -25.15 39.17
C SER D 37 -91.57 -25.06 37.78
N LEU D 38 -90.80 -24.65 36.77
CA LEU D 38 -91.06 -24.86 35.34
C LEU D 38 -92.26 -24.08 34.78
N ALA D 39 -93.00 -23.39 35.65
CA ALA D 39 -93.98 -22.40 35.24
C ALA D 39 -93.80 -21.09 35.99
N GLU D 40 -93.06 -21.10 37.08
CA GLU D 40 -92.55 -19.93 37.77
C GLU D 40 -91.39 -19.28 37.01
N LEU D 41 -90.83 -19.96 36.01
CA LEU D 41 -89.66 -19.45 35.29
C LEU D 41 -89.99 -18.27 34.39
N GLU D 42 -91.18 -18.26 33.77
CA GLU D 42 -91.59 -17.09 33.01
C GLU D 42 -91.93 -15.90 33.91
N THR D 43 -92.28 -16.16 35.17
CA THR D 43 -92.59 -15.10 36.12
C THR D 43 -91.35 -14.59 36.84
N ILE D 44 -90.42 -15.47 37.22
CA ILE D 44 -89.24 -15.03 37.96
C ILE D 44 -88.26 -14.26 37.07
N GLU D 45 -88.33 -14.44 35.75
CA GLU D 45 -87.39 -13.76 34.88
C GLU D 45 -87.78 -12.31 34.62
N GLN D 46 -89.06 -11.98 34.80
CA GLN D 46 -89.53 -10.60 34.64
C GLN D 46 -89.42 -9.79 35.92
N GLU D 47 -89.03 -10.41 37.03
CA GLU D 47 -88.78 -9.71 38.28
C GLU D 47 -87.31 -9.69 38.67
N GLU D 48 -86.42 -10.25 37.84
CA GLU D 48 -84.98 -10.18 38.08
C GLU D 48 -84.32 -9.09 37.26
N ALA D 49 -85.05 -8.03 36.92
CA ALA D 49 -84.50 -6.93 36.15
C ALA D 49 -83.74 -5.93 37.01
N SER D 50 -83.71 -6.11 38.32
CA SER D 50 -83.00 -5.20 39.20
C SER D 50 -82.12 -5.90 40.22
N SER D 51 -82.24 -7.22 40.38
CA SER D 51 -81.45 -7.94 41.37
C SER D 51 -80.22 -8.58 40.76
N ARG D 52 -80.39 -9.33 39.67
CA ARG D 52 -79.31 -10.02 39.00
C ARG D 52 -78.93 -9.30 37.71
N PRO D 53 -77.65 -9.31 37.34
CA PRO D 53 -77.22 -8.59 36.13
C PRO D 53 -77.63 -9.33 34.86
N LYS D 54 -77.42 -8.65 33.73
CA LYS D 54 -77.79 -9.18 32.43
C LYS D 54 -76.64 -8.97 31.44
N TRP D 55 -76.76 -9.59 30.28
CA TRP D 55 -75.89 -9.31 29.15
C TRP D 55 -76.54 -8.23 28.29
N ASP D 56 -75.71 -7.45 27.61
CA ASP D 56 -76.24 -6.43 26.72
C ASP D 56 -76.84 -7.04 25.47
N ASN D 57 -76.10 -7.94 24.81
CA ASN D 57 -76.58 -8.65 23.64
C ASN D 57 -76.02 -10.06 23.65
N LYS D 58 -76.30 -10.82 22.60
CA LYS D 58 -75.83 -12.20 22.54
C LYS D 58 -74.34 -12.28 22.28
N ALA D 59 -73.78 -11.30 21.56
CA ALA D 59 -72.37 -11.34 21.22
C ALA D 59 -71.49 -11.04 22.43
N GLN D 60 -72.03 -10.37 23.45
CA GLN D 60 -71.25 -10.14 24.66
C GLN D 60 -71.14 -11.40 25.50
N TYR D 61 -72.06 -12.35 25.31
CA TYR D 61 -72.01 -13.60 26.06
C TYR D 61 -71.12 -14.62 25.38
N MET D 62 -71.09 -14.62 24.06
CA MET D 62 -70.24 -15.57 23.33
C MET D 62 -68.78 -15.20 23.41
N LEU D 63 -68.44 -13.90 23.36
CA LEU D 63 -67.06 -13.47 23.47
C LEU D 63 -66.52 -13.57 24.89
N THR D 64 -67.39 -13.55 25.90
CA THR D 64 -66.95 -13.77 27.26
C THR D 64 -66.67 -15.25 27.52
N CYS D 65 -67.42 -16.12 26.85
CA CYS D 65 -67.26 -17.56 27.09
C CYS D 65 -66.05 -18.11 26.36
N LEU D 66 -65.88 -17.80 25.07
CA LEU D 66 -64.74 -18.33 24.35
C LEU D 66 -63.48 -17.50 24.54
N GLY D 67 -63.54 -16.42 25.32
CA GLY D 67 -62.33 -15.77 25.76
C GLY D 67 -61.83 -16.32 27.08
N PHE D 68 -62.73 -16.90 27.86
CA PHE D 68 -62.38 -17.61 29.10
C PHE D 68 -61.68 -18.93 28.81
N CYS D 69 -61.91 -19.54 27.66
CA CYS D 69 -61.35 -20.85 27.38
C CYS D 69 -60.10 -20.82 26.50
N VAL D 70 -59.77 -19.72 25.85
CA VAL D 70 -58.58 -19.70 25.01
C VAL D 70 -57.46 -18.95 25.72
N GLY D 71 -56.23 -19.35 25.42
CA GLY D 71 -55.06 -18.61 25.84
C GLY D 71 -54.32 -19.18 27.03
N LEU D 72 -52.99 -19.22 26.91
CA LEU D 72 -52.05 -19.60 27.97
C LEU D 72 -52.33 -21.02 28.47
N GLY D 73 -52.02 -21.96 27.59
CA GLY D 73 -52.42 -23.35 27.75
C GLY D 73 -52.63 -23.93 26.37
N ASN D 74 -52.71 -23.05 25.39
CA ASN D 74 -52.51 -23.39 23.99
C ASN D 74 -51.08 -23.13 23.55
N VAL D 75 -50.34 -22.31 24.30
CA VAL D 75 -48.96 -21.99 23.99
C VAL D 75 -47.99 -22.62 24.98
N TRP D 76 -48.46 -22.86 26.21
CA TRP D 76 -47.55 -23.18 27.30
C TRP D 76 -47.62 -24.66 27.66
N ARG D 77 -48.82 -25.19 27.82
CA ARG D 77 -48.96 -26.58 28.25
C ARG D 77 -49.17 -27.53 27.08
N PHE D 78 -49.65 -27.04 25.95
CA PHE D 78 -49.90 -27.95 24.84
C PHE D 78 -48.63 -28.39 24.09
N PRO D 79 -47.72 -27.51 23.63
CA PRO D 79 -46.55 -28.05 22.91
C PRO D 79 -45.50 -28.65 23.84
N TYR D 80 -45.50 -28.27 25.12
CA TYR D 80 -44.69 -28.95 26.11
C TYR D 80 -45.14 -30.39 26.30
N LEU D 81 -46.44 -30.64 26.23
CA LEU D 81 -46.96 -32.00 26.36
C LEU D 81 -46.92 -32.75 25.05
N CYS D 82 -46.87 -32.04 23.92
CA CYS D 82 -47.01 -32.70 22.63
C CYS D 82 -45.71 -33.37 22.18
N GLN D 83 -44.56 -32.81 22.56
CA GLN D 83 -43.28 -33.42 22.17
C GLN D 83 -43.02 -34.72 22.92
N SER D 84 -43.35 -34.74 24.21
CA SER D 84 -43.04 -35.90 25.04
C SER D 84 -43.91 -37.10 24.67
N HIS D 85 -45.17 -36.84 24.34
CA HIS D 85 -46.14 -37.91 24.12
C HIS D 85 -46.23 -38.26 22.63
N GLY D 86 -45.07 -38.64 22.09
CA GLY D 86 -44.97 -39.16 20.75
C GLY D 86 -44.59 -38.18 19.67
N GLY D 87 -44.12 -36.98 20.04
CA GLY D 87 -43.81 -35.97 19.05
C GLY D 87 -45.05 -35.28 18.52
N GLY D 88 -45.91 -36.04 17.83
CA GLY D 88 -47.19 -35.54 17.37
C GLY D 88 -48.26 -36.58 17.56
N ALA D 89 -48.00 -37.54 18.44
CA ALA D 89 -48.97 -38.55 18.83
C ALA D 89 -49.86 -38.11 19.98
N PHE D 90 -49.87 -36.81 20.29
CA PHE D 90 -50.72 -36.23 21.31
C PHE D 90 -52.02 -35.68 20.73
N MET D 91 -52.14 -35.59 19.41
CA MET D 91 -53.34 -35.04 18.80
C MET D 91 -54.43 -36.09 18.63
N ILE D 92 -54.11 -37.37 18.74
CA ILE D 92 -55.17 -38.37 18.60
C ILE D 92 -55.99 -38.46 19.89
N PRO D 93 -55.23 -38.84 20.99
CA PRO D 93 -56.00 -38.91 22.25
C PRO D 93 -56.74 -37.62 22.52
N PHE D 94 -56.03 -36.50 22.43
CA PHE D 94 -56.63 -35.19 22.66
C PHE D 94 -57.97 -35.08 21.98
N LEU D 95 -57.99 -34.98 20.66
CA LEU D 95 -59.24 -34.85 19.92
C LEU D 95 -60.33 -35.84 20.33
N ILE D 96 -59.99 -37.14 20.41
CA ILE D 96 -61.04 -38.10 20.78
C ILE D 96 -61.64 -37.80 22.16
N LEU D 97 -60.79 -37.69 23.17
CA LEU D 97 -61.23 -37.42 24.53
C LEU D 97 -62.03 -36.14 24.57
N LEU D 98 -61.66 -35.18 23.74
CA LEU D 98 -62.37 -33.92 23.68
C LEU D 98 -63.79 -34.22 23.28
N VAL D 99 -63.97 -34.72 22.06
CA VAL D 99 -65.31 -35.03 21.59
C VAL D 99 -66.08 -36.01 22.47
N LEU D 100 -65.41 -36.67 23.41
CA LEU D 100 -66.13 -37.63 24.26
C LEU D 100 -66.35 -37.24 25.73
N GLU D 101 -65.74 -36.17 26.20
CA GLU D 101 -65.91 -35.74 27.58
C GLU D 101 -66.22 -34.25 27.53
N GLY D 102 -65.36 -33.55 26.83
CA GLY D 102 -65.50 -32.13 26.55
C GLY D 102 -66.89 -31.71 26.09
N ILE D 103 -67.31 -32.15 24.92
CA ILE D 103 -68.63 -31.77 24.42
C ILE D 103 -69.70 -31.99 25.49
N PRO D 104 -70.00 -33.24 25.82
CA PRO D 104 -71.01 -33.55 26.85
C PRO D 104 -70.95 -32.69 28.12
N LEU D 105 -69.76 -32.50 28.69
CA LEU D 105 -69.59 -31.74 29.92
C LEU D 105 -69.89 -30.26 29.76
N LEU D 106 -69.36 -29.65 28.71
CA LEU D 106 -69.59 -28.25 28.45
C LEU D 106 -71.06 -28.01 28.15
N TYR D 107 -71.74 -28.99 27.59
CA TYR D 107 -73.16 -28.81 27.29
C TYR D 107 -74.03 -28.98 28.52
N LEU D 108 -73.55 -29.74 29.49
CA LEU D 108 -74.29 -29.97 30.73
C LEU D 108 -74.18 -28.79 31.69
N GLU D 109 -73.16 -27.97 31.51
CA GLU D 109 -72.92 -26.78 32.32
C GLU D 109 -73.70 -25.58 31.83
N PHE D 110 -73.91 -25.45 30.52
CA PHE D 110 -74.66 -24.33 29.99
C PHE D 110 -76.15 -24.47 30.26
N ALA D 111 -76.63 -25.69 30.47
CA ALA D 111 -78.06 -25.94 30.63
C ALA D 111 -78.49 -26.07 32.07
N ILE D 112 -77.61 -26.50 32.98
CA ILE D 112 -77.98 -26.58 34.39
C ILE D 112 -77.86 -25.23 35.07
N GLY D 113 -77.18 -24.27 34.46
CA GLY D 113 -77.08 -22.94 35.05
C GLY D 113 -78.20 -22.05 34.57
N GLN D 114 -78.67 -22.31 33.34
CA GLN D 114 -79.73 -21.50 32.77
C GLN D 114 -81.09 -21.81 33.40
N ARG D 115 -81.31 -23.06 33.81
CA ARG D 115 -82.57 -23.44 34.43
C ARG D 115 -82.59 -23.13 35.92
N LEU D 116 -81.52 -23.46 36.63
CA LEU D 116 -81.49 -23.32 38.08
C LEU D 116 -81.29 -21.89 38.56
N ARG D 117 -80.97 -20.95 37.64
CA ARG D 117 -80.92 -19.51 37.89
C ARG D 117 -79.89 -19.10 38.94
N ARG D 118 -78.87 -19.92 39.20
CA ARG D 118 -77.93 -19.66 40.27
C ARG D 118 -76.50 -19.85 39.77
N GLY D 119 -75.54 -19.53 40.63
CA GLY D 119 -74.13 -19.60 40.31
C GLY D 119 -73.58 -21.01 40.37
N SER D 120 -72.40 -21.14 40.97
CA SER D 120 -71.85 -22.48 41.15
C SER D 120 -72.23 -23.09 42.49
N LEU D 121 -72.23 -22.29 43.56
CA LEU D 121 -72.60 -22.80 44.87
C LEU D 121 -74.11 -22.95 45.01
N GLY D 122 -74.88 -22.15 44.28
CA GLY D 122 -76.32 -22.24 44.36
C GLY D 122 -76.94 -23.34 43.55
N VAL D 123 -76.24 -23.86 42.55
CA VAL D 123 -76.78 -24.97 41.77
C VAL D 123 -76.62 -26.28 42.52
N TRP D 124 -75.41 -26.61 42.96
CA TRP D 124 -75.19 -27.91 43.58
C TRP D 124 -75.72 -28.02 44.99
N SER D 125 -76.18 -26.91 45.59
CA SER D 125 -76.86 -26.98 46.87
C SER D 125 -78.37 -27.11 46.72
N SER D 126 -78.89 -26.98 45.51
CA SER D 126 -80.30 -27.23 45.23
C SER D 126 -80.54 -28.61 44.66
N ILE D 127 -79.51 -29.43 44.65
CA ILE D 127 -79.58 -30.80 44.16
C ILE D 127 -79.00 -31.62 45.29
N HIS D 128 -79.66 -31.51 46.45
CA HIS D 128 -79.27 -32.17 47.68
C HIS D 128 -78.28 -31.28 48.41
N PRO D 129 -78.55 -31.01 49.69
CA PRO D 129 -77.68 -30.16 50.50
C PRO D 129 -76.43 -30.89 50.98
N ALA D 130 -76.08 -32.02 50.35
CA ALA D 130 -74.89 -32.76 50.75
C ALA D 130 -73.78 -32.49 49.76
N LEU D 131 -74.18 -32.13 48.55
CA LEU D 131 -73.25 -31.80 47.46
C LEU D 131 -72.96 -30.30 47.46
N LYS D 132 -72.66 -29.76 48.63
CA LYS D 132 -72.16 -28.41 48.73
C LYS D 132 -70.64 -28.38 48.66
N GLY D 133 -70.01 -29.55 48.67
CA GLY D 133 -68.58 -29.62 48.48
C GLY D 133 -68.15 -29.29 47.07
N LEU D 134 -69.04 -29.47 46.09
CA LEU D 134 -68.69 -29.14 44.71
C LEU D 134 -68.60 -27.64 44.50
N GLY D 135 -69.40 -26.85 45.23
CA GLY D 135 -69.28 -25.42 45.14
C GLY D 135 -68.08 -24.87 45.88
N LEU D 136 -67.68 -25.54 46.95
CA LEU D 136 -66.49 -25.14 47.69
C LEU D 136 -65.21 -25.67 47.09
N ALA D 137 -65.27 -26.72 46.28
CA ALA D 137 -64.08 -27.18 45.57
C ALA D 137 -63.87 -26.42 44.28
N SER D 138 -64.94 -25.94 43.65
CA SER D 138 -64.80 -25.10 42.47
C SER D 138 -64.34 -23.70 42.82
N MET D 139 -64.49 -23.28 44.07
CA MET D 139 -63.97 -22.00 44.54
C MET D 139 -62.50 -22.11 44.95
N LEU D 140 -62.10 -23.26 45.51
CA LEU D 140 -60.73 -23.44 45.95
C LEU D 140 -59.80 -23.80 44.81
N THR D 141 -60.32 -24.37 43.71
CA THR D 141 -59.48 -24.62 42.56
C THR D 141 -59.47 -23.46 41.58
N SER D 142 -60.33 -22.46 41.77
CA SER D 142 -60.25 -21.23 41.00
C SER D 142 -59.35 -20.20 41.66
N PHE D 143 -59.11 -20.32 42.96
CA PHE D 143 -58.18 -19.46 43.67
C PHE D 143 -56.74 -19.93 43.50
N MET D 144 -56.51 -21.23 43.50
CA MET D 144 -55.15 -21.75 43.42
C MET D 144 -54.63 -21.81 41.99
N VAL D 145 -55.50 -22.02 41.00
CA VAL D 145 -55.07 -21.96 39.62
C VAL D 145 -54.77 -20.51 39.23
N GLY D 146 -55.67 -19.59 39.58
CA GLY D 146 -55.46 -18.18 39.30
C GLY D 146 -54.42 -17.50 40.16
N LEU D 147 -53.84 -18.22 41.14
CA LEU D 147 -52.73 -17.68 41.90
C LEU D 147 -51.46 -17.64 41.05
N TYR D 148 -51.10 -18.78 40.46
CA TYR D 148 -49.90 -18.84 39.62
C TYR D 148 -50.15 -18.40 38.19
N TYR D 149 -51.39 -18.46 37.72
CA TYR D 149 -51.71 -18.05 36.36
C TYR D 149 -51.56 -16.55 36.15
N ASN D 150 -51.68 -15.77 37.21
CA ASN D 150 -51.49 -14.33 37.13
C ASN D 150 -50.05 -13.94 37.47
N THR D 151 -49.18 -14.92 37.70
CA THR D 151 -47.75 -14.70 37.78
C THR D 151 -47.08 -14.84 36.42
N ILE D 152 -47.61 -15.73 35.58
CA ILE D 152 -47.15 -15.86 34.20
C ILE D 152 -47.47 -14.61 33.40
N ILE D 153 -48.57 -13.93 33.72
CA ILE D 153 -48.90 -12.67 33.06
C ILE D 153 -47.96 -11.56 33.51
N SER D 154 -47.48 -11.62 34.76
CA SER D 154 -46.51 -10.62 35.20
C SER D 154 -45.13 -10.85 34.58
N TRP D 155 -44.82 -12.08 34.15
CA TRP D 155 -43.61 -12.31 33.38
C TRP D 155 -43.80 -11.86 31.94
N ILE D 156 -45.02 -11.92 31.42
CA ILE D 156 -45.30 -11.42 30.07
C ILE D 156 -45.23 -9.89 30.04
N MET D 157 -45.68 -9.23 31.11
CA MET D 157 -45.61 -7.78 31.18
C MET D 157 -44.18 -7.29 31.35
N TRP D 158 -43.31 -8.09 31.96
CA TRP D 158 -41.91 -7.71 32.08
C TRP D 158 -41.20 -7.78 30.74
N TYR D 159 -41.61 -8.70 29.85
CA TYR D 159 -41.03 -8.77 28.52
C TYR D 159 -41.62 -7.75 27.56
N LEU D 160 -42.79 -7.21 27.87
CA LEU D 160 -43.37 -6.13 27.09
C LEU D 160 -42.78 -4.78 27.45
N PHE D 161 -42.38 -4.59 28.71
CA PHE D 161 -41.73 -3.36 29.11
C PHE D 161 -40.31 -3.28 28.57
N ASN D 162 -39.67 -4.42 28.36
CA ASN D 162 -38.28 -4.49 27.92
C ASN D 162 -38.13 -4.43 26.42
N SER D 163 -39.20 -4.15 25.68
CA SER D 163 -39.13 -3.84 24.26
C SER D 163 -38.99 -2.33 24.12
N PHE D 164 -39.30 -1.81 22.93
CA PHE D 164 -39.17 -0.38 22.58
C PHE D 164 -37.70 0.06 22.61
N GLN D 165 -36.83 -0.83 22.14
CA GLN D 165 -35.42 -0.55 21.96
C GLN D 165 -34.83 -1.49 20.91
N GLU D 166 -34.06 -0.95 19.96
CA GLU D 166 -33.66 -1.74 18.79
C GLU D 166 -32.59 -2.78 19.10
N PRO D 167 -31.51 -2.51 19.88
CA PRO D 167 -30.74 -3.66 20.40
C PRO D 167 -31.44 -4.27 21.59
N LEU D 168 -32.38 -5.21 21.33
CA LEU D 168 -33.20 -5.94 22.29
C LEU D 168 -32.36 -6.54 23.41
N PRO D 169 -32.84 -6.56 24.65
CA PRO D 169 -31.95 -6.89 25.78
C PRO D 169 -31.51 -8.34 25.83
N TRP D 170 -32.21 -9.21 25.12
CA TRP D 170 -31.86 -10.62 25.06
C TRP D 170 -31.10 -10.97 23.79
N SER D 171 -30.44 -10.00 23.17
CA SER D 171 -29.77 -10.22 21.90
C SER D 171 -28.25 -10.26 21.99
N ASP D 172 -27.68 -9.91 23.14
CA ASP D 172 -26.23 -9.88 23.29
C ASP D 172 -25.83 -10.10 24.74
N CYS D 173 -24.64 -10.64 24.96
CA CYS D 173 -24.15 -10.87 26.31
C CYS D 173 -23.54 -9.59 26.88
N PRO D 174 -23.58 -9.40 28.19
CA PRO D 174 -22.79 -8.35 28.81
C PRO D 174 -21.34 -8.78 28.95
N LEU D 175 -20.49 -7.83 29.33
CA LEU D 175 -19.06 -8.07 29.47
C LEU D 175 -18.70 -8.27 30.93
N ASN D 176 -17.43 -8.60 31.16
CA ASN D 176 -16.94 -8.83 32.51
C ASN D 176 -16.68 -7.51 33.23
N GLU D 177 -16.04 -7.64 34.40
CA GLU D 177 -15.62 -6.50 35.18
C GLU D 177 -14.55 -5.95 34.25
N ASN D 178 -13.54 -6.75 33.97
CA ASN D 178 -12.50 -6.37 33.02
C ASN D 178 -13.19 -6.56 31.68
N GLN D 179 -13.32 -5.48 30.93
CA GLN D 179 -13.97 -5.51 29.62
C GLN D 179 -13.10 -6.18 28.56
N THR D 180 -13.06 -7.50 28.59
CA THR D 180 -12.27 -8.28 27.64
C THR D 180 -13.06 -9.42 27.01
N GLY D 181 -13.93 -10.07 27.77
CA GLY D 181 -14.75 -11.15 27.25
C GLY D 181 -16.13 -11.12 27.87
N TYR D 182 -16.98 -12.03 27.40
CA TYR D 182 -18.33 -12.13 27.91
C TYR D 182 -18.35 -12.80 29.27
N VAL D 183 -19.51 -12.77 29.93
CA VAL D 183 -19.69 -13.44 31.21
C VAL D 183 -19.64 -14.95 30.99
N ASP D 184 -19.18 -15.67 32.01
CA ASP D 184 -18.80 -17.07 31.85
C ASP D 184 -20.00 -17.97 31.58
N GLU D 185 -21.18 -17.66 32.12
CA GLU D 185 -22.35 -18.47 31.86
C GLU D 185 -23.22 -17.91 30.73
N CYS D 186 -22.84 -16.77 30.15
CA CYS D 186 -23.41 -16.35 28.89
C CYS D 186 -22.62 -16.87 27.69
N ALA D 187 -21.36 -17.27 27.90
CA ALA D 187 -20.56 -17.82 26.82
C ALA D 187 -20.86 -19.30 26.60
N ARG D 188 -21.13 -20.04 27.67
CA ARG D 188 -21.44 -21.46 27.53
C ARG D 188 -22.87 -21.67 27.05
N SER D 189 -23.83 -20.99 27.68
CA SER D 189 -25.23 -21.08 27.27
C SER D 189 -25.52 -20.02 26.22
N SER D 190 -26.77 -19.78 25.93
CA SER D 190 -27.20 -18.78 24.97
C SER D 190 -27.36 -17.42 25.66
N PRO D 191 -27.29 -16.32 24.91
CA PRO D 191 -27.64 -15.02 25.50
C PRO D 191 -29.12 -14.87 25.84
N VAL D 192 -29.99 -15.70 25.27
CA VAL D 192 -31.40 -15.69 25.66
C VAL D 192 -31.59 -16.42 26.99
N ASP D 193 -30.72 -17.37 27.31
CA ASP D 193 -30.74 -17.98 28.63
C ASP D 193 -30.14 -17.07 29.70
N TYR D 194 -29.23 -16.18 29.33
CA TYR D 194 -28.81 -15.11 30.22
C TYR D 194 -29.64 -13.85 29.96
N PHE D 195 -30.95 -14.04 29.89
CA PHE D 195 -31.89 -12.98 30.20
C PHE D 195 -33.08 -13.51 30.97
N TRP D 196 -33.38 -14.79 30.86
CA TRP D 196 -34.48 -15.41 31.57
C TRP D 196 -34.06 -15.95 32.92
N TYR D 197 -32.92 -16.65 32.99
CA TYR D 197 -32.53 -17.30 34.22
C TYR D 197 -31.75 -16.39 35.16
N ARG D 198 -30.94 -15.47 34.65
CA ARG D 198 -30.11 -14.64 35.50
C ARG D 198 -30.53 -13.19 35.58
N GLU D 199 -31.09 -12.62 34.51
CA GLU D 199 -31.47 -11.22 34.55
C GLU D 199 -32.95 -10.98 34.83
N THR D 200 -33.82 -11.94 34.52
CA THR D 200 -35.21 -11.83 34.92
C THR D 200 -35.46 -12.55 36.24
N LEU D 201 -35.23 -13.86 36.27
CA LEU D 201 -35.58 -14.64 37.45
C LEU D 201 -34.56 -14.49 38.56
N ASN D 202 -33.27 -14.42 38.20
CA ASN D 202 -32.14 -14.52 39.13
C ASN D 202 -32.24 -15.81 39.96
N ILE D 203 -32.35 -16.94 39.26
CA ILE D 203 -32.74 -18.22 39.83
C ILE D 203 -31.60 -18.77 40.67
N SER D 204 -31.93 -19.65 41.62
CA SER D 204 -30.95 -20.28 42.49
C SER D 204 -30.77 -21.74 42.08
N THR D 205 -29.99 -22.47 42.87
CA THR D 205 -29.57 -23.81 42.50
C THR D 205 -30.46 -24.91 43.08
N SER D 206 -31.44 -24.56 43.90
CA SER D 206 -32.32 -25.55 44.51
C SER D 206 -33.59 -24.86 44.98
N ILE D 207 -34.61 -25.67 45.29
CA ILE D 207 -35.83 -25.16 45.90
C ILE D 207 -35.68 -24.97 47.40
N SER D 208 -34.64 -25.54 48.00
CA SER D 208 -34.52 -25.52 49.45
C SER D 208 -33.92 -24.22 49.97
N ASP D 209 -33.28 -23.43 49.10
CA ASP D 209 -32.77 -22.13 49.48
C ASP D 209 -33.44 -21.05 48.63
N SER D 210 -34.00 -20.05 49.31
CA SER D 210 -34.67 -18.94 48.65
C SER D 210 -33.99 -17.64 49.08
N GLY D 211 -33.99 -16.66 48.18
CA GLY D 211 -33.28 -15.43 48.44
C GLY D 211 -34.13 -14.32 49.01
N SER D 212 -34.37 -13.28 48.22
CA SER D 212 -35.11 -12.11 48.67
C SER D 212 -36.26 -11.88 47.70
N ILE D 213 -36.89 -10.71 47.82
CA ILE D 213 -38.19 -10.51 47.17
C ILE D 213 -38.03 -10.13 45.69
N GLN D 214 -36.83 -9.70 45.25
CA GLN D 214 -36.52 -9.41 43.85
C GLN D 214 -37.45 -8.33 43.27
N TRP D 215 -37.19 -7.11 43.75
CA TRP D 215 -38.10 -5.96 43.64
C TRP D 215 -38.59 -5.64 42.23
N TRP D 216 -37.82 -5.98 41.20
CA TRP D 216 -38.28 -5.63 39.86
C TRP D 216 -39.35 -6.57 39.33
N MET D 217 -39.45 -7.77 39.90
CA MET D 217 -40.58 -8.66 39.62
C MET D 217 -41.73 -8.43 40.58
N LEU D 218 -41.60 -7.48 41.50
CA LEU D 218 -42.67 -7.17 42.43
C LEU D 218 -43.55 -6.15 41.76
N LEU D 219 -42.90 -5.16 41.15
CA LEU D 219 -43.60 -4.10 40.45
C LEU D 219 -44.52 -4.68 39.39
N CYS D 220 -44.02 -5.63 38.63
CA CYS D 220 -44.80 -6.26 37.57
C CYS D 220 -46.02 -6.97 38.13
N LEU D 221 -45.85 -7.62 39.28
CA LEU D 221 -46.94 -8.33 39.93
C LEU D 221 -48.03 -7.32 40.27
N ALA D 222 -47.60 -6.23 40.89
CA ALA D 222 -48.54 -5.19 41.25
C ALA D 222 -49.29 -4.77 39.99
N CYS D 223 -48.54 -4.47 38.95
CA CYS D 223 -49.14 -4.05 37.68
C CYS D 223 -50.22 -5.01 37.22
N ALA D 224 -49.90 -6.29 37.15
CA ALA D 224 -50.85 -7.32 36.73
C ALA D 224 -52.13 -7.29 37.56
N TRP D 225 -51.99 -7.36 38.89
CA TRP D 225 -53.19 -7.34 39.71
C TRP D 225 -54.01 -6.06 39.59
N SER D 226 -53.33 -4.94 39.41
CA SER D 226 -54.00 -3.66 39.26
C SER D 226 -54.79 -3.64 37.97
N VAL D 227 -54.22 -4.17 36.90
CA VAL D 227 -54.92 -4.19 35.63
C VAL D 227 -56.06 -5.19 35.67
N LEU D 228 -55.96 -6.17 36.56
CA LEU D 228 -57.03 -7.15 36.67
C LEU D 228 -58.16 -6.59 37.50
N TYR D 229 -57.86 -5.62 38.37
CA TYR D 229 -58.88 -5.02 39.21
C TYR D 229 -59.62 -3.85 38.55
N MET D 230 -59.05 -3.30 37.49
CA MET D 230 -59.63 -2.20 36.73
C MET D 230 -60.74 -2.67 35.81
N CYS D 231 -60.64 -3.88 35.27
CA CYS D 231 -61.62 -4.38 34.33
C CYS D 231 -62.74 -5.17 34.99
N THR D 232 -62.50 -5.76 36.16
CA THR D 232 -63.54 -6.50 36.85
C THR D 232 -63.93 -5.82 38.16
N ILE D 233 -64.07 -4.50 38.14
CA ILE D 233 -64.36 -3.78 39.37
C ILE D 233 -65.83 -3.96 39.78
N ARG D 234 -66.71 -4.29 38.83
CA ARG D 234 -68.12 -4.46 39.12
C ARG D 234 -68.69 -5.73 38.51
N GLY D 235 -67.87 -6.76 38.32
CA GLY D 235 -68.31 -8.01 37.73
C GLY D 235 -68.61 -7.85 36.26
N ILE D 236 -69.85 -8.10 35.86
CA ILE D 236 -70.34 -7.84 34.51
C ILE D 236 -70.52 -6.33 34.38
N GLU D 237 -70.71 -5.84 33.16
CA GLU D 237 -70.87 -4.47 32.65
C GLU D 237 -69.59 -3.65 32.72
N THR D 238 -68.51 -4.18 33.31
CA THR D 238 -67.18 -3.62 33.07
C THR D 238 -66.36 -4.66 32.32
N THR D 239 -66.59 -5.94 32.61
CA THR D 239 -65.91 -7.00 31.91
C THR D 239 -66.42 -7.11 30.47
N GLY D 240 -67.52 -6.43 30.17
CA GLY D 240 -68.11 -6.44 28.84
C GLY D 240 -67.30 -5.81 27.73
N LYS D 241 -67.06 -4.50 27.81
CA LYS D 241 -66.29 -3.81 26.79
C LYS D 241 -64.87 -4.35 26.75
N ALA D 242 -64.40 -4.78 27.92
CA ALA D 242 -63.07 -5.35 28.04
C ALA D 242 -63.04 -6.57 27.15
N VAL D 243 -63.95 -7.50 27.38
CA VAL D 243 -64.02 -8.72 26.57
C VAL D 243 -64.06 -8.33 25.10
N TYR D 244 -64.85 -7.32 24.79
CA TYR D 244 -64.95 -6.84 23.41
C TYR D 244 -63.55 -6.65 22.85
N ILE D 245 -62.87 -5.62 23.34
CA ILE D 245 -61.52 -5.30 22.84
C ILE D 245 -60.45 -6.38 23.01
N THR D 246 -60.68 -7.37 23.87
CA THR D 246 -59.68 -8.42 24.07
C THR D 246 -60.02 -9.77 23.43
N SER D 247 -61.10 -9.84 22.64
CA SER D 247 -61.42 -11.11 21.99
C SER D 247 -61.06 -11.01 20.50
N THR D 248 -60.78 -9.78 20.09
CA THR D 248 -60.35 -9.37 18.76
C THR D 248 -58.83 -9.28 18.64
N LEU D 249 -58.19 -8.57 19.58
CA LEU D 249 -56.75 -8.44 19.58
C LEU D 249 -56.12 -9.81 19.39
N PRO D 250 -56.24 -10.69 20.38
CA PRO D 250 -55.68 -12.04 20.28
C PRO D 250 -55.93 -12.75 18.95
N TYR D 251 -57.18 -12.77 18.47
CA TYR D 251 -57.50 -13.44 17.21
C TYR D 251 -56.87 -12.87 15.94
N VAL D 252 -56.75 -11.55 15.84
CA VAL D 252 -56.14 -10.96 14.66
C VAL D 252 -54.62 -10.91 14.72
N VAL D 253 -54.01 -11.01 15.91
CA VAL D 253 -52.53 -10.99 15.96
C VAL D 253 -51.91 -12.34 15.58
N LEU D 254 -52.66 -13.41 15.82
CA LEU D 254 -52.27 -14.78 15.51
C LEU D 254 -52.28 -14.96 13.99
N THR D 255 -53.26 -14.33 13.35
CA THR D 255 -53.33 -14.44 11.89
C THR D 255 -52.17 -13.70 11.24
N ILE D 256 -51.78 -12.56 11.81
CA ILE D 256 -50.66 -11.79 11.26
C ILE D 256 -49.37 -12.55 11.50
N PHE D 257 -49.40 -13.46 12.48
CA PHE D 257 -48.24 -14.27 12.81
C PHE D 257 -48.17 -15.57 12.03
N LEU D 258 -49.26 -15.94 11.37
CA LEU D 258 -49.22 -17.18 10.57
C LEU D 258 -48.48 -17.06 9.24
N ILE D 259 -48.75 -15.98 8.50
CA ILE D 259 -48.13 -15.67 7.20
C ILE D 259 -46.71 -15.20 7.35
N ARG D 260 -46.24 -14.93 8.56
CA ARG D 260 -44.84 -14.68 8.83
C ARG D 260 -44.10 -15.96 9.15
N GLY D 261 -44.74 -16.87 9.90
CA GLY D 261 -44.09 -18.11 10.30
C GLY D 261 -43.87 -19.08 9.16
N LEU D 262 -44.83 -19.18 8.24
CA LEU D 262 -44.70 -20.09 7.10
C LEU D 262 -43.77 -19.57 6.03
N THR D 263 -43.39 -18.30 6.07
CA THR D 263 -42.47 -17.71 5.12
C THR D 263 -41.01 -17.89 5.57
N LEU D 264 -40.82 -18.40 6.79
CA LEU D 264 -39.48 -18.60 7.34
C LEU D 264 -38.76 -19.74 6.61
N LYS D 265 -37.44 -19.82 6.85
CA LYS D 265 -36.60 -20.74 6.10
C LYS D 265 -36.85 -22.19 6.51
N GLY D 266 -36.76 -22.48 7.80
CA GLY D 266 -36.90 -23.83 8.29
C GLY D 266 -38.30 -24.27 8.61
N ALA D 267 -39.32 -23.51 8.23
CA ALA D 267 -40.69 -23.93 8.45
C ALA D 267 -41.07 -25.01 7.44
N THR D 268 -42.27 -25.57 7.61
CA THR D 268 -42.72 -26.82 6.97
C THR D 268 -41.74 -27.96 7.22
N ASN D 269 -41.08 -27.92 8.38
CA ASN D 269 -40.23 -28.99 8.89
C ASN D 269 -40.49 -29.28 10.36
N GLY D 270 -41.04 -28.33 11.10
CA GLY D 270 -41.52 -28.58 12.45
C GLY D 270 -43.00 -28.85 12.42
N ILE D 271 -43.63 -28.56 11.28
CA ILE D 271 -45.02 -28.94 11.06
C ILE D 271 -45.12 -30.43 10.78
N VAL D 272 -44.20 -30.97 9.98
CA VAL D 272 -44.14 -32.41 9.71
C VAL D 272 -43.79 -33.17 10.98
N PHE D 273 -42.98 -32.58 11.87
CA PHE D 273 -42.72 -33.20 13.16
C PHE D 273 -43.95 -33.22 14.04
N LEU D 274 -44.85 -32.26 13.87
CA LEU D 274 -46.09 -32.24 14.63
C LEU D 274 -47.09 -33.28 14.12
N PHE D 275 -46.94 -33.76 12.89
CA PHE D 275 -47.93 -34.63 12.29
C PHE D 275 -47.40 -35.99 11.85
N THR D 276 -46.18 -36.37 12.22
CA THR D 276 -45.75 -37.74 12.06
C THR D 276 -45.97 -38.48 13.38
N PRO D 277 -46.95 -39.37 13.46
CA PRO D 277 -47.27 -40.01 14.74
C PRO D 277 -46.31 -41.14 15.06
N ASN D 278 -46.17 -41.39 16.36
CA ASN D 278 -45.39 -42.52 16.88
C ASN D 278 -46.41 -43.41 17.56
N VAL D 279 -46.91 -44.41 16.83
CA VAL D 279 -48.05 -45.22 17.26
C VAL D 279 -47.75 -46.11 18.46
N THR D 280 -46.47 -46.35 18.77
CA THR D 280 -46.10 -47.05 20.00
C THR D 280 -46.49 -46.24 21.23
N GLU D 281 -46.42 -44.91 21.15
CA GLU D 281 -46.75 -44.04 22.27
C GLU D 281 -48.25 -44.03 22.62
N LEU D 282 -49.13 -44.47 21.72
CA LEU D 282 -50.56 -44.50 21.98
C LEU D 282 -50.99 -45.66 22.88
N ALA D 283 -50.05 -46.43 23.43
CA ALA D 283 -50.39 -47.54 24.30
C ALA D 283 -49.74 -47.38 25.67
N GLN D 284 -49.63 -46.16 26.16
CA GLN D 284 -49.10 -45.87 27.48
C GLN D 284 -50.17 -45.21 28.33
N PRO D 285 -50.18 -45.46 29.65
CA PRO D 285 -51.18 -44.79 30.50
C PRO D 285 -50.94 -43.30 30.67
N ASP D 286 -49.70 -42.83 30.66
CA ASP D 286 -49.43 -41.43 30.97
C ASP D 286 -49.73 -40.48 29.81
N THR D 287 -49.91 -40.99 28.59
CA THR D 287 -50.30 -40.12 27.48
C THR D 287 -51.80 -39.94 27.36
N TRP D 288 -52.59 -40.70 28.12
CA TRP D 288 -54.03 -40.49 28.17
C TRP D 288 -54.46 -39.70 29.40
N LEU D 289 -53.60 -39.64 30.42
CA LEU D 289 -53.86 -38.75 31.55
C LEU D 289 -53.60 -37.30 31.17
N ASP D 290 -52.47 -37.04 30.49
CA ASP D 290 -52.13 -35.70 30.07
C ASP D 290 -53.05 -35.19 28.96
N ALA D 291 -53.64 -36.09 28.17
CA ALA D 291 -54.64 -35.67 27.19
C ALA D 291 -55.98 -35.43 27.85
N GLY D 292 -56.33 -36.23 28.86
CA GLY D 292 -57.59 -36.05 29.55
C GLY D 292 -57.62 -34.86 30.46
N ALA D 293 -56.49 -34.48 31.03
CA ALA D 293 -56.41 -33.31 31.88
C ALA D 293 -56.22 -32.01 31.10
N GLN D 294 -55.95 -32.10 29.80
CA GLN D 294 -55.85 -30.91 28.96
C GLN D 294 -57.21 -30.48 28.45
N VAL D 295 -58.13 -31.44 28.26
CA VAL D 295 -59.48 -31.11 27.81
C VAL D 295 -60.23 -30.35 28.90
N PHE D 296 -60.08 -30.77 30.16
CA PHE D 296 -60.71 -30.08 31.27
C PHE D 296 -59.95 -28.82 31.69
N PHE D 297 -58.81 -28.54 31.06
CA PHE D 297 -58.10 -27.27 31.27
C PHE D 297 -58.26 -26.31 30.11
N SER D 298 -58.27 -26.81 28.87
CA SER D 298 -58.53 -25.94 27.72
C SER D 298 -59.97 -25.43 27.75
N PHE D 299 -60.93 -26.35 27.67
CA PHE D 299 -62.27 -26.02 28.14
C PHE D 299 -62.20 -25.75 29.63
N SER D 300 -62.84 -24.68 30.07
CA SER D 300 -62.75 -24.27 31.47
C SER D 300 -63.89 -24.94 32.23
N LEU D 301 -63.84 -26.26 32.27
CA LEU D 301 -64.77 -27.09 33.01
C LEU D 301 -64.25 -27.31 34.43
N ALA D 302 -65.17 -27.61 35.33
CA ALA D 302 -64.92 -27.81 36.77
C ALA D 302 -64.28 -26.59 37.43
N PHE D 303 -64.60 -25.40 36.94
CA PHE D 303 -64.21 -24.14 37.58
C PHE D 303 -65.38 -23.35 38.11
N GLY D 304 -66.57 -23.53 37.55
CA GLY D 304 -67.75 -22.83 38.01
C GLY D 304 -67.95 -21.45 37.43
N GLY D 305 -67.19 -21.09 36.40
CA GLY D 305 -67.32 -19.79 35.79
C GLY D 305 -68.27 -19.80 34.62
N LEU D 306 -68.39 -20.94 33.95
CA LEU D 306 -69.30 -21.05 32.82
C LEU D 306 -70.73 -21.33 33.26
N ILE D 307 -70.94 -21.76 34.50
CA ILE D 307 -72.29 -21.87 35.03
C ILE D 307 -72.82 -20.50 35.41
N SER D 308 -71.96 -19.66 36.00
CA SER D 308 -72.38 -18.33 36.41
C SER D 308 -72.60 -17.40 35.22
N PHE D 309 -71.87 -17.61 34.12
CA PHE D 309 -72.07 -16.79 32.93
C PHE D 309 -73.33 -17.17 32.18
N SER D 310 -73.70 -18.45 32.20
CA SER D 310 -74.91 -18.90 31.54
C SER D 310 -76.15 -18.67 32.38
N SER D 311 -76.00 -18.31 33.65
CA SER D 311 -77.11 -18.06 34.55
C SER D 311 -77.69 -16.66 34.41
N TYR D 312 -77.20 -15.86 33.47
CA TYR D 312 -77.71 -14.51 33.25
C TYR D 312 -78.57 -14.41 32.00
N ASN D 313 -78.61 -15.45 31.18
CA ASN D 313 -79.40 -15.43 29.96
C ASN D 313 -80.88 -15.60 30.27
N SER D 314 -81.71 -15.35 29.27
CA SER D 314 -83.13 -15.62 29.37
C SER D 314 -83.36 -17.14 29.38
N VAL D 315 -84.58 -17.52 29.78
CA VAL D 315 -84.89 -18.93 29.92
C VAL D 315 -85.03 -19.59 28.55
N HIS D 316 -85.67 -18.90 27.60
CA HIS D 316 -85.84 -19.43 26.25
C HIS D 316 -84.63 -19.03 25.41
N ASN D 317 -83.51 -19.67 25.71
CA ASN D 317 -82.26 -19.42 25.01
C ASN D 317 -81.67 -20.75 24.57
N ASN D 318 -81.26 -20.83 23.31
CA ASN D 318 -80.77 -22.09 22.74
C ASN D 318 -79.40 -22.39 23.31
N CYS D 319 -79.36 -23.19 24.37
CA CYS D 319 -78.12 -23.57 25.03
C CYS D 319 -77.47 -24.79 24.41
N GLU D 320 -78.00 -25.29 23.30
CA GLU D 320 -77.37 -26.34 22.52
C GLU D 320 -76.61 -25.80 21.31
N LYS D 321 -77.12 -24.73 20.72
CA LYS D 321 -76.38 -24.00 19.68
C LYS D 321 -75.13 -23.37 20.26
N ASP D 322 -75.18 -22.92 21.52
CA ASP D 322 -74.03 -22.24 22.13
C ASP D 322 -72.95 -23.22 22.53
N SER D 323 -73.30 -24.48 22.82
CA SER D 323 -72.32 -25.43 23.31
C SER D 323 -71.55 -26.14 22.21
N VAL D 324 -72.10 -26.23 21.00
CA VAL D 324 -71.38 -26.82 19.88
C VAL D 324 -70.73 -25.78 18.98
N ILE D 325 -71.00 -24.49 19.20
CA ILE D 325 -70.27 -23.46 18.49
C ILE D 325 -69.01 -23.08 19.25
N VAL D 326 -69.10 -22.97 20.58
CA VAL D 326 -67.95 -22.65 21.42
C VAL D 326 -66.93 -23.80 21.38
N SER D 327 -67.42 -25.03 21.27
CA SER D 327 -66.52 -26.18 21.30
C SER D 327 -65.78 -26.41 19.99
N ILE D 328 -66.30 -25.95 18.85
CA ILE D 328 -65.57 -26.11 17.59
C ILE D 328 -64.72 -24.89 17.26
N ILE D 329 -64.71 -23.88 18.13
CA ILE D 329 -63.74 -22.79 18.02
C ILE D 329 -62.62 -23.09 19.00
N ASN D 330 -62.96 -23.76 20.11
CA ASN D 330 -61.92 -24.16 21.07
C ASN D 330 -61.08 -25.30 20.54
N GLY D 331 -61.65 -26.18 19.72
CA GLY D 331 -60.88 -27.25 19.13
C GLY D 331 -60.09 -26.81 17.92
N PHE D 332 -60.64 -25.87 17.14
CA PHE D 332 -59.94 -25.36 15.96
C PHE D 332 -58.76 -24.47 16.35
N THR D 333 -58.87 -23.74 17.46
CA THR D 333 -57.80 -22.84 17.87
C THR D 333 -56.58 -23.61 18.38
N SER D 334 -56.80 -24.67 19.16
CA SER D 334 -55.70 -25.44 19.74
C SER D 334 -54.87 -26.17 18.70
N VAL D 335 -55.39 -26.36 17.49
CA VAL D 335 -54.56 -26.78 16.35
C VAL D 335 -54.00 -25.58 15.59
N TYR D 336 -54.74 -24.47 15.53
CA TYR D 336 -54.30 -23.28 14.83
C TYR D 336 -53.13 -22.58 15.52
N VAL D 337 -53.08 -22.64 16.86
CA VAL D 337 -51.92 -22.16 17.59
C VAL D 337 -50.73 -23.11 17.48
N ALA D 338 -50.99 -24.42 17.44
CA ALA D 338 -49.91 -25.41 17.44
C ALA D 338 -49.16 -25.50 16.12
N ILE D 339 -49.73 -25.01 15.01
CA ILE D 339 -48.98 -24.93 13.77
C ILE D 339 -48.33 -23.58 13.57
N VAL D 340 -48.58 -22.63 14.46
CA VAL D 340 -47.78 -21.40 14.52
C VAL D 340 -46.59 -21.59 15.44
N VAL D 341 -46.80 -22.31 16.54
CA VAL D 341 -45.73 -22.60 17.50
C VAL D 341 -44.68 -23.52 16.87
N TYR D 342 -45.12 -24.56 16.16
CA TYR D 342 -44.17 -25.50 15.59
C TYR D 342 -43.60 -25.05 14.27
N SER D 343 -44.04 -23.92 13.73
CA SER D 343 -43.38 -23.37 12.55
C SER D 343 -42.18 -22.51 12.91
N VAL D 344 -42.02 -22.14 14.18
CA VAL D 344 -40.81 -21.46 14.64
C VAL D 344 -39.90 -22.36 15.44
N ILE D 345 -40.37 -23.54 15.87
CA ILE D 345 -39.45 -24.54 16.42
C ILE D 345 -38.65 -25.17 15.29
N GLY D 346 -39.30 -25.40 14.15
CA GLY D 346 -38.58 -25.85 12.97
C GLY D 346 -37.66 -24.81 12.37
N PHE D 347 -37.84 -23.53 12.72
CA PHE D 347 -36.93 -22.49 12.26
C PHE D 347 -35.71 -22.38 13.16
N ARG D 348 -35.85 -22.66 14.46
CA ARG D 348 -34.67 -22.75 15.31
C ARG D 348 -33.89 -24.02 15.05
N ALA D 349 -34.56 -25.09 14.64
CA ALA D 349 -33.86 -26.34 14.38
C ALA D 349 -33.22 -26.38 13.01
N THR D 350 -33.42 -25.35 12.18
CA THR D 350 -32.68 -25.20 10.94
C THR D 350 -31.58 -24.15 11.08
N GLN D 351 -31.78 -23.14 11.92
CA GLN D 351 -30.71 -22.21 12.24
C GLN D 351 -29.60 -22.90 13.01
N ARG D 352 -29.95 -23.80 13.93
CA ARG D 352 -28.94 -24.52 14.69
C ARG D 352 -28.28 -25.61 13.87
N TYR D 353 -29.02 -26.27 12.99
CA TYR D 353 -28.43 -27.32 12.16
C TYR D 353 -27.52 -26.75 11.09
N ASP D 354 -27.84 -25.56 10.58
CA ASP D 354 -26.96 -24.95 9.59
C ASP D 354 -25.78 -24.24 10.23
N ASP D 355 -25.81 -24.06 11.56
CA ASP D 355 -24.65 -23.50 12.24
C ASP D 355 -23.74 -24.59 12.79
N CYS D 356 -24.31 -25.71 13.23
CA CYS D 356 -23.49 -26.86 13.60
C CYS D 356 -22.82 -27.48 12.39
N PHE D 357 -23.50 -27.49 11.25
CA PHE D 357 -22.90 -28.07 10.06
C PHE D 357 -21.89 -27.13 9.42
N SER D 358 -22.05 -25.81 9.63
CA SER D 358 -21.02 -24.88 9.19
C SER D 358 -19.77 -24.96 10.07
N THR D 359 -19.92 -25.45 11.30
CA THR D 359 -18.74 -25.70 12.13
C THR D 359 -17.88 -26.81 11.54
N ASN D 360 -18.52 -27.87 11.05
CA ASN D 360 -17.78 -28.99 10.47
C ASN D 360 -17.17 -28.62 9.12
N ILE D 361 -17.74 -27.64 8.44
CA ILE D 361 -17.15 -27.16 7.19
C ILE D 361 -15.90 -26.33 7.48
N LEU D 362 -15.98 -25.44 8.47
CA LEU D 362 -14.86 -24.54 8.75
C LEU D 362 -13.73 -25.22 9.50
N THR D 363 -14.02 -26.29 10.25
CA THR D 363 -12.95 -26.96 10.99
C THR D 363 -12.17 -27.92 10.09
N LEU D 364 -12.68 -28.18 8.89
CA LEU D 364 -11.98 -29.06 7.96
C LEU D 364 -11.09 -28.25 7.02
N ILE D 365 -11.55 -27.07 6.61
CA ILE D 365 -10.77 -26.23 5.71
C ILE D 365 -9.71 -25.41 6.43
N ASN D 366 -9.70 -25.42 7.75
CA ASN D 366 -8.66 -24.74 8.51
C ASN D 366 -7.55 -25.69 8.96
N GLY D 367 -7.81 -26.99 9.02
CA GLY D 367 -6.81 -27.96 9.43
C GLY D 367 -6.00 -28.48 8.26
N PHE D 368 -6.53 -28.32 7.04
CA PHE D 368 -5.84 -28.77 5.84
C PHE D 368 -5.68 -27.69 4.78
N ASP D 369 -6.10 -26.47 5.11
CA ASP D 369 -5.95 -25.31 4.23
C ASP D 369 -6.53 -25.39 2.83
N LEU D 370 -7.84 -25.60 2.73
CA LEU D 370 -8.50 -25.63 1.44
C LEU D 370 -9.24 -24.32 1.19
N PRO D 371 -9.48 -23.96 -0.07
CA PRO D 371 -10.35 -22.81 -0.35
C PRO D 371 -11.79 -23.07 0.06
N GLU D 372 -12.55 -21.99 0.21
CA GLU D 372 -13.86 -22.07 0.85
C GLU D 372 -14.94 -22.56 -0.13
N GLY D 373 -14.73 -22.37 -1.43
CA GLY D 373 -15.76 -22.71 -2.40
C GLY D 373 -15.70 -24.13 -2.92
N ASN D 374 -15.14 -25.05 -2.14
CA ASN D 374 -15.03 -26.45 -2.53
C ASN D 374 -15.68 -27.41 -1.53
N VAL D 375 -15.78 -27.01 -0.27
CA VAL D 375 -16.35 -27.87 0.76
C VAL D 375 -17.72 -27.31 1.13
N THR D 376 -18.77 -28.09 0.86
CA THR D 376 -20.13 -27.67 1.18
C THR D 376 -20.97 -28.87 1.62
N GLN D 377 -22.28 -28.65 1.78
CA GLN D 377 -23.17 -29.68 2.34
C GLN D 377 -23.39 -30.86 1.40
N GLU D 378 -23.08 -30.71 0.11
CA GLU D 378 -23.32 -31.79 -0.84
C GLU D 378 -22.22 -32.84 -0.82
N ASN D 379 -20.99 -32.45 -0.45
CA ASN D 379 -19.86 -33.38 -0.50
C ASN D 379 -19.02 -33.30 0.77
N PHE D 380 -19.65 -33.14 1.93
CA PHE D 380 -18.91 -33.16 3.18
C PHE D 380 -18.45 -34.57 3.53
N VAL D 381 -19.31 -35.56 3.29
CA VAL D 381 -18.94 -36.95 3.54
C VAL D 381 -17.99 -37.51 2.50
N ASP D 382 -17.84 -36.84 1.36
CA ASP D 382 -16.94 -37.30 0.32
C ASP D 382 -15.50 -36.92 0.69
N MET D 383 -15.30 -35.71 1.18
CA MET D 383 -13.95 -35.17 1.28
C MET D 383 -13.31 -35.42 2.65
N GLN D 384 -14.10 -35.76 3.68
CA GLN D 384 -13.48 -36.09 4.96
C GLN D 384 -12.76 -37.43 4.93
N GLN D 385 -13.16 -38.34 4.04
CA GLN D 385 -12.40 -39.56 3.81
C GLN D 385 -11.13 -39.30 3.01
N ARG D 386 -11.12 -38.22 2.22
CA ARG D 386 -9.92 -37.84 1.48
C ARG D 386 -8.84 -37.26 2.39
N CYS D 387 -9.23 -36.74 3.56
CA CYS D 387 -8.29 -36.13 4.48
C CYS D 387 -7.58 -37.14 5.38
N ASN D 388 -8.21 -38.25 5.72
CA ASN D 388 -7.52 -39.29 6.47
C ASN D 388 -6.70 -40.20 5.58
N ALA D 389 -6.98 -40.21 4.27
CA ALA D 389 -6.13 -40.94 3.34
C ALA D 389 -4.89 -40.15 2.97
N SER D 390 -4.94 -38.82 3.12
CA SER D 390 -3.78 -37.99 2.82
C SER D 390 -2.88 -37.84 4.04
N ASP D 391 -3.40 -37.29 5.14
CA ASP D 391 -2.63 -37.11 6.37
C ASP D 391 -3.35 -37.85 7.49
N PRO D 392 -2.98 -39.10 7.77
CA PRO D 392 -3.62 -39.83 8.88
C PRO D 392 -3.22 -39.31 10.26
N ALA D 393 -2.11 -38.59 10.37
CA ALA D 393 -1.70 -38.06 11.68
C ALA D 393 -2.33 -36.72 11.96
N ALA D 394 -2.43 -35.86 10.94
CA ALA D 394 -3.00 -34.52 11.13
C ALA D 394 -4.52 -34.55 11.22
N TYR D 395 -5.15 -35.65 10.84
CA TYR D 395 -6.61 -35.78 10.93
C TYR D 395 -7.06 -36.25 12.31
N ALA D 396 -6.15 -36.76 13.14
CA ALA D 396 -6.54 -37.37 14.41
C ALA D 396 -6.91 -36.34 15.46
N GLN D 397 -6.27 -35.16 15.47
CA GLN D 397 -6.55 -34.17 16.49
C GLN D 397 -7.76 -33.30 16.15
N LEU D 398 -8.29 -33.40 14.94
CA LEU D 398 -9.49 -32.65 14.57
C LEU D 398 -10.72 -33.29 15.19
N VAL D 399 -11.73 -32.46 15.45
CA VAL D 399 -13.00 -32.90 16.02
C VAL D 399 -14.09 -32.65 14.98
N PHE D 400 -15.11 -33.48 14.98
CA PHE D 400 -16.25 -33.34 14.08
C PHE D 400 -17.53 -33.49 14.87
N GLN D 401 -18.34 -32.44 14.88
CA GLN D 401 -19.60 -32.46 15.59
C GLN D 401 -20.60 -33.39 14.91
N THR D 402 -21.31 -34.15 15.73
CA THR D 402 -22.34 -35.05 15.26
C THR D 402 -23.70 -34.42 15.52
N CYS D 403 -24.33 -33.92 14.46
CA CYS D 403 -25.63 -33.26 14.61
C CYS D 403 -26.48 -33.54 13.38
N ASP D 404 -27.76 -33.82 13.61
CA ASP D 404 -28.72 -34.07 12.55
C ASP D 404 -30.11 -33.75 13.12
N ILE D 405 -31.05 -33.42 12.23
CA ILE D 405 -32.40 -33.04 12.65
C ILE D 405 -33.10 -34.26 13.24
N ASN D 406 -34.13 -33.99 14.06
CA ASN D 406 -34.87 -34.83 15.05
C ASN D 406 -34.08 -34.93 16.34
N ALA D 407 -32.89 -34.35 16.39
CA ALA D 407 -32.21 -34.06 17.65
C ALA D 407 -32.27 -32.59 18.01
N PHE D 408 -32.48 -31.71 17.02
CA PHE D 408 -32.79 -30.31 17.27
C PHE D 408 -34.27 -30.03 17.27
N LEU D 409 -35.08 -30.94 16.74
CA LEU D 409 -36.53 -30.85 16.78
C LEU D 409 -37.11 -31.56 17.99
N SER D 410 -36.26 -32.01 18.90
CA SER D 410 -36.71 -32.62 20.14
C SER D 410 -35.81 -32.20 21.29
N GLU D 411 -36.17 -31.12 21.98
CA GLU D 411 -35.33 -30.56 23.03
C GLU D 411 -36.17 -30.16 24.22
N ALA D 412 -35.51 -29.54 25.20
CA ALA D 412 -36.18 -29.08 26.41
C ALA D 412 -37.04 -27.86 26.13
N VAL D 413 -38.34 -28.10 25.96
CA VAL D 413 -39.33 -27.09 25.63
C VAL D 413 -40.24 -27.08 26.86
N GLU D 414 -39.61 -27.16 28.03
CA GLU D 414 -40.29 -27.23 29.32
C GLU D 414 -41.12 -25.99 29.64
N GLY D 415 -41.82 -26.02 30.78
CA GLY D 415 -42.73 -24.93 31.14
C GLY D 415 -41.99 -23.62 31.33
N THR D 416 -42.55 -22.54 30.79
CA THR D 416 -41.98 -21.19 30.65
C THR D 416 -40.67 -21.26 29.88
N GLY D 417 -40.62 -22.09 28.84
CA GLY D 417 -39.43 -22.21 28.03
C GLY D 417 -39.69 -22.13 26.54
N LEU D 418 -40.87 -21.65 26.16
CA LEU D 418 -41.22 -21.56 24.75
C LEU D 418 -41.46 -20.11 24.38
N ALA D 419 -42.25 -19.40 25.17
CA ALA D 419 -42.49 -17.99 24.90
C ALA D 419 -41.29 -17.12 25.26
N PHE D 420 -40.37 -17.63 26.06
CA PHE D 420 -39.26 -16.83 26.56
C PHE D 420 -37.90 -17.23 26.01
N ILE D 421 -37.73 -18.48 25.58
CA ILE D 421 -36.43 -18.94 25.11
C ILE D 421 -36.51 -19.30 23.63
N VAL D 422 -37.65 -19.80 23.19
CA VAL D 422 -37.80 -20.22 21.80
C VAL D 422 -38.28 -19.09 20.91
N PHE D 423 -39.33 -18.37 21.32
CA PHE D 423 -39.84 -17.29 20.49
C PHE D 423 -38.94 -16.06 20.52
N THR D 424 -38.40 -15.71 21.69
CA THR D 424 -37.59 -14.50 21.78
C THR D 424 -36.22 -14.66 21.14
N GLU D 425 -35.79 -15.90 20.86
CA GLU D 425 -34.57 -16.10 20.10
C GLU D 425 -34.83 -15.97 18.60
N ALA D 426 -36.01 -16.38 18.14
CA ALA D 426 -36.34 -16.28 16.72
C ALA D 426 -36.77 -14.89 16.30
N ILE D 427 -37.29 -14.08 17.22
CA ILE D 427 -37.72 -12.72 16.90
C ILE D 427 -36.52 -11.83 16.56
N THR D 428 -35.39 -12.05 17.22
CA THR D 428 -34.18 -11.24 16.99
C THR D 428 -33.50 -11.54 15.65
N LYS D 429 -34.02 -12.47 14.85
CA LYS D 429 -33.49 -12.73 13.52
C LYS D 429 -34.45 -12.31 12.41
N MET D 430 -35.60 -11.75 12.75
CA MET D 430 -36.43 -11.10 11.76
C MET D 430 -36.00 -9.63 11.61
N PRO D 431 -36.22 -9.05 10.44
CA PRO D 431 -36.09 -7.59 10.32
C PRO D 431 -37.24 -6.91 11.04
N LEU D 432 -36.98 -5.67 11.47
CA LEU D 432 -37.87 -4.87 12.32
C LEU D 432 -38.26 -5.62 13.59
N SER D 433 -37.24 -6.19 14.22
CA SER D 433 -37.37 -7.02 15.41
C SER D 433 -37.97 -6.39 16.68
N PRO D 434 -37.92 -5.06 16.91
CA PRO D 434 -38.76 -4.54 18.02
C PRO D 434 -40.24 -4.55 17.74
N LEU D 435 -40.66 -4.63 16.48
CA LEU D 435 -42.09 -4.65 16.19
C LEU D 435 -42.70 -6.02 16.43
N TRP D 436 -41.97 -7.09 16.11
CA TRP D 436 -42.49 -8.44 16.32
C TRP D 436 -42.44 -8.87 17.78
N SER D 437 -41.85 -8.06 18.64
CA SER D 437 -41.78 -8.41 20.05
C SER D 437 -42.98 -7.81 20.75
N VAL D 438 -43.27 -6.55 20.44
CA VAL D 438 -44.39 -5.86 21.02
C VAL D 438 -45.68 -6.57 20.65
N LEU D 439 -45.94 -6.73 19.36
CA LEU D 439 -47.14 -7.41 18.90
C LEU D 439 -47.32 -8.74 19.63
N PHE D 440 -46.35 -9.62 19.48
CA PHE D 440 -46.40 -10.93 20.11
C PHE D 440 -46.74 -10.86 21.59
N PHE D 441 -46.00 -10.05 22.34
CA PHE D 441 -46.25 -9.98 23.77
C PHE D 441 -47.59 -9.37 24.17
N ILE D 442 -48.06 -8.38 23.43
CA ILE D 442 -49.35 -7.79 23.77
C ILE D 442 -50.40 -8.86 23.50
N MET D 443 -50.18 -9.65 22.46
CA MET D 443 -51.10 -10.72 22.12
C MET D 443 -51.15 -11.70 23.29
N LEU D 444 -49.99 -12.11 23.78
CA LEU D 444 -49.98 -13.04 24.90
C LEU D 444 -50.70 -12.45 26.10
N PHE D 445 -50.45 -11.17 26.36
CA PHE D 445 -51.08 -10.48 27.48
C PHE D 445 -52.60 -10.56 27.38
N CYS D 446 -53.12 -10.27 26.19
CA CYS D 446 -54.56 -10.32 25.98
C CYS D 446 -55.08 -11.72 26.19
N LEU D 447 -54.40 -12.71 25.62
CA LEU D 447 -54.83 -14.09 25.78
C LEU D 447 -54.89 -14.48 27.24
N GLY D 448 -53.96 -13.98 28.03
CA GLY D 448 -53.92 -14.31 29.44
C GLY D 448 -54.74 -13.47 30.38
N LEU D 449 -55.24 -12.33 29.91
CA LEU D 449 -56.04 -11.46 30.76
C LEU D 449 -57.51 -11.82 30.68
N SER D 450 -57.97 -12.13 29.48
CA SER D 450 -59.36 -12.49 29.24
C SER D 450 -59.73 -13.83 29.87
N SER D 451 -58.76 -14.67 30.19
CA SER D 451 -59.04 -15.91 30.91
C SER D 451 -59.04 -15.72 32.41
N MET D 452 -58.56 -14.59 32.91
CA MET D 452 -58.68 -14.22 34.31
C MET D 452 -59.95 -13.44 34.59
N PHE D 453 -60.71 -13.08 33.55
CA PHE D 453 -62.01 -12.46 33.76
C PHE D 453 -62.99 -13.45 34.33
N GLY D 454 -63.15 -14.60 33.68
CA GLY D 454 -64.04 -15.62 34.19
C GLY D 454 -63.51 -16.37 35.37
N ASN D 455 -62.18 -16.38 35.56
CA ASN D 455 -61.59 -17.01 36.73
C ASN D 455 -61.79 -16.19 37.98
N MET D 456 -62.02 -14.88 37.84
CA MET D 456 -62.41 -14.06 38.97
C MET D 456 -63.87 -14.25 39.33
N GLU D 457 -64.69 -14.67 38.37
CA GLU D 457 -66.09 -14.96 38.65
C GLU D 457 -66.25 -16.26 39.42
N GLY D 458 -65.28 -17.17 39.31
CA GLY D 458 -65.32 -18.39 40.09
C GLY D 458 -64.97 -18.23 41.54
N VAL D 459 -64.40 -17.08 41.92
CA VAL D 459 -64.08 -16.80 43.31
C VAL D 459 -65.01 -15.76 43.93
N VAL D 460 -65.42 -14.75 43.15
CA VAL D 460 -66.24 -13.66 43.70
C VAL D 460 -67.66 -14.14 44.00
N VAL D 461 -68.26 -14.87 43.07
CA VAL D 461 -69.67 -15.26 43.16
C VAL D 461 -69.96 -16.28 44.28
N PRO D 462 -69.24 -17.42 44.43
CA PRO D 462 -69.59 -18.30 45.56
C PRO D 462 -69.15 -17.78 46.91
N LEU D 463 -68.24 -16.80 46.97
CA LEU D 463 -67.93 -16.12 48.21
C LEU D 463 -68.94 -15.04 48.53
N GLN D 464 -69.81 -14.69 47.59
CA GLN D 464 -70.89 -13.75 47.80
C GLN D 464 -72.20 -14.44 48.16
N ASP D 465 -72.32 -15.73 47.87
CA ASP D 465 -73.44 -16.55 48.29
C ASP D 465 -73.21 -17.22 49.65
N LEU D 466 -72.02 -17.10 50.21
CA LEU D 466 -71.70 -17.70 51.50
C LEU D 466 -72.08 -16.81 52.67
N ARG D 467 -72.45 -15.55 52.41
CA ARG D 467 -72.83 -14.55 53.42
C ARG D 467 -71.74 -14.34 54.45
N VAL D 468 -70.54 -14.04 53.96
CA VAL D 468 -69.42 -13.70 54.83
C VAL D 468 -69.12 -12.20 54.80
N ILE D 469 -69.59 -11.47 53.81
CA ILE D 469 -69.44 -10.02 53.75
C ILE D 469 -70.80 -9.42 54.07
N PRO D 470 -70.87 -8.34 54.86
CA PRO D 470 -72.16 -7.69 55.13
C PRO D 470 -72.76 -7.13 53.85
N PRO D 471 -74.03 -7.46 53.57
CA PRO D 471 -74.60 -7.15 52.25
C PRO D 471 -75.12 -5.73 52.10
N LYS D 472 -74.37 -4.75 52.56
CA LYS D 472 -74.60 -3.36 52.22
C LYS D 472 -73.36 -2.68 51.64
N TRP D 473 -72.20 -3.32 51.74
CA TRP D 473 -71.00 -2.84 51.06
C TRP D 473 -71.16 -3.03 49.56
N PRO D 474 -70.54 -2.18 48.74
CA PRO D 474 -70.66 -2.35 47.28
C PRO D 474 -69.90 -3.58 46.79
N LYS D 475 -70.16 -3.92 45.53
CA LYS D 475 -69.47 -5.04 44.91
C LYS D 475 -67.99 -4.76 44.68
N GLU D 476 -67.63 -3.49 44.50
CA GLU D 476 -66.26 -3.09 44.24
C GLU D 476 -65.37 -3.12 45.48
N VAL D 477 -65.92 -3.41 46.66
CA VAL D 477 -65.11 -3.59 47.86
C VAL D 477 -64.66 -5.03 48.03
N LEU D 478 -65.53 -5.99 47.80
CA LEU D 478 -65.14 -7.39 47.91
C LEU D 478 -64.08 -7.75 46.86
N THR D 479 -64.33 -7.37 45.62
CA THR D 479 -63.39 -7.66 44.55
C THR D 479 -62.00 -7.18 44.94
N GLY D 480 -61.89 -5.90 45.24
CA GLY D 480 -60.61 -5.33 45.64
C GLY D 480 -60.01 -6.12 46.78
N LEU D 481 -60.84 -6.49 47.75
CA LEU D 481 -60.36 -7.26 48.88
C LEU D 481 -59.66 -8.51 48.40
N ILE D 482 -60.35 -9.36 47.66
CA ILE D 482 -59.76 -10.58 47.14
C ILE D 482 -58.40 -10.30 46.48
N CYS D 483 -58.37 -9.35 45.56
CA CYS D 483 -57.18 -8.98 44.82
C CYS D 483 -55.99 -8.76 45.74
N LEU D 484 -56.16 -7.92 46.75
CA LEU D 484 -55.10 -7.63 47.70
C LEU D 484 -54.56 -8.93 48.29
N GLY D 485 -55.44 -9.79 48.76
CA GLY D 485 -55.03 -11.04 49.34
C GLY D 485 -54.18 -11.87 48.41
N THR D 486 -54.65 -12.06 47.19
CA THR D 486 -53.91 -12.86 46.22
C THR D 486 -52.56 -12.23 45.85
N PHE D 487 -52.49 -10.91 45.81
CA PHE D 487 -51.25 -10.22 45.49
C PHE D 487 -50.26 -10.42 46.63
N LEU D 488 -50.77 -10.40 47.86
CA LEU D 488 -49.91 -10.58 49.02
C LEU D 488 -49.47 -12.03 49.12
N ILE D 489 -50.21 -12.92 48.46
CA ILE D 489 -49.84 -14.33 48.46
C ILE D 489 -48.92 -14.65 47.28
N GLY D 490 -48.85 -13.74 46.32
CA GLY D 490 -48.02 -13.92 45.14
C GLY D 490 -46.55 -13.61 45.37
N PHE D 491 -46.19 -13.31 46.61
CA PHE D 491 -44.81 -13.00 47.00
C PHE D 491 -43.92 -14.23 46.96
N ILE D 492 -44.50 -15.44 47.02
CA ILE D 492 -43.72 -16.66 47.04
C ILE D 492 -43.18 -16.99 45.65
N PHE D 493 -43.69 -16.35 44.60
CA PHE D 493 -43.24 -16.57 43.24
C PHE D 493 -42.28 -15.49 42.77
N THR D 494 -41.89 -14.58 43.65
CA THR D 494 -40.90 -13.56 43.30
C THR D 494 -39.57 -13.78 43.99
N LEU D 495 -39.37 -14.92 44.66
CA LEU D 495 -38.10 -15.22 45.29
C LEU D 495 -37.09 -15.67 44.22
N ASN D 496 -35.90 -16.07 44.67
CA ASN D 496 -34.94 -16.66 43.75
C ASN D 496 -35.38 -18.04 43.29
N SER D 497 -35.96 -18.81 44.21
CA SER D 497 -36.50 -20.13 43.90
C SER D 497 -37.96 -20.06 43.46
N GLY D 498 -38.41 -18.92 42.94
CA GLY D 498 -39.79 -18.73 42.59
C GLY D 498 -40.24 -19.38 41.30
N GLN D 499 -39.30 -19.88 40.49
CA GLN D 499 -39.70 -20.64 39.31
C GLN D 499 -39.89 -22.12 39.62
N TYR D 500 -39.18 -22.63 40.62
CA TYR D 500 -39.41 -24.01 41.06
C TYR D 500 -40.71 -24.17 41.81
N TRP D 501 -41.22 -23.09 42.42
CA TRP D 501 -42.51 -23.14 43.09
C TRP D 501 -43.66 -23.08 42.10
N LEU D 502 -43.48 -22.42 40.96
CA LEU D 502 -44.55 -22.31 40.00
C LEU D 502 -44.71 -23.58 39.17
N SER D 503 -43.63 -24.31 38.91
CA SER D 503 -43.80 -25.54 38.14
C SER D 503 -44.64 -26.57 38.91
N LEU D 504 -44.03 -27.10 39.96
CA LEU D 504 -44.65 -28.08 40.83
C LEU D 504 -46.11 -27.74 41.06
N LEU D 505 -46.33 -26.63 41.77
CA LEU D 505 -47.67 -26.15 42.08
C LEU D 505 -48.53 -26.25 40.84
N ASP D 506 -48.09 -25.57 39.78
CA ASP D 506 -48.77 -25.57 38.49
C ASP D 506 -49.27 -26.96 38.17
N SER D 507 -48.37 -27.80 37.70
CA SER D 507 -48.69 -29.18 37.35
C SER D 507 -49.69 -29.84 38.29
N TYR D 508 -49.37 -29.91 39.57
CA TYR D 508 -50.28 -30.59 40.50
C TYR D 508 -51.69 -30.00 40.62
N ALA D 509 -51.78 -28.71 40.92
CA ALA D 509 -53.08 -28.07 41.08
C ALA D 509 -53.79 -27.89 39.75
N GLY D 510 -53.14 -28.31 38.68
CA GLY D 510 -53.72 -28.17 37.35
C GLY D 510 -54.11 -29.51 36.77
N SER D 511 -53.65 -30.57 37.41
CA SER D 511 -53.97 -31.91 36.91
C SER D 511 -55.00 -32.61 37.78
N ILE D 512 -54.67 -32.77 39.05
CA ILE D 512 -55.57 -33.47 39.96
C ILE D 512 -56.93 -32.79 40.08
N PRO D 513 -57.00 -31.63 40.71
CA PRO D 513 -58.25 -30.89 40.89
C PRO D 513 -59.25 -30.84 39.72
N LEU D 514 -58.82 -30.92 38.45
CA LEU D 514 -59.81 -30.84 37.35
C LEU D 514 -60.74 -32.05 37.20
N LEU D 515 -60.12 -33.20 37.07
CA LEU D 515 -60.70 -34.54 36.91
C LEU D 515 -61.75 -34.86 37.97
N ILE D 516 -61.39 -34.77 39.25
CA ILE D 516 -62.39 -35.11 40.29
C ILE D 516 -63.74 -34.36 40.18
N ILE D 517 -63.67 -33.03 40.16
CA ILE D 517 -64.87 -32.22 40.09
C ILE D 517 -65.64 -32.43 38.79
N ALA D 518 -64.92 -32.67 37.71
CA ALA D 518 -65.55 -32.88 36.42
C ALA D 518 -66.38 -34.13 36.51
N PHE D 519 -65.86 -35.15 37.17
CA PHE D 519 -66.63 -36.37 37.32
C PHE D 519 -67.82 -36.20 38.26
N CYS D 520 -67.68 -35.38 39.29
CA CYS D 520 -68.80 -35.19 40.24
C CYS D 520 -70.01 -34.44 39.67
N GLU D 521 -69.78 -33.62 38.65
CA GLU D 521 -70.78 -32.82 37.95
C GLU D 521 -71.58 -33.66 36.97
N MET D 522 -70.94 -34.66 36.36
CA MET D 522 -71.64 -35.54 35.43
C MET D 522 -72.47 -36.58 36.17
N PHE D 523 -72.03 -36.99 37.36
CA PHE D 523 -72.75 -38.01 38.11
C PHE D 523 -73.98 -37.45 38.79
N SER D 524 -73.85 -36.28 39.42
CA SER D 524 -74.92 -35.74 40.25
C SER D 524 -76.08 -35.18 39.44
N VAL D 525 -75.91 -34.92 38.15
CA VAL D 525 -77.02 -34.45 37.34
C VAL D 525 -77.85 -35.61 36.81
N VAL D 526 -77.20 -36.68 36.34
CA VAL D 526 -77.93 -37.77 35.69
C VAL D 526 -78.28 -38.91 36.65
N TYR D 527 -77.85 -38.84 37.91
CA TYR D 527 -78.16 -39.90 38.86
C TYR D 527 -78.66 -39.43 40.22
N VAL D 528 -78.55 -38.15 40.54
CA VAL D 528 -79.14 -37.59 41.76
C VAL D 528 -80.28 -36.64 41.44
N TYR D 529 -80.05 -35.71 40.52
CA TYR D 529 -81.14 -34.91 39.97
C TYR D 529 -82.06 -35.76 39.13
N GLY D 530 -81.52 -36.40 38.09
CA GLY D 530 -82.27 -37.26 37.22
C GLY D 530 -82.17 -36.82 35.78
N VAL D 531 -81.74 -37.72 34.89
CA VAL D 531 -81.61 -37.37 33.49
C VAL D 531 -82.97 -37.32 32.81
N ASP D 532 -83.94 -38.10 33.27
CA ASP D 532 -85.28 -38.07 32.69
C ASP D 532 -86.07 -36.84 33.12
N ARG D 533 -85.80 -36.31 34.31
CA ARG D 533 -86.33 -35.00 34.69
C ARG D 533 -85.62 -33.89 33.94
N PHE D 534 -84.32 -34.06 33.69
CA PHE D 534 -83.52 -33.06 32.98
C PHE D 534 -83.93 -32.91 31.53
N ASN D 535 -84.47 -33.94 30.90
CA ASN D 535 -84.95 -33.83 29.53
C ASN D 535 -86.24 -33.05 29.42
N LYS D 536 -87.03 -32.98 30.49
CA LYS D 536 -88.21 -32.11 30.48
C LYS D 536 -87.82 -30.64 30.58
N ASP D 537 -86.66 -30.36 31.17
CA ASP D 537 -86.18 -28.99 31.28
C ASP D 537 -85.60 -28.49 29.96
N ILE D 538 -84.98 -29.38 29.19
CA ILE D 538 -84.43 -28.98 27.90
C ILE D 538 -85.56 -28.78 26.89
N GLU D 539 -86.60 -29.62 26.96
CA GLU D 539 -87.72 -29.49 26.03
C GLU D 539 -88.53 -28.24 26.29
N PHE D 540 -88.54 -27.74 27.52
CA PHE D 540 -89.25 -26.49 27.80
C PHE D 540 -88.46 -25.29 27.30
N MET D 541 -87.13 -25.35 27.40
CA MET D 541 -86.32 -24.17 27.10
C MET D 541 -86.06 -24.02 25.60
N ILE D 542 -85.44 -25.02 24.97
CA ILE D 542 -85.00 -24.91 23.60
C ILE D 542 -86.00 -25.43 22.59
N GLY D 543 -86.99 -26.23 23.01
CA GLY D 543 -88.07 -26.64 22.14
C GLY D 543 -88.13 -28.13 21.83
N HIS D 544 -87.10 -28.89 22.15
CA HIS D 544 -87.09 -30.33 21.87
C HIS D 544 -86.20 -31.04 22.87
N LYS D 545 -86.21 -32.36 22.81
CA LYS D 545 -85.37 -33.16 23.67
C LYS D 545 -83.97 -33.27 23.06
N PRO D 546 -82.96 -33.61 23.87
CA PRO D 546 -81.64 -33.90 23.30
C PRO D 546 -81.65 -35.14 22.42
N ASN D 547 -80.70 -35.19 21.49
CA ASN D 547 -80.65 -36.25 20.49
C ASN D 547 -80.16 -37.56 21.12
N ILE D 548 -80.00 -38.58 20.29
CA ILE D 548 -79.50 -39.85 20.78
C ILE D 548 -77.99 -39.79 21.05
N PHE D 549 -77.28 -38.81 20.48
CA PHE D 549 -75.85 -38.67 20.77
C PHE D 549 -75.63 -38.13 22.18
N TRP D 550 -76.52 -37.24 22.64
CA TRP D 550 -76.38 -36.71 23.99
C TRP D 550 -76.84 -37.71 25.05
N GLN D 551 -77.63 -38.71 24.66
CA GLN D 551 -78.13 -39.65 25.64
C GLN D 551 -77.12 -40.72 26.00
N VAL D 552 -76.33 -41.19 25.03
CA VAL D 552 -75.36 -42.25 25.29
C VAL D 552 -74.15 -41.71 26.04
N THR D 553 -73.72 -40.50 25.71
CA THR D 553 -72.53 -39.93 26.35
C THR D 553 -72.82 -39.48 27.78
N TRP D 554 -74.04 -39.06 28.08
CA TRP D 554 -74.36 -38.61 29.43
C TRP D 554 -74.45 -39.77 30.40
N ARG D 555 -75.14 -40.84 30.01
CA ARG D 555 -75.42 -41.93 30.94
C ARG D 555 -74.30 -42.97 30.98
N VAL D 556 -73.78 -43.36 29.81
CA VAL D 556 -72.92 -44.54 29.70
C VAL D 556 -71.48 -44.15 29.43
N VAL D 557 -71.22 -43.40 28.36
CA VAL D 557 -69.86 -43.31 27.82
C VAL D 557 -68.98 -42.40 28.66
N SER D 558 -69.29 -41.11 28.73
CA SER D 558 -68.40 -40.16 29.39
C SER D 558 -68.26 -40.28 30.92
N PRO D 559 -69.21 -40.85 31.62
CA PRO D 559 -69.00 -41.04 33.05
C PRO D 559 -67.89 -42.07 33.22
N LEU D 560 -67.84 -43.01 32.27
CA LEU D 560 -66.86 -44.09 32.25
C LEU D 560 -65.44 -43.67 31.87
N LEU D 561 -65.30 -42.89 30.81
CA LEU D 561 -63.99 -42.43 30.39
C LEU D 561 -63.35 -41.64 31.51
N MET D 562 -64.16 -40.85 32.21
CA MET D 562 -63.66 -40.05 33.31
C MET D 562 -63.28 -41.00 34.43
N LEU D 563 -64.21 -41.88 34.79
CA LEU D 563 -63.93 -42.84 35.84
C LEU D 563 -62.66 -43.63 35.55
N ILE D 564 -62.21 -43.62 34.29
CA ILE D 564 -61.00 -44.33 33.89
C ILE D 564 -59.78 -43.43 34.08
N ILE D 565 -59.76 -42.30 33.37
CA ILE D 565 -58.64 -41.36 33.46
C ILE D 565 -58.27 -41.12 34.92
N PHE D 566 -59.20 -41.44 35.82
CA PHE D 566 -58.99 -41.29 37.25
C PHE D 566 -58.15 -42.43 37.82
N LEU D 567 -58.23 -43.62 37.23
CA LEU D 567 -57.35 -44.70 37.64
C LEU D 567 -55.96 -44.57 37.02
N PHE D 568 -55.83 -43.87 35.89
CA PHE D 568 -54.52 -43.69 35.29
C PHE D 568 -53.67 -42.68 36.05
N PHE D 569 -54.28 -41.87 36.92
CA PHE D 569 -53.51 -40.93 37.72
C PHE D 569 -52.70 -41.66 38.79
N PHE D 570 -53.28 -42.68 39.42
CA PHE D 570 -52.58 -43.42 40.46
C PHE D 570 -51.62 -44.47 39.90
N VAL D 571 -51.81 -44.87 38.64
CA VAL D 571 -50.85 -45.75 38.00
C VAL D 571 -49.54 -45.03 37.69
N VAL D 572 -49.60 -43.73 37.39
CA VAL D 572 -48.39 -42.97 37.07
C VAL D 572 -47.90 -42.09 38.21
N GLU D 573 -48.70 -41.88 39.26
CA GLU D 573 -48.15 -41.22 40.45
C GLU D 573 -47.18 -42.16 41.16
N VAL D 574 -47.60 -43.40 41.41
CA VAL D 574 -46.67 -44.45 41.75
C VAL D 574 -45.91 -44.85 40.48
N SER D 575 -44.73 -45.48 40.67
CA SER D 575 -43.83 -45.94 39.60
C SER D 575 -43.31 -44.77 38.76
N GLN D 576 -43.02 -43.66 39.44
CA GLN D 576 -42.26 -42.57 38.86
C GLN D 576 -41.54 -41.87 40.00
N GLU D 577 -40.49 -41.13 39.66
CA GLU D 577 -39.68 -40.41 40.64
C GLU D 577 -39.89 -38.92 40.44
N LEU D 578 -40.16 -38.21 41.52
CA LEU D 578 -40.38 -36.76 41.46
C LEU D 578 -39.07 -36.05 41.21
N THR D 579 -38.85 -35.60 39.97
CA THR D 579 -37.65 -34.88 39.60
C THR D 579 -38.04 -33.54 39.01
N TYR D 580 -37.11 -32.59 39.11
CA TYR D 580 -37.28 -31.25 38.56
C TYR D 580 -35.93 -30.75 38.09
N SER D 581 -35.96 -29.79 37.16
CA SER D 581 -34.76 -29.32 36.51
C SER D 581 -34.07 -28.23 37.34
N ILE D 582 -32.75 -28.19 37.24
CA ILE D 582 -31.90 -27.34 38.05
C ILE D 582 -30.95 -26.60 37.12
N TRP D 583 -30.79 -25.28 37.33
CA TRP D 583 -29.90 -24.52 36.45
C TRP D 583 -28.44 -24.78 36.79
N ASP D 584 -28.00 -24.35 37.99
CA ASP D 584 -26.70 -24.65 38.59
C ASP D 584 -25.49 -24.35 37.71
N PRO D 585 -25.07 -23.08 37.58
CA PRO D 585 -23.91 -22.73 36.74
C PRO D 585 -22.54 -23.02 37.37
N GLY D 586 -22.42 -24.19 38.00
CA GLY D 586 -21.16 -24.71 38.47
C GLY D 586 -21.11 -26.20 38.17
N TYR D 587 -22.22 -26.70 37.66
CA TYR D 587 -22.36 -28.11 37.32
C TYR D 587 -21.66 -28.39 36.00
N GLU D 588 -20.79 -29.41 36.00
CA GLU D 588 -20.13 -29.85 34.78
C GLU D 588 -21.14 -30.41 33.80
N GLU D 589 -20.79 -30.34 32.51
CA GLU D 589 -21.73 -30.49 31.39
C GLU D 589 -22.93 -29.56 31.59
N PHE D 590 -22.64 -28.26 31.55
CA PHE D 590 -23.59 -27.26 32.06
C PHE D 590 -24.88 -27.12 31.26
N PRO D 591 -24.87 -26.78 29.96
CA PRO D 591 -26.12 -26.31 29.33
C PRO D 591 -27.18 -27.39 29.13
N LYS D 592 -26.85 -28.66 29.27
CA LYS D 592 -27.86 -29.69 29.20
C LYS D 592 -28.59 -29.81 30.54
N SER D 593 -29.68 -30.56 30.54
CA SER D 593 -30.61 -30.59 31.66
C SER D 593 -30.07 -31.47 32.80
N GLN D 594 -30.24 -31.00 34.02
CA GLN D 594 -29.92 -31.75 35.22
C GLN D 594 -31.18 -31.90 36.07
N LYS D 595 -31.52 -33.13 36.42
CA LYS D 595 -32.73 -33.42 37.19
C LYS D 595 -32.33 -34.00 38.54
N ILE D 596 -32.73 -33.33 39.62
CA ILE D 596 -32.55 -33.85 40.97
C ILE D 596 -33.91 -34.09 41.58
N SER D 597 -33.91 -34.77 42.72
CA SER D 597 -35.14 -35.14 43.41
C SER D 597 -35.59 -34.06 44.36
N TYR D 598 -36.90 -34.01 44.59
CA TYR D 598 -37.49 -33.03 45.49
C TYR D 598 -37.11 -33.33 46.94
N PRO D 599 -37.18 -32.33 47.82
CA PRO D 599 -37.05 -32.62 49.26
C PRO D 599 -38.27 -33.37 49.79
N ASN D 600 -38.19 -33.74 51.06
CA ASN D 600 -39.23 -34.56 51.66
C ASN D 600 -40.41 -33.75 52.18
N TRP D 601 -40.25 -32.44 52.34
CA TRP D 601 -41.38 -31.61 52.76
C TRP D 601 -42.23 -31.14 51.59
N VAL D 602 -41.96 -31.61 50.37
CA VAL D 602 -42.78 -31.19 49.24
C VAL D 602 -44.10 -31.97 49.22
N TYR D 603 -44.19 -33.09 49.93
CA TYR D 603 -45.44 -33.82 50.00
C TYR D 603 -46.49 -33.09 50.82
N VAL D 604 -46.05 -32.20 51.69
CA VAL D 604 -46.98 -31.41 52.48
C VAL D 604 -47.63 -30.41 51.54
N VAL D 605 -46.82 -29.82 50.67
CA VAL D 605 -47.31 -28.85 49.71
C VAL D 605 -48.21 -29.54 48.70
N VAL D 606 -47.72 -30.62 48.10
CA VAL D 606 -48.51 -31.36 47.13
C VAL D 606 -49.82 -31.72 47.81
N VAL D 607 -49.72 -32.33 48.98
CA VAL D 607 -50.89 -32.73 49.76
C VAL D 607 -51.87 -31.57 49.80
N ILE D 608 -51.50 -30.46 50.41
CA ILE D 608 -52.41 -29.33 50.45
C ILE D 608 -53.02 -29.00 49.09
N VAL D 609 -52.19 -28.61 48.14
CA VAL D 609 -52.65 -28.22 46.80
C VAL D 609 -53.52 -29.20 46.00
N ALA D 610 -53.48 -30.49 46.31
CA ALA D 610 -54.29 -31.43 45.55
C ALA D 610 -55.18 -32.28 46.44
N GLY D 611 -55.24 -31.90 47.69
CA GLY D 611 -56.01 -32.59 48.70
C GLY D 611 -57.12 -31.66 49.08
N VAL D 612 -56.84 -30.67 49.91
CA VAL D 612 -57.95 -29.77 50.22
C VAL D 612 -59.05 -29.93 49.21
N PRO D 613 -58.89 -29.55 47.96
CA PRO D 613 -59.97 -29.74 46.96
C PRO D 613 -60.82 -31.03 47.10
N SER D 614 -60.23 -32.20 46.83
CA SER D 614 -60.94 -33.49 46.88
C SER D 614 -61.52 -33.83 48.25
N LEU D 615 -60.70 -33.69 49.27
CA LEU D 615 -61.15 -34.01 50.62
C LEU D 615 -62.30 -33.10 51.00
N THR D 616 -62.56 -32.09 50.17
CA THR D 616 -63.63 -31.14 50.44
C THR D 616 -65.01 -31.75 50.17
N ILE D 617 -65.17 -32.41 49.02
CA ILE D 617 -66.45 -33.01 48.69
C ILE D 617 -66.84 -34.03 49.76
N PRO D 618 -66.04 -35.15 49.83
CA PRO D 618 -66.44 -36.09 50.89
C PRO D 618 -66.49 -35.40 52.23
N GLY D 619 -65.60 -34.44 52.46
CA GLY D 619 -65.59 -33.73 53.72
C GLY D 619 -66.97 -33.23 54.10
N TYR D 620 -67.49 -32.30 53.29
CA TYR D 620 -68.80 -31.74 53.55
C TYR D 620 -69.91 -32.78 53.55
N ALA D 621 -69.82 -33.77 52.67
CA ALA D 621 -70.86 -34.78 52.65
C ALA D 621 -70.94 -35.39 54.04
N ILE D 622 -69.80 -35.85 54.54
CA ILE D 622 -69.71 -36.44 55.86
C ILE D 622 -70.28 -35.49 56.89
N TYR D 623 -69.82 -34.26 56.87
CA TYR D 623 -70.31 -33.27 57.83
C TYR D 623 -71.83 -33.26 57.90
N LYS D 624 -72.48 -33.08 56.76
CA LYS D 624 -73.95 -33.04 56.71
C LYS D 624 -74.63 -34.34 57.16
N LEU D 625 -74.12 -35.47 56.68
CA LEU D 625 -74.72 -36.74 57.05
C LEU D 625 -74.58 -36.96 58.56
N ILE D 626 -73.55 -36.37 59.14
CA ILE D 626 -73.31 -36.48 60.58
C ILE D 626 -74.35 -35.63 61.26
N ARG D 627 -74.46 -34.37 60.83
CA ARG D 627 -75.47 -33.46 61.38
C ARG D 627 -76.81 -34.18 61.35
N ASN D 628 -76.92 -35.15 60.44
CA ASN D 628 -78.12 -35.96 60.34
C ASN D 628 -78.10 -36.98 61.48
N HIS D 629 -77.37 -38.07 61.27
CA HIS D 629 -77.22 -39.13 62.28
C HIS D 629 -78.52 -39.42 63.03
N ILE E 30 29.25 -50.47 -46.86
CA ILE E 30 29.78 -51.75 -46.44
C ILE E 30 30.77 -51.45 -45.32
N GLU E 31 31.06 -52.46 -44.50
CA GLU E 31 31.79 -52.26 -43.26
C GLU E 31 33.27 -52.01 -43.51
N GLU E 32 33.82 -52.57 -44.58
CA GLU E 32 35.26 -52.44 -44.80
C GLU E 32 35.60 -51.04 -45.30
N GLN E 33 34.58 -50.31 -45.73
CA GLN E 33 34.75 -48.93 -46.15
C GLN E 33 34.90 -48.03 -44.93
N ALA E 34 34.30 -48.43 -43.81
CA ALA E 34 34.38 -47.65 -42.58
C ALA E 34 35.73 -47.81 -41.91
N LYS E 35 36.35 -48.99 -42.04
CA LYS E 35 37.69 -49.19 -41.48
C LYS E 35 38.70 -48.33 -42.22
N THR E 36 38.62 -48.28 -43.53
CA THR E 36 39.49 -47.40 -44.29
C THR E 36 39.17 -45.93 -44.09
N PHE E 37 37.96 -45.61 -43.63
CA PHE E 37 37.67 -44.22 -43.31
C PHE E 37 38.38 -43.81 -42.02
N LEU E 38 38.39 -44.68 -41.03
CA LEU E 38 38.92 -44.30 -39.72
C LEU E 38 40.43 -44.23 -39.70
N ASP E 39 41.10 -44.99 -40.56
CA ASP E 39 42.56 -44.98 -40.60
C ASP E 39 43.07 -43.64 -41.15
N LYS E 40 42.28 -43.05 -42.04
CA LYS E 40 42.61 -41.79 -42.65
C LYS E 40 42.38 -40.75 -41.55
N PHE E 41 41.35 -40.97 -40.73
CA PHE E 41 41.03 -40.11 -39.61
C PHE E 41 42.08 -40.22 -38.51
N ASN E 42 42.52 -41.43 -38.21
CA ASN E 42 43.43 -41.64 -37.08
C ASN E 42 44.83 -41.10 -37.31
N HIS E 43 45.12 -40.72 -38.55
CA HIS E 43 46.44 -40.19 -38.90
C HIS E 43 46.40 -38.67 -39.00
N GLU E 44 45.27 -38.13 -39.46
CA GLU E 44 45.16 -36.69 -39.58
C GLU E 44 44.81 -36.05 -38.25
N ALA E 45 44.10 -36.77 -37.40
CA ALA E 45 43.70 -36.24 -36.11
C ALA E 45 44.84 -36.16 -35.13
N GLU E 46 45.74 -37.16 -35.10
CA GLU E 46 46.77 -37.22 -34.08
C GLU E 46 47.76 -36.08 -34.22
N ASP E 47 47.98 -35.63 -35.45
CA ASP E 47 48.88 -34.50 -35.66
C ASP E 47 48.16 -33.18 -35.40
N LEU E 48 46.91 -33.05 -35.84
CA LEU E 48 46.20 -31.79 -35.62
C LEU E 48 45.81 -31.60 -34.17
N PHE E 49 45.55 -32.68 -33.43
CA PHE E 49 45.35 -32.56 -32.00
C PHE E 49 46.63 -32.24 -31.25
N TYR E 50 47.78 -32.61 -31.82
CA TYR E 50 49.05 -32.37 -31.15
C TYR E 50 49.36 -30.89 -31.08
N GLN E 51 49.47 -30.28 -32.26
CA GLN E 51 49.76 -28.86 -32.37
C GLN E 51 48.71 -28.02 -31.66
N SER E 52 47.45 -28.43 -31.74
CA SER E 52 46.41 -27.65 -31.07
C SER E 52 46.52 -27.76 -29.56
N SER E 53 47.17 -28.81 -29.07
CA SER E 53 47.43 -28.93 -27.64
C SER E 53 48.82 -28.45 -27.26
N LEU E 54 49.75 -28.42 -28.20
CA LEU E 54 51.06 -27.86 -27.91
C LEU E 54 50.99 -26.35 -27.80
N ALA E 55 50.17 -25.70 -28.62
CA ALA E 55 50.00 -24.26 -28.51
C ALA E 55 49.24 -23.88 -27.26
N SER E 56 48.40 -24.78 -26.73
CA SER E 56 47.76 -24.52 -25.46
C SER E 56 48.72 -24.70 -24.29
N TRP E 57 49.83 -25.40 -24.50
CA TRP E 57 50.84 -25.49 -23.45
C TRP E 57 51.64 -24.20 -23.35
N ASN E 58 51.99 -23.62 -24.50
CA ASN E 58 52.83 -22.43 -24.50
C ASN E 58 52.07 -21.21 -23.99
N TYR E 59 50.75 -21.20 -24.13
CA TYR E 59 49.96 -20.16 -23.49
C TYR E 59 49.88 -20.39 -21.99
N ASN E 60 49.75 -21.65 -21.56
CA ASN E 60 49.54 -21.91 -20.15
C ASN E 60 50.80 -21.73 -19.31
N THR E 61 51.98 -21.82 -19.91
CA THR E 61 53.16 -21.73 -19.08
C THR E 61 53.92 -20.43 -19.28
N ASN E 62 53.47 -19.57 -20.20
CA ASN E 62 54.12 -18.31 -20.50
C ASN E 62 53.03 -17.45 -21.16
N ILE E 63 52.41 -16.57 -20.38
CA ILE E 63 51.28 -15.83 -20.91
C ILE E 63 51.74 -14.52 -21.54
N THR E 64 51.44 -14.37 -22.83
CA THR E 64 51.45 -13.11 -23.55
C THR E 64 50.05 -12.94 -24.10
N GLU E 65 49.85 -12.01 -25.02
CA GLU E 65 48.68 -12.09 -25.88
C GLU E 65 49.08 -12.59 -27.26
N GLU E 66 50.37 -12.55 -27.60
CA GLU E 66 50.82 -13.19 -28.83
C GLU E 66 50.90 -14.71 -28.68
N ASN E 67 50.57 -15.23 -27.50
CA ASN E 67 50.30 -16.65 -27.35
C ASN E 67 48.82 -16.98 -27.30
N VAL E 68 47.95 -16.04 -26.90
CA VAL E 68 46.52 -16.32 -26.90
C VAL E 68 46.00 -16.32 -28.33
N GLN E 69 46.47 -15.41 -29.15
CA GLN E 69 46.16 -15.45 -30.57
C GLN E 69 46.87 -16.59 -31.27
N ASN E 70 47.95 -17.10 -30.66
CA ASN E 70 48.61 -18.27 -31.22
C ASN E 70 47.85 -19.55 -30.94
N MET E 71 47.00 -19.57 -29.91
CA MET E 71 46.26 -20.77 -29.58
C MET E 71 44.80 -20.70 -30.00
N ASN E 72 44.30 -19.52 -30.37
CA ASN E 72 42.91 -19.45 -30.82
C ASN E 72 42.76 -19.85 -32.27
N ASN E 73 43.75 -19.54 -33.12
CA ASN E 73 43.66 -19.99 -34.50
C ASN E 73 44.07 -21.46 -34.61
N ALA E 74 45.05 -21.89 -33.81
CA ALA E 74 45.42 -23.29 -33.78
C ALA E 74 44.39 -24.14 -33.05
N GLY E 75 43.57 -23.51 -32.20
CA GLY E 75 42.49 -24.25 -31.57
C GLY E 75 41.30 -24.41 -32.48
N ASP E 76 41.06 -23.42 -33.34
CA ASP E 76 39.92 -23.49 -34.24
C ASP E 76 40.18 -24.37 -35.47
N LYS E 77 41.45 -24.57 -35.85
CA LYS E 77 41.73 -25.53 -36.91
C LYS E 77 41.46 -26.96 -36.45
N TRP E 78 41.53 -27.22 -35.15
CA TRP E 78 41.14 -28.54 -34.67
C TRP E 78 39.63 -28.68 -34.63
N SER E 79 38.92 -27.61 -34.30
CA SER E 79 37.47 -27.72 -34.18
C SER E 79 36.79 -27.68 -35.54
N ALA E 80 37.34 -26.94 -36.50
CA ALA E 80 36.76 -26.93 -37.83
C ALA E 80 37.03 -28.23 -38.56
N PHE E 81 38.14 -28.90 -38.24
CA PHE E 81 38.44 -30.19 -38.86
C PHE E 81 37.50 -31.27 -38.37
N LEU E 82 37.06 -31.19 -37.12
CA LEU E 82 36.28 -32.28 -36.55
C LEU E 82 34.83 -32.24 -37.04
N LYS E 83 34.30 -31.04 -37.30
CA LYS E 83 32.95 -31.00 -37.86
C LYS E 83 32.94 -31.36 -39.34
N GLU E 84 34.08 -31.31 -40.01
CA GLU E 84 34.13 -31.75 -41.40
C GLU E 84 34.14 -33.27 -41.47
N GLN E 85 34.86 -33.92 -40.56
CA GLN E 85 34.83 -35.37 -40.53
C GLN E 85 33.56 -35.90 -39.89
N SER E 86 32.88 -35.10 -39.07
CA SER E 86 31.62 -35.52 -38.51
C SER E 86 30.53 -35.59 -39.56
N THR E 87 30.51 -34.63 -40.49
CA THR E 87 29.49 -34.68 -41.53
C THR E 87 29.84 -35.66 -42.62
N LEU E 88 31.09 -36.16 -42.65
CA LEU E 88 31.42 -37.28 -43.51
C LEU E 88 31.03 -38.61 -42.91
N ALA E 89 30.87 -38.67 -41.59
CA ALA E 89 30.59 -39.94 -40.94
C ALA E 89 29.16 -40.41 -41.10
N GLN E 90 28.23 -39.53 -41.47
CA GLN E 90 26.88 -40.02 -41.64
C GLN E 90 26.65 -40.65 -43.00
N MET E 91 27.72 -40.79 -43.78
CA MET E 91 27.67 -41.45 -45.06
C MET E 91 27.58 -42.96 -44.77
N TYR E 92 28.18 -43.39 -43.66
CA TYR E 92 28.11 -44.80 -43.28
C TYR E 92 26.98 -45.02 -42.30
N PRO E 93 26.10 -45.98 -42.57
CA PRO E 93 25.10 -46.37 -41.57
C PRO E 93 25.77 -47.03 -40.38
N LEU E 94 25.02 -47.12 -39.29
CA LEU E 94 25.60 -47.52 -38.02
C LEU E 94 25.19 -48.93 -37.62
N GLN E 95 24.07 -49.42 -38.13
CA GLN E 95 23.57 -50.74 -37.75
C GLN E 95 23.98 -51.81 -38.75
N GLU E 96 24.78 -51.47 -39.75
CA GLU E 96 25.30 -52.44 -40.71
C GLU E 96 26.73 -52.79 -40.37
N ILE E 97 27.09 -52.66 -39.10
CA ILE E 97 28.44 -52.86 -38.63
C ILE E 97 28.42 -54.02 -37.63
N GLN E 98 29.49 -54.81 -37.62
CA GLN E 98 29.51 -55.99 -36.75
C GLN E 98 30.58 -55.92 -35.67
N ASN E 99 31.78 -55.48 -36.01
CA ASN E 99 32.87 -55.35 -35.05
C ASN E 99 32.54 -54.29 -34.02
N LEU E 100 32.70 -54.62 -32.75
CA LEU E 100 32.29 -53.72 -31.67
C LEU E 100 33.21 -52.52 -31.56
N THR E 101 34.48 -52.69 -31.91
CA THR E 101 35.43 -51.59 -31.77
C THR E 101 35.19 -50.52 -32.81
N VAL E 102 35.02 -50.91 -34.08
CA VAL E 102 34.76 -49.94 -35.13
C VAL E 102 33.36 -49.36 -35.04
N LYS E 103 32.45 -50.01 -34.33
CA LYS E 103 31.16 -49.39 -34.06
C LYS E 103 31.28 -48.32 -32.98
N LEU E 104 32.12 -48.56 -31.97
CA LEU E 104 32.28 -47.60 -30.89
C LEU E 104 32.98 -46.33 -31.36
N GLN E 105 33.93 -46.45 -32.28
CA GLN E 105 34.57 -45.27 -32.83
C GLN E 105 33.63 -44.48 -33.72
N LEU E 106 32.71 -45.17 -34.39
CA LEU E 106 31.83 -44.48 -35.32
C LEU E 106 30.74 -43.71 -34.59
N GLN E 107 30.26 -44.24 -33.47
CA GLN E 107 29.17 -43.56 -32.77
C GLN E 107 29.67 -42.32 -32.04
N ALA E 108 30.92 -42.33 -31.58
CA ALA E 108 31.48 -41.17 -30.91
C ALA E 108 31.82 -40.04 -31.88
N LEU E 109 31.94 -40.32 -33.16
CA LEU E 109 32.23 -39.31 -34.17
C LEU E 109 30.99 -38.85 -34.90
N GLN E 110 29.95 -39.68 -34.96
CA GLN E 110 28.76 -39.35 -35.72
C GLN E 110 27.86 -38.42 -34.94
N GLN E 111 28.16 -38.23 -33.65
CA GLN E 111 27.33 -37.50 -32.71
C GLN E 111 27.12 -36.06 -33.12
N ASN E 112 25.87 -35.70 -33.41
CA ASN E 112 25.53 -34.36 -33.86
C ASN E 112 25.63 -33.28 -32.78
N GLY E 113 25.18 -33.59 -31.57
CA GLY E 113 25.21 -32.62 -30.49
C GLY E 113 24.46 -31.40 -30.95
N SER E 114 25.10 -30.24 -30.89
CA SER E 114 24.46 -29.01 -31.34
C SER E 114 24.37 -29.08 -32.86
N SER E 115 23.99 -27.97 -33.49
CA SER E 115 23.89 -27.94 -34.95
C SER E 115 22.62 -28.65 -35.44
N VAL E 116 21.82 -29.16 -34.51
CA VAL E 116 20.58 -29.83 -34.87
C VAL E 116 19.47 -28.79 -34.77
N LEU E 117 19.82 -27.68 -34.15
CA LEU E 117 18.92 -26.55 -33.97
C LEU E 117 18.93 -25.66 -35.20
N SER E 118 17.95 -24.75 -35.26
CA SER E 118 17.97 -23.69 -36.24
C SER E 118 19.12 -22.74 -35.95
N GLU E 119 19.65 -22.12 -37.01
CA GLU E 119 20.92 -21.40 -36.91
C GLU E 119 20.79 -20.09 -36.12
N ASP E 120 19.57 -19.57 -35.96
CA ASP E 120 19.31 -18.45 -35.06
C ASP E 120 19.02 -18.89 -33.63
N LYS E 121 18.61 -20.15 -33.43
CA LYS E 121 18.49 -20.68 -32.08
C LYS E 121 19.83 -21.16 -31.55
N SER E 122 20.75 -21.52 -32.44
CA SER E 122 22.08 -21.95 -32.04
C SER E 122 22.93 -20.79 -31.53
N LYS E 123 22.74 -19.60 -32.07
CA LYS E 123 23.45 -18.42 -31.57
C LYS E 123 22.77 -17.81 -30.37
N ARG E 124 21.48 -18.08 -30.15
CA ARG E 124 20.83 -17.66 -28.93
C ARG E 124 21.28 -18.50 -27.75
N LEU E 125 21.58 -19.78 -27.97
CA LEU E 125 22.03 -20.65 -26.88
C LEU E 125 23.44 -20.28 -26.43
N ASN E 126 24.31 -19.93 -27.37
CA ASN E 126 25.67 -19.54 -27.00
C ASN E 126 25.72 -18.17 -26.36
N THR E 127 24.73 -17.31 -26.61
CA THR E 127 24.66 -16.02 -25.94
C THR E 127 24.24 -16.19 -24.49
N ILE E 128 23.34 -17.14 -24.22
CA ILE E 128 22.91 -17.41 -22.85
C ILE E 128 24.05 -18.02 -22.04
N LEU E 129 24.79 -18.96 -22.64
CA LEU E 129 25.88 -19.62 -21.93
C LEU E 129 27.04 -18.68 -21.66
N ASN E 130 27.23 -17.67 -22.51
CA ASN E 130 28.26 -16.68 -22.22
C ASN E 130 27.79 -15.65 -21.19
N THR E 131 26.50 -15.35 -21.16
CA THR E 131 25.99 -14.37 -20.21
C THR E 131 25.93 -14.96 -18.80
N MET E 132 25.52 -16.22 -18.68
CA MET E 132 25.48 -16.87 -17.38
C MET E 132 26.87 -17.11 -16.82
N SER E 133 27.86 -17.33 -17.69
CA SER E 133 29.21 -17.54 -17.22
C SER E 133 29.90 -16.27 -16.75
N THR E 134 29.57 -15.12 -17.34
CA THR E 134 30.20 -13.87 -16.92
C THR E 134 29.47 -13.20 -15.76
N ILE E 135 28.22 -13.59 -15.48
CA ILE E 135 27.56 -13.12 -14.27
C ILE E 135 28.18 -13.79 -13.05
N TYR E 136 28.52 -15.07 -13.17
CA TYR E 136 29.05 -15.83 -12.05
C TYR E 136 30.47 -15.39 -11.69
N SER E 137 31.24 -14.99 -12.68
CA SER E 137 32.62 -14.58 -12.44
C SER E 137 32.83 -13.09 -12.16
N THR E 138 31.82 -12.29 -12.50
CA THR E 138 31.87 -10.86 -12.24
C THR E 138 30.64 -10.38 -11.46
N GLY E 139 30.53 -10.79 -10.20
CA GLY E 139 29.43 -10.40 -9.33
C GLY E 139 30.01 -9.57 -8.19
N LYS E 140 29.39 -8.44 -7.92
CA LYS E 140 29.81 -7.58 -6.83
C LYS E 140 28.74 -7.57 -5.73
N VAL E 141 29.20 -7.71 -4.50
CA VAL E 141 28.32 -7.68 -3.34
C VAL E 141 28.67 -6.45 -2.52
N CYS E 142 27.63 -5.69 -2.18
CA CYS E 142 27.77 -4.47 -1.40
C CYS E 142 27.37 -4.60 0.05
N ASN E 143 28.29 -4.15 0.89
CA ASN E 143 28.28 -4.15 2.36
C ASN E 143 27.39 -2.95 2.71
N PRO E 144 26.24 -3.26 3.32
CA PRO E 144 25.16 -2.27 3.56
C PRO E 144 25.56 -1.12 4.50
N ASP E 145 26.84 -1.05 4.87
CA ASP E 145 27.31 0.01 5.75
C ASP E 145 28.31 0.88 5.03
N ASN E 146 28.70 0.44 3.84
CA ASN E 146 29.65 1.13 2.99
C ASN E 146 29.42 0.62 1.58
N PRO E 147 28.60 1.30 0.77
CA PRO E 147 28.35 0.85 -0.60
C PRO E 147 29.50 1.03 -1.56
N GLN E 148 30.63 1.54 -1.07
CA GLN E 148 31.81 1.77 -1.90
C GLN E 148 32.84 0.65 -1.91
N GLU E 149 32.45 -0.50 -1.35
CA GLU E 149 33.33 -1.66 -1.26
C GLU E 149 32.52 -2.88 -1.63
N CYS E 150 32.74 -3.36 -2.85
CA CYS E 150 32.06 -4.53 -3.39
C CYS E 150 33.00 -5.72 -3.41
N LEU E 151 32.51 -6.82 -2.85
CA LEU E 151 33.26 -8.07 -2.75
C LEU E 151 32.85 -9.06 -3.85
N LEU E 152 33.83 -9.60 -4.54
CA LEU E 152 33.53 -10.49 -5.64
C LEU E 152 33.87 -11.95 -5.54
N LEU E 153 32.87 -12.76 -5.17
CA LEU E 153 32.86 -14.24 -5.03
C LEU E 153 34.09 -15.07 -4.62
N GLU E 154 35.10 -15.10 -5.46
CA GLU E 154 36.28 -15.90 -5.15
C GLU E 154 37.22 -15.17 -4.18
N PRO E 155 37.68 -13.92 -4.41
CA PRO E 155 38.36 -13.24 -3.30
C PRO E 155 37.39 -12.47 -2.43
N GLY E 156 37.17 -12.93 -1.20
CA GLY E 156 36.43 -12.15 -0.24
C GLY E 156 35.12 -12.74 0.21
N LEU E 157 34.35 -13.30 -0.71
CA LEU E 157 33.09 -13.91 -0.30
C LEU E 157 33.26 -15.38 0.04
N ASN E 158 34.22 -16.05 -0.61
CA ASN E 158 34.57 -17.41 -0.22
C ASN E 158 35.39 -17.44 1.06
N GLU E 159 36.05 -16.35 1.42
CA GLU E 159 36.84 -16.33 2.65
C GLU E 159 35.95 -16.11 3.87
N ILE E 160 34.86 -15.36 3.72
CA ILE E 160 33.91 -15.18 4.81
C ILE E 160 33.22 -16.49 5.13
N MET E 161 32.78 -17.21 4.10
CA MET E 161 32.04 -18.45 4.31
C MET E 161 32.92 -19.58 4.82
N ALA E 162 34.24 -19.46 4.69
CA ALA E 162 35.15 -20.52 5.13
C ALA E 162 35.85 -20.23 6.44
N ASN E 163 35.79 -19.00 6.94
CA ASN E 163 36.61 -18.65 8.11
C ASN E 163 35.83 -17.98 9.24
N SER E 164 34.69 -17.38 8.93
CA SER E 164 34.00 -16.58 9.94
C SER E 164 33.25 -17.46 10.92
N LEU E 165 33.12 -16.94 12.14
CA LEU E 165 32.28 -17.57 13.17
C LEU E 165 31.16 -16.64 13.60
N ASP E 166 31.01 -15.50 12.94
CA ASP E 166 29.92 -14.56 13.22
C ASP E 166 28.68 -15.05 12.52
N TYR E 167 27.58 -15.19 13.26
CA TYR E 167 26.33 -15.63 12.67
C TYR E 167 25.77 -14.59 11.71
N ASN E 168 25.88 -13.31 12.07
CA ASN E 168 25.26 -12.26 11.27
C ASN E 168 26.03 -11.94 10.01
N GLU E 169 27.34 -12.20 9.98
CA GLU E 169 28.12 -11.97 8.76
C GLU E 169 28.04 -13.13 7.79
N ARG E 170 27.92 -14.36 8.28
CA ARG E 170 27.69 -15.48 7.40
C ARG E 170 26.28 -15.45 6.81
N LEU E 171 25.32 -14.93 7.56
CA LEU E 171 23.96 -14.85 7.08
C LEU E 171 23.82 -13.77 6.02
N TRP E 172 24.68 -12.76 6.08
CA TRP E 172 24.65 -11.67 5.11
C TRP E 172 25.25 -12.10 3.78
N ALA E 173 26.42 -12.74 3.83
CA ALA E 173 27.10 -13.19 2.63
C ALA E 173 26.29 -14.24 1.88
N TRP E 174 25.61 -15.12 2.60
CA TRP E 174 24.80 -16.14 1.96
C TRP E 174 23.68 -15.46 1.15
N GLU E 175 22.81 -14.78 1.87
CA GLU E 175 21.68 -14.06 1.32
C GLU E 175 21.98 -13.14 0.15
N SER E 176 22.79 -12.10 0.39
CA SER E 176 23.12 -11.16 -0.67
C SER E 176 23.45 -11.86 -1.98
N TRP E 177 24.62 -12.49 -2.01
CA TRP E 177 25.12 -13.21 -3.19
C TRP E 177 23.97 -13.95 -3.82
N ARG E 178 23.39 -14.86 -3.02
CA ARG E 178 22.26 -15.66 -3.46
C ARG E 178 21.29 -14.81 -4.22
N SER E 179 20.47 -14.02 -3.52
CA SER E 179 19.52 -13.12 -4.14
C SER E 179 19.96 -12.52 -5.48
N GLU E 180 21.04 -11.73 -5.46
CA GLU E 180 21.47 -11.11 -6.73
C GLU E 180 21.71 -12.07 -7.91
N VAL E 181 22.73 -12.91 -7.74
CA VAL E 181 23.07 -13.82 -8.83
C VAL E 181 21.84 -14.62 -9.18
N GLY E 182 21.10 -14.97 -8.15
CA GLY E 182 19.89 -15.74 -8.24
C GLY E 182 19.03 -15.11 -9.29
N LYS E 183 18.48 -13.94 -9.01
CA LYS E 183 17.63 -13.24 -9.96
C LYS E 183 18.19 -13.29 -11.38
N GLN E 184 19.42 -12.80 -11.56
CA GLN E 184 19.94 -12.80 -12.94
C GLN E 184 19.83 -14.20 -13.61
N LEU E 185 20.54 -15.16 -13.06
CA LEU E 185 20.55 -16.50 -13.62
C LEU E 185 19.16 -17.11 -13.79
N ARG E 186 18.13 -16.46 -13.26
CA ARG E 186 16.77 -16.99 -13.35
C ARG E 186 16.19 -17.01 -14.77
N PRO E 187 15.94 -15.83 -15.34
CA PRO E 187 15.38 -15.76 -16.70
C PRO E 187 16.24 -16.50 -17.71
N LEU E 188 17.56 -16.37 -17.57
CA LEU E 188 18.52 -17.00 -18.45
C LEU E 188 18.45 -18.51 -18.33
N TYR E 189 18.44 -19.01 -17.10
CA TYR E 189 18.38 -20.45 -16.87
C TYR E 189 17.06 -21.03 -17.35
N GLU E 190 16.01 -20.23 -17.30
CA GLU E 190 14.70 -20.67 -17.75
C GLU E 190 14.70 -20.83 -19.27
N GLU E 191 15.39 -19.93 -19.96
CA GLU E 191 15.46 -20.00 -21.41
C GLU E 191 16.42 -21.09 -21.88
N TYR E 192 17.33 -21.47 -20.99
CA TYR E 192 18.35 -22.48 -21.22
C TYR E 192 17.76 -23.89 -21.19
N VAL E 193 16.73 -24.12 -20.39
CA VAL E 193 16.12 -25.45 -20.30
C VAL E 193 15.35 -25.78 -21.57
N VAL E 194 14.70 -24.78 -22.16
CA VAL E 194 13.89 -25.00 -23.36
C VAL E 194 14.78 -25.30 -24.56
N LEU E 195 15.89 -24.58 -24.69
CA LEU E 195 16.77 -24.78 -25.83
C LEU E 195 17.58 -26.06 -25.73
N LYS E 196 17.90 -26.50 -24.50
CA LYS E 196 18.64 -27.73 -24.34
C LYS E 196 17.77 -28.96 -24.53
N ASN E 197 16.47 -28.83 -24.23
CA ASN E 197 15.56 -29.95 -24.46
C ASN E 197 15.24 -30.12 -25.93
N GLU E 198 15.29 -29.02 -26.71
CA GLU E 198 15.11 -29.12 -28.14
C GLU E 198 16.30 -29.79 -28.81
N MET E 199 17.51 -29.52 -28.34
CA MET E 199 18.70 -30.14 -28.89
C MET E 199 18.77 -31.62 -28.54
N ALA E 200 18.24 -32.00 -27.37
CA ALA E 200 18.29 -33.40 -26.96
C ALA E 200 17.22 -34.23 -27.65
N ARG E 201 16.05 -33.64 -27.94
CA ARG E 201 14.99 -34.37 -28.60
C ARG E 201 15.21 -34.51 -30.09
N ALA E 202 16.02 -33.64 -30.69
CA ALA E 202 16.42 -33.82 -32.08
C ALA E 202 17.52 -34.86 -32.24
N ASN E 203 18.17 -35.27 -31.15
CA ASN E 203 19.14 -36.35 -31.16
C ASN E 203 18.55 -37.64 -30.61
N HIS E 204 17.22 -37.75 -30.58
CA HIS E 204 16.44 -38.93 -30.18
C HIS E 204 16.72 -39.34 -28.74
N TYR E 205 16.74 -38.36 -27.84
CA TYR E 205 16.60 -38.55 -26.41
C TYR E 205 15.27 -37.93 -25.99
N GLU E 206 14.79 -38.27 -24.79
CA GLU E 206 13.53 -37.68 -24.35
C GLU E 206 13.74 -36.30 -23.74
N ASP E 207 14.86 -36.09 -23.05
CA ASP E 207 15.16 -34.77 -22.51
C ASP E 207 16.67 -34.60 -22.41
N TYR E 208 17.11 -33.47 -21.87
CA TYR E 208 18.54 -33.22 -21.70
C TYR E 208 19.14 -34.00 -20.55
N GLY E 209 18.33 -34.44 -19.58
CA GLY E 209 18.84 -35.31 -18.53
C GLY E 209 19.16 -36.70 -19.03
N ASP E 210 18.39 -37.20 -19.98
CA ASP E 210 18.68 -38.48 -20.63
C ASP E 210 19.90 -38.37 -21.52
N TYR E 211 20.20 -37.18 -22.03
CA TYR E 211 21.39 -36.96 -22.83
C TYR E 211 22.65 -37.05 -21.97
N TRP E 212 22.58 -36.59 -20.72
CA TRP E 212 23.73 -36.65 -19.83
C TRP E 212 24.00 -38.07 -19.35
N ARG E 213 22.95 -38.88 -19.23
CA ARG E 213 23.11 -40.27 -18.79
C ARG E 213 23.54 -41.20 -19.91
N GLY E 214 23.81 -40.68 -21.11
CA GLY E 214 24.26 -41.52 -22.20
C GLY E 214 25.70 -41.96 -22.08
N ASP E 215 26.44 -41.42 -21.12
CA ASP E 215 27.81 -41.87 -20.89
C ASP E 215 27.83 -43.28 -20.34
N TYR E 216 26.89 -43.61 -19.46
CA TYR E 216 26.88 -44.90 -18.80
C TYR E 216 26.14 -45.97 -19.60
N GLU E 217 25.70 -45.66 -20.80
CA GLU E 217 24.94 -46.60 -21.61
C GLU E 217 25.89 -47.61 -22.27
N VAL E 218 25.43 -48.86 -22.33
CA VAL E 218 26.18 -49.96 -22.94
C VAL E 218 25.22 -50.80 -23.76
N ASN E 219 25.54 -51.04 -25.03
CA ASN E 219 24.60 -51.66 -25.97
C ASN E 219 25.16 -52.93 -26.57
N GLY E 220 24.69 -54.08 -26.09
CA GLY E 220 24.85 -55.34 -26.79
C GLY E 220 26.21 -56.00 -26.79
N VAL E 221 26.73 -56.33 -25.61
CA VAL E 221 28.04 -56.98 -25.49
C VAL E 221 27.93 -58.24 -24.63
N ASP E 222 26.78 -58.91 -24.70
CA ASP E 222 26.52 -60.24 -24.15
C ASP E 222 26.63 -60.31 -22.63
N GLY E 223 25.73 -59.63 -21.92
CA GLY E 223 25.68 -59.74 -20.48
C GLY E 223 26.21 -58.56 -19.71
N TYR E 224 26.74 -57.56 -20.40
CA TYR E 224 27.30 -56.41 -19.71
C TYR E 224 26.52 -55.14 -19.98
N ASP E 225 25.26 -55.24 -20.42
CA ASP E 225 24.50 -54.08 -20.86
C ASP E 225 24.08 -53.22 -19.69
N TYR E 226 23.75 -51.97 -20.00
CA TYR E 226 23.37 -50.96 -19.02
C TYR E 226 22.49 -49.94 -19.71
N SER E 227 21.32 -49.69 -19.14
CA SER E 227 20.37 -48.75 -19.69
C SER E 227 20.60 -47.36 -19.10
N ARG E 228 20.16 -46.34 -19.84
CA ARG E 228 20.24 -44.97 -19.35
C ARG E 228 19.22 -44.67 -18.26
N GLY E 229 18.23 -45.52 -18.07
CA GLY E 229 17.30 -45.34 -16.98
C GLY E 229 17.68 -46.19 -15.79
N GLN E 230 18.58 -47.14 -16.02
CA GLN E 230 19.10 -48.00 -14.95
C GLN E 230 20.03 -47.26 -14.02
N LEU E 231 20.65 -46.16 -14.49
CA LEU E 231 21.50 -45.35 -13.63
C LEU E 231 20.70 -44.70 -12.52
N ILE E 232 19.43 -44.38 -12.77
CA ILE E 232 18.61 -43.72 -11.77
C ILE E 232 18.28 -44.67 -10.61
N GLU E 233 18.06 -45.95 -10.89
CA GLU E 233 17.75 -46.86 -9.79
C GLU E 233 18.99 -47.24 -9.00
N ASP E 234 20.14 -47.36 -9.66
CA ASP E 234 21.36 -47.74 -8.97
C ASP E 234 21.90 -46.61 -8.08
N VAL E 235 21.60 -45.36 -8.39
CA VAL E 235 21.98 -44.27 -7.50
C VAL E 235 21.08 -44.25 -6.27
N GLU E 236 19.79 -44.47 -6.46
CA GLU E 236 18.88 -44.44 -5.32
C GLU E 236 18.93 -45.71 -4.50
N HIS E 237 19.36 -46.83 -5.07
CA HIS E 237 19.53 -48.04 -4.28
C HIS E 237 20.79 -47.99 -3.43
N THR E 238 21.87 -47.42 -3.96
CA THR E 238 23.09 -47.26 -3.18
C THR E 238 22.98 -46.17 -2.13
N PHE E 239 22.12 -45.17 -2.33
CA PHE E 239 22.02 -44.06 -1.40
C PHE E 239 21.32 -44.43 -0.11
N GLU E 240 20.37 -45.37 -0.14
CA GLU E 240 19.66 -45.71 1.09
C GLU E 240 20.45 -46.63 2.01
N GLU E 241 21.68 -47.01 1.64
CA GLU E 241 22.58 -47.67 2.57
C GLU E 241 23.60 -46.73 3.17
N ILE E 242 23.75 -45.51 2.64
CA ILE E 242 24.58 -44.48 3.25
C ILE E 242 23.81 -43.67 4.27
N LYS E 243 22.48 -43.66 4.18
CA LYS E 243 21.67 -42.87 5.11
C LYS E 243 21.77 -43.28 6.58
N PRO E 244 22.03 -44.53 6.98
CA PRO E 244 22.41 -44.76 8.38
C PRO E 244 23.72 -44.10 8.78
N LEU E 245 24.73 -44.08 7.91
CA LEU E 245 26.01 -43.48 8.27
C LEU E 245 25.93 -41.96 8.25
N TYR E 246 25.18 -41.40 7.31
CA TYR E 246 25.07 -39.95 7.20
C TYR E 246 24.23 -39.35 8.32
N GLU E 247 23.26 -40.11 8.84
CA GLU E 247 22.43 -39.61 9.93
C GLU E 247 23.22 -39.47 11.23
N HIS E 248 24.16 -40.38 11.48
CA HIS E 248 24.97 -40.28 12.68
C HIS E 248 26.05 -39.22 12.55
N LEU E 249 26.49 -38.93 11.34
CA LEU E 249 27.40 -37.82 11.13
C LEU E 249 26.66 -36.48 11.21
N HIS E 250 25.43 -36.43 10.73
CA HIS E 250 24.60 -35.23 10.83
C HIS E 250 24.26 -34.92 12.28
N ALA E 251 24.06 -35.95 13.11
CA ALA E 251 23.70 -35.73 14.50
C ALA E 251 24.91 -35.31 15.35
N TYR E 252 26.10 -35.78 14.99
CA TYR E 252 27.29 -35.41 15.74
C TYR E 252 27.72 -33.98 15.43
N VAL E 253 27.61 -33.56 14.17
CA VAL E 253 27.98 -32.21 13.77
C VAL E 253 26.98 -31.21 14.35
N ARG E 254 25.70 -31.59 14.43
CA ARG E 254 24.68 -30.72 14.99
C ARG E 254 24.90 -30.49 16.48
N ALA E 255 25.32 -31.52 17.21
CA ALA E 255 25.62 -31.36 18.63
C ALA E 255 26.87 -30.53 18.89
N LYS E 256 27.82 -30.54 17.96
CA LYS E 256 29.02 -29.73 18.10
C LYS E 256 28.83 -28.31 17.61
N LEU E 257 27.86 -28.06 16.74
CA LEU E 257 27.57 -26.72 16.27
C LEU E 257 26.73 -25.93 17.25
N MET E 258 26.06 -26.59 18.19
CA MET E 258 25.31 -25.88 19.21
C MET E 258 26.20 -25.22 20.24
N ASN E 259 27.44 -25.70 20.41
CA ASN E 259 28.38 -25.02 21.28
C ASN E 259 29.00 -23.82 20.59
N ALA E 260 29.14 -23.87 19.27
CA ALA E 260 29.70 -22.75 18.52
C ALA E 260 28.68 -21.66 18.24
N TYR E 261 27.42 -22.04 18.03
CA TYR E 261 26.33 -21.07 17.85
C TYR E 261 25.18 -21.43 18.76
N PRO E 262 25.24 -21.03 20.02
CA PRO E 262 24.08 -21.22 20.91
C PRO E 262 22.95 -20.26 20.53
N SER E 263 21.73 -20.64 20.91
CA SER E 263 20.48 -19.93 20.64
C SER E 263 20.21 -19.74 19.15
N TYR E 264 20.69 -20.66 18.32
CA TYR E 264 20.48 -20.56 16.88
C TYR E 264 20.15 -21.91 16.24
N ILE E 265 20.39 -23.02 16.92
CA ILE E 265 20.28 -24.34 16.33
C ILE E 265 19.40 -25.20 17.23
N SER E 266 18.41 -25.87 16.63
CA SER E 266 17.50 -26.79 17.31
C SER E 266 18.14 -28.17 17.45
N PRO E 267 17.98 -28.82 18.60
CA PRO E 267 18.59 -30.13 18.80
C PRO E 267 17.86 -31.29 18.13
N ILE E 268 16.75 -31.04 17.43
CA ILE E 268 16.03 -32.11 16.74
C ILE E 268 15.71 -31.69 15.31
N GLY E 269 16.30 -30.59 14.85
CA GLY E 269 15.95 -30.05 13.56
C GLY E 269 17.03 -30.13 12.51
N CYS E 270 16.85 -29.42 11.40
CA CYS E 270 17.84 -29.38 10.35
C CYS E 270 18.94 -28.38 10.69
N LEU E 271 20.00 -28.41 9.89
CA LEU E 271 21.07 -27.43 10.07
C LEU E 271 20.80 -26.22 9.19
N PRO E 272 21.06 -25.01 9.68
CA PRO E 272 20.90 -23.82 8.84
C PRO E 272 21.92 -23.80 7.72
N ALA E 273 21.50 -23.30 6.55
CA ALA E 273 22.26 -23.46 5.32
C ALA E 273 23.50 -22.58 5.27
N HIS E 274 23.62 -21.59 6.15
CA HIS E 274 24.73 -20.65 6.09
C HIS E 274 25.80 -20.93 7.15
N LEU E 275 25.76 -22.09 7.79
CA LEU E 275 26.72 -22.43 8.83
C LEU E 275 27.47 -23.74 8.52
N LEU E 276 27.70 -24.03 7.25
CA LEU E 276 28.18 -25.34 6.86
C LEU E 276 29.63 -25.35 6.37
N GLY E 277 30.28 -24.21 6.27
CA GLY E 277 31.68 -24.17 5.91
C GLY E 277 32.01 -23.59 4.55
N ASP E 278 31.05 -23.49 3.66
CA ASP E 278 31.25 -22.79 2.39
C ASP E 278 29.92 -22.23 1.93
N MET E 279 29.89 -21.71 0.70
CA MET E 279 28.73 -21.00 0.19
C MET E 279 27.53 -21.90 -0.06
N TRP E 280 27.74 -23.16 -0.43
CA TRP E 280 26.63 -24.02 -0.79
C TRP E 280 26.48 -25.26 0.08
N GLY E 281 27.39 -25.50 1.03
CA GLY E 281 27.32 -26.72 1.80
C GLY E 281 27.72 -27.95 1.04
N ARG E 282 28.55 -27.79 0.00
CA ARG E 282 28.97 -28.93 -0.81
C ARG E 282 29.93 -29.82 -0.04
N PHE E 283 30.96 -29.23 0.57
CA PHE E 283 31.86 -29.93 1.44
C PHE E 283 31.75 -29.38 2.85
N TRP E 284 31.77 -30.27 3.84
CA TRP E 284 31.76 -29.89 5.24
C TRP E 284 33.17 -29.80 5.81
N THR E 285 34.17 -29.62 4.96
CA THR E 285 35.56 -29.77 5.38
C THR E 285 36.09 -28.59 6.17
N ASN E 286 35.38 -27.46 6.19
CA ASN E 286 35.78 -26.31 6.98
C ASN E 286 35.16 -26.32 8.37
N LEU E 287 34.46 -27.38 8.72
CA LEU E 287 33.89 -27.54 10.05
C LEU E 287 34.76 -28.39 10.96
N TYR E 288 36.01 -28.64 10.57
CA TYR E 288 36.85 -29.56 11.33
C TYR E 288 37.34 -28.96 12.64
N SER E 289 37.61 -27.65 12.66
CA SER E 289 38.09 -27.01 13.87
C SER E 289 37.03 -26.91 14.96
N LEU E 290 35.75 -26.98 14.59
CA LEU E 290 34.66 -27.01 15.56
C LEU E 290 34.22 -28.42 15.93
N THR E 291 34.53 -29.41 15.10
CA THR E 291 34.02 -30.76 15.30
C THR E 291 35.11 -31.80 15.54
N VAL E 292 36.34 -31.38 15.84
CA VAL E 292 37.46 -32.30 16.06
C VAL E 292 37.20 -33.13 17.31
N PRO E 293 37.38 -34.46 17.24
CA PRO E 293 37.09 -35.31 18.41
C PRO E 293 38.04 -35.09 19.57
N PHE E 294 39.35 -35.16 19.30
CA PHE E 294 40.37 -34.97 20.32
C PHE E 294 41.32 -33.88 19.84
N GLY E 295 41.07 -32.64 20.28
CA GLY E 295 41.87 -31.51 19.87
C GLY E 295 43.21 -31.39 20.54
N GLN E 296 43.53 -32.27 21.49
CA GLN E 296 44.81 -32.26 22.18
C GLN E 296 45.78 -33.25 21.56
N LYS E 297 45.43 -33.82 20.40
CA LYS E 297 46.30 -34.72 19.66
C LYS E 297 46.53 -34.09 18.30
N PRO E 298 47.77 -33.83 17.90
CA PRO E 298 48.01 -33.25 16.57
C PRO E 298 47.81 -34.27 15.48
N ASN E 299 46.98 -33.92 14.50
CA ASN E 299 46.81 -34.72 13.30
C ASN E 299 48.12 -34.69 12.54
N ILE E 300 48.60 -35.87 12.11
CA ILE E 300 49.98 -36.04 11.65
C ILE E 300 50.26 -35.23 10.40
N ASP E 301 51.38 -34.50 10.43
CA ASP E 301 51.72 -33.50 9.44
C ASP E 301 53.24 -33.58 9.25
N VAL E 302 53.66 -34.09 8.10
CA VAL E 302 55.08 -34.17 7.75
C VAL E 302 55.39 -33.08 6.74
N THR E 303 55.71 -31.89 7.24
CA THR E 303 56.10 -30.78 6.39
C THR E 303 57.42 -30.25 6.92
N ASP E 304 57.58 -30.32 8.24
CA ASP E 304 58.83 -29.97 8.88
C ASP E 304 59.92 -31.00 8.65
N ALA E 305 59.58 -32.28 8.50
CA ALA E 305 60.60 -33.28 8.19
C ALA E 305 61.06 -33.22 6.74
N MET E 306 60.35 -32.50 5.88
CA MET E 306 60.77 -32.28 4.50
C MET E 306 61.78 -31.14 4.37
N VAL E 307 61.68 -30.13 5.23
CA VAL E 307 62.54 -28.96 5.15
C VAL E 307 63.72 -29.14 6.09
N ASP E 308 63.72 -30.23 6.85
CA ASP E 308 64.87 -30.60 7.65
C ASP E 308 65.82 -31.54 6.94
N GLN E 309 65.43 -32.11 5.80
CA GLN E 309 66.31 -32.97 5.03
C GLN E 309 66.70 -32.38 3.69
N ALA E 310 66.33 -31.12 3.43
CA ALA E 310 66.67 -30.36 2.23
C ALA E 310 66.17 -31.04 0.95
N TRP E 311 64.87 -31.37 0.97
CA TRP E 311 64.24 -31.96 -0.20
C TRP E 311 63.93 -30.87 -1.21
N ASP E 312 64.40 -31.05 -2.43
CA ASP E 312 64.19 -30.07 -3.47
C ASP E 312 62.81 -30.26 -4.10
N ALA E 313 62.61 -29.56 -5.21
CA ALA E 313 61.43 -29.77 -6.03
C ALA E 313 61.41 -31.15 -6.68
N GLN E 314 62.58 -31.74 -6.93
CA GLN E 314 62.66 -32.97 -7.68
C GLN E 314 62.49 -34.21 -6.82
N ARG E 315 62.68 -34.10 -5.50
CA ARG E 315 62.58 -35.29 -4.65
C ARG E 315 61.14 -35.75 -4.54
N ILE E 316 60.19 -34.81 -4.59
CA ILE E 316 58.78 -35.15 -4.42
C ILE E 316 58.26 -35.99 -5.57
N PHE E 317 58.77 -35.80 -6.77
CA PHE E 317 58.37 -36.64 -7.88
C PHE E 317 59.19 -37.91 -7.99
N LYS E 318 60.46 -37.88 -7.58
CA LYS E 318 61.28 -39.08 -7.65
C LYS E 318 60.88 -40.08 -6.59
N GLU E 319 60.38 -39.64 -5.44
CA GLU E 319 59.79 -40.60 -4.52
C GLU E 319 58.42 -41.03 -5.01
N ALA E 320 57.76 -40.21 -5.82
CA ALA E 320 56.48 -40.61 -6.40
C ALA E 320 56.69 -41.63 -7.51
N GLU E 321 57.76 -41.49 -8.28
CA GLU E 321 58.05 -42.47 -9.32
C GLU E 321 58.51 -43.80 -8.71
N LYS E 322 59.14 -43.75 -7.55
CA LYS E 322 59.53 -44.99 -6.89
C LYS E 322 58.35 -45.70 -6.26
N PHE E 323 57.25 -44.98 -5.99
CA PHE E 323 56.04 -45.64 -5.52
C PHE E 323 55.41 -46.46 -6.64
N PHE E 324 55.38 -45.92 -7.84
CA PHE E 324 54.71 -46.60 -8.93
C PHE E 324 55.56 -47.73 -9.51
N VAL E 325 56.88 -47.60 -9.47
CA VAL E 325 57.70 -48.72 -9.92
C VAL E 325 57.74 -49.80 -8.86
N SER E 326 57.33 -49.48 -7.63
CA SER E 326 57.23 -50.47 -6.58
C SER E 326 56.07 -51.43 -6.79
N VAL E 327 55.03 -51.01 -7.50
CA VAL E 327 53.85 -51.84 -7.67
C VAL E 327 53.89 -52.61 -8.99
N GLY E 328 54.80 -52.25 -9.89
CA GLY E 328 54.89 -52.94 -11.16
C GLY E 328 54.33 -52.13 -12.31
N LEU E 329 54.62 -50.84 -12.32
CA LEU E 329 54.19 -49.92 -13.36
C LEU E 329 55.43 -49.29 -13.97
N PRO E 330 55.35 -48.84 -15.22
CA PRO E 330 56.55 -48.32 -15.88
C PRO E 330 57.06 -47.02 -15.29
N ASN E 331 58.31 -46.72 -15.62
CA ASN E 331 58.97 -45.47 -15.26
C ASN E 331 58.34 -44.29 -16.00
N MET E 332 58.78 -43.08 -15.64
CA MET E 332 58.44 -41.94 -16.46
C MET E 332 59.23 -41.98 -17.76
N THR E 333 58.73 -41.26 -18.75
CA THR E 333 59.09 -41.50 -20.14
C THR E 333 60.40 -40.88 -20.56
N GLN E 334 61.06 -40.14 -19.65
CA GLN E 334 62.39 -39.50 -19.79
C GLN E 334 62.33 -38.27 -20.70
N GLY E 335 61.23 -38.08 -21.43
CA GLY E 335 60.87 -36.76 -21.90
C GLY E 335 60.08 -36.00 -20.86
N PHE E 336 59.63 -36.71 -19.83
CA PHE E 336 58.88 -36.15 -18.72
C PHE E 336 59.70 -35.18 -17.89
N TRP E 337 61.02 -35.32 -17.87
CA TRP E 337 61.86 -34.56 -16.96
C TRP E 337 62.38 -33.25 -17.53
N GLU E 338 62.44 -33.11 -18.85
CA GLU E 338 62.88 -31.84 -19.39
C GLU E 338 61.71 -30.94 -19.72
N ASN E 339 60.67 -31.50 -20.34
CA ASN E 339 59.62 -30.69 -20.92
C ASN E 339 58.67 -30.16 -19.86
N SER E 340 58.55 -30.87 -18.74
CA SER E 340 57.62 -30.46 -17.70
C SER E 340 58.11 -29.24 -16.94
N MET E 341 57.21 -28.55 -16.27
CA MET E 341 57.55 -27.36 -15.50
C MET E 341 57.10 -27.52 -14.08
N LEU E 342 57.92 -28.14 -13.24
CA LEU E 342 57.50 -28.60 -11.93
C LEU E 342 57.36 -27.47 -10.92
N THR E 343 57.98 -26.32 -11.13
CA THR E 343 57.73 -25.15 -10.31
C THR E 343 57.32 -24.01 -11.23
N ASP E 344 56.81 -22.93 -10.62
CA ASP E 344 56.81 -21.64 -11.30
C ASP E 344 58.26 -21.24 -11.57
N PRO E 345 58.53 -20.64 -12.73
CA PRO E 345 59.94 -20.50 -13.17
C PRO E 345 60.76 -19.51 -12.36
N GLY E 346 62.05 -19.43 -12.68
CA GLY E 346 62.97 -18.49 -12.05
C GLY E 346 62.73 -17.08 -12.52
N ASN E 347 62.12 -16.94 -13.68
CA ASN E 347 61.53 -15.70 -14.12
C ASN E 347 60.27 -15.44 -13.30
N VAL E 348 59.95 -14.17 -13.09
CA VAL E 348 58.61 -13.83 -12.61
C VAL E 348 57.71 -13.96 -13.82
N GLN E 349 57.21 -15.17 -14.02
CA GLN E 349 56.64 -15.58 -15.30
C GLN E 349 55.15 -15.79 -15.14
N LYS E 350 54.37 -15.07 -15.94
CA LYS E 350 52.93 -15.18 -15.86
C LYS E 350 52.52 -16.52 -16.45
N ALA E 351 52.15 -17.46 -15.59
CA ALA E 351 51.76 -18.79 -16.06
C ALA E 351 50.78 -19.49 -15.13
N VAL E 352 49.51 -19.54 -15.54
CA VAL E 352 48.48 -20.18 -14.74
C VAL E 352 49.06 -21.30 -13.89
N CYS E 353 49.09 -21.09 -12.58
CA CYS E 353 49.61 -22.09 -11.66
C CYS E 353 48.50 -22.97 -11.12
N HIS E 354 48.24 -24.07 -11.81
CA HIS E 354 47.20 -25.01 -11.40
C HIS E 354 47.59 -26.45 -11.74
N PRO E 355 47.65 -27.30 -10.71
CA PRO E 355 48.02 -28.71 -10.90
C PRO E 355 47.18 -29.38 -11.97
N THR E 356 47.83 -30.05 -12.90
CA THR E 356 47.13 -30.72 -13.98
C THR E 356 48.06 -31.68 -14.69
N ALA E 357 47.48 -32.60 -15.44
CA ALA E 357 48.25 -33.57 -16.20
C ALA E 357 47.86 -33.51 -17.67
N TRP E 358 48.86 -33.33 -18.52
CA TRP E 358 48.64 -33.09 -19.93
C TRP E 358 49.02 -34.32 -20.74
N ASP E 359 48.27 -34.57 -21.80
CA ASP E 359 48.46 -35.72 -22.68
C ASP E 359 48.42 -35.24 -24.12
N LEU E 360 49.32 -34.31 -24.46
CA LEU E 360 49.45 -33.67 -25.77
C LEU E 360 49.36 -34.59 -26.99
N GLY E 361 49.75 -35.84 -26.85
CA GLY E 361 49.74 -36.78 -27.94
C GLY E 361 51.14 -37.22 -28.30
N LYS E 362 51.20 -38.17 -29.23
CA LYS E 362 52.45 -38.71 -29.73
C LYS E 362 53.34 -39.20 -28.59
N GLY E 363 52.74 -39.77 -27.55
CA GLY E 363 53.55 -40.26 -26.44
C GLY E 363 54.32 -39.18 -25.72
N ASP E 364 53.75 -37.99 -25.59
CA ASP E 364 54.39 -36.87 -24.90
C ASP E 364 53.55 -36.47 -23.71
N PHE E 365 54.01 -36.80 -22.50
CA PHE E 365 53.25 -36.56 -21.29
C PHE E 365 53.97 -35.54 -20.43
N ARG E 366 53.27 -34.49 -20.04
CA ARG E 366 53.83 -33.42 -19.22
C ARG E 366 52.92 -33.14 -18.04
N ILE E 367 53.52 -32.76 -16.92
CA ILE E 367 52.80 -32.34 -15.73
C ILE E 367 53.09 -30.87 -15.50
N LEU E 368 52.04 -30.09 -15.30
CA LEU E 368 52.18 -28.66 -15.01
C LEU E 368 51.64 -28.40 -13.61
N MET E 369 52.53 -28.02 -12.70
CA MET E 369 52.14 -27.58 -11.37
C MET E 369 53.25 -26.69 -10.82
N CYS E 370 52.93 -25.97 -9.76
CA CYS E 370 53.86 -25.09 -9.07
C CYS E 370 53.97 -25.64 -7.67
N THR E 371 54.82 -26.64 -7.51
CA THR E 371 54.99 -27.32 -6.23
C THR E 371 55.89 -26.69 -5.16
N LYS E 372 55.32 -26.61 -3.97
CA LYS E 372 55.98 -26.12 -2.76
C LYS E 372 56.26 -27.32 -1.86
N VAL E 373 57.24 -27.18 -0.98
CA VAL E 373 57.67 -28.30 -0.16
C VAL E 373 56.69 -28.45 0.99
N THR E 374 55.66 -29.27 0.79
CA THR E 374 54.59 -29.47 1.75
C THR E 374 54.09 -30.90 1.55
N MET E 375 53.52 -31.50 2.61
CA MET E 375 52.89 -32.80 2.47
C MET E 375 51.60 -32.73 1.66
N ASP E 376 51.03 -31.53 1.51
CA ASP E 376 49.88 -31.35 0.63
C ASP E 376 50.27 -31.60 -0.82
N ASP E 377 51.33 -30.93 -1.30
CA ASP E 377 51.78 -31.14 -2.66
C ASP E 377 52.66 -32.37 -2.80
N PHE E 378 53.01 -33.02 -1.69
CA PHE E 378 53.55 -34.37 -1.78
C PHE E 378 52.47 -35.37 -2.15
N LEU E 379 51.24 -35.11 -1.71
CA LEU E 379 50.13 -36.00 -2.00
C LEU E 379 49.53 -35.77 -3.38
N THR E 380 49.38 -34.50 -3.79
CA THR E 380 48.82 -34.24 -5.10
C THR E 380 49.83 -34.55 -6.21
N ALA E 381 51.10 -34.67 -5.86
CA ALA E 381 52.06 -35.24 -6.79
C ALA E 381 51.76 -36.69 -7.05
N HIS E 382 51.35 -37.43 -6.03
CA HIS E 382 50.91 -38.79 -6.26
C HIS E 382 49.58 -38.84 -6.99
N HIS E 383 48.75 -37.83 -6.80
CA HIS E 383 47.48 -37.79 -7.52
C HIS E 383 47.70 -37.48 -8.98
N GLU E 384 48.57 -36.51 -9.28
CA GLU E 384 48.72 -36.09 -10.65
C GLU E 384 49.57 -37.06 -11.45
N MET E 385 50.44 -37.81 -10.78
CA MET E 385 51.15 -38.85 -11.49
C MET E 385 50.21 -40.01 -11.83
N GLY E 386 49.14 -40.20 -11.06
CA GLY E 386 48.19 -41.24 -11.36
C GLY E 386 47.42 -41.00 -12.64
N HIS E 387 47.20 -39.74 -12.99
CA HIS E 387 46.61 -39.43 -14.28
C HIS E 387 47.56 -39.76 -15.42
N ILE E 388 48.87 -39.67 -15.17
CA ILE E 388 49.84 -39.94 -16.20
C ILE E 388 49.96 -41.44 -16.44
N GLN E 389 50.03 -42.23 -15.38
CA GLN E 389 50.13 -43.68 -15.53
C GLN E 389 48.87 -44.29 -16.09
N TYR E 390 47.72 -43.66 -15.90
CA TYR E 390 46.52 -44.09 -16.60
C TYR E 390 46.62 -43.73 -18.08
N ASP E 391 47.22 -42.58 -18.38
CA ASP E 391 47.34 -42.13 -19.76
C ASP E 391 48.38 -42.93 -20.53
N MET E 392 49.46 -43.36 -19.88
CA MET E 392 50.48 -44.12 -20.56
C MET E 392 50.04 -45.54 -20.86
N ALA E 393 48.96 -46.01 -20.23
CA ALA E 393 48.57 -47.39 -20.39
C ALA E 393 47.67 -47.62 -21.59
N TYR E 394 46.72 -46.74 -21.86
CA TYR E 394 45.82 -46.93 -22.98
C TYR E 394 46.29 -46.22 -24.24
N ALA E 395 47.58 -45.93 -24.36
CA ALA E 395 48.11 -45.20 -25.52
C ALA E 395 48.29 -46.09 -26.73
N ALA E 396 47.86 -47.34 -26.68
CA ALA E 396 47.97 -48.24 -27.81
C ALA E 396 46.62 -48.47 -28.48
N GLN E 397 45.54 -47.91 -27.94
CA GLN E 397 44.23 -47.96 -28.55
C GLN E 397 44.18 -46.97 -29.71
N PRO E 398 43.12 -47.00 -30.54
CA PRO E 398 42.95 -45.90 -31.50
C PRO E 398 42.64 -44.58 -30.84
N PHE E 399 42.62 -43.49 -31.61
CA PHE E 399 42.56 -42.15 -31.07
C PHE E 399 41.24 -41.83 -30.37
N LEU E 400 40.12 -42.33 -30.86
CA LEU E 400 38.82 -41.98 -30.32
C LEU E 400 38.45 -42.80 -29.10
N LEU E 401 39.32 -43.68 -28.63
CA LEU E 401 39.04 -44.48 -27.45
C LEU E 401 40.07 -44.24 -26.36
N ARG E 402 40.77 -43.11 -26.44
CA ARG E 402 41.78 -42.81 -25.43
C ARG E 402 41.24 -41.93 -24.32
N ASN E 403 40.12 -42.33 -23.70
CA ASN E 403 39.64 -41.68 -22.50
C ASN E 403 39.46 -42.74 -21.43
N GLY E 404 38.99 -42.32 -20.26
CA GLY E 404 38.57 -43.28 -19.26
C GLY E 404 37.31 -43.99 -19.69
N ALA E 405 37.03 -45.12 -19.03
CA ALA E 405 35.97 -46.01 -19.49
C ALA E 405 34.59 -45.37 -19.30
N ASN E 406 34.44 -44.59 -18.24
CA ASN E 406 33.37 -43.60 -18.19
C ASN E 406 33.98 -42.31 -17.66
N GLU E 407 33.12 -41.33 -17.37
CA GLU E 407 33.62 -40.05 -16.91
C GLU E 407 34.12 -40.11 -15.47
N GLY E 408 33.80 -41.16 -14.73
CA GLY E 408 34.18 -41.21 -13.34
C GLY E 408 35.44 -41.96 -13.02
N PHE E 409 35.93 -42.79 -13.94
CA PHE E 409 37.10 -43.60 -13.65
C PHE E 409 38.38 -42.80 -13.58
N HIS E 410 38.45 -41.67 -14.27
CA HIS E 410 39.72 -40.99 -14.43
C HIS E 410 40.17 -40.32 -13.14
N GLU E 411 39.23 -39.73 -12.39
CA GLU E 411 39.60 -39.14 -11.12
C GLU E 411 39.72 -40.19 -10.03
N ALA E 412 39.04 -41.32 -10.18
CA ALA E 412 39.06 -42.33 -9.14
C ALA E 412 40.38 -43.07 -9.09
N VAL E 413 41.07 -43.22 -10.22
CA VAL E 413 42.36 -43.87 -10.21
C VAL E 413 43.42 -42.93 -9.66
N GLY E 414 43.16 -41.62 -9.75
CA GLY E 414 44.11 -40.67 -9.21
C GLY E 414 44.08 -40.54 -7.71
N GLU E 415 42.95 -40.86 -7.08
CA GLU E 415 42.80 -40.66 -5.65
C GLU E 415 43.10 -41.91 -4.82
N ILE E 416 43.15 -43.09 -5.43
CA ILE E 416 43.65 -44.25 -4.70
C ILE E 416 45.16 -44.28 -4.66
N MET E 417 45.83 -43.45 -5.46
CA MET E 417 47.26 -43.24 -5.29
C MET E 417 47.54 -42.30 -4.13
N SER E 418 46.61 -41.37 -3.86
CA SER E 418 46.81 -40.41 -2.79
C SER E 418 46.42 -40.98 -1.42
N LEU E 419 45.47 -41.91 -1.38
CA LEU E 419 45.11 -42.56 -0.13
C LEU E 419 46.21 -43.48 0.37
N SER E 420 46.88 -44.18 -0.55
CA SER E 420 47.92 -45.12 -0.16
C SER E 420 49.21 -44.44 0.26
N ALA E 421 49.42 -43.18 -0.13
CA ALA E 421 50.63 -42.45 0.19
C ALA E 421 50.50 -41.60 1.44
N ALA E 422 49.29 -41.38 1.94
CA ALA E 422 49.06 -40.58 3.13
C ALA E 422 49.02 -41.40 4.40
N THR E 423 49.20 -42.71 4.30
CA THR E 423 49.17 -43.56 5.48
C THR E 423 50.48 -43.44 6.25
N PRO E 424 50.43 -43.54 7.58
CA PRO E 424 51.68 -43.51 8.36
C PRO E 424 52.53 -44.75 8.18
N LYS E 425 51.97 -45.85 7.69
CA LYS E 425 52.78 -47.02 7.35
C LYS E 425 53.69 -46.72 6.17
N HIS E 426 53.19 -45.98 5.18
CA HIS E 426 54.00 -45.62 4.02
C HIS E 426 55.00 -44.52 4.34
N LEU E 427 54.66 -43.62 5.26
CA LEU E 427 55.52 -42.47 5.54
C LEU E 427 56.75 -42.86 6.35
N LYS E 428 56.62 -43.87 7.21
CA LYS E 428 57.77 -44.29 8.01
C LYS E 428 58.71 -45.22 7.26
N SER E 429 58.27 -45.79 6.14
CA SER E 429 59.16 -46.59 5.31
C SER E 429 59.76 -45.82 4.15
N ILE E 430 59.25 -44.61 3.91
CA ILE E 430 59.79 -43.76 2.86
C ILE E 430 60.72 -42.72 3.47
N GLY E 431 60.97 -42.85 4.77
CA GLY E 431 61.85 -41.95 5.49
C GLY E 431 61.22 -40.58 5.72
N LEU E 432 60.38 -40.48 6.74
CA LEU E 432 59.73 -39.21 7.07
C LEU E 432 59.05 -39.27 8.43
N LEU E 433 59.16 -40.42 9.10
CA LEU E 433 58.56 -40.60 10.42
C LEU E 433 59.52 -41.33 11.34
N SER E 434 59.62 -40.86 12.58
CA SER E 434 60.50 -41.47 13.56
C SER E 434 60.22 -42.97 13.68
N PRO E 435 61.29 -43.81 13.47
CA PRO E 435 60.98 -45.25 13.58
C PRO E 435 60.41 -45.62 14.95
N ASP E 436 60.24 -44.65 15.83
CA ASP E 436 59.70 -44.91 17.16
C ASP E 436 58.35 -44.22 17.34
N PHE E 437 57.60 -44.12 16.24
CA PHE E 437 56.30 -43.47 16.25
C PHE E 437 55.21 -44.45 16.69
N GLN E 438 54.27 -43.93 17.48
CA GLN E 438 53.17 -44.71 18.00
C GLN E 438 51.86 -44.14 17.48
N GLU E 439 51.15 -44.92 16.68
CA GLU E 439 49.81 -44.55 16.24
C GLU E 439 48.82 -45.05 17.30
N ASP E 440 48.12 -44.12 17.92
CA ASP E 440 47.11 -44.46 18.92
C ASP E 440 45.73 -44.45 18.28
N ASN E 441 44.77 -45.04 18.97
CA ASN E 441 43.41 -45.14 18.46
C ASN E 441 42.66 -43.80 18.52
N GLU E 442 43.19 -42.80 19.21
CA GLU E 442 42.60 -41.47 19.23
C GLU E 442 42.93 -40.65 18.00
N THR E 443 44.04 -40.93 17.33
CA THR E 443 44.43 -40.20 16.14
C THR E 443 43.80 -40.80 14.88
N GLU E 444 43.42 -42.08 14.92
CA GLU E 444 42.70 -42.66 13.80
C GLU E 444 41.27 -42.15 13.72
N ILE E 445 40.68 -41.75 14.85
CA ILE E 445 39.37 -41.13 14.82
C ILE E 445 39.46 -39.70 14.29
N ASN E 446 40.54 -38.99 14.63
CA ASN E 446 40.77 -37.65 14.11
C ASN E 446 40.99 -37.67 12.61
N PHE E 447 41.64 -38.71 12.09
CA PHE E 447 41.88 -38.82 10.66
C PHE E 447 40.63 -39.23 9.90
N LEU E 448 39.87 -40.19 10.44
CA LEU E 448 38.67 -40.68 9.76
C LEU E 448 37.55 -39.66 9.75
N LEU E 449 37.45 -38.82 10.77
CA LEU E 449 36.40 -37.80 10.77
C LEU E 449 36.71 -36.67 9.81
N LYS E 450 37.99 -36.36 9.60
CA LYS E 450 38.36 -35.39 8.57
C LYS E 450 38.10 -35.91 7.17
N GLN E 451 38.14 -37.23 6.98
CA GLN E 451 37.80 -37.82 5.69
C GLN E 451 36.29 -37.81 5.46
N ALA E 452 35.51 -38.08 6.50
CA ALA E 452 34.06 -38.17 6.36
C ALA E 452 33.40 -36.82 6.16
N LEU E 453 34.04 -35.73 6.56
CA LEU E 453 33.49 -34.41 6.30
C LEU E 453 33.61 -34.02 4.84
N THR E 454 34.51 -34.64 4.10
CA THR E 454 34.68 -34.38 2.68
C THR E 454 34.04 -35.45 1.81
N ILE E 455 34.12 -36.71 2.21
CA ILE E 455 33.63 -37.83 1.40
C ILE E 455 32.13 -38.03 1.65
N VAL E 456 31.76 -38.28 2.91
CA VAL E 456 30.38 -38.59 3.21
C VAL E 456 29.50 -37.33 3.20
N GLY E 457 30.06 -36.19 3.58
CA GLY E 457 29.30 -34.96 3.64
C GLY E 457 28.87 -34.42 2.28
N THR E 458 29.53 -34.84 1.20
CA THR E 458 29.20 -34.37 -0.13
C THR E 458 28.28 -35.29 -0.89
N LEU E 459 28.00 -36.49 -0.37
CA LEU E 459 27.19 -37.46 -1.10
C LEU E 459 25.69 -37.14 -1.12
N PRO E 460 25.03 -36.69 -0.02
CA PRO E 460 23.64 -36.24 -0.18
C PRO E 460 23.49 -34.93 -0.91
N PHE E 461 24.51 -34.07 -0.94
CA PHE E 461 24.45 -32.86 -1.75
C PHE E 461 24.48 -33.18 -3.24
N THR E 462 25.33 -34.13 -3.63
CA THR E 462 25.47 -34.50 -5.03
C THR E 462 24.24 -35.25 -5.53
N TYR E 463 23.68 -36.10 -4.68
CA TYR E 463 22.51 -36.89 -5.09
C TYR E 463 21.27 -36.01 -5.22
N MET E 464 21.10 -35.05 -4.32
CA MET E 464 19.94 -34.16 -4.35
C MET E 464 19.98 -33.23 -5.55
N LEU E 465 21.17 -32.77 -5.94
CA LEU E 465 21.26 -31.76 -6.99
C LEU E 465 20.99 -32.36 -8.36
N GLU E 466 21.52 -33.56 -8.62
CA GLU E 466 21.25 -34.19 -9.91
C GLU E 466 19.82 -34.72 -10.00
N LYS E 467 19.24 -35.09 -8.86
CA LYS E 467 17.84 -35.49 -8.84
C LYS E 467 16.92 -34.30 -9.14
N TRP E 468 17.29 -33.11 -8.68
CA TRP E 468 16.50 -31.93 -8.98
C TRP E 468 16.63 -31.54 -10.44
N ARG E 469 17.84 -31.63 -10.99
CA ARG E 469 18.05 -31.24 -12.38
C ARG E 469 17.45 -32.24 -13.36
N TRP E 470 17.39 -33.52 -12.98
CA TRP E 470 16.77 -34.51 -13.85
C TRP E 470 15.27 -34.32 -13.93
N MET E 471 14.63 -33.95 -12.83
CA MET E 471 13.20 -33.73 -12.81
C MET E 471 12.79 -32.41 -13.46
N VAL E 472 13.71 -31.45 -13.54
CA VAL E 472 13.41 -30.19 -14.22
C VAL E 472 13.43 -30.38 -15.73
N PHE E 473 14.37 -31.20 -16.23
CA PHE E 473 14.48 -31.40 -17.68
C PHE E 473 13.33 -32.24 -18.24
N LYS E 474 12.89 -33.27 -17.52
CA LYS E 474 11.79 -34.08 -18.03
C LYS E 474 10.43 -33.46 -17.76
N GLY E 475 10.36 -32.44 -16.92
CA GLY E 475 9.13 -31.72 -16.72
C GLY E 475 8.29 -32.18 -15.54
N GLU E 476 8.86 -32.94 -14.60
CA GLU E 476 8.12 -33.29 -13.40
C GLU E 476 7.97 -32.12 -12.46
N ILE E 477 8.81 -31.10 -12.59
CA ILE E 477 8.72 -29.88 -11.80
C ILE E 477 8.42 -28.73 -12.77
N PRO E 478 7.21 -28.19 -12.77
CA PRO E 478 6.93 -26.99 -13.58
C PRO E 478 7.63 -25.76 -12.99
N LYS E 479 7.68 -24.71 -13.81
CA LYS E 479 8.55 -23.58 -13.48
C LYS E 479 7.99 -22.71 -12.35
N ASP E 480 6.73 -22.90 -11.98
CA ASP E 480 6.18 -22.21 -10.82
C ASP E 480 6.47 -22.93 -9.51
N GLN E 481 7.22 -24.04 -9.56
CA GLN E 481 7.55 -24.79 -8.36
C GLN E 481 9.02 -25.20 -8.32
N TRP E 482 9.90 -24.46 -9.00
CA TRP E 482 11.32 -24.78 -9.01
C TRP E 482 11.93 -24.57 -7.63
N MET E 483 11.71 -23.41 -7.03
CA MET E 483 12.27 -23.10 -5.74
C MET E 483 11.44 -23.64 -4.59
N LYS E 484 10.22 -24.09 -4.86
CA LYS E 484 9.46 -24.77 -3.84
C LYS E 484 9.95 -26.20 -3.66
N LYS E 485 10.17 -26.90 -4.77
CA LYS E 485 10.65 -28.28 -4.70
C LYS E 485 12.13 -28.37 -4.37
N TRP E 486 12.90 -27.30 -4.57
CA TRP E 486 14.32 -27.33 -4.25
C TRP E 486 14.54 -27.36 -2.75
N TRP E 487 13.81 -26.55 -2.00
CA TRP E 487 14.00 -26.47 -0.56
C TRP E 487 13.23 -27.54 0.21
N GLU E 488 12.26 -28.20 -0.42
CA GLU E 488 11.68 -29.39 0.19
C GLU E 488 12.63 -30.57 0.10
N MET E 489 13.41 -30.66 -0.97
CA MET E 489 14.40 -31.72 -1.10
C MET E 489 15.65 -31.47 -0.28
N LYS E 490 15.92 -30.23 0.12
CA LYS E 490 17.03 -29.98 1.04
C LYS E 490 16.71 -30.46 2.44
N ARG E 491 15.48 -30.25 2.90
CA ARG E 491 15.11 -30.64 4.26
C ARG E 491 14.97 -32.14 4.38
N GLU E 492 14.50 -32.80 3.33
CA GLU E 492 14.20 -34.22 3.40
C GLU E 492 15.43 -35.10 3.15
N ILE E 493 16.21 -34.80 2.13
CA ILE E 493 17.36 -35.62 1.76
C ILE E 493 18.62 -35.19 2.49
N VAL E 494 18.95 -33.90 2.43
CA VAL E 494 20.20 -33.42 3.00
C VAL E 494 20.06 -33.10 4.49
N GLY E 495 18.93 -32.54 4.90
CA GLY E 495 18.75 -32.15 6.28
C GLY E 495 19.27 -30.74 6.53
N VAL E 496 18.97 -29.83 5.61
CA VAL E 496 19.47 -28.47 5.63
C VAL E 496 18.31 -27.52 5.38
N VAL E 497 18.13 -26.55 6.26
CA VAL E 497 17.01 -25.62 6.19
C VAL E 497 17.53 -24.23 5.82
N GLU E 498 16.75 -23.49 5.04
CA GLU E 498 17.12 -22.14 4.64
C GLU E 498 16.83 -21.15 5.76
N PRO E 499 17.62 -20.06 5.87
CA PRO E 499 17.36 -19.08 6.92
C PRO E 499 16.36 -18.01 6.55
N VAL E 500 16.11 -17.79 5.26
CA VAL E 500 15.20 -16.75 4.77
C VAL E 500 14.36 -17.41 3.67
N PRO E 501 13.03 -17.23 3.65
CA PRO E 501 12.22 -17.88 2.62
C PRO E 501 12.47 -17.30 1.24
N HIS E 502 12.46 -18.17 0.23
CA HIS E 502 12.81 -17.80 -1.14
C HIS E 502 11.67 -18.18 -2.07
N ASP E 503 11.09 -17.19 -2.75
CA ASP E 503 10.02 -17.40 -3.70
C ASP E 503 10.57 -17.72 -5.09
N GLU E 504 9.71 -17.64 -6.11
CA GLU E 504 10.06 -18.02 -7.47
C GLU E 504 10.73 -16.90 -8.25
N THR E 505 11.31 -15.93 -7.58
CA THR E 505 12.19 -14.96 -8.22
C THR E 505 13.66 -15.30 -8.04
N TYR E 506 13.98 -16.19 -7.11
CA TYR E 506 15.33 -16.67 -6.90
C TYR E 506 15.60 -17.86 -7.82
N CYS E 507 16.89 -18.12 -8.05
CA CYS E 507 17.31 -19.40 -8.63
C CYS E 507 18.59 -19.79 -7.89
N ASP E 508 18.42 -20.51 -6.79
CA ASP E 508 19.52 -20.96 -5.93
C ASP E 508 20.38 -22.10 -6.47
N PRO E 509 19.88 -23.05 -7.30
CA PRO E 509 20.82 -23.95 -7.98
C PRO E 509 21.79 -23.25 -8.92
N ALA E 510 21.35 -22.21 -9.64
CA ALA E 510 22.20 -21.59 -10.64
C ALA E 510 23.32 -20.75 -10.06
N SER E 511 23.34 -20.54 -8.74
CA SER E 511 24.44 -19.84 -8.08
C SER E 511 25.63 -20.73 -7.80
N LEU E 512 25.57 -22.00 -8.21
CA LEU E 512 26.71 -22.91 -8.18
C LEU E 512 27.39 -22.88 -9.55
N PHE E 513 28.68 -23.23 -9.56
CA PHE E 513 29.47 -23.13 -10.77
C PHE E 513 29.02 -24.15 -11.82
N HIS E 514 28.75 -25.38 -11.39
CA HIS E 514 28.46 -26.45 -12.34
C HIS E 514 27.09 -26.32 -12.97
N VAL E 515 26.18 -25.57 -12.37
CA VAL E 515 24.86 -25.38 -12.94
C VAL E 515 24.84 -24.24 -13.95
N SER E 516 25.52 -23.14 -13.66
CA SER E 516 25.52 -22.00 -14.57
C SER E 516 26.56 -22.11 -15.65
N ASN E 517 27.48 -23.06 -15.58
CA ASN E 517 28.49 -23.25 -16.60
C ASN E 517 28.32 -24.56 -17.37
N ASP E 518 27.13 -25.17 -17.29
CA ASP E 518 26.69 -26.29 -18.13
C ASP E 518 27.58 -27.54 -17.96
N TYR E 519 27.62 -28.07 -16.74
CA TYR E 519 28.40 -29.26 -16.44
C TYR E 519 27.52 -30.30 -15.77
N SER E 520 27.86 -31.56 -15.99
CA SER E 520 27.19 -32.68 -15.36
C SER E 520 27.77 -32.90 -13.97
N PHE E 521 26.94 -33.35 -13.04
CA PHE E 521 27.31 -33.43 -11.64
C PHE E 521 27.28 -34.84 -11.08
N ILE E 522 26.76 -35.82 -11.83
CA ILE E 522 26.69 -37.19 -11.32
C ILE E 522 28.05 -37.88 -11.33
N ARG E 523 29.05 -37.30 -11.98
CA ARG E 523 30.38 -37.89 -11.99
C ARG E 523 31.06 -37.81 -10.64
N TYR E 524 30.63 -36.91 -9.75
CA TYR E 524 31.18 -36.84 -8.41
C TYR E 524 30.56 -37.83 -7.46
N TYR E 525 29.38 -38.36 -7.79
CA TYR E 525 28.78 -39.40 -6.96
C TYR E 525 29.43 -40.75 -7.24
N THR E 526 29.53 -41.11 -8.52
CA THR E 526 30.05 -42.42 -8.90
C THR E 526 31.55 -42.55 -8.68
N ARG E 527 32.30 -41.45 -8.75
CA ARG E 527 33.73 -41.50 -8.48
C ARG E 527 34.02 -41.85 -7.04
N THR E 528 33.17 -41.40 -6.12
CA THR E 528 33.35 -41.72 -4.71
C THR E 528 33.09 -43.21 -4.45
N LEU E 529 32.19 -43.82 -5.22
CA LEU E 529 31.88 -45.22 -5.01
C LEU E 529 32.91 -46.13 -5.69
N TYR E 530 33.42 -45.72 -6.85
CA TYR E 530 34.46 -46.49 -7.52
C TYR E 530 35.79 -46.44 -6.79
N GLN E 531 36.02 -45.38 -6.01
CA GLN E 531 37.32 -45.17 -5.38
C GLN E 531 37.58 -46.20 -4.28
N PHE E 532 36.55 -46.55 -3.52
CA PHE E 532 36.71 -47.53 -2.47
C PHE E 532 36.48 -48.95 -2.95
N GLN E 533 35.84 -49.13 -4.12
CA GLN E 533 35.79 -50.44 -4.73
C GLN E 533 37.14 -50.83 -5.30
N PHE E 534 37.87 -49.87 -5.85
CA PHE E 534 39.23 -50.14 -6.32
C PHE E 534 40.16 -50.41 -5.16
N GLN E 535 40.03 -49.64 -4.07
CA GLN E 535 40.99 -49.75 -2.97
C GLN E 535 40.77 -51.03 -2.18
N GLU E 536 39.52 -51.48 -2.06
CA GLU E 536 39.29 -52.73 -1.34
C GLU E 536 39.69 -53.93 -2.18
N ALA E 537 39.60 -53.82 -3.50
CA ALA E 537 39.97 -54.95 -4.35
C ALA E 537 41.48 -55.07 -4.47
N LEU E 538 42.21 -53.97 -4.31
CA LEU E 538 43.67 -54.02 -4.43
C LEU E 538 44.32 -54.46 -3.12
N CYS E 539 43.65 -54.23 -1.99
CA CYS E 539 44.22 -54.61 -0.71
C CYS E 539 43.99 -56.08 -0.36
N GLN E 540 43.03 -56.73 -1.02
CA GLN E 540 42.95 -58.19 -0.90
C GLN E 540 44.02 -58.88 -1.73
N ALA E 541 44.48 -58.23 -2.79
CA ALA E 541 45.56 -58.77 -3.59
C ALA E 541 46.93 -58.51 -2.99
N ALA E 542 47.08 -57.45 -2.20
CA ALA E 542 48.32 -57.16 -1.50
C ALA E 542 48.40 -57.82 -0.14
N LYS E 543 47.39 -58.62 0.23
CA LYS E 543 47.32 -59.41 1.47
C LYS E 543 47.40 -58.52 2.70
N HIS E 544 46.44 -57.60 2.81
CA HIS E 544 46.32 -56.76 3.98
C HIS E 544 45.60 -57.51 5.10
N GLU E 545 45.85 -57.08 6.35
CA GLU E 545 45.34 -57.82 7.49
C GLU E 545 44.47 -56.97 8.41
N GLY E 546 44.72 -55.66 8.45
CA GLY E 546 44.03 -54.80 9.39
C GLY E 546 42.79 -54.15 8.83
N PRO E 547 42.51 -52.93 9.28
CA PRO E 547 41.40 -52.16 8.69
C PRO E 547 41.77 -51.66 7.30
N LEU E 548 40.75 -51.26 6.55
CA LEU E 548 40.96 -50.83 5.17
C LEU E 548 41.67 -49.48 5.09
N HIS E 549 41.51 -48.64 6.11
CA HIS E 549 42.08 -47.30 6.04
C HIS E 549 43.56 -47.26 6.40
N LYS E 550 44.17 -48.40 6.72
CA LYS E 550 45.60 -48.47 7.01
C LYS E 550 46.39 -49.08 5.86
N CYS E 551 45.77 -49.26 4.70
CA CYS E 551 46.34 -50.12 3.68
C CYS E 551 47.31 -49.36 2.79
N ASP E 552 48.29 -50.08 2.27
CA ASP E 552 49.29 -49.55 1.36
C ASP E 552 49.66 -50.64 0.35
N ILE E 553 49.71 -50.27 -0.93
CA ILE E 553 49.96 -51.22 -1.99
C ILE E 553 51.41 -51.19 -2.47
N SER E 554 52.33 -50.66 -1.66
CA SER E 554 53.74 -50.66 -2.02
C SER E 554 54.31 -52.07 -1.97
N ASN E 555 55.37 -52.30 -2.75
CA ASN E 555 56.17 -53.52 -2.84
C ASN E 555 55.42 -54.72 -3.41
N SER E 556 54.16 -54.55 -3.79
CA SER E 556 53.39 -55.65 -4.37
C SER E 556 53.69 -55.75 -5.85
N THR E 557 53.26 -56.85 -6.47
CA THR E 557 53.31 -56.91 -7.93
C THR E 557 51.98 -57.45 -8.41
N GLU E 558 51.35 -58.26 -7.56
CA GLU E 558 50.09 -58.88 -7.94
C GLU E 558 48.95 -57.87 -7.92
N ALA E 559 49.03 -56.86 -7.07
CA ALA E 559 48.01 -55.83 -7.05
C ALA E 559 48.12 -54.93 -8.27
N GLY E 560 49.33 -54.57 -8.68
CA GLY E 560 49.54 -53.79 -9.87
C GLY E 560 49.13 -54.49 -11.14
N GLN E 561 49.33 -55.80 -11.22
CA GLN E 561 48.79 -56.58 -12.31
C GLN E 561 47.27 -56.62 -12.30
N LYS E 562 46.65 -56.54 -11.13
CA LYS E 562 45.20 -56.39 -11.08
C LYS E 562 44.79 -55.00 -11.53
N LEU E 563 45.63 -53.99 -11.28
CA LEU E 563 45.28 -52.64 -11.70
C LEU E 563 45.57 -52.41 -13.16
N PHE E 564 46.65 -52.98 -13.68
CA PHE E 564 47.05 -52.72 -15.06
C PHE E 564 46.11 -53.36 -16.06
N ASN E 565 45.37 -54.39 -15.68
CA ASN E 565 44.45 -55.03 -16.59
C ASN E 565 43.21 -54.19 -16.89
N MET E 566 42.95 -53.16 -16.10
CA MET E 566 41.89 -52.20 -16.37
C MET E 566 42.41 -50.95 -17.05
N LEU E 567 43.62 -50.51 -16.66
CA LEU E 567 44.19 -49.26 -17.12
C LEU E 567 44.41 -49.22 -18.62
N ARG E 568 44.65 -50.36 -19.24
CA ARG E 568 44.98 -50.40 -20.66
C ARG E 568 43.77 -50.54 -21.55
N LEU E 569 42.57 -50.60 -20.98
CA LEU E 569 41.38 -50.80 -21.82
C LEU E 569 40.94 -49.53 -22.52
N GLY E 570 40.95 -48.39 -21.85
CA GLY E 570 40.48 -47.18 -22.49
C GLY E 570 38.96 -47.16 -22.55
N LYS E 571 38.42 -46.99 -23.75
CA LYS E 571 36.98 -47.04 -23.98
C LYS E 571 36.62 -48.19 -24.88
N SER E 572 37.58 -49.05 -25.17
CA SER E 572 37.41 -50.14 -26.11
C SER E 572 36.45 -51.20 -25.60
N GLU E 573 36.27 -51.31 -24.29
CA GLU E 573 35.36 -52.24 -23.68
C GLU E 573 34.29 -51.47 -22.93
N PRO E 574 33.12 -52.06 -22.71
CA PRO E 574 32.15 -51.46 -21.80
C PRO E 574 32.70 -51.33 -20.40
N TRP E 575 32.27 -50.29 -19.68
CA TRP E 575 32.83 -50.01 -18.38
C TRP E 575 32.45 -51.06 -17.35
N THR E 576 31.30 -51.73 -17.55
CA THR E 576 30.94 -52.84 -16.68
C THR E 576 31.90 -54.01 -16.85
N LEU E 577 32.43 -54.19 -18.05
CA LEU E 577 33.47 -55.18 -18.27
C LEU E 577 34.80 -54.73 -17.66
N ALA E 578 35.01 -53.44 -17.51
CA ALA E 578 36.26 -52.98 -16.89
C ALA E 578 36.24 -53.19 -15.39
N LEU E 579 35.07 -53.12 -14.76
CA LEU E 579 35.00 -53.27 -13.31
C LEU E 579 35.27 -54.69 -12.86
N GLU E 580 34.89 -55.70 -13.64
CA GLU E 580 35.13 -57.08 -13.22
C GLU E 580 36.60 -57.45 -13.30
N ASN E 581 37.39 -56.73 -14.08
CA ASN E 581 38.81 -56.97 -14.14
C ASN E 581 39.53 -56.56 -12.87
N VAL E 582 38.93 -55.70 -12.05
CA VAL E 582 39.49 -55.28 -10.78
C VAL E 582 38.67 -55.79 -9.61
N VAL E 583 37.41 -55.38 -9.53
CA VAL E 583 36.57 -55.71 -8.38
C VAL E 583 36.01 -57.11 -8.44
N GLY E 584 35.49 -57.54 -9.59
CA GLY E 584 34.78 -58.81 -9.65
C GLY E 584 33.28 -58.67 -9.69
N ALA E 585 32.77 -57.47 -9.96
CA ALA E 585 31.34 -57.23 -10.06
C ALA E 585 31.07 -56.42 -11.31
N LYS E 586 29.81 -56.35 -11.70
CA LYS E 586 29.41 -55.63 -12.90
C LYS E 586 28.70 -54.32 -12.58
N ASN E 587 28.64 -53.92 -11.32
CA ASN E 587 27.90 -52.73 -10.93
C ASN E 587 28.63 -52.03 -9.80
N MET E 588 28.30 -50.76 -9.59
CA MET E 588 28.91 -50.03 -8.50
C MET E 588 28.27 -50.44 -7.17
N ASN E 589 29.07 -50.49 -6.13
CA ASN E 589 28.66 -51.06 -4.86
C ASN E 589 29.07 -50.13 -3.73
N VAL E 590 28.24 -50.05 -2.70
CA VAL E 590 28.48 -49.10 -1.61
C VAL E 590 29.08 -49.78 -0.39
N ARG E 591 29.08 -51.11 -0.33
CA ARG E 591 29.66 -51.84 0.79
C ARG E 591 31.16 -51.66 1.00
N PRO E 592 32.01 -51.48 -0.04
CA PRO E 592 33.40 -51.08 0.25
C PRO E 592 33.55 -49.69 0.81
N LEU E 593 32.63 -48.77 0.55
CA LEU E 593 32.71 -47.44 1.14
C LEU E 593 32.39 -47.49 2.63
N LEU E 594 31.44 -48.34 3.03
CA LEU E 594 31.06 -48.42 4.42
C LEU E 594 32.10 -49.16 5.26
N ASN E 595 32.85 -50.08 4.65
CA ASN E 595 33.89 -50.80 5.40
C ASN E 595 35.07 -49.90 5.74
N TYR E 596 35.25 -48.83 4.97
CA TYR E 596 36.31 -47.86 5.26
C TYR E 596 35.98 -47.07 6.52
N PHE E 597 34.69 -46.82 6.77
CA PHE E 597 34.26 -45.95 7.85
C PHE E 597 33.62 -46.69 9.01
N GLU E 598 33.82 -48.00 9.13
CA GLU E 598 33.28 -48.70 10.29
C GLU E 598 33.98 -48.41 11.62
N PRO E 599 35.30 -48.11 11.69
CA PRO E 599 35.82 -47.58 12.95
C PRO E 599 35.24 -46.24 13.35
N LEU E 600 34.79 -45.43 12.41
CA LEU E 600 34.12 -44.18 12.76
C LEU E 600 32.65 -44.41 13.10
N PHE E 601 32.00 -45.33 12.39
CA PHE E 601 30.59 -45.60 12.62
C PHE E 601 30.35 -46.28 13.95
N THR E 602 31.33 -47.05 14.44
CA THR E 602 31.22 -47.62 15.78
C THR E 602 31.36 -46.54 16.84
N TRP E 603 32.33 -45.64 16.66
CA TRP E 603 32.54 -44.56 17.62
C TRP E 603 31.43 -43.52 17.59
N LEU E 604 30.81 -43.32 16.43
CA LEU E 604 29.74 -42.34 16.31
C LEU E 604 28.46 -42.79 17.00
N LYS E 605 28.19 -44.10 17.01
CA LYS E 605 26.98 -44.59 17.65
C LYS E 605 27.08 -44.58 19.17
N ASP E 606 28.29 -44.41 19.72
CA ASP E 606 28.44 -44.29 21.16
C ASP E 606 28.39 -42.84 21.61
N GLN E 607 28.73 -41.91 20.72
CA GLN E 607 28.61 -40.49 21.01
C GLN E 607 27.19 -39.97 20.84
N ASN E 608 26.29 -40.76 20.26
CA ASN E 608 24.92 -40.32 20.05
C ASN E 608 23.95 -41.18 20.85
N LYS E 609 24.33 -41.52 22.08
CA LYS E 609 23.44 -42.24 22.98
C LYS E 609 22.41 -41.36 23.65
N ASN E 610 22.75 -40.11 23.94
CA ASN E 610 21.81 -39.15 24.50
C ASN E 610 21.28 -38.17 23.46
N SER E 611 21.72 -38.26 22.22
CA SER E 611 21.27 -37.35 21.18
C SER E 611 20.05 -37.91 20.46
N PHE E 612 19.52 -37.12 19.53
CA PHE E 612 18.46 -37.53 18.64
C PHE E 612 19.02 -37.68 17.23
N VAL E 613 18.83 -38.85 16.64
CA VAL E 613 19.37 -39.16 15.33
C VAL E 613 18.26 -39.00 14.30
N GLY E 614 18.45 -38.10 13.36
CA GLY E 614 17.42 -37.71 12.42
C GLY E 614 17.05 -36.26 12.60
N TRP E 615 16.11 -35.80 11.78
CA TRP E 615 15.76 -34.39 11.79
C TRP E 615 14.30 -34.22 11.43
N SER E 616 13.78 -33.05 11.76
CA SER E 616 12.41 -32.66 11.47
C SER E 616 12.39 -31.65 10.34
N THR E 617 11.48 -31.83 9.39
CA THR E 617 11.35 -30.94 8.25
C THR E 617 10.36 -29.82 8.51
N ASP E 618 9.96 -29.60 9.76
CA ASP E 618 9.01 -28.56 10.10
C ASP E 618 9.65 -27.35 10.76
N TRP E 619 10.78 -27.52 11.43
CA TRP E 619 11.45 -26.42 12.12
C TRP E 619 12.14 -25.51 11.12
N SER E 620 12.13 -24.23 11.42
CA SER E 620 12.82 -23.21 10.64
C SER E 620 13.43 -22.19 11.60
N PRO E 621 14.55 -21.57 11.22
CA PRO E 621 15.15 -20.55 12.10
C PRO E 621 14.40 -19.23 12.14
N TYR E 622 13.34 -19.06 11.34
CA TYR E 622 12.54 -17.85 11.37
C TYR E 622 11.13 -18.09 11.88
N ALA E 623 10.73 -19.34 12.09
CA ALA E 623 9.34 -19.67 12.35
C ALA E 623 9.06 -19.75 13.84
N ASP E 624 9.46 -18.68 14.55
CA ASP E 624 8.98 -18.48 15.91
C ASP E 624 8.71 -16.99 16.13
N GLN E 625 9.06 -16.19 15.13
CA GLN E 625 8.67 -14.78 15.07
C GLN E 625 7.70 -14.52 13.93
N SER E 626 7.12 -15.57 13.36
CA SER E 626 6.18 -15.44 12.27
C SER E 626 4.75 -15.37 12.79
N ILE E 627 3.89 -14.71 12.02
CA ILE E 627 2.48 -14.58 12.34
C ILE E 627 1.68 -15.18 11.19
N LYS E 628 0.74 -16.06 11.51
CA LYS E 628 -0.11 -16.67 10.51
C LYS E 628 -1.32 -15.80 10.23
N VAL E 629 -1.59 -15.58 8.94
CA VAL E 629 -2.72 -14.78 8.48
C VAL E 629 -3.67 -15.71 7.74
N ARG E 630 -4.96 -15.60 8.01
CA ARG E 630 -5.98 -16.36 7.31
C ARG E 630 -7.03 -15.41 6.75
N ILE E 631 -7.34 -15.58 5.46
CA ILE E 631 -8.20 -14.66 4.74
C ILE E 631 -9.37 -15.43 4.16
N SER E 632 -10.59 -15.00 4.48
CA SER E 632 -11.82 -15.62 3.99
C SER E 632 -12.56 -14.60 3.13
N LEU E 633 -12.30 -14.62 1.83
CA LEU E 633 -12.85 -13.61 0.94
C LEU E 633 -14.32 -13.86 0.66
N LYS E 634 -14.71 -15.12 0.46
CA LYS E 634 -16.07 -15.42 0.03
C LYS E 634 -17.04 -15.38 1.21
N SER E 635 -16.53 -15.31 2.43
CA SER E 635 -17.40 -15.11 3.58
C SER E 635 -17.78 -13.65 3.75
N ALA E 636 -16.84 -12.74 3.45
CA ALA E 636 -17.09 -11.33 3.66
C ALA E 636 -17.92 -10.73 2.53
N LEU E 637 -17.57 -11.07 1.29
CA LEU E 637 -18.27 -10.52 0.13
C LEU E 637 -19.15 -11.51 -0.59
N GLY E 638 -18.66 -12.73 -0.78
CA GLY E 638 -19.42 -13.74 -1.48
C GLY E 638 -19.36 -13.54 -2.98
N ASP E 639 -20.48 -13.76 -3.66
CA ASP E 639 -20.55 -13.59 -5.10
C ASP E 639 -20.34 -12.13 -5.50
N LYS E 640 -19.09 -11.68 -5.41
CA LYS E 640 -18.75 -10.30 -5.76
C LYS E 640 -17.36 -9.98 -5.24
N ALA E 641 -16.66 -11.01 -4.77
CA ALA E 641 -15.32 -10.83 -4.23
C ALA E 641 -14.23 -10.99 -5.28
N TYR E 642 -13.23 -10.12 -5.22
CA TYR E 642 -12.11 -10.16 -6.13
C TYR E 642 -11.33 -11.45 -5.93
N GLU E 643 -10.42 -11.73 -6.84
CA GLU E 643 -9.58 -12.91 -6.75
C GLU E 643 -8.19 -12.49 -6.30
N TRP E 644 -7.54 -13.36 -5.54
CA TRP E 644 -6.31 -13.01 -4.82
C TRP E 644 -5.09 -13.42 -5.66
N ASN E 645 -4.67 -12.51 -6.53
CA ASN E 645 -3.46 -12.71 -7.30
C ASN E 645 -2.28 -12.14 -6.51
N ASP E 646 -1.11 -12.05 -7.14
CA ASP E 646 0.07 -11.56 -6.45
C ASP E 646 0.17 -10.03 -6.45
N ASN E 647 -0.77 -9.33 -7.08
CA ASN E 647 -0.88 -7.90 -6.85
C ASN E 647 -1.54 -7.60 -5.51
N GLU E 648 -2.39 -8.50 -5.02
CA GLU E 648 -2.96 -8.34 -3.69
C GLU E 648 -1.95 -8.67 -2.61
N MET E 649 -0.98 -9.53 -2.91
CA MET E 649 0.09 -9.79 -1.94
C MET E 649 1.05 -8.61 -1.86
N TYR E 650 1.17 -7.84 -2.95
CA TYR E 650 1.99 -6.64 -2.92
C TYR E 650 1.33 -5.55 -2.08
N LEU E 651 0.01 -5.42 -2.17
CA LEU E 651 -0.69 -4.44 -1.36
C LEU E 651 -0.73 -4.83 0.10
N PHE E 652 -0.71 -6.13 0.41
CA PHE E 652 -0.67 -6.56 1.80
C PHE E 652 0.69 -6.27 2.41
N ARG E 653 1.76 -6.45 1.66
CA ARG E 653 3.09 -6.21 2.19
C ARG E 653 3.38 -4.71 2.35
N SER E 654 2.69 -3.86 1.60
CA SER E 654 2.83 -2.43 1.78
C SER E 654 1.99 -1.91 2.93
N SER E 655 0.87 -2.56 3.22
CA SER E 655 0.05 -2.18 4.36
C SER E 655 0.68 -2.56 5.68
N VAL E 656 1.42 -3.67 5.72
CA VAL E 656 2.13 -4.05 6.94
C VAL E 656 3.34 -3.16 7.14
N ALA E 657 4.03 -2.81 6.06
CA ALA E 657 5.16 -1.88 6.15
C ALA E 657 4.71 -0.48 6.53
N TYR E 658 3.48 -0.10 6.17
CA TYR E 658 2.93 1.16 6.63
C TYR E 658 2.61 1.12 8.12
N ALA E 659 2.13 -0.01 8.61
CA ALA E 659 1.76 -0.12 10.02
C ALA E 659 2.98 -0.18 10.91
N MET E 660 4.10 -0.71 10.41
CA MET E 660 5.33 -0.68 11.18
C MET E 660 5.93 0.71 11.22
N ARG E 661 5.71 1.51 10.18
CA ARG E 661 6.21 2.87 10.17
C ARG E 661 5.46 3.74 11.16
N GLN E 662 4.15 3.52 11.30
CA GLN E 662 3.36 4.35 12.21
C GLN E 662 3.59 3.97 13.66
N TYR E 663 3.96 2.71 13.92
CA TYR E 663 4.16 2.30 15.31
C TYR E 663 5.47 2.83 15.85
N PHE E 664 6.53 2.81 15.04
CA PHE E 664 7.82 3.29 15.52
C PHE E 664 7.88 4.81 15.59
N LEU E 665 6.99 5.50 14.90
CA LEU E 665 6.99 6.96 14.96
C LEU E 665 6.21 7.49 16.15
N LYS E 666 5.06 6.87 16.45
CA LYS E 666 4.19 7.40 17.50
C LYS E 666 4.45 6.80 18.87
N VAL E 667 5.15 5.67 18.95
CA VAL E 667 5.44 5.02 20.23
C VAL E 667 6.93 5.10 20.56
N LYS E 668 7.79 4.75 19.61
CA LYS E 668 9.23 4.71 19.86
C LYS E 668 9.95 5.97 19.41
N ASN E 669 9.24 6.92 18.82
CA ASN E 669 9.74 8.21 18.34
C ASN E 669 10.87 8.11 17.34
N GLN E 670 10.94 7.03 16.56
CA GLN E 670 11.96 6.86 15.54
C GLN E 670 11.31 6.82 14.17
N MET E 671 12.06 7.20 13.13
CA MET E 671 11.58 7.08 11.77
C MET E 671 12.43 6.00 11.08
N ILE E 672 11.77 4.91 10.72
CA ILE E 672 12.41 3.78 10.07
C ILE E 672 11.67 3.51 8.77
N LEU E 673 12.41 3.39 7.67
CA LEU E 673 11.82 3.28 6.35
C LEU E 673 11.63 1.81 5.98
N PHE E 674 10.56 1.23 6.51
CA PHE E 674 10.17 -0.12 6.14
C PHE E 674 9.57 -0.11 4.73
N GLY E 675 9.91 -1.14 3.95
CA GLY E 675 9.36 -1.32 2.63
C GLY E 675 8.64 -2.65 2.51
N GLU E 676 8.10 -2.90 1.32
CA GLU E 676 7.44 -4.16 1.06
C GLU E 676 8.43 -5.31 0.93
N GLU E 677 9.70 -5.03 0.70
CA GLU E 677 10.73 -6.05 0.62
C GLU E 677 11.27 -6.45 1.98
N ASP E 678 10.80 -5.82 3.05
CA ASP E 678 11.16 -6.20 4.40
C ASP E 678 10.11 -7.06 5.07
N VAL E 679 9.05 -7.42 4.37
CA VAL E 679 8.03 -8.34 4.85
C VAL E 679 8.19 -9.64 4.09
N ARG E 680 8.60 -10.70 4.79
CA ARG E 680 8.96 -11.96 4.16
C ARG E 680 7.83 -12.97 4.31
N VAL E 681 7.25 -13.38 3.18
CA VAL E 681 6.07 -14.23 3.17
C VAL E 681 6.49 -15.66 2.84
N ALA E 682 6.00 -16.61 3.64
CA ALA E 682 6.24 -18.03 3.42
C ALA E 682 4.94 -18.81 3.50
N ASN E 683 4.93 -19.96 2.82
CA ASN E 683 3.88 -20.99 2.90
C ASN E 683 2.51 -20.47 2.44
N LEU E 684 2.45 -20.05 1.18
CA LEU E 684 1.20 -19.54 0.62
C LEU E 684 0.30 -20.71 0.23
N LYS E 685 -0.90 -20.76 0.79
CA LYS E 685 -1.86 -21.83 0.48
C LYS E 685 -3.06 -21.36 -0.33
N PRO E 686 -3.92 -22.36 -0.79
CA PRO E 686 -5.07 -21.87 -1.56
C PRO E 686 -6.16 -21.25 -0.69
N ARG E 687 -6.38 -21.80 0.51
CA ARG E 687 -7.39 -21.24 1.40
C ARG E 687 -7.06 -19.76 1.62
N ILE E 688 -5.83 -19.40 1.31
CA ILE E 688 -5.32 -18.06 1.48
C ILE E 688 -4.81 -17.96 2.91
N SER E 689 -3.60 -18.46 3.10
CA SER E 689 -2.94 -18.44 4.39
C SER E 689 -1.46 -18.46 4.12
N PHE E 690 -0.72 -17.72 4.93
CA PHE E 690 0.73 -17.60 4.83
C PHE E 690 1.25 -17.15 6.17
N ASN E 691 2.56 -17.24 6.33
CA ASN E 691 3.24 -16.67 7.48
C ASN E 691 4.05 -15.47 7.02
N PHE E 692 4.25 -14.52 7.92
CA PHE E 692 5.12 -13.40 7.59
C PHE E 692 5.89 -12.97 8.83
N PHE E 693 7.08 -12.44 8.61
CA PHE E 693 7.85 -11.79 9.65
C PHE E 693 8.50 -10.54 9.05
N VAL E 694 8.85 -9.60 9.92
CA VAL E 694 9.32 -8.28 9.52
C VAL E 694 10.79 -8.17 9.84
N THR E 695 11.56 -7.54 8.94
CA THR E 695 13.00 -7.42 9.03
C THR E 695 13.36 -5.94 8.95
N ALA E 696 14.42 -5.54 9.67
CA ALA E 696 14.98 -4.20 9.56
C ALA E 696 15.42 -3.90 8.12
N PRO E 697 15.32 -2.60 7.66
CA PRO E 697 15.29 -2.30 6.22
C PRO E 697 16.42 -2.81 5.32
N LYS E 698 17.66 -2.78 5.79
CA LYS E 698 18.73 -3.46 5.03
C LYS E 698 19.52 -4.46 5.84
N ASN E 699 19.36 -4.51 7.15
CA ASN E 699 19.96 -5.55 7.95
C ASN E 699 19.09 -6.81 7.89
N VAL E 700 19.50 -7.77 7.07
CA VAL E 700 18.75 -9.01 6.90
C VAL E 700 18.80 -9.90 8.13
N SER E 701 19.77 -9.70 9.02
CA SER E 701 19.91 -10.50 10.23
C SER E 701 19.04 -10.01 11.38
N ASP E 702 18.41 -8.85 11.25
CA ASP E 702 17.66 -8.23 12.33
C ASP E 702 16.18 -8.48 12.09
N ILE E 703 15.61 -9.41 12.84
CA ILE E 703 14.18 -9.70 12.80
C ILE E 703 13.52 -8.94 13.94
N ILE E 704 12.51 -8.14 13.59
CA ILE E 704 11.68 -7.48 14.60
C ILE E 704 10.94 -8.54 15.40
N PRO E 705 10.89 -8.45 16.73
CA PRO E 705 10.24 -9.51 17.52
C PRO E 705 8.75 -9.58 17.29
N ARG E 706 8.17 -10.73 17.65
CA ARG E 706 6.76 -10.98 17.40
C ARG E 706 5.87 -10.13 18.29
N THR E 707 6.35 -9.75 19.47
CA THR E 707 5.55 -8.93 20.37
C THR E 707 5.45 -7.47 19.90
N GLU E 708 6.41 -6.99 19.13
CA GLU E 708 6.35 -5.64 18.61
C GLU E 708 5.57 -5.54 17.31
N VAL E 709 5.43 -6.64 16.58
CA VAL E 709 4.62 -6.62 15.37
C VAL E 709 3.14 -6.78 15.73
N GLU E 710 2.85 -7.50 16.81
CA GLU E 710 1.47 -7.61 17.30
C GLU E 710 0.96 -6.27 17.82
N LYS E 711 1.83 -5.48 18.45
CA LYS E 711 1.42 -4.16 18.90
C LYS E 711 1.26 -3.19 17.75
N ALA E 712 2.02 -3.39 16.66
CA ALA E 712 1.90 -2.54 15.49
C ALA E 712 0.66 -2.86 14.68
N ILE E 713 0.26 -4.12 14.64
CA ILE E 713 -0.92 -4.51 13.88
C ILE E 713 -2.18 -4.13 14.64
N ARG E 714 -2.17 -4.21 15.97
CA ARG E 714 -3.30 -3.76 16.78
C ARG E 714 -3.54 -2.26 16.64
N MET E 715 -2.49 -1.49 16.39
CA MET E 715 -2.63 -0.04 16.26
C MET E 715 -3.30 0.34 14.94
N SER E 716 -3.10 -0.46 13.90
CA SER E 716 -3.56 -0.12 12.55
C SER E 716 -4.39 -1.24 11.94
N ARG E 717 -5.12 -2.00 12.76
CA ARG E 717 -5.92 -3.09 12.20
C ARG E 717 -7.13 -2.58 11.45
N SER E 718 -7.71 -1.47 11.91
CA SER E 718 -8.86 -0.88 11.24
C SER E 718 -8.49 -0.28 9.89
N ARG E 719 -7.21 0.06 9.69
CA ARG E 719 -6.77 0.61 8.42
C ARG E 719 -6.43 -0.49 7.41
N ILE E 720 -5.94 -1.64 7.88
CA ILE E 720 -5.64 -2.75 6.99
C ILE E 720 -6.93 -3.42 6.53
N ASN E 721 -7.94 -3.45 7.39
CA ASN E 721 -9.23 -4.04 7.03
C ASN E 721 -9.92 -3.27 5.93
N ASP E 722 -9.82 -1.94 5.97
CA ASP E 722 -10.50 -1.10 4.99
C ASP E 722 -9.84 -1.16 3.62
N ALA E 723 -8.55 -1.48 3.56
CA ALA E 723 -7.89 -1.59 2.27
C ALA E 723 -8.29 -2.83 1.51
N PHE E 724 -8.85 -3.84 2.17
CA PHE E 724 -9.24 -5.07 1.54
C PHE E 724 -10.73 -5.39 1.70
N ARG E 725 -11.49 -4.50 2.35
CA ARG E 725 -12.91 -4.67 2.66
C ARG E 725 -13.19 -5.92 3.49
N LEU E 726 -12.42 -6.12 4.55
CA LEU E 726 -12.59 -7.24 5.45
C LEU E 726 -12.98 -6.69 6.84
N ASN E 727 -13.43 -7.58 7.73
CA ASN E 727 -14.11 -7.13 8.93
C ASN E 727 -13.74 -7.88 10.20
N ASP E 728 -12.46 -8.21 10.38
CA ASP E 728 -11.85 -8.83 11.57
C ASP E 728 -12.30 -10.27 11.84
N ASN E 729 -13.25 -10.78 11.05
CA ASN E 729 -13.56 -12.20 11.01
C ASN E 729 -13.19 -12.81 9.67
N SER E 730 -12.85 -11.99 8.68
CA SER E 730 -12.37 -12.44 7.39
C SER E 730 -10.90 -12.15 7.20
N LEU E 731 -10.27 -11.43 8.13
CA LEU E 731 -8.84 -11.16 8.12
C LEU E 731 -8.36 -11.46 9.52
N GLU E 732 -7.89 -12.68 9.73
CA GLU E 732 -7.48 -13.14 11.06
C GLU E 732 -5.96 -13.16 11.15
N PHE E 733 -5.44 -12.51 12.17
CA PHE E 733 -4.05 -12.66 12.58
C PHE E 733 -4.05 -13.61 13.77
N LEU E 734 -3.57 -14.83 13.55
CA LEU E 734 -3.70 -15.89 14.54
C LEU E 734 -2.79 -15.62 15.73
N GLY E 735 -3.38 -15.46 16.90
CA GLY E 735 -2.67 -15.01 18.07
C GLY E 735 -2.96 -13.59 18.48
N ILE E 736 -3.69 -12.83 17.66
CA ILE E 736 -4.11 -11.47 17.97
C ILE E 736 -5.63 -11.46 17.98
N GLN E 737 -6.22 -11.00 19.07
CA GLN E 737 -7.66 -11.06 19.20
C GLN E 737 -8.25 -9.66 19.38
N PRO E 738 -9.45 -9.41 18.85
CA PRO E 738 -10.16 -8.16 19.18
C PRO E 738 -10.63 -8.16 20.62
N THR E 739 -10.50 -7.01 21.28
CA THR E 739 -10.68 -6.97 22.73
C THR E 739 -11.83 -6.10 23.22
N LEU E 740 -11.87 -4.84 22.80
CA LEU E 740 -12.68 -3.81 23.44
C LEU E 740 -14.16 -3.85 23.07
N GLY E 741 -14.86 -2.75 23.33
CA GLY E 741 -16.25 -2.58 22.94
C GLY E 741 -17.36 -2.78 23.97
N PRO E 742 -17.35 -2.02 25.07
CA PRO E 742 -18.44 -2.17 26.06
C PRO E 742 -19.73 -1.55 25.57
N PRO E 743 -20.85 -2.27 25.68
CA PRO E 743 -22.13 -1.73 25.18
C PRO E 743 -22.96 -1.01 26.23
N ASN E 744 -23.82 -0.10 25.78
CA ASN E 744 -24.67 0.69 26.66
C ASN E 744 -25.09 2.00 26.02
N GLN E 745 -26.01 2.70 26.69
CA GLN E 745 -26.51 3.98 26.23
C GLN E 745 -27.71 4.40 27.09
N PRO E 746 -28.53 3.45 27.51
CA PRO E 746 -29.70 3.82 28.32
C PRO E 746 -29.28 4.49 29.61
N PRO E 747 -29.57 5.78 29.82
CA PRO E 747 -29.13 6.38 31.08
C PRO E 747 -30.32 6.43 32.03
N VAL E 748 -31.19 5.44 31.97
CA VAL E 748 -32.36 5.39 32.83
C VAL E 748 -33.09 4.05 32.79
N SER E 749 -32.81 3.24 31.78
CA SER E 749 -33.48 1.95 31.66
C SER E 749 -34.86 2.18 31.07
N ILE E 750 -34.98 2.00 29.76
CA ILE E 750 -36.24 2.21 29.08
C ILE E 750 -37.42 1.42 29.61
N TRP E 751 -37.18 0.40 30.43
CA TRP E 751 -38.30 -0.37 30.96
C TRP E 751 -38.99 0.32 32.13
N LEU E 752 -38.31 1.24 32.82
CA LEU E 752 -38.95 1.98 33.90
C LEU E 752 -39.83 3.12 33.39
N ILE E 753 -39.52 3.66 32.21
CA ILE E 753 -40.39 4.68 31.64
C ILE E 753 -41.70 4.08 31.17
N VAL E 754 -41.62 2.95 30.46
CA VAL E 754 -42.83 2.30 29.95
C VAL E 754 -43.66 1.74 31.09
N PHE E 755 -43.01 1.34 32.19
CA PHE E 755 -43.76 0.95 33.37
C PHE E 755 -44.44 2.15 34.01
N GLY E 756 -43.76 3.29 34.06
CA GLY E 756 -44.31 4.47 34.68
C GLY E 756 -45.47 5.08 33.93
N VAL E 757 -45.56 4.84 32.64
CA VAL E 757 -46.68 5.33 31.85
C VAL E 757 -47.84 4.35 32.00
N VAL E 758 -47.55 3.06 31.94
CA VAL E 758 -48.59 2.05 32.06
C VAL E 758 -49.18 1.95 33.45
N MET E 759 -48.36 2.02 34.50
CA MET E 759 -48.90 2.06 35.85
C MET E 759 -49.56 3.40 36.17
N GLY E 760 -49.24 4.44 35.40
CA GLY E 760 -49.92 5.71 35.58
C GLY E 760 -51.30 5.75 34.95
N VAL E 761 -51.47 5.09 33.81
CA VAL E 761 -52.76 5.12 33.14
C VAL E 761 -53.71 4.09 33.77
N ILE E 762 -53.16 3.18 34.57
CA ILE E 762 -54.03 2.24 35.28
C ILE E 762 -54.55 2.87 36.56
N VAL E 763 -53.67 3.49 37.36
CA VAL E 763 -54.06 4.00 38.67
C VAL E 763 -54.95 5.24 38.57
N VAL E 764 -55.01 5.91 37.42
CA VAL E 764 -56.00 6.95 37.24
C VAL E 764 -57.27 6.38 36.62
N GLY E 765 -57.19 5.21 35.99
CA GLY E 765 -58.38 4.57 35.46
C GLY E 765 -59.24 3.92 36.53
N ILE E 766 -58.68 3.66 37.70
CA ILE E 766 -59.48 3.15 38.80
C ILE E 766 -60.15 4.28 39.57
N VAL E 767 -59.56 5.47 39.58
CA VAL E 767 -60.24 6.55 40.29
C VAL E 767 -61.25 7.25 39.39
N ILE E 768 -61.33 6.87 38.12
CA ILE E 768 -62.49 7.25 37.32
C ILE E 768 -63.62 6.25 37.51
N LEU E 769 -63.28 4.96 37.53
CA LEU E 769 -64.28 3.92 37.69
C LEU E 769 -64.78 3.76 39.11
N ILE E 770 -64.14 4.40 40.10
CA ILE E 770 -64.72 4.42 41.43
C ILE E 770 -65.64 5.62 41.60
N PHE E 771 -65.26 6.77 41.09
CA PHE E 771 -66.12 7.94 41.22
C PHE E 771 -67.30 7.91 40.28
N THR E 772 -67.26 7.08 39.25
CA THR E 772 -68.38 6.95 38.35
C THR E 772 -69.44 6.12 39.07
N GLY E 773 -69.02 5.03 39.70
CA GLY E 773 -69.92 4.17 40.42
C GLY E 773 -70.65 4.93 41.50
N ILE E 774 -69.92 5.73 42.25
CA ILE E 774 -70.51 6.53 43.32
C ILE E 774 -71.40 7.61 42.72
N ARG E 775 -70.88 8.33 41.74
CA ARG E 775 -71.66 9.38 41.08
C ARG E 775 -72.64 8.72 40.13
N ASP E 776 -73.01 7.49 40.43
CA ASP E 776 -73.94 6.73 39.62
C ASP E 776 -74.93 5.94 40.48
N ARG E 777 -74.62 5.82 41.77
CA ARG E 777 -75.51 5.11 42.68
C ARG E 777 -75.59 5.78 44.04
N CYS F 18 85.26 -51.64 -49.46
CA CYS F 18 83.95 -51.29 -48.93
C CYS F 18 83.92 -49.84 -48.44
N PRO F 19 83.17 -49.01 -49.15
CA PRO F 19 83.04 -47.59 -48.80
C PRO F 19 81.77 -47.38 -48.02
N PHE F 20 81.78 -47.61 -46.71
CA PHE F 20 80.55 -47.45 -45.94
C PHE F 20 80.21 -45.99 -45.65
N GLY F 21 81.11 -45.11 -46.07
CA GLY F 21 80.98 -43.68 -45.89
C GLY F 21 79.55 -43.21 -46.10
N GLU F 22 79.17 -42.99 -47.34
CA GLU F 22 77.81 -42.54 -47.63
C GLU F 22 76.82 -43.46 -46.92
N VAL F 23 76.71 -44.68 -47.46
CA VAL F 23 75.81 -45.72 -46.95
C VAL F 23 75.46 -45.63 -45.47
N PHE F 24 76.30 -44.97 -44.68
CA PHE F 24 76.00 -44.85 -43.26
C PHE F 24 75.93 -43.41 -42.76
N ASN F 25 77.05 -42.70 -42.88
CA ASN F 25 77.11 -41.32 -42.43
C ASN F 25 76.56 -40.31 -43.43
N ALA F 26 75.41 -40.62 -44.02
CA ALA F 26 74.81 -39.71 -44.98
C ALA F 26 74.20 -38.50 -44.28
N THR F 27 74.14 -37.38 -45.01
CA THR F 27 73.52 -36.19 -44.46
C THR F 27 72.00 -36.19 -44.59
N ARG F 28 71.47 -36.92 -45.56
CA ARG F 28 70.03 -36.99 -45.77
C ARG F 28 69.68 -38.41 -46.20
N PHE F 29 68.87 -39.09 -45.40
CA PHE F 29 68.46 -40.46 -45.70
C PHE F 29 67.39 -40.48 -46.79
N ALA F 30 66.75 -41.63 -46.96
CA ALA F 30 65.72 -41.79 -47.98
C ALA F 30 64.38 -42.16 -47.34
N SER F 31 63.30 -41.78 -47.99
CA SER F 31 61.95 -42.06 -47.50
C SER F 31 61.78 -43.55 -47.20
N VAL F 32 60.65 -43.90 -46.62
CA VAL F 32 60.35 -45.29 -46.29
C VAL F 32 59.61 -45.99 -47.41
N TYR F 33 58.91 -45.22 -48.23
CA TYR F 33 58.16 -45.77 -49.34
C TYR F 33 58.96 -45.83 -50.62
N ALA F 34 60.07 -45.11 -50.71
CA ALA F 34 61.03 -45.29 -51.79
C ALA F 34 62.41 -45.42 -51.15
N TRP F 35 62.71 -46.60 -50.64
CA TRP F 35 63.96 -46.79 -49.93
C TRP F 35 65.10 -46.73 -50.92
N ASN F 36 66.31 -46.60 -50.40
CA ASN F 36 67.38 -46.62 -51.39
C ASN F 36 67.87 -48.04 -51.59
N ARG F 37 68.83 -48.21 -52.48
CA ARG F 37 69.38 -49.55 -52.71
C ARG F 37 70.79 -49.40 -53.25
N LYS F 38 71.77 -49.58 -52.38
CA LYS F 38 73.18 -49.51 -52.78
C LYS F 38 73.67 -50.95 -52.91
N ARG F 39 74.40 -51.24 -53.98
CA ARG F 39 74.88 -52.60 -54.19
C ARG F 39 76.36 -52.63 -53.91
N ILE F 40 76.70 -52.83 -52.64
CA ILE F 40 78.09 -53.01 -52.28
C ILE F 40 78.65 -54.17 -53.08
N SER F 41 79.93 -54.07 -53.46
CA SER F 41 80.51 -55.02 -54.40
C SER F 41 81.91 -55.37 -53.90
N ASN F 42 82.71 -55.97 -54.79
CA ASN F 42 84.05 -56.46 -54.46
C ASN F 42 84.85 -55.43 -53.66
N CYS F 43 85.23 -55.81 -52.46
CA CYS F 43 85.79 -54.90 -51.46
C CYS F 43 86.29 -55.73 -50.30
N VAL F 44 86.71 -55.05 -49.24
CA VAL F 44 87.14 -55.66 -47.99
C VAL F 44 86.17 -55.10 -46.94
N ALA F 45 85.19 -55.90 -46.53
CA ALA F 45 84.18 -55.45 -45.60
C ALA F 45 84.56 -55.86 -44.19
N ASP F 46 84.48 -54.91 -43.27
CA ASP F 46 84.85 -55.11 -41.87
C ASP F 46 83.62 -54.87 -41.00
N TYR F 47 82.81 -55.90 -40.84
CA TYR F 47 81.61 -55.76 -40.03
C TYR F 47 81.92 -55.63 -38.55
N SER F 48 83.18 -55.64 -38.15
CA SER F 48 83.48 -55.44 -36.74
C SER F 48 83.32 -53.98 -36.33
N VAL F 49 83.78 -53.05 -37.17
CA VAL F 49 83.59 -51.63 -36.88
C VAL F 49 82.11 -51.32 -36.75
N LEU F 50 81.28 -52.07 -37.45
CA LEU F 50 79.85 -51.94 -37.24
C LEU F 50 79.45 -52.57 -35.93
N TYR F 51 79.77 -53.84 -35.75
CA TYR F 51 79.20 -54.63 -34.67
C TYR F 51 79.52 -54.04 -33.30
N ASN F 52 80.69 -53.46 -33.15
CA ASN F 52 81.10 -53.00 -31.83
C ASN F 52 80.97 -51.50 -31.66
N SER F 53 80.31 -50.82 -32.59
CA SER F 53 80.30 -49.37 -32.52
C SER F 53 79.44 -48.84 -31.39
N ALA F 54 78.57 -49.67 -30.83
CA ALA F 54 77.78 -49.35 -29.64
C ALA F 54 76.89 -48.13 -29.85
N SER F 55 76.90 -47.55 -31.04
CA SER F 55 76.03 -46.44 -31.36
C SER F 55 74.70 -46.89 -31.92
N PHE F 56 74.55 -48.18 -32.21
CA PHE F 56 73.36 -48.72 -32.83
C PHE F 56 72.42 -49.21 -31.75
N SER F 57 71.17 -48.79 -31.86
CA SER F 57 70.17 -49.25 -30.91
C SER F 57 69.65 -50.63 -31.25
N THR F 58 69.82 -51.09 -32.48
CA THR F 58 69.32 -52.40 -32.85
C THR F 58 70.27 -53.02 -33.85
N PHE F 59 70.80 -54.19 -33.57
CA PHE F 59 71.68 -54.89 -34.51
C PHE F 59 71.33 -56.36 -34.48
N LYS F 60 70.38 -56.78 -35.32
CA LYS F 60 69.97 -58.16 -35.34
C LYS F 60 70.52 -58.82 -36.58
N CYS F 61 71.03 -60.03 -36.45
CA CYS F 61 71.47 -60.80 -37.59
C CYS F 61 70.68 -62.08 -37.67
N TYR F 62 70.24 -62.45 -38.87
CA TYR F 62 69.30 -63.54 -39.01
C TYR F 62 69.88 -64.78 -39.67
N GLY F 63 70.39 -64.66 -40.87
CA GLY F 63 70.95 -65.83 -41.49
C GLY F 63 72.18 -66.29 -40.76
N VAL F 64 72.88 -65.38 -40.11
CA VAL F 64 74.22 -65.61 -39.61
C VAL F 64 74.51 -64.71 -38.43
N SER F 65 74.96 -65.31 -37.33
CA SER F 65 75.28 -64.54 -36.13
C SER F 65 76.38 -63.53 -36.42
N PRO F 66 76.42 -62.41 -35.69
CA PRO F 66 77.24 -61.27 -36.14
C PRO F 66 78.73 -61.51 -36.11
N THR F 67 79.26 -62.23 -35.12
CA THR F 67 80.72 -62.29 -34.98
C THR F 67 81.39 -63.07 -36.10
N LYS F 68 80.65 -63.91 -36.82
CA LYS F 68 81.20 -64.71 -37.90
C LYS F 68 81.06 -64.05 -39.26
N LEU F 69 80.76 -62.76 -39.29
CA LEU F 69 80.65 -62.07 -40.57
C LEU F 69 82.02 -61.78 -41.16
N ASN F 70 82.97 -61.43 -40.31
CA ASN F 70 84.33 -61.13 -40.75
C ASN F 70 85.15 -62.39 -41.00
N ASP F 71 84.48 -63.46 -41.42
CA ASP F 71 85.14 -64.72 -41.70
C ASP F 71 84.44 -65.48 -42.82
N LEU F 72 83.56 -64.79 -43.53
CA LEU F 72 82.81 -65.39 -44.63
C LEU F 72 82.88 -64.54 -45.88
N CYS F 73 82.56 -65.13 -47.03
CA CYS F 73 82.57 -64.42 -48.29
C CYS F 73 81.33 -64.72 -49.12
N PHE F 74 80.76 -63.69 -49.73
CA PHE F 74 79.57 -63.85 -50.55
C PHE F 74 79.79 -63.32 -51.97
N THR F 75 78.70 -63.15 -52.71
CA THR F 75 78.78 -62.64 -54.07
C THR F 75 78.42 -61.16 -54.13
N ASN F 76 77.38 -60.78 -53.41
CA ASN F 76 76.93 -59.41 -53.38
C ASN F 76 76.38 -59.10 -52.00
N VAL F 77 76.55 -57.86 -51.58
CA VAL F 77 75.89 -57.32 -50.40
C VAL F 77 75.06 -56.17 -50.87
N TYR F 78 73.82 -56.13 -50.49
CA TYR F 78 73.00 -54.98 -50.78
C TYR F 78 72.76 -54.24 -49.49
N ALA F 79 72.64 -52.92 -49.56
CA ALA F 79 72.33 -52.13 -48.39
C ALA F 79 71.15 -51.24 -48.71
N ASP F 80 70.06 -51.41 -47.97
CA ASP F 80 68.89 -50.58 -48.15
C ASP F 80 68.77 -49.60 -47.00
N SER F 81 68.32 -48.38 -47.29
CA SER F 81 68.34 -47.31 -46.30
C SER F 81 67.01 -46.60 -46.28
N PHE F 82 66.52 -46.27 -45.09
CA PHE F 82 65.32 -45.44 -44.98
C PHE F 82 65.15 -44.96 -43.56
N VAL F 83 64.02 -44.29 -43.31
CA VAL F 83 63.72 -43.65 -42.04
C VAL F 83 62.29 -43.97 -41.65
N ILE F 84 62.09 -44.44 -40.41
CA ILE F 84 60.76 -44.79 -39.94
C ILE F 84 60.56 -44.25 -38.54
N ARG F 85 59.43 -44.59 -37.94
CA ARG F 85 59.14 -44.17 -36.58
C ARG F 85 59.98 -45.03 -35.65
N GLY F 86 59.91 -44.79 -34.36
CA GLY F 86 60.70 -45.53 -33.41
C GLY F 86 60.16 -46.92 -33.15
N ASP F 87 58.85 -47.06 -33.11
CA ASP F 87 58.28 -48.33 -32.76
C ASP F 87 57.84 -49.14 -33.96
N GLU F 88 58.37 -48.77 -35.12
CA GLU F 88 58.09 -49.49 -36.34
C GLU F 88 59.34 -50.29 -36.72
N VAL F 89 60.34 -50.32 -35.84
CA VAL F 89 61.54 -51.08 -36.17
C VAL F 89 61.32 -52.55 -35.95
N ARG F 90 60.20 -52.93 -35.33
CA ARG F 90 59.94 -54.33 -35.14
C ARG F 90 59.21 -54.96 -36.31
N GLN F 91 58.86 -54.18 -37.32
CA GLN F 91 58.31 -54.76 -38.52
C GLN F 91 59.36 -54.98 -39.59
N ILE F 92 60.60 -54.58 -39.35
CA ILE F 92 61.69 -54.87 -40.29
C ILE F 92 62.32 -56.17 -39.79
N ALA F 93 61.71 -57.27 -40.19
CA ALA F 93 62.12 -58.59 -39.75
C ALA F 93 61.38 -59.59 -40.62
N PRO F 94 61.89 -60.81 -40.79
CA PRO F 94 61.20 -61.75 -41.66
C PRO F 94 59.91 -62.24 -41.02
N GLY F 95 58.81 -62.16 -41.77
CA GLY F 95 57.54 -62.58 -41.26
C GLY F 95 56.89 -61.65 -40.26
N GLN F 96 56.55 -60.43 -40.67
CA GLN F 96 55.78 -59.49 -39.87
C GLN F 96 54.66 -58.92 -40.69
N THR F 97 53.80 -58.16 -40.03
CA THR F 97 52.70 -57.46 -40.68
C THR F 97 52.57 -56.08 -40.08
N GLY F 98 51.83 -55.22 -40.77
CA GLY F 98 51.74 -53.82 -40.41
C GLY F 98 51.94 -52.93 -41.62
N LYS F 99 51.52 -51.68 -41.46
CA LYS F 99 51.58 -50.67 -42.51
C LYS F 99 52.92 -50.55 -43.20
N ILE F 100 54.00 -50.89 -42.49
CA ILE F 100 55.32 -50.78 -43.08
C ILE F 100 55.67 -52.04 -43.84
N ALA F 101 55.56 -53.19 -43.18
CA ALA F 101 55.97 -54.42 -43.83
C ALA F 101 54.96 -54.88 -44.85
N ASP F 102 53.70 -54.45 -44.73
CA ASP F 102 52.72 -54.85 -45.73
C ASP F 102 53.00 -54.19 -47.05
N TYR F 103 52.89 -52.88 -47.12
CA TYR F 103 53.25 -52.17 -48.32
C TYR F 103 54.09 -50.94 -48.01
N ASN F 104 55.33 -51.14 -47.59
CA ASN F 104 56.38 -50.18 -47.83
C ASN F 104 57.69 -50.89 -48.14
N TYR F 105 57.98 -51.94 -47.37
CA TYR F 105 59.26 -52.63 -47.47
C TYR F 105 59.11 -54.01 -46.86
N LYS F 106 59.16 -55.04 -47.68
CA LYS F 106 58.92 -56.41 -47.24
C LYS F 106 60.20 -57.21 -47.39
N LEU F 107 60.57 -57.92 -46.34
CA LEU F 107 61.73 -58.81 -46.18
C LEU F 107 61.33 -60.26 -46.43
N PRO F 108 62.05 -61.00 -47.26
CA PRO F 108 61.63 -62.37 -47.55
C PRO F 108 61.66 -63.22 -46.30
N ASP F 109 61.10 -64.41 -46.42
CA ASP F 109 60.92 -65.24 -45.24
C ASP F 109 62.14 -66.08 -44.89
N ASP F 110 63.14 -66.13 -45.76
CA ASP F 110 64.42 -66.76 -45.47
C ASP F 110 65.55 -65.76 -45.55
N PHE F 111 65.37 -64.61 -44.95
CA PHE F 111 66.34 -63.54 -45.00
C PHE F 111 67.70 -64.06 -44.55
N THR F 112 68.75 -63.39 -45.00
CA THR F 112 70.10 -63.81 -44.64
C THR F 112 70.93 -62.74 -43.96
N GLY F 113 70.65 -61.47 -44.15
CA GLY F 113 71.54 -60.42 -43.74
C GLY F 113 71.38 -60.01 -42.30
N CYS F 114 71.56 -58.73 -42.04
CA CYS F 114 71.37 -58.14 -40.73
C CYS F 114 70.66 -56.82 -40.84
N VAL F 115 70.01 -56.42 -39.77
CA VAL F 115 69.20 -55.21 -39.71
C VAL F 115 69.81 -54.32 -38.64
N ILE F 116 70.11 -53.07 -38.98
CA ILE F 116 70.74 -52.14 -38.07
C ILE F 116 69.89 -50.89 -37.98
N ALA F 117 69.77 -50.32 -36.79
CA ALA F 117 68.89 -49.19 -36.61
C ALA F 117 69.37 -48.32 -35.47
N TRP F 118 69.29 -47.00 -35.65
CA TRP F 118 69.69 -46.11 -34.57
C TRP F 118 68.84 -44.86 -34.58
N ASN F 119 68.67 -44.27 -33.40
CA ASN F 119 67.83 -43.11 -33.25
C ASN F 119 68.49 -41.90 -33.89
N SER F 120 67.68 -41.05 -34.49
CA SER F 120 68.20 -39.87 -35.15
C SER F 120 67.31 -38.68 -34.90
N ASN F 121 66.92 -38.46 -33.65
CA ASN F 121 65.98 -37.39 -33.37
C ASN F 121 66.52 -36.02 -33.72
N ASN F 122 67.81 -35.80 -33.48
CA ASN F 122 68.35 -34.45 -33.64
C ASN F 122 68.57 -34.06 -35.09
N LEU F 123 68.70 -35.03 -35.98
CA LEU F 123 68.96 -34.74 -37.38
C LEU F 123 67.71 -34.58 -38.20
N ASP F 124 66.67 -35.37 -37.94
CA ASP F 124 65.55 -35.47 -38.85
C ASP F 124 64.30 -34.77 -38.35
N SER F 125 64.22 -34.43 -37.08
CA SER F 125 63.04 -33.81 -36.52
C SER F 125 63.29 -32.33 -36.33
N LYS F 126 62.36 -31.51 -36.78
CA LYS F 126 62.56 -30.08 -36.70
C LYS F 126 61.30 -29.41 -36.17
N VAL F 127 61.51 -28.35 -35.39
CA VAL F 127 60.41 -27.66 -34.75
C VAL F 127 59.40 -27.21 -35.80
N GLY F 128 58.13 -27.36 -35.49
CA GLY F 128 57.07 -27.11 -36.44
C GLY F 128 56.71 -28.33 -37.26
N GLY F 129 57.50 -29.38 -37.19
CA GLY F 129 57.15 -30.60 -37.88
C GLY F 129 57.87 -30.76 -39.19
N ASN F 130 58.59 -31.86 -39.35
CA ASN F 130 59.30 -32.17 -40.57
C ASN F 130 58.36 -33.02 -41.43
N TYR F 131 57.70 -32.39 -42.40
CA TYR F 131 56.72 -33.06 -43.23
C TYR F 131 57.32 -33.57 -44.53
N ASN F 132 58.59 -33.90 -44.55
CA ASN F 132 59.21 -34.40 -45.77
C ASN F 132 59.42 -35.90 -45.76
N TYR F 133 59.00 -36.59 -44.71
CA TYR F 133 59.19 -38.02 -44.59
C TYR F 133 57.84 -38.70 -44.68
N LEU F 134 57.53 -39.27 -45.83
CA LEU F 134 56.23 -39.84 -46.10
C LEU F 134 56.28 -41.35 -46.02
N TYR F 135 55.11 -41.95 -46.00
CA TYR F 135 54.98 -43.40 -46.09
C TYR F 135 53.66 -43.71 -46.78
N ARG F 136 53.59 -44.89 -47.36
CA ARG F 136 52.39 -45.33 -48.06
C ARG F 136 51.49 -46.05 -47.08
N LEU F 137 50.21 -45.71 -47.09
CA LEU F 137 49.29 -46.31 -46.15
C LEU F 137 48.12 -47.01 -46.80
N PHE F 138 48.04 -47.05 -48.13
CA PHE F 138 47.01 -47.80 -48.83
C PHE F 138 47.62 -48.47 -50.04
N ARG F 139 47.37 -49.76 -50.21
CA ARG F 139 47.78 -50.42 -51.43
C ARG F 139 46.80 -51.56 -51.72
N LYS F 140 46.73 -51.94 -53.00
CA LYS F 140 45.85 -53.03 -53.38
C LYS F 140 46.27 -54.35 -52.76
N SER F 141 47.56 -54.65 -52.75
CA SER F 141 48.02 -55.95 -52.28
C SER F 141 49.42 -55.80 -51.70
N ASN F 142 49.68 -56.62 -50.69
CA ASN F 142 50.96 -56.56 -50.01
C ASN F 142 52.10 -56.81 -50.98
N LEU F 143 53.26 -56.26 -50.64
CA LEU F 143 54.39 -56.28 -51.54
C LEU F 143 55.00 -57.68 -51.61
N LYS F 144 55.58 -58.00 -52.74
CA LYS F 144 56.49 -59.13 -52.78
C LYS F 144 57.77 -58.72 -52.10
N PRO F 145 58.54 -59.66 -51.56
CA PRO F 145 59.77 -59.28 -50.87
C PRO F 145 60.70 -58.52 -51.77
N PHE F 146 61.22 -57.40 -51.24
CA PHE F 146 62.19 -56.55 -51.93
C PHE F 146 61.58 -55.86 -53.15
N GLU F 147 60.27 -55.75 -53.17
CA GLU F 147 59.59 -55.04 -54.24
C GLU F 147 59.36 -53.59 -53.83
N ARG F 148 59.26 -52.71 -54.81
CA ARG F 148 59.26 -51.28 -54.57
C ARG F 148 58.19 -50.61 -55.43
N ASP F 149 57.52 -49.61 -54.87
CA ASP F 149 56.33 -49.03 -55.50
C ASP F 149 56.27 -47.54 -55.21
N ILE F 150 56.64 -46.72 -56.18
CA ILE F 150 56.69 -45.28 -56.00
C ILE F 150 55.55 -44.59 -56.73
N SER F 151 54.53 -45.31 -57.15
CA SER F 151 53.43 -44.67 -57.86
C SER F 151 52.62 -43.81 -56.91
N THR F 152 51.72 -43.00 -57.47
CA THR F 152 50.87 -42.14 -56.67
C THR F 152 49.42 -42.15 -57.13
N GLU F 153 49.09 -43.02 -58.07
CA GLU F 153 47.72 -43.10 -58.57
C GLU F 153 46.74 -43.19 -57.40
N ILE F 154 45.72 -42.34 -57.43
CA ILE F 154 44.71 -42.31 -56.37
C ILE F 154 44.26 -43.71 -55.97
N TYR F 155 43.65 -43.82 -54.80
CA TYR F 155 43.16 -45.10 -54.29
C TYR F 155 41.79 -45.40 -54.86
N GLN F 156 41.02 -46.21 -54.13
CA GLN F 156 39.68 -46.58 -54.55
C GLN F 156 38.88 -47.21 -53.43
N ALA F 157 37.91 -46.47 -52.91
CA ALA F 157 37.06 -46.97 -51.85
C ALA F 157 35.97 -47.85 -52.44
N GLY F 158 34.79 -47.85 -51.83
CA GLY F 158 33.68 -48.65 -52.30
C GLY F 158 33.53 -48.51 -53.81
N SER F 159 32.81 -49.45 -54.42
CA SER F 159 32.60 -49.43 -55.86
C SER F 159 32.22 -48.04 -56.33
N THR F 160 33.06 -47.45 -57.18
CA THR F 160 32.82 -46.13 -57.71
C THR F 160 33.96 -45.63 -58.59
N PRO F 161 33.61 -44.69 -59.55
CA PRO F 161 34.73 -44.24 -60.37
C PRO F 161 35.77 -43.46 -59.57
N CYS F 162 35.57 -42.15 -59.44
CA CYS F 162 36.46 -41.27 -58.70
C CYS F 162 37.65 -40.81 -59.55
N ASN F 163 37.39 -40.55 -60.82
CA ASN F 163 38.44 -40.10 -61.74
C ASN F 163 39.32 -39.04 -61.11
N GLY F 164 40.45 -39.46 -60.56
CA GLY F 164 41.41 -38.56 -59.94
C GLY F 164 40.78 -37.40 -59.18
N VAL F 165 40.44 -37.65 -57.92
CA VAL F 165 39.83 -36.62 -57.08
C VAL F 165 39.35 -37.20 -55.77
N GLU F 166 39.83 -36.64 -54.66
CA GLU F 166 39.44 -37.13 -53.35
C GLU F 166 37.93 -37.09 -53.23
N GLY F 167 37.42 -37.42 -52.05
CA GLY F 167 36.00 -37.43 -51.80
C GLY F 167 35.54 -38.69 -51.09
N PHE F 168 34.23 -38.83 -50.93
CA PHE F 168 33.66 -39.98 -50.27
C PHE F 168 34.31 -41.29 -50.69
N ASN F 169 34.94 -41.97 -49.73
CA ASN F 169 35.60 -43.24 -50.01
C ASN F 169 36.58 -43.13 -51.18
N CYS F 170 37.71 -42.50 -50.93
CA CYS F 170 38.74 -42.32 -51.96
C CYS F 170 39.67 -41.21 -51.50
N TYR F 171 40.97 -41.41 -51.67
CA TYR F 171 41.92 -40.40 -51.25
C TYR F 171 43.36 -40.78 -51.52
N PHE F 172 44.23 -39.79 -51.53
CA PHE F 172 45.66 -39.97 -51.78
C PHE F 172 46.16 -41.18 -51.01
N PRO F 173 47.27 -41.75 -51.46
CA PRO F 173 47.83 -42.91 -50.78
C PRO F 173 49.05 -42.64 -49.91
N LEU F 174 49.52 -41.41 -49.77
CA LEU F 174 50.73 -41.15 -49.01
C LEU F 174 50.44 -40.21 -47.85
N GLN F 175 51.00 -40.52 -46.69
CA GLN F 175 50.84 -39.67 -45.54
C GLN F 175 52.24 -39.22 -45.17
N SER F 176 52.36 -38.33 -44.20
CA SER F 176 53.67 -37.84 -43.78
C SER F 176 53.76 -37.84 -42.28
N TYR F 177 54.82 -38.45 -41.77
CA TYR F 177 55.20 -38.28 -40.38
C TYR F 177 55.44 -36.81 -40.14
N GLY F 178 54.73 -36.21 -39.21
CA GLY F 178 55.16 -34.89 -38.84
C GLY F 178 56.05 -34.99 -37.64
N PHE F 179 57.35 -35.07 -37.84
CA PHE F 179 58.25 -35.30 -36.73
C PHE F 179 58.50 -33.99 -36.00
N GLN F 180 58.51 -34.05 -34.68
CA GLN F 180 58.75 -32.88 -33.85
C GLN F 180 59.81 -33.26 -32.84
N PRO F 181 60.59 -32.31 -32.36
CA PRO F 181 61.62 -32.68 -31.40
C PRO F 181 61.09 -33.01 -30.03
N THR F 182 59.91 -32.53 -29.67
CA THR F 182 59.32 -32.88 -28.38
C THR F 182 58.35 -34.05 -28.51
N ASN F 183 58.81 -35.13 -29.12
CA ASN F 183 57.99 -36.33 -29.27
C ASN F 183 58.50 -37.50 -28.46
N GLY F 184 57.65 -38.11 -27.65
CA GLY F 184 58.07 -39.24 -26.85
C GLY F 184 58.79 -40.26 -27.71
N VAL F 185 59.72 -40.99 -27.08
CA VAL F 185 60.41 -42.04 -27.81
C VAL F 185 59.38 -43.01 -28.36
N GLY F 186 59.69 -43.63 -29.48
CA GLY F 186 58.69 -44.38 -30.18
C GLY F 186 57.86 -43.53 -31.10
N TYR F 187 58.21 -42.26 -31.20
CA TYR F 187 57.57 -41.38 -32.12
C TYR F 187 58.66 -40.55 -32.80
N GLN F 188 59.91 -40.73 -32.35
CA GLN F 188 61.02 -40.00 -32.92
C GLN F 188 61.61 -40.79 -34.07
N PRO F 189 62.25 -40.13 -35.02
CA PRO F 189 62.68 -40.83 -36.22
C PRO F 189 63.86 -41.73 -35.96
N TYR F 190 63.82 -42.91 -36.55
CA TYR F 190 64.92 -43.86 -36.46
C TYR F 190 65.41 -44.08 -37.86
N ARG F 191 66.72 -44.15 -38.05
CA ARG F 191 67.26 -44.47 -39.35
C ARG F 191 67.63 -45.94 -39.38
N VAL F 192 67.33 -46.61 -40.50
CA VAL F 192 67.46 -48.05 -40.61
C VAL F 192 68.27 -48.37 -41.86
N VAL F 193 69.16 -49.35 -41.72
CA VAL F 193 69.95 -49.90 -42.82
C VAL F 193 69.82 -51.41 -42.76
N VAL F 194 69.45 -52.01 -43.87
CA VAL F 194 69.23 -53.45 -43.95
C VAL F 194 70.29 -54.00 -44.89
N LEU F 195 71.23 -54.76 -44.35
CA LEU F 195 72.23 -55.42 -45.18
C LEU F 195 71.75 -56.80 -45.56
N SER F 196 71.82 -57.10 -46.83
CA SER F 196 71.33 -58.39 -47.32
C SER F 196 72.43 -59.05 -48.13
N PHE F 197 73.01 -60.10 -47.59
CA PHE F 197 74.07 -60.82 -48.27
C PHE F 197 73.44 -61.83 -49.19
N GLU F 198 73.79 -61.81 -50.46
CA GLU F 198 73.24 -62.78 -51.38
C GLU F 198 74.36 -63.57 -52.03
N LEU F 199 74.04 -64.80 -52.44
CA LEU F 199 75.01 -65.67 -53.08
C LEU F 199 74.45 -66.33 -54.34
N LEU F 200 74.57 -65.64 -55.47
CA LEU F 200 74.08 -66.16 -56.73
C LEU F 200 74.79 -67.46 -57.10
C1 NAG G . -40.58 49.45 1.71
C2 NAG G . -39.29 48.98 1.02
C3 NAG G . -38.86 49.98 -0.06
C4 NAG G . -40.01 50.28 -1.02
C5 NAG G . -41.26 50.70 -0.23
C6 NAG G . -42.48 50.89 -1.10
C7 NAG G . -37.23 47.92 1.85
C8 NAG G . -36.22 47.88 2.95
N2 NAG G . -38.22 48.81 2.00
O3 NAG G . -37.77 49.45 -0.79
O4 NAG G . -39.62 51.34 -1.89
O5 NAG G . -41.58 49.68 0.72
O6 NAG G . -42.55 49.88 -2.11
O7 NAG G . -37.16 47.19 0.87
C1 NAG G . -39.52 50.87 -3.26
C2 NAG G . -39.83 52.03 -4.20
C3 NAG G . -39.71 51.58 -5.65
C4 NAG G . -38.33 50.96 -5.90
C5 NAG G . -38.05 49.86 -4.89
C6 NAG G . -36.65 49.31 -5.00
C7 NAG G . -41.42 53.88 -3.89
C8 NAG G . -42.85 54.25 -3.61
N2 NAG G . -41.16 52.57 -3.95
O3 NAG G . -39.91 52.69 -6.51
O4 NAG G . -38.28 50.43 -7.22
O5 NAG G . -38.20 50.36 -3.55
O6 NAG G . -35.72 50.14 -4.31
O7 NAG G . -40.55 54.72 -4.06
C1 NAG H . 63.09 8.57 -7.47
C2 NAG H . 63.89 7.65 -8.37
C3 NAG H . 64.69 6.65 -7.51
C4 NAG H . 65.45 7.32 -6.39
C5 NAG H . 64.60 8.36 -5.65
C6 NAG H . 65.39 9.26 -4.73
C7 NAG H . 63.43 6.43 -10.45
C8 NAG H . 62.39 5.70 -11.26
N2 NAG H . 63.02 6.93 -9.28
O3 NAG H . 65.59 5.93 -8.35
O4 NAG H . 65.79 6.31 -5.44
O5 NAG H . 63.94 9.23 -6.59
O6 NAG H . 65.54 10.56 -5.28
O7 NAG H . 64.59 6.54 -10.83
C1 NAG H . 67.19 6.09 -5.10
C2 NAG H . 67.80 5.07 -6.08
C3 NAG H . 69.28 4.84 -5.75
C4 NAG H . 70.04 6.14 -5.66
C5 NAG H . 69.33 7.09 -4.68
C6 NAG H . 69.98 8.45 -4.60
C7 NAG H . 66.93 3.02 -7.11
C8 NAG H . 66.13 1.77 -6.90
N2 NAG H . 67.06 3.81 -6.04
O3 NAG H . 69.87 4.02 -6.76
O4 NAG H . 71.36 5.90 -5.18
O5 NAG H . 67.99 7.31 -5.12
O6 NAG H . 70.05 8.91 -3.25
O7 NAG H . 67.44 3.29 -8.19
C1 NAG I . 57.05 50.10 10.53
C2 NAG I . 57.84 49.07 9.73
C3 NAG I . 59.07 49.73 9.11
C4 NAG I . 58.69 51.00 8.33
C5 NAG I . 57.72 51.90 9.12
C6 NAG I . 57.11 52.99 8.29
C7 NAG I . 58.48 46.72 10.07
C8 NAG I . 58.89 45.67 11.06
N2 NAG I . 58.23 47.94 10.56
O3 NAG I . 59.71 48.80 8.26
O4 NAG I . 59.86 51.80 8.12
O5 NAG I . 56.64 51.14 9.66
O6 NAG I . 55.75 53.20 8.65
O7 NAG I . 58.37 46.48 8.87
C1 NAG I . 60.61 51.56 6.91
C2 NAG I . 61.36 52.84 6.51
C3 NAG I . 62.27 52.57 5.31
C4 NAG I . 63.19 51.39 5.59
C5 NAG I . 62.37 50.17 5.99
C6 NAG I . 63.20 48.99 6.40
C7 NAG I . 60.45 55.09 6.85
C8 NAG I . 59.41 56.09 6.42
N2 NAG I . 60.43 53.92 6.21
O3 NAG I . 63.03 53.72 5.00
O4 NAG I . 63.98 51.10 4.45
O5 NAG I . 61.54 50.50 7.12
O6 NAG I . 62.73 48.42 7.60
O7 NAG I . 61.25 55.33 7.75
C1 NAG J . 42.35 31.28 20.56
C2 NAG J . 41.64 32.62 20.44
C3 NAG J . 41.58 33.32 21.80
C4 NAG J . 41.07 32.38 22.88
C5 NAG J . 41.81 31.05 22.85
C6 NAG J . 41.23 30.07 23.87
C7 NAG J . 41.70 33.90 18.38
C8 NAG J . 42.43 33.65 17.10
N2 NAG J . 42.31 33.46 19.48
O3 NAG J . 40.71 34.46 21.70
O4 NAG J . 41.20 32.99 24.18
O5 NAG J . 41.70 30.48 21.54
O6 NAG J . 42.07 28.92 23.96
O7 NAG J . 40.62 34.45 18.42
C1 NAG J . 41.20 33.47 25.22
C2 NAG J . 41.94 32.89 26.42
C3 NAG J . 41.31 33.35 27.73
C4 NAG J . 41.09 34.86 27.73
C5 NAG J . 40.39 35.32 26.45
C6 NAG J . 40.25 36.83 26.42
C7 NAG J . 42.32 30.71 27.39
C8 NAG J . 41.23 30.35 28.36
N2 NAG J . 41.94 31.45 26.36
O3 NAG J . 42.15 32.99 28.82
O4 NAG J . 40.29 35.23 28.86
O5 NAG J . 41.16 34.90 25.33
O6 NAG J . 39.34 37.20 25.39
O7 NAG J . 43.47 30.33 27.54
C1 NAG K . 30.33 41.67 -41.80
C2 NAG K . 28.86 41.55 -41.37
C3 NAG K . 27.95 41.58 -42.59
C4 NAG K . 28.22 42.79 -43.46
C5 NAG K . 29.71 42.84 -43.83
C6 NAG K . 30.10 44.07 -44.61
C7 NAG K . 28.52 40.35 -39.26
C8 NAG K . 28.30 39.01 -38.62
N2 NAG K . 28.64 40.35 -40.59
O3 NAG K . 26.59 41.58 -42.15
O4 NAG K . 27.45 42.74 -44.66
O5 NAG K . 30.49 42.85 -42.63
O6 NAG K . 29.43 45.23 -44.14
O7 NAG K . 28.58 41.39 -38.60
C1 NAG K . 26.42 43.76 -44.63
C2 NAG K . 26.01 44.09 -46.07
C3 NAG K . 24.88 45.13 -46.06
C4 NAG K . 23.72 44.67 -45.20
C5 NAG K . 24.22 44.32 -43.80
C6 NAG K . 23.14 43.74 -42.91
C7 NAG K . 27.42 44.14 -48.07
C8 NAG K . 28.63 44.74 -48.72
N2 NAG K . 27.14 44.57 -46.83
O3 NAG K . 24.44 45.35 -47.40
O4 NAG K . 22.74 45.68 -45.11
O5 NAG K . 25.26 43.33 -43.88
O6 NAG K . 22.72 42.46 -43.38
O7 NAG K . 26.72 43.31 -48.64
C1 NAG L . 57.37 43.99 -31.26
C2 NAG L . 57.83 44.87 -32.41
C3 NAG L . 58.34 44.00 -33.55
C4 NAG L . 59.46 43.06 -33.05
C5 NAG L . 58.99 42.29 -31.81
C6 NAG L . 60.10 41.50 -31.16
C7 NAG L . 56.93 47.05 -33.05
C8 NAG L . 55.73 47.81 -33.53
N2 NAG L . 56.76 45.73 -32.88
O3 NAG L . 58.80 44.86 -34.58
O4 NAG L . 59.79 42.10 -34.04
O5 NAG L . 58.46 43.18 -30.80
O6 NAG L . 61.26 42.31 -30.96
O7 NAG L . 58.00 47.60 -32.82
C1 NAG L . 60.89 42.47 -34.88
C2 NAG L . 61.73 41.23 -35.25
C3 NAG L . 62.81 41.60 -36.28
C4 NAG L . 62.20 42.30 -37.48
C5 NAG L . 61.38 43.51 -37.02
C6 NAG L . 60.66 44.21 -38.14
C7 NAG L . 62.18 39.40 -33.67
C8 NAG L . 62.91 39.00 -32.43
N2 NAG L . 62.35 40.67 -34.06
O3 NAG L . 63.47 40.41 -36.71
O4 NAG L . 63.21 42.74 -38.37
O5 NAG L . 60.38 43.08 -36.08
O6 NAG L . 59.25 44.05 -38.02
O7 NAG L . 61.46 38.62 -34.30
C1 NAG M . 13.73 3.87 -21.80
C2 NAG M . 14.28 2.82 -22.75
C3 NAG M . 14.70 3.47 -24.07
C4 NAG M . 13.54 4.25 -24.66
C5 NAG M . 12.96 5.23 -23.63
C6 NAG M . 11.69 5.91 -24.09
C7 NAG M . 15.33 0.83 -21.80
C8 NAG M . 16.56 0.25 -21.18
N2 NAG M . 15.39 2.12 -22.15
O3 NAG M . 15.14 2.46 -24.97
O4 NAG M . 13.97 5.01 -25.78
O5 NAG M . 12.63 4.53 -22.42
O6 NAG M . 11.28 6.90 -23.16
O7 NAG M . 14.31 0.16 -21.98
C1 NAG M . 13.51 4.42 -27.00
C2 NAG M . 13.16 5.53 -28.00
C3 NAG M . 12.77 4.93 -29.34
C4 NAG M . 13.85 3.98 -29.86
C5 NAG M . 14.17 2.94 -28.79
C6 NAG M . 15.33 2.04 -29.17
C7 NAG M . 12.21 7.69 -27.35
C8 NAG M . 11.01 8.40 -26.80
N2 NAG M . 12.09 6.37 -27.49
O3 NAG M . 12.57 5.98 -30.28
O4 NAG M . 13.41 3.34 -31.05
O5 NAG M . 14.52 3.58 -27.56
O6 NAG M . 16.36 2.12 -28.19
O7 NAG M . 13.23 8.28 -27.65
C1 NAG N . 94.38 30.13 -6.97
C2 NAG N . 93.51 29.56 -8.07
C3 NAG N . 94.21 29.64 -9.42
C4 NAG N . 94.76 31.04 -9.66
C5 NAG N . 95.56 31.53 -8.46
C6 NAG N . 96.04 32.97 -8.67
C7 NAG N . 92.61 27.38 -8.68
C8 NAG N . 93.32 26.08 -8.92
N2 NAG N . 93.17 28.18 -7.77
O3 NAG N . 93.29 29.30 -10.46
O4 NAG N . 95.61 31.02 -10.82
O5 NAG N . 94.74 31.48 -7.30
O6 NAG N . 94.95 33.78 -9.10
O7 NAG N . 91.60 27.69 -9.27
C1 NAG N . 95.73 31.15 -12.21
C2 NAG N . 97.20 31.14 -12.64
C3 NAG N . 97.34 31.60 -14.09
C4 NAG N . 96.36 30.86 -15.00
C5 NAG N . 94.95 30.88 -14.42
C6 NAG N . 93.99 30.08 -15.28
C7 NAG N . 99.18 31.63 -11.35
C8 NAG N . 99.24 30.33 -10.60
N2 NAG N . 97.99 32.00 -11.78
O3 NAG N . 98.67 31.36 -14.55
O4 NAG N . 96.35 31.47 -16.30
O5 NAG N . 94.97 30.35 -13.10
O6 NAG N . 92.80 30.85 -15.53
O7 NAG N . 100.18 32.31 -11.55
C1 NAG N . 96.99 31.40 -17.58
C2 NAG N . 96.81 32.37 -18.73
C3 NAG N . 97.52 31.87 -19.98
C4 NAG N . 98.96 31.47 -19.66
C5 NAG N . 99.01 30.55 -18.45
C6 NAG N . 100.45 30.21 -18.07
C7 NAG N . 94.75 33.65 -18.61
C8 NAG N . 93.41 33.41 -17.96
N2 NAG N . 95.40 32.56 -19.01
O3 NAG N . 97.53 32.90 -20.98
O4 NAG N . 99.53 30.80 -20.79
O5 NAG N . 98.38 31.20 -17.34
O6 NAG N . 100.45 29.28 -16.99
O7 NAG N . 95.20 34.77 -18.76
C1 NAG O . -41.96 -43.93 20.11
C2 NAG O . -40.45 -43.65 20.05
C3 NAG O . -39.68 -44.72 20.82
C4 NAG O . -40.23 -44.92 22.24
C5 NAG O . -41.74 -45.14 22.18
C6 NAG O . -42.39 -45.20 23.54
C7 NAG O . -38.95 -42.83 18.29
C8 NAG O . -38.62 -42.88 16.83
N2 NAG O . -39.99 -43.58 18.67
O3 NAG O . -38.31 -44.36 20.89
O4 NAG O . -39.59 -46.04 22.84
O5 NAG O . -42.36 -44.07 21.47
O6 NAG O . -41.84 -44.23 24.41
O7 NAG O . -38.32 -42.15 19.09
C1 NAG O . -38.78 -45.64 23.95
C2 NAG O . -38.73 -46.78 24.97
C3 NAG O . -37.85 -46.39 26.16
C4 NAG O . -36.46 -45.97 25.68
C5 NAG O . -36.58 -44.86 24.63
C6 NAG O . -35.25 -44.51 24.01
C7 NAG O . -40.48 -48.40 25.54
C8 NAG O . -41.89 -48.59 26.02
N2 NAG O . -40.06 -47.13 25.42
O3 NAG O . -37.74 -47.50 27.04
O4 NAG O . -35.71 -45.48 26.78
O5 NAG O . -37.43 -45.31 23.55
O6 NAG O . -34.89 -45.42 22.98
O7 NAG O . -39.75 -49.35 25.29
C1 NAG P . 56.96 -16.60 -24.26
C2 NAG P . 58.21 -15.81 -23.92
C3 NAG P . 58.60 -14.89 -25.08
C4 NAG P . 58.62 -15.62 -26.43
C5 NAG P . 57.40 -16.52 -26.60
C6 NAG P . 57.51 -17.48 -27.76
C7 NAG P . 58.99 -14.62 -21.92
C8 NAG P . 58.58 -13.80 -20.73
N2 NAG P . 58.00 -15.03 -22.71
O3 NAG P . 59.88 -14.32 -24.82
O4 NAG P . 58.57 -14.63 -27.44
O5 NAG P . 57.18 -17.33 -25.43
O6 NAG P . 57.75 -18.81 -27.31
O7 NAG P . 60.16 -14.88 -22.16
C1 NAG P . 59.64 -14.56 -28.44
C2 NAG P . 60.77 -13.66 -27.92
C3 NAG P . 61.92 -13.60 -28.94
C4 NAG P . 62.36 -15.00 -29.35
C5 NAG P . 61.15 -15.82 -29.81
C6 NAG P . 61.50 -17.25 -30.17
C7 NAG P . 60.79 -11.55 -26.66
C8 NAG P . 60.15 -10.22 -26.50
N2 NAG P . 60.28 -12.33 -27.62
O3 NAG P . 63.03 -12.91 -28.37
O4 NAG P . 63.29 -14.91 -30.42
O5 NAG P . 60.19 -15.88 -28.76
O6 NAG P . 60.84 -17.66 -31.35
O7 NAG P . 61.73 -11.92 -25.96
C1 NAG Q . 37.73 -56.44 -35.60
C2 NAG Q . 38.93 -55.54 -35.32
C3 NAG Q . 40.22 -56.38 -35.35
C4 NAG Q . 40.11 -57.61 -34.46
C5 NAG Q . 38.78 -58.35 -34.64
C6 NAG Q . 38.53 -59.39 -33.57
C7 NAG Q . 39.61 -53.28 -36.00
C8 NAG Q . 39.61 -52.26 -37.10
N2 NAG Q . 39.01 -54.45 -36.27
O3 NAG Q . 41.31 -55.55 -34.96
O4 NAG Q . 41.13 -58.55 -34.81
O5 NAG Q . 37.67 -57.45 -34.61
O6 NAG Q . 37.15 -59.42 -33.22
O7 NAG Q . 40.14 -53.07 -34.91
C1 NAG Q . 42.40 -58.45 -34.15
C2 NAG Q . 43.08 -59.82 -34.12
C3 NAG Q . 44.49 -59.70 -33.53
C4 NAG Q . 45.29 -58.65 -34.28
C5 NAG Q . 44.54 -57.32 -34.26
C6 NAG Q . 45.21 -56.24 -35.06
C7 NAG Q . 41.85 -61.93 -33.90
C8 NAG Q . 41.05 -62.80 -32.99
N2 NAG Q . 42.29 -60.78 -33.38
O3 NAG Q . 45.15 -60.96 -33.61
O4 NAG Q . 46.57 -58.49 -33.68
O5 NAG Q . 43.23 -57.50 -34.82
O6 NAG Q . 44.27 -55.57 -35.89
O7 NAG Q . 42.07 -62.25 -35.06
C1 NAG R . 22.47 -35.62 -37.70
C2 NAG R . 21.75 -36.86 -37.21
C3 NAG R . 20.95 -37.51 -38.33
C4 NAG R . 20.09 -36.46 -39.05
C5 NAG R . 20.91 -35.24 -39.42
C6 NAG R . 20.03 -34.17 -40.07
C7 NAG R . 22.66 -38.19 -35.39
C8 NAG R . 23.95 -38.09 -34.65
N2 NAG R . 22.70 -37.81 -36.68
O3 NAG R . 20.10 -38.52 -37.79
O4 NAG R . 19.49 -37.05 -40.22
O5 NAG R . 21.53 -34.70 -38.25
O6 NAG R . 20.86 -33.12 -40.60
O7 NAG R . 21.64 -38.62 -34.89
C1 NAG R . 18.92 -37.49 -41.11
C2 NAG R . 19.04 -36.97 -42.55
C3 NAG R . 17.79 -37.30 -43.35
C4 NAG R . 17.41 -38.78 -43.20
C5 NAG R . 17.39 -39.18 -41.73
C6 NAG R . 17.09 -40.67 -41.58
C7 NAG R . 19.16 -34.81 -43.65
C8 NAG R . 17.79 -34.29 -43.96
N2 NAG R . 19.25 -35.54 -42.53
O3 NAG R . 18.02 -37.01 -44.74
O4 NAG R . 16.12 -38.99 -43.78
O5 NAG R . 18.65 -38.89 -41.14
O6 NAG R . 16.77 -40.96 -40.22
O7 NAG R . 20.12 -34.58 -44.35
C1 NAG S . 41.52 -46.48 22.80
C2 NAG S . 40.05 -46.16 23.15
C3 NAG S . 39.87 -46.12 24.67
C4 NAG S . 40.38 -47.39 25.33
C5 NAG S . 41.83 -47.62 24.91
C6 NAG S . 42.40 -48.92 25.44
C7 NAG S . 38.87 -44.85 21.45
C8 NAG S . 38.53 -43.48 20.95
N2 NAG S . 39.63 -44.91 22.54
O3 NAG S . 38.48 -45.93 24.94
O4 NAG S . 40.31 -47.26 26.74
O5 NAG S . 41.91 -47.68 23.48
O6 NAG S . 41.45 -49.97 25.40
O7 NAG S . 38.47 -45.86 20.88
C1 NAG S . 39.28 -48.15 27.26
C2 NAG S . 39.59 -48.48 28.72
C3 NAG S . 38.49 -49.37 29.31
C4 NAG S . 37.12 -48.73 29.11
C5 NAG S . 36.90 -48.41 27.64
C6 NAG S . 35.61 -47.67 27.38
C7 NAG S . 41.79 -48.76 29.77
C8 NAG S . 43.08 -49.54 29.76
N2 NAG S . 40.88 -49.12 28.84
O3 NAG S . 38.74 -49.57 30.70
O4 NAG S . 36.10 -49.62 29.55
O5 NAG S . 37.96 -47.56 27.16
O6 NAG S . 35.64 -46.37 27.94
O7 NAG S . 41.57 -47.88 30.58
C1 NAG T . 59.34 -51.79 0.40
C2 NAG T . 60.19 -52.75 1.21
C3 NAG T . 61.30 -52.00 1.91
C4 NAG T . 62.13 -51.20 0.91
C5 NAG T . 61.21 -50.33 0.03
C6 NAG T . 61.95 -49.67 -1.11
C7 NAG T . 59.45 -54.84 2.28
C8 NAG T . 58.57 -55.45 3.32
N2 NAG T . 59.39 -53.50 2.16
O3 NAG T . 62.10 -52.95 2.62
O4 NAG T . 63.02 -50.31 1.57
O5 NAG T . 60.16 -51.11 -0.55
O6 NAG T . 62.75 -50.60 -1.82
O7 NAG T . 60.20 -55.51 1.57
C1 NAG T . 64.34 -50.84 1.77
C2 NAG T . 65.40 -49.74 1.64
C3 NAG T . 66.79 -50.27 2.02
C4 NAG T . 66.77 -50.93 3.38
C5 NAG T . 65.69 -52.01 3.42
C6 NAG T . 65.53 -52.64 4.78
C7 NAG T . 65.24 -47.92 -0.01
C8 NAG T . 65.30 -47.56 -1.47
N2 NAG T . 65.42 -49.22 0.28
O3 NAG T . 67.71 -49.19 2.02
O4 NAG T . 68.02 -51.52 3.66
O5 NAG T . 64.42 -51.42 3.09
O6 NAG T . 64.27 -52.31 5.35
O7 NAG T . 65.03 -47.09 0.86
C1 NAG U . 22.08 -6.26 12.34
C2 NAG U . 23.15 -5.32 12.86
C3 NAG U . 24.08 -6.07 13.81
C4 NAG U . 23.27 -6.72 14.94
C5 NAG U . 22.15 -7.58 14.35
C6 NAG U . 21.20 -8.11 15.40
C7 NAG U . 23.83 -3.44 11.44
C8 NAG U . 24.66 -3.00 10.29
N2 NAG U . 23.90 -4.74 11.77
O3 NAG U . 25.02 -5.15 14.34
O4 NAG U . 24.11 -7.56 15.72
O5 NAG U . 21.35 -6.81 13.43
O6 NAG U . 20.26 -9.01 14.82
O7 NAG U . 23.13 -2.66 12.07
C1 NAG U . 24.38 -6.95 16.99
C2 NAG U . 24.43 -8.05 18.06
C3 NAG U . 24.83 -7.44 19.41
C4 NAG U . 26.13 -6.66 19.28
C5 NAG U . 26.01 -5.62 18.17
C6 NAG U . 27.30 -4.90 17.89
C7 NAG U . 23.02 -10.05 18.04
C8 NAG U . 21.63 -10.59 18.18
N2 NAG U . 23.15 -8.73 18.16
O3 NAG U . 24.99 -8.50 20.35
O4 NAG U . 26.42 -6.01 20.51
O5 NAG U . 25.63 -6.26 16.94
O6 NAG U . 27.70 -5.07 16.53
O7 NAG U . 23.98 -10.78 17.81
C1 NAG V . 80.99 -41.87 -39.40
C2 NAG V . 80.85 -41.22 -38.03
C3 NAG V . 82.12 -41.43 -37.20
C4 NAG V . 82.53 -42.89 -37.21
C5 NAG V . 82.57 -43.45 -38.64
C6 NAG V . 82.91 -44.93 -38.64
C7 NAG V . 80.65 -38.97 -37.14
C8 NAG V . 81.54 -37.77 -37.31
N2 NAG V . 80.59 -39.80 -38.18
O3 NAG V . 81.88 -41.01 -35.85
O4 NAG V . 83.83 -43.03 -36.62
O5 NAG V . 81.30 -43.25 -39.25
O6 NAG V . 82.08 -45.62 -37.71
O7 NAG V . 80.03 -39.17 -36.11
C1 NAG V . 84.61 -43.22 -35.47
C2 NAG V . 86.09 -43.40 -35.81
C3 NAG V . 86.87 -43.92 -34.60
C4 NAG V . 86.56 -43.09 -33.37
C5 NAG V . 85.06 -42.93 -33.17
C6 NAG V . 84.75 -42.03 -31.97
C7 NAG V . 87.10 -44.09 -37.91
C8 NAG V . 86.95 -42.79 -38.62
N2 NAG V . 86.23 -44.31 -36.93
O3 NAG V . 88.27 -43.87 -34.89
O4 NAG V . 87.12 -43.73 -32.21
O5 NAG V . 84.49 -42.35 -34.35
O6 NAG V . 83.76 -42.66 -31.16
O7 NAG V . 87.98 -44.89 -38.19
C1 NAG V . 88.30 -43.80 -31.41
C2 NAG V . 88.59 -44.78 -30.28
C3 NAG V . 89.89 -44.41 -29.56
C4 NAG V . 91.02 -44.18 -30.56
C5 NAG V . 90.58 -43.23 -31.68
C6 NAG V . 91.68 -43.05 -32.72
C7 NAG V . 86.60 -45.77 -29.34
C8 NAG V . 85.16 -45.35 -29.25
N2 NAG V . 87.49 -44.79 -29.34
O3 NAG V . 90.26 -45.47 -28.67
O4 NAG V . 92.14 -43.61 -29.89
O5 NAG V . 89.41 -43.75 -32.31
O6 NAG V . 91.26 -42.10 -33.70
O7 NAG V . 86.92 -46.95 -29.38
C1 NAG W . -26.45 9.85 -27.01
C2 NAG W . -25.83 10.36 -28.32
C3 NAG W . -26.82 10.17 -29.47
C4 NAG W . -27.28 8.71 -29.55
C5 NAG W . -27.80 8.23 -28.19
C6 NAG W . -28.11 6.76 -28.17
C7 NAG W . -24.19 12.18 -28.29
C8 NAG W . -23.97 13.65 -28.15
N2 NAG W . -25.45 11.77 -28.20
O3 NAG W . -26.19 10.54 -30.69
O4 NAG W . -28.31 8.59 -30.51
O5 NAG W . -26.82 8.46 -27.16
O6 NAG W . -29.45 6.51 -27.73
O7 NAG W . -23.26 11.40 -28.47
C1 NAG X . -44.88 16.58 -22.75
C2 NAG X . -43.94 17.26 -23.75
C3 NAG X . -43.90 16.46 -25.05
C4 NAG X . -43.54 15.00 -24.77
C5 NAG X . -44.47 14.41 -23.70
C6 NAG X . -44.07 13.01 -23.27
C7 NAG X . -43.49 19.65 -23.99
C8 NAG X . -44.08 21.01 -24.28
N2 NAG X . -44.35 18.63 -24.01
O3 NAG X . -42.95 17.03 -25.94
O4 NAG X . -43.66 14.23 -25.97
O5 NAG X . -44.44 15.23 -22.52
O6 NAG X . -44.46 12.75 -21.93
O7 NAG X . -42.30 19.50 -23.76
C1 NAG Y . -4.71 29.00 9.69
C2 NAG Y . -5.00 29.27 11.17
C3 NAG Y . -4.62 30.70 11.53
C4 NAG Y . -3.16 30.97 11.15
C5 NAG Y . -2.94 30.66 9.68
C6 NAG Y . -1.50 30.80 9.26
C7 NAG Y . -6.85 28.23 12.46
C8 NAG Y . -5.79 27.55 13.30
N2 NAG Y . -6.40 29.02 11.47
O3 NAG Y . -4.80 30.91 12.92
O4 NAG Y . -2.85 32.35 11.40
O5 NAG Y . -3.32 29.31 9.40
O6 NAG Y . -0.71 29.72 9.74
O7 NAG Y . -8.04 28.06 12.67
C1 NAG Z . -7.34 43.49 -4.32
C2 NAG Z . -6.74 44.89 -4.44
C3 NAG Z . -7.48 45.87 -3.53
C4 NAG Z . -8.98 45.83 -3.82
C5 NAG Z . -9.50 44.40 -3.71
C6 NAG Z . -10.96 44.28 -4.09
C7 NAG Z . -4.37 45.09 -5.04
C8 NAG Z . -2.95 45.05 -4.54
N2 NAG Z . -5.32 44.88 -4.13
O3 NAG Z . -6.97 47.19 -3.74
O4 NAG Z . -9.67 46.67 -2.90
O5 NAG Z . -8.75 43.54 -4.58
O6 NAG Z . -11.38 42.92 -4.06
O7 NAG Z . -4.63 45.31 -6.21
N LEU AA . -62.68 31.11 -0.22
CA LEU AA . -62.89 29.93 0.60
C LEU AA . -61.74 29.72 1.56
O LEU AA . -61.94 29.37 2.71
CB LEU AA . -63.07 28.69 -0.29
CG LEU AA . -63.91 28.88 -1.54
CD1 LEU AA . -63.86 27.64 -2.40
CD2 LEU AA . -65.34 29.21 -1.16
OXT LEU AA . -60.57 29.91 1.21
C1 NAG BA . 67.29 38.45 -20.66
C2 NAG BA . 68.14 39.72 -20.58
C3 NAG BA . 68.65 40.10 -21.97
C4 NAG BA . 69.41 38.93 -22.59
C5 NAG BA . 68.52 37.70 -22.62
C6 NAG BA . 69.24 36.47 -23.12
C7 NAG BA . 67.95 41.76 -19.23
C8 NAG BA . 67.03 42.83 -18.72
N2 NAG BA . 67.38 40.82 -20.00
O3 NAG BA . 69.49 41.25 -21.88
O4 NAG BA . 69.81 39.26 -23.92
O5 NAG BA . 68.06 37.40 -21.29
O6 NAG BA . 68.64 35.28 -22.63
O7 NAG BA . 69.15 41.76 -18.97
ZN ZN CA . 46.52 28.80 -12.83
C1 NAG DA . -10.72 -7.36 36.84
C2 NAG DA . -9.61 -8.00 37.69
C3 NAG DA . -9.87 -7.72 39.16
C4 NAG DA . -10.05 -6.22 39.42
C5 NAG DA . -11.10 -5.64 38.48
C6 NAG DA . -11.20 -4.13 38.57
C7 NAG DA . -8.43 -10.00 36.91
C8 NAG DA . -8.50 -11.49 36.72
N2 NAG DA . -9.52 -9.42 37.45
O3 NAG DA . -8.77 -8.20 39.93
O4 NAG DA . -10.44 -6.00 40.76
O5 NAG DA . -10.79 -5.94 37.11
O6 NAG DA . -12.53 -3.71 38.83
O7 NAG DA . -7.45 -9.34 36.59
C1 NAG EA . -29.53 -11.60 42.42
C2 NAG EA . -28.31 -12.43 42.85
C3 NAG EA . -27.54 -11.67 43.93
C4 NAG EA . -27.19 -10.27 43.47
C5 NAG EA . -28.44 -9.53 42.97
C6 NAG EA . -28.14 -8.19 42.37
C7 NAG EA . -28.11 -14.87 42.92
C8 NAG EA . -28.64 -16.15 43.50
N2 NAG EA . -28.71 -13.75 43.32
O3 NAG EA . -26.35 -12.40 44.26
O4 NAG EA . -26.61 -9.54 44.54
O5 NAG EA . -29.10 -10.30 41.96
O6 NAG EA . -29.10 -7.83 41.39
O7 NAG EA . -27.18 -14.86 42.12
C1 NAG FA . -12.43 -27.84 -5.15
C2 NAG FA . -13.45 -28.04 -6.29
C3 NAG FA . -13.47 -29.49 -6.75
C4 NAG FA . -12.07 -29.96 -7.12
C5 NAG FA . -11.11 -29.73 -5.96
C6 NAG FA . -9.68 -30.05 -6.31
C7 NAG FA . -15.55 -26.73 -6.54
C8 NAG FA . -14.96 -26.17 -7.81
N2 NAG FA . -14.77 -27.61 -5.87
O3 NAG FA . -14.35 -29.62 -7.87
O4 NAG FA . -12.09 -31.34 -7.45
O5 NAG FA . -11.14 -28.34 -5.57
O6 NAG FA . -9.10 -29.06 -7.15
O7 NAG FA . -16.65 -26.41 -6.15
C1 NAG GA . -9.61 -42.35 8.80
C2 NAG GA . -9.21 -43.82 8.66
C3 NAG GA . -10.41 -44.68 8.27
C4 NAG GA . -11.56 -44.46 9.25
C5 NAG GA . -11.89 -42.97 9.36
C6 NAG GA . -12.94 -42.67 10.41
C7 NAG GA . -6.89 -44.34 8.01
C8 NAG GA . -5.92 -44.45 6.88
N2 NAG GA . -8.14 -43.98 7.68
O3 NAG GA . -10.04 -46.04 8.25
O4 NAG GA . -12.72 -45.17 8.82
O5 NAG GA . -10.70 -42.24 9.73
O6 NAG GA . -13.15 -41.28 10.54
O7 NAG GA . -6.57 -44.56 9.18
N LEU HA . -57.77 -23.05 32.07
CA LEU HA . -58.20 -21.83 31.42
C LEU HA . -57.65 -21.75 30.01
O LEU HA . -58.36 -21.32 29.09
CB LEU HA . -57.77 -20.61 32.24
CG LEU HA . -57.89 -20.74 33.75
CD1 LEU HA . -57.28 -19.54 34.43
CD2 LEU HA . -59.36 -20.86 34.13
OXT LEU HA . -56.50 -22.07 29.75
C1 NAG IA . 63.35 -47.19 -13.89
C2 NAG IA . 63.89 -48.56 -14.33
C3 NAG IA . 64.96 -49.04 -13.36
C4 NAG IA . 66.07 -47.99 -13.23
C5 NAG IA . 65.48 -46.66 -12.80
C6 NAG IA . 66.49 -45.55 -12.76
C7 NAG IA . 62.81 -50.51 -15.34
C8 NAG IA . 61.63 -51.44 -15.29
N2 NAG IA . 62.81 -49.54 -14.42
O3 NAG IA . 65.51 -50.27 -13.81
O4 NAG IA . 67.02 -48.41 -12.27
O5 NAG IA . 64.46 -46.25 -13.74
O6 NAG IA . 65.88 -44.28 -12.93
O7 NAG IA . 63.71 -50.64 -16.16
ZN ZN JA . 42.81 -34.77 -10.78
#